data_9G50
#
_entry.id   9G50
#
_cell.length_a   1.00
_cell.length_b   1.00
_cell.length_c   1.00
_cell.angle_alpha   90.00
_cell.angle_beta   90.00
_cell.angle_gamma   90.00
#
_symmetry.space_group_name_H-M   'P 1'
#
loop_
_entity.id
_entity.type
_entity.pdbx_description
1 polymer 'Short transient receptor potential channel 5'
2 non-polymer 'ZINC ION'
3 non-polymer 8-[3-chloranyl-4-[(~{Z})-phenyldiazenyl]phenoxy]-7-[(4-chlorophenyl)methyl]-3-methyl-1-(3-oxidanylpropyl)purine-2,6-dione
#
_entity_poly.entity_id   1
_entity_poly.type   'polypeptide(L)'
_entity_poly.pdbx_seq_one_letter_code
;MAQLYYKKVNYSPYRDRIPLQIVRAETELSAEEKAFLNAVEKGDYATVKQALQEAEIYYNVNINCMDPLGRSALLIAIEN
ENLEIMELLLNHSVYVGDALLYAIRKEVVGAVELLLSYRRPSGEKQVPTLMMDTQFSEFTPDITPIMLAAHTNNYEIIKL
LVQKRVTIPRPHQIRCNCVECVSSSEVDSLRHSRSRLNIYKALASPSLIALSSEDPILTAFRLGWELKELSKVENEFKAE
YEELSQQCKLFAKDLLDQARSSRELEIILNHRDDHSEELDPQKYHDLAKLKVAIKYHQKEFVAQPNCQQLLATLWYDGFP
GWRRKHWVVKLLTCMTIGFLFPMLSIAYLISPRSNLGLFIKKPFIKFICHTASYLTFLFMLLLASQHIVRTDLHVQGPPP
TVVEWMILPWVLGFIWGEIKEMWDGGFTEYIHDWWNLMDFAMNSLYLATISLKIMAYVKYNGSRPREEWEMWHPTLIAEA
LFAISNILSSLRLISLFTANSHLGPLQISLGRMLLDILKFLFIYCLVLLAFANGLNQLYFYYETRAIDEPNNCKGIRCEK
QNNAFSTLFETLQSLFWSVFGLLNLYVTNVKARHEFTEFVGATMFGTYNVISLVVLLNMLIAMMNNSYQLIADHADIEWK
FARTKLWMSYFDEGGTLPPPFNIIPSPKSFLYLGNWFNNTFCPKRDPDGRRRRRNLRSFTERNADSLIQNQHYQEVIRNL
VKRYVAAMIRNSKTHEGLTEENFKELKQDISSFRYEVLDLLGNRK
;
_entity_poly.pdbx_strand_id   A,B,C,D
#
loop_
_chem_comp.id
_chem_comp.type
_chem_comp.name
_chem_comp.formula
A1IIF non-polymer 8-[3-chloranyl-4-[(~{Z})-phenyldiazenyl]phenoxy]-7-[(4-chlorophenyl)methyl]-3-methyl-1-(3-oxidanylpropyl)purine-2,6-dione 'C28 H24 Cl2 N6 O4'
ZN non-polymer 'ZINC ION' 'Zn 2'
#
# COMPACT_ATOMS: atom_id res chain seq x y z
N ARG A 17 -13.40 39.13 23.66
CA ARG A 17 -14.54 39.78 23.04
C ARG A 17 -14.15 40.31 21.66
N ILE A 18 -14.59 39.61 20.62
CA ILE A 18 -14.31 40.02 19.25
C ILE A 18 -15.62 40.44 18.60
N PRO A 19 -15.88 41.74 18.49
CA PRO A 19 -17.11 42.18 17.81
C PRO A 19 -17.11 41.78 16.34
N LEU A 20 -18.27 41.33 15.88
CA LEU A 20 -18.44 40.89 14.50
C LEU A 20 -19.44 41.81 13.81
N GLN A 21 -19.09 42.27 12.61
CA GLN A 21 -19.94 43.21 11.89
C GLN A 21 -19.68 43.06 10.40
N ILE A 22 -20.60 43.62 9.61
CA ILE A 22 -20.47 43.58 8.15
C ILE A 22 -19.30 44.47 7.74
N VAL A 23 -18.36 43.90 6.99
CA VAL A 23 -17.20 44.65 6.53
C VAL A 23 -17.44 45.16 5.11
N ARG A 24 -17.61 44.24 4.17
CA ARG A 24 -17.87 44.59 2.78
C ARG A 24 -19.38 44.61 2.57
N ALA A 25 -19.96 45.79 2.72
CA ALA A 25 -21.41 45.92 2.72
C ALA A 25 -21.96 45.73 1.31
N GLU A 26 -23.12 45.07 1.24
CA GLU A 26 -23.86 44.89 0.01
C GLU A 26 -25.30 45.35 0.24
N THR A 27 -25.86 46.03 -0.76
CA THR A 27 -27.22 46.55 -0.64
C THR A 27 -28.20 45.42 -0.37
N GLU A 28 -29.03 45.61 0.66
CA GLU A 28 -29.96 44.59 1.09
C GLU A 28 -31.20 44.57 0.19
N LEU A 29 -31.97 43.49 0.31
CA LEU A 29 -33.20 43.32 -0.45
C LEU A 29 -34.39 43.78 0.38
N SER A 30 -35.29 44.52 -0.25
CA SER A 30 -36.44 45.06 0.45
C SER A 30 -37.42 43.94 0.81
N ALA A 31 -38.39 44.28 1.66
CA ALA A 31 -39.35 43.29 2.13
C ALA A 31 -40.23 42.79 0.99
N GLU A 32 -40.71 43.69 0.15
CA GLU A 32 -41.55 43.27 -0.97
C GLU A 32 -40.75 42.48 -2.00
N GLU A 33 -39.44 42.76 -2.12
CA GLU A 33 -38.59 41.98 -3.01
C GLU A 33 -38.34 40.60 -2.42
N LYS A 34 -38.06 40.52 -1.12
CA LYS A 34 -37.75 39.24 -0.50
C LYS A 34 -38.89 38.25 -0.64
N ALA A 35 -40.14 38.73 -0.65
CA ALA A 35 -41.27 37.84 -0.87
C ALA A 35 -41.25 37.25 -2.27
N PHE A 36 -40.70 37.98 -3.25
CA PHE A 36 -40.65 37.49 -4.62
C PHE A 36 -39.79 36.23 -4.72
N LEU A 37 -38.56 36.30 -4.22
CA LEU A 37 -37.64 35.17 -4.38
C LEU A 37 -38.13 33.94 -3.63
N ASN A 38 -38.69 34.13 -2.43
CA ASN A 38 -39.23 33.00 -1.69
C ASN A 38 -40.44 32.38 -2.41
N ALA A 39 -41.19 33.20 -3.15
CA ALA A 39 -42.34 32.72 -3.89
C ALA A 39 -42.02 32.31 -5.31
N VAL A 40 -40.78 32.50 -5.77
CA VAL A 40 -40.41 32.07 -7.12
C VAL A 40 -40.53 30.55 -7.24
N GLU A 41 -40.07 29.82 -6.23
CA GLU A 41 -40.17 28.37 -6.24
C GLU A 41 -41.59 27.88 -6.00
N LYS A 42 -42.53 28.78 -5.65
CA LYS A 42 -43.89 28.38 -5.33
C LYS A 42 -44.75 28.25 -6.60
N GLY A 43 -44.89 29.34 -7.35
CA GLY A 43 -45.63 29.28 -8.59
C GLY A 43 -46.86 30.18 -8.67
N ASP A 44 -46.83 31.31 -7.98
CA ASP A 44 -47.88 32.31 -8.08
C ASP A 44 -47.44 33.41 -9.04
N TYR A 45 -48.32 33.78 -9.97
CA TYR A 45 -47.98 34.74 -11.01
C TYR A 45 -48.76 36.05 -10.93
N ALA A 46 -49.86 36.08 -10.18
CA ALA A 46 -50.63 37.31 -10.04
C ALA A 46 -49.79 38.41 -9.40
N THR A 47 -48.88 38.05 -8.49
CA THR A 47 -47.97 39.03 -7.94
C THR A 47 -47.05 39.59 -9.02
N VAL A 48 -46.58 38.72 -9.92
CA VAL A 48 -45.69 39.16 -10.99
C VAL A 48 -46.43 40.09 -11.95
N LYS A 49 -47.63 39.68 -12.37
CA LYS A 49 -48.40 40.47 -13.34
C LYS A 49 -48.77 41.83 -12.77
N GLN A 50 -49.23 41.85 -11.51
CA GLN A 50 -49.61 43.12 -10.89
C GLN A 50 -48.40 44.03 -10.74
N ALA A 51 -47.27 43.48 -10.27
CA ALA A 51 -46.08 44.30 -10.06
C ALA A 51 -45.50 44.79 -11.38
N LEU A 52 -45.39 43.90 -12.37
CA LEU A 52 -44.78 44.30 -13.64
C LEU A 52 -45.66 45.29 -14.40
N GLN A 53 -46.98 45.10 -14.37
CA GLN A 53 -47.88 46.09 -14.93
C GLN A 53 -47.77 47.40 -14.18
N GLU A 54 -47.70 47.34 -12.84
CA GLU A 54 -47.55 48.54 -12.04
C GLU A 54 -46.13 49.09 -12.08
N ALA A 55 -45.16 48.29 -12.53
CA ALA A 55 -43.79 48.76 -12.65
C ALA A 55 -43.66 49.89 -13.65
N GLU A 56 -44.60 50.01 -14.60
CA GLU A 56 -44.56 51.10 -15.55
C GLU A 56 -44.84 52.44 -14.88
N ILE A 57 -45.61 52.44 -13.79
CA ILE A 57 -45.98 53.69 -13.12
C ILE A 57 -45.58 53.63 -11.65
N TYR A 58 -46.08 52.63 -10.93
CA TYR A 58 -45.82 52.55 -9.49
C TYR A 58 -44.36 52.24 -9.19
N TYR A 59 -43.74 51.36 -9.99
CA TYR A 59 -42.37 50.91 -9.75
C TYR A 59 -42.23 50.31 -8.35
N ASN A 60 -43.24 49.56 -7.93
CA ASN A 60 -43.25 49.03 -6.57
C ASN A 60 -42.15 47.99 -6.36
N VAL A 61 -41.97 47.08 -7.31
CA VAL A 61 -41.02 45.99 -7.19
C VAL A 61 -40.07 46.03 -8.38
N ASN A 62 -38.77 45.95 -8.11
CA ASN A 62 -37.76 45.81 -9.14
C ASN A 62 -37.58 44.33 -9.42
N ILE A 63 -38.08 43.87 -10.58
CA ILE A 63 -38.08 42.45 -10.88
C ILE A 63 -36.66 41.91 -10.97
N ASN A 64 -35.77 42.66 -11.62
CA ASN A 64 -34.37 42.26 -11.77
C ASN A 64 -33.62 42.52 -10.46
N CYS A 65 -34.00 41.74 -9.44
CA CYS A 65 -33.42 41.86 -8.11
C CYS A 65 -32.36 40.79 -7.91
N MET A 66 -31.32 41.14 -7.16
CA MET A 66 -30.19 40.26 -6.91
C MET A 66 -30.22 39.83 -5.45
N ASP A 67 -30.28 38.52 -5.23
CA ASP A 67 -30.31 37.96 -3.88
C ASP A 67 -28.91 38.04 -3.26
N PRO A 68 -28.75 37.72 -1.97
CA PRO A 68 -27.41 37.83 -1.35
C PRO A 68 -26.32 37.04 -2.06
N LEU A 69 -26.65 35.93 -2.70
CA LEU A 69 -25.66 35.11 -3.39
C LEU A 69 -25.46 35.54 -4.84
N GLY A 70 -26.02 36.68 -5.25
CA GLY A 70 -25.90 37.12 -6.62
C GLY A 70 -26.77 36.39 -7.61
N ARG A 71 -27.86 35.79 -7.15
CA ARG A 71 -28.76 35.04 -8.02
C ARG A 71 -29.87 35.97 -8.50
N SER A 72 -29.85 36.33 -9.78
CA SER A 72 -30.89 37.16 -10.34
C SER A 72 -32.20 36.38 -10.43
N ALA A 73 -33.30 37.13 -10.57
CA ALA A 73 -34.64 36.53 -10.47
C ALA A 73 -34.82 35.38 -11.44
N LEU A 74 -34.37 35.55 -12.67
CA LEU A 74 -34.50 34.48 -13.66
C LEU A 74 -33.62 33.29 -13.30
N LEU A 75 -32.52 33.53 -12.59
CA LEU A 75 -31.57 32.46 -12.33
C LEU A 75 -32.17 31.36 -11.45
N ILE A 76 -32.96 31.72 -10.44
CA ILE A 76 -33.59 30.70 -9.62
C ILE A 76 -34.58 29.89 -10.45
N ALA A 77 -35.27 30.54 -11.39
CA ALA A 77 -36.23 29.83 -12.23
C ALA A 77 -35.55 28.70 -12.99
N ILE A 78 -34.37 28.95 -13.54
CA ILE A 78 -33.60 27.88 -14.15
C ILE A 78 -33.11 26.90 -13.09
N GLU A 79 -32.80 27.38 -11.89
CA GLU A 79 -32.17 26.53 -10.88
C GLU A 79 -33.08 25.38 -10.46
N ASN A 80 -34.37 25.64 -10.29
CA ASN A 80 -35.31 24.57 -9.94
C ASN A 80 -35.72 23.74 -11.14
N GLU A 81 -35.23 24.06 -12.34
CA GLU A 81 -35.36 23.32 -13.59
C GLU A 81 -36.77 23.44 -14.19
N ASN A 82 -37.72 24.06 -13.51
CA ASN A 82 -39.07 24.13 -14.05
C ASN A 82 -39.14 25.14 -15.18
N LEU A 83 -39.96 24.84 -16.18
CA LEU A 83 -40.07 25.65 -17.39
C LEU A 83 -41.28 26.57 -17.41
N GLU A 84 -42.06 26.63 -16.32
CA GLU A 84 -43.27 27.44 -16.31
C GLU A 84 -42.97 28.88 -15.92
N ILE A 85 -42.42 29.08 -14.71
CA ILE A 85 -42.03 30.43 -14.29
C ILE A 85 -40.89 30.94 -15.18
N MET A 86 -40.11 30.03 -15.76
CA MET A 86 -39.13 30.43 -16.76
C MET A 86 -39.81 31.06 -17.96
N GLU A 87 -40.93 30.49 -18.40
CA GLU A 87 -41.66 31.00 -19.56
C GLU A 87 -42.18 32.41 -19.26
N LEU A 88 -42.90 32.55 -18.13
CA LEU A 88 -43.59 33.81 -17.84
C LEU A 88 -42.60 34.96 -17.68
N LEU A 89 -41.48 34.73 -16.99
CA LEU A 89 -40.48 35.77 -16.85
C LEU A 89 -39.90 36.18 -18.20
N LEU A 90 -39.74 35.21 -19.11
CA LEU A 90 -39.16 35.50 -20.41
C LEU A 90 -40.06 36.43 -21.23
N ASN A 91 -41.38 36.40 -20.98
CA ASN A 91 -42.30 37.26 -21.73
C ASN A 91 -41.98 38.73 -21.51
N HIS A 92 -41.70 39.12 -20.27
CA HIS A 92 -41.32 40.49 -19.97
C HIS A 92 -39.82 40.68 -20.15
N SER A 93 -39.42 41.91 -20.46
CA SER A 93 -38.03 42.21 -20.82
C SER A 93 -37.18 42.22 -19.55
N VAL A 94 -36.80 41.03 -19.10
CA VAL A 94 -35.88 40.87 -17.98
C VAL A 94 -34.47 40.74 -18.54
N TYR A 95 -33.49 41.18 -17.76
CA TYR A 95 -32.09 41.13 -18.19
C TYR A 95 -31.65 39.67 -18.31
N VAL A 96 -31.46 39.22 -19.54
CA VAL A 96 -31.08 37.84 -19.82
C VAL A 96 -29.61 37.71 -20.17
N GLY A 97 -28.81 38.74 -19.91
CA GLY A 97 -27.39 38.71 -20.21
C GLY A 97 -26.66 37.60 -19.47
N ASP A 98 -25.88 36.81 -20.20
CA ASP A 98 -25.08 35.71 -19.68
C ASP A 98 -25.93 34.63 -19.01
N ALA A 99 -27.25 34.67 -19.18
CA ALA A 99 -28.12 33.67 -18.57
C ALA A 99 -28.07 32.33 -19.31
N LEU A 100 -27.74 32.35 -20.60
CA LEU A 100 -27.69 31.12 -21.37
C LEU A 100 -26.62 30.17 -20.84
N LEU A 101 -25.50 30.70 -20.36
CA LEU A 101 -24.44 29.85 -19.82
C LEU A 101 -24.92 29.08 -18.60
N TYR A 102 -25.74 29.71 -17.76
CA TYR A 102 -26.26 29.02 -16.58
C TYR A 102 -27.13 27.82 -16.97
N ALA A 103 -27.98 28.00 -17.99
CA ALA A 103 -28.82 26.91 -18.45
C ALA A 103 -27.99 25.75 -19.00
N ILE A 104 -26.92 26.07 -19.73
CA ILE A 104 -26.07 25.03 -20.29
C ILE A 104 -25.35 24.27 -19.17
N ARG A 105 -24.92 24.98 -18.13
CA ARG A 105 -24.16 24.35 -17.06
C ARG A 105 -25.00 23.31 -16.31
N LYS A 106 -26.31 23.50 -16.23
CA LYS A 106 -27.16 22.54 -15.53
C LYS A 106 -27.54 21.35 -16.39
N GLU A 107 -27.15 21.34 -17.66
CA GLU A 107 -27.44 20.23 -18.57
C GLU A 107 -28.94 19.99 -18.71
N VAL A 108 -29.70 21.06 -18.86
CA VAL A 108 -31.14 21.00 -19.07
C VAL A 108 -31.42 21.40 -20.50
N VAL A 109 -32.06 20.50 -21.26
CA VAL A 109 -32.29 20.76 -22.68
C VAL A 109 -33.50 21.67 -22.89
N GLY A 110 -34.48 21.62 -22.00
CA GLY A 110 -35.67 22.44 -22.18
C GLY A 110 -35.37 23.93 -22.06
N ALA A 111 -34.57 24.31 -21.07
CA ALA A 111 -34.25 25.72 -20.88
C ALA A 111 -33.43 26.27 -22.04
N VAL A 112 -32.47 25.49 -22.53
CA VAL A 112 -31.60 25.97 -23.61
C VAL A 112 -32.39 26.21 -24.89
N GLU A 113 -33.29 25.29 -25.23
CA GLU A 113 -34.07 25.42 -26.47
C GLU A 113 -34.95 26.67 -26.42
N LEU A 114 -35.61 26.92 -25.29
CA LEU A 114 -36.44 28.10 -25.18
C LEU A 114 -35.60 29.38 -25.15
N LEU A 115 -34.44 29.33 -24.50
CA LEU A 115 -33.61 30.52 -24.38
C LEU A 115 -33.05 30.96 -25.73
N LEU A 116 -32.69 30.01 -26.59
CA LEU A 116 -32.12 30.35 -27.90
C LEU A 116 -33.14 31.09 -28.76
N SER A 117 -34.41 30.66 -28.72
CA SER A 117 -35.47 31.32 -29.48
C SER A 117 -35.99 32.51 -28.68
N TYR A 118 -35.16 33.55 -28.60
CA TYR A 118 -35.49 34.75 -27.85
C TYR A 118 -36.59 35.54 -28.55
N THR A 134 -19.49 46.21 -15.63
CA THR A 134 -18.74 44.97 -15.49
C THR A 134 -19.64 43.85 -14.97
N GLN A 135 -20.35 44.13 -13.87
CA GLN A 135 -21.29 43.19 -13.25
C GLN A 135 -20.59 41.92 -12.77
N PHE A 136 -21.36 41.03 -12.14
CA PHE A 136 -20.83 39.79 -11.59
C PHE A 136 -21.31 38.61 -12.41
N SER A 137 -20.39 37.73 -12.78
CA SER A 137 -20.72 36.51 -13.49
C SER A 137 -19.88 35.37 -12.93
N GLU A 138 -20.47 34.17 -12.91
CA GLU A 138 -19.76 33.00 -12.40
C GLU A 138 -18.76 32.44 -13.41
N PHE A 139 -18.74 32.96 -14.63
CA PHE A 139 -17.91 32.42 -15.70
C PHE A 139 -16.88 33.44 -16.13
N THR A 140 -15.70 32.95 -16.52
CA THR A 140 -14.66 33.82 -17.04
C THR A 140 -15.14 34.46 -18.35
N PRO A 141 -14.76 35.72 -18.60
CA PRO A 141 -15.31 36.43 -19.76
C PRO A 141 -15.02 35.77 -21.11
N ASP A 142 -14.00 34.93 -21.21
CA ASP A 142 -13.69 34.30 -22.49
C ASP A 142 -14.59 33.10 -22.81
N ILE A 143 -15.42 32.66 -21.87
CA ILE A 143 -16.23 31.47 -22.08
C ILE A 143 -17.39 31.80 -23.00
N THR A 144 -17.56 30.99 -24.05
CA THR A 144 -18.63 31.11 -25.02
C THR A 144 -19.61 29.96 -24.87
N PRO A 145 -20.87 30.13 -25.33
CA PRO A 145 -21.86 29.05 -25.13
C PRO A 145 -21.45 27.71 -25.70
N ILE A 146 -20.81 27.68 -26.87
CA ILE A 146 -20.35 26.41 -27.42
C ILE A 146 -19.21 25.85 -26.60
N MET A 147 -18.33 26.72 -26.09
CA MET A 147 -17.22 26.26 -25.26
C MET A 147 -17.72 25.61 -23.98
N LEU A 148 -18.71 26.21 -23.33
CA LEU A 148 -19.25 25.64 -22.10
C LEU A 148 -20.01 24.36 -22.37
N ALA A 149 -20.71 24.28 -23.51
CA ALA A 149 -21.47 23.08 -23.84
C ALA A 149 -20.56 21.87 -23.99
N ALA A 150 -19.41 22.05 -24.64
CA ALA A 150 -18.48 20.94 -24.79
C ALA A 150 -17.86 20.53 -23.47
N HIS A 151 -17.70 21.48 -22.53
CA HIS A 151 -17.17 21.14 -21.22
C HIS A 151 -18.10 20.18 -20.48
N THR A 152 -19.40 20.39 -20.58
CA THR A 152 -20.36 19.51 -19.92
C THR A 152 -20.46 18.16 -20.62
N ASN A 153 -20.01 18.07 -21.87
CA ASN A 153 -20.03 16.81 -22.62
C ASN A 153 -21.45 16.25 -22.75
N ASN A 154 -22.42 17.14 -22.96
CA ASN A 154 -23.81 16.74 -23.17
C ASN A 154 -24.05 16.70 -24.68
N TYR A 155 -24.29 15.50 -25.21
CA TYR A 155 -24.45 15.34 -26.65
C TYR A 155 -25.66 16.09 -27.18
N GLU A 156 -26.78 16.03 -26.45
CA GLU A 156 -28.00 16.66 -26.93
C GLU A 156 -27.87 18.18 -26.98
N ILE A 157 -27.30 18.78 -25.94
CA ILE A 157 -27.19 20.24 -25.90
C ILE A 157 -26.19 20.73 -26.94
N ILE A 158 -25.07 20.02 -27.10
CA ILE A 158 -24.05 20.43 -28.05
C ILE A 158 -24.60 20.48 -29.46
N LYS A 159 -25.36 19.44 -29.85
CA LYS A 159 -25.91 19.40 -31.20
C LYS A 159 -26.86 20.57 -31.46
N LEU A 160 -27.54 21.06 -30.42
CA LEU A 160 -28.43 22.20 -30.60
C LEU A 160 -27.66 23.44 -31.04
N LEU A 161 -26.50 23.68 -30.44
CA LEU A 161 -25.71 24.86 -30.80
C LEU A 161 -24.95 24.66 -32.11
N VAL A 162 -24.49 23.44 -32.39
CA VAL A 162 -23.73 23.18 -33.60
C VAL A 162 -24.59 23.38 -34.84
N GLN A 163 -25.90 23.15 -34.73
CA GLN A 163 -26.79 23.33 -35.88
C GLN A 163 -26.75 24.76 -36.39
N LYS A 164 -26.78 25.73 -35.47
CA LYS A 164 -26.56 27.11 -35.86
C LYS A 164 -25.08 27.32 -36.20
N ARG A 165 -24.81 28.37 -36.98
CA ARG A 165 -23.44 28.68 -37.37
C ARG A 165 -22.62 29.02 -36.12
N VAL A 166 -21.70 28.13 -35.76
CA VAL A 166 -20.92 28.26 -34.53
C VAL A 166 -19.47 27.92 -34.84
N THR A 167 -18.55 28.70 -34.27
CA THR A 167 -17.13 28.52 -34.49
C THR A 167 -16.38 28.58 -33.17
N ILE A 168 -15.24 27.90 -33.12
CA ILE A 168 -14.37 27.91 -31.96
C ILE A 168 -12.98 28.35 -32.41
N PRO A 169 -12.33 29.28 -31.70
CA PRO A 169 -11.04 29.80 -32.19
C PRO A 169 -9.96 28.73 -32.25
N ARG A 170 -9.07 28.88 -33.23
CA ARG A 170 -7.97 27.96 -33.43
C ARG A 170 -6.85 28.26 -32.43
N PRO A 171 -6.42 27.28 -31.64
CA PRO A 171 -5.27 27.50 -30.76
C PRO A 171 -3.99 27.67 -31.57
N HIS A 172 -3.07 28.44 -31.02
CA HIS A 172 -1.79 28.66 -31.66
C HIS A 172 -0.86 27.49 -31.41
N GLN A 173 0.23 27.44 -32.17
CA GLN A 173 1.19 26.35 -32.05
C GLN A 173 1.93 26.43 -30.72
N ILE A 174 2.52 25.29 -30.33
CA ILE A 174 3.25 25.22 -29.07
C ILE A 174 4.44 26.17 -29.09
N ARG A 175 5.19 26.16 -30.19
CA ARG A 175 6.33 27.08 -30.38
C ARG A 175 5.88 28.14 -31.36
N CYS A 176 5.22 29.18 -30.85
CA CYS A 176 4.68 30.26 -31.66
C CYS A 176 5.23 31.59 -31.15
N ASN A 177 5.79 32.39 -32.06
CA ASN A 177 6.38 33.67 -31.70
C ASN A 177 5.87 34.78 -32.61
N CYS A 178 4.59 34.74 -32.98
CA CYS A 178 4.03 35.76 -33.85
C CYS A 178 3.83 37.06 -33.07
N VAL A 179 3.26 38.05 -33.76
CA VAL A 179 3.17 39.39 -33.19
C VAL A 179 2.16 39.42 -32.04
N GLU A 180 0.99 38.80 -32.20
CA GLU A 180 -0.06 38.94 -31.21
C GLU A 180 0.02 37.94 -30.06
N CYS A 181 0.61 36.76 -30.30
CA CYS A 181 0.74 35.79 -29.21
C CYS A 181 1.67 36.30 -28.12
N VAL A 182 2.82 36.85 -28.52
CA VAL A 182 3.75 37.39 -27.54
C VAL A 182 3.20 38.66 -26.89
N SER A 183 2.59 39.52 -27.69
CA SER A 183 2.07 40.78 -27.16
C SER A 183 0.94 40.54 -26.14
N SER A 184 0.04 39.61 -26.45
CA SER A 184 -1.07 39.34 -25.53
C SER A 184 -0.57 38.65 -24.26
N SER A 185 0.37 37.71 -24.39
CA SER A 185 0.89 37.02 -23.22
C SER A 185 1.72 37.94 -22.34
N GLU A 186 2.38 38.95 -22.93
CA GLU A 186 3.18 39.87 -22.14
C GLU A 186 2.30 40.83 -21.35
N VAL A 187 1.25 41.36 -21.98
CA VAL A 187 0.42 42.36 -21.32
C VAL A 187 -0.41 41.75 -20.21
N ASP A 188 -0.84 40.49 -20.36
CA ASP A 188 -1.71 39.87 -19.35
C ASP A 188 -1.56 38.35 -19.45
N SER A 189 -0.80 37.78 -18.53
CA SER A 189 -0.80 36.34 -18.34
C SER A 189 -2.00 35.97 -17.45
N LEU A 190 -2.10 34.67 -17.14
CA LEU A 190 -3.17 34.13 -16.29
C LEU A 190 -4.50 34.18 -17.02
N ARG A 191 -4.52 34.83 -18.17
CA ARG A 191 -5.68 34.89 -19.06
C ARG A 191 -5.38 34.33 -20.43
N HIS A 192 -4.17 34.56 -20.95
CA HIS A 192 -3.73 33.87 -22.14
C HIS A 192 -3.62 32.37 -21.90
N SER A 193 -3.08 31.99 -20.74
CA SER A 193 -3.00 30.57 -20.39
C SER A 193 -4.37 30.01 -20.07
N ARG A 194 -5.24 30.81 -19.43
CA ARG A 194 -6.58 30.34 -19.12
C ARG A 194 -7.40 30.14 -20.40
N SER A 195 -7.25 31.04 -21.38
CA SER A 195 -7.98 30.91 -22.63
C SER A 195 -7.58 29.65 -23.38
N ARG A 196 -6.28 29.35 -23.43
CA ARG A 196 -5.82 28.16 -24.15
C ARG A 196 -6.33 26.89 -23.49
N LEU A 197 -6.28 26.82 -22.16
CA LEU A 197 -6.77 25.63 -21.47
C LEU A 197 -8.27 25.46 -21.65
N ASN A 198 -9.02 26.56 -21.66
CA ASN A 198 -10.45 26.48 -21.89
C ASN A 198 -10.76 25.99 -23.30
N ILE A 199 -10.00 26.45 -24.29
CA ILE A 199 -10.23 26.02 -25.68
C ILE A 199 -9.95 24.54 -25.83
N TYR A 200 -8.83 24.06 -25.26
CA TYR A 200 -8.49 22.65 -25.39
C TYR A 200 -9.46 21.76 -24.64
N LYS A 201 -10.07 22.27 -23.57
CA LYS A 201 -11.08 21.50 -22.86
C LYS A 201 -12.28 21.22 -23.74
N ALA A 202 -12.68 22.20 -24.56
CA ALA A 202 -13.81 22.00 -25.46
C ALA A 202 -13.45 21.11 -26.63
N LEU A 203 -12.25 21.28 -27.19
CA LEU A 203 -11.85 20.49 -28.35
C LEU A 203 -11.67 19.02 -28.00
N ALA A 204 -11.31 18.71 -26.76
CA ALA A 204 -11.04 17.34 -26.34
C ALA A 204 -12.28 16.62 -25.84
N SER A 205 -13.45 17.25 -25.90
CA SER A 205 -14.67 16.60 -25.46
C SER A 205 -15.07 15.51 -26.44
N PRO A 206 -15.33 14.29 -25.98
CA PRO A 206 -15.72 13.21 -26.91
C PRO A 206 -16.96 13.51 -27.73
N SER A 207 -17.92 14.24 -27.17
CA SER A 207 -19.14 14.55 -27.92
C SER A 207 -18.85 15.47 -29.09
N LEU A 208 -17.89 16.39 -28.94
CA LEU A 208 -17.52 17.28 -30.04
C LEU A 208 -16.52 16.63 -30.99
N ILE A 209 -15.98 15.46 -30.64
CA ILE A 209 -15.10 14.73 -31.55
C ILE A 209 -15.86 13.64 -32.29
N ALA A 210 -16.67 12.85 -31.55
CA ALA A 210 -17.52 11.85 -32.20
C ALA A 210 -18.53 12.50 -33.14
N LEU A 211 -18.82 13.78 -32.95
CA LEU A 211 -19.75 14.50 -33.79
C LEU A 211 -19.04 15.73 -34.34
N SER A 212 -19.33 16.07 -35.60
CA SER A 212 -18.72 17.23 -36.27
C SER A 212 -17.21 17.04 -36.47
N SER A 213 -16.81 15.85 -36.88
CA SER A 213 -15.43 15.57 -37.22
C SER A 213 -15.38 14.53 -38.33
N GLU A 214 -14.46 14.73 -39.28
CA GLU A 214 -14.39 13.84 -40.43
C GLU A 214 -13.91 12.44 -40.03
N ASP A 215 -12.82 12.37 -39.27
CA ASP A 215 -12.25 11.10 -38.82
C ASP A 215 -12.05 11.18 -37.33
N PRO A 216 -13.05 10.75 -36.54
CA PRO A 216 -12.92 10.87 -35.07
C PRO A 216 -11.73 10.13 -34.50
N ILE A 217 -11.35 9.00 -35.07
CA ILE A 217 -10.21 8.24 -34.54
C ILE A 217 -8.91 9.00 -34.77
N LEU A 218 -8.72 9.54 -35.97
CA LEU A 218 -7.50 10.30 -36.25
C LEU A 218 -7.45 11.59 -35.44
N THR A 219 -8.59 12.25 -35.27
CA THR A 219 -8.63 13.48 -34.49
C THR A 219 -8.24 13.22 -33.05
N ALA A 220 -8.72 12.13 -32.46
CA ALA A 220 -8.32 11.78 -31.10
C ALA A 220 -6.84 11.45 -31.02
N PHE A 221 -6.27 10.86 -32.07
CA PHE A 221 -4.84 10.55 -32.08
C PHE A 221 -4.00 11.83 -32.09
N ARG A 222 -4.34 12.76 -32.99
CA ARG A 222 -3.56 13.99 -33.10
C ARG A 222 -3.74 14.88 -31.89
N LEU A 223 -4.99 15.07 -31.44
CA LEU A 223 -5.24 15.94 -30.30
C LEU A 223 -4.63 15.38 -29.03
N GLY A 224 -4.73 14.06 -28.83
CA GLY A 224 -4.17 13.46 -27.63
C GLY A 224 -2.66 13.61 -27.56
N TRP A 225 -1.97 13.39 -28.68
CA TRP A 225 -0.53 13.57 -28.70
C TRP A 225 -0.14 15.03 -28.50
N GLU A 226 -0.87 15.95 -29.13
CA GLU A 226 -0.55 17.36 -29.01
C GLU A 226 -0.72 17.84 -27.57
N LEU A 227 -1.77 17.37 -26.88
CA LEU A 227 -1.97 17.75 -25.49
C LEU A 227 -0.86 17.21 -24.59
N LYS A 228 -0.36 16.01 -24.88
CA LYS A 228 0.74 15.46 -24.10
C LYS A 228 2.00 16.30 -24.24
N GLU A 229 2.30 16.76 -25.46
CA GLU A 229 3.45 17.63 -25.67
C GLU A 229 3.28 18.97 -24.97
N LEU A 230 2.05 19.39 -24.70
CA LEU A 230 1.79 20.65 -24.01
C LEU A 230 1.96 20.52 -22.49
N SER A 231 2.02 19.30 -21.97
CA SER A 231 2.19 19.11 -20.53
C SER A 231 3.61 19.43 -20.06
N LYS A 232 4.55 19.62 -20.98
CA LYS A 232 5.93 19.95 -20.63
C LYS A 232 6.22 21.44 -20.72
N VAL A 233 5.77 22.11 -21.79
CA VAL A 233 6.00 23.55 -21.90
C VAL A 233 5.22 24.30 -20.83
N GLU A 234 3.94 23.94 -20.65
CA GLU A 234 3.13 24.50 -19.57
C GLU A 234 3.23 23.59 -18.34
N ASN A 235 4.43 23.57 -17.77
CA ASN A 235 4.69 22.71 -16.62
C ASN A 235 3.83 23.08 -15.41
N GLU A 236 3.39 24.32 -15.30
CA GLU A 236 2.52 24.70 -14.21
C GLU A 236 1.18 23.98 -14.28
N PHE A 237 0.62 23.85 -15.49
CA PHE A 237 -0.66 23.20 -15.71
C PHE A 237 -0.51 21.76 -16.19
N LYS A 238 0.51 21.06 -15.70
CA LYS A 238 0.75 19.68 -16.13
C LYS A 238 -0.40 18.76 -15.75
N ALA A 239 -1.00 18.98 -14.58
CA ALA A 239 -2.08 18.09 -14.12
C ALA A 239 -3.29 18.17 -15.04
N GLU A 240 -3.66 19.39 -15.47
CA GLU A 240 -4.85 19.54 -16.30
C GLU A 240 -4.63 19.00 -17.70
N TYR A 241 -3.47 19.28 -18.30
CA TYR A 241 -3.22 18.86 -19.67
C TYR A 241 -3.06 17.35 -19.78
N GLU A 242 -2.46 16.71 -18.78
CA GLU A 242 -2.32 15.25 -18.82
C GLU A 242 -3.67 14.56 -18.77
N GLU A 243 -4.59 15.07 -17.94
CA GLU A 243 -5.92 14.49 -17.85
C GLU A 243 -6.67 14.63 -19.17
N LEU A 244 -6.55 15.78 -19.82
CA LEU A 244 -7.19 15.98 -21.12
C LEU A 244 -6.64 15.02 -22.17
N SER A 245 -5.32 14.82 -22.16
CA SER A 245 -4.71 13.89 -23.12
C SER A 245 -5.20 12.46 -22.89
N GLN A 246 -5.33 12.06 -21.63
CA GLN A 246 -5.85 10.72 -21.33
C GLN A 246 -7.31 10.59 -21.75
N GLN A 247 -8.05 11.70 -21.78
CA GLN A 247 -9.44 11.66 -22.23
C GLN A 247 -9.53 11.27 -23.69
N CYS A 248 -8.65 11.84 -24.53
CA CYS A 248 -8.68 11.52 -25.96
C CYS A 248 -8.25 10.09 -26.23
N LYS A 249 -7.27 9.59 -25.46
CA LYS A 249 -6.81 8.22 -25.65
C LYS A 249 -7.90 7.21 -25.34
N LEU A 250 -8.67 7.46 -24.28
CA LEU A 250 -9.74 6.54 -23.90
C LEU A 250 -10.87 6.55 -24.94
N PHE A 251 -11.15 7.71 -25.52
CA PHE A 251 -12.24 7.80 -26.49
C PHE A 251 -11.95 6.97 -27.73
N ALA A 252 -10.72 7.01 -28.23
CA ALA A 252 -10.37 6.25 -29.43
C ALA A 252 -10.49 4.75 -29.17
N LYS A 253 -10.02 4.30 -28.00
CA LYS A 253 -10.17 2.89 -27.65
C LYS A 253 -11.63 2.51 -27.48
N ASP A 254 -12.42 3.38 -26.85
CA ASP A 254 -13.85 3.10 -26.66
C ASP A 254 -14.58 3.10 -27.99
N LEU A 255 -14.18 3.99 -28.92
CA LEU A 255 -14.88 4.08 -30.21
C LEU A 255 -14.76 2.78 -31.00
N LEU A 256 -13.56 2.21 -31.05
CA LEU A 256 -13.34 0.97 -31.77
C LEU A 256 -13.67 -0.26 -30.95
N ASP A 257 -13.93 -0.10 -29.65
CA ASP A 257 -14.44 -1.18 -28.83
C ASP A 257 -15.84 -1.62 -29.25
N GLN A 258 -16.53 -0.79 -30.04
CA GLN A 258 -17.91 -1.07 -30.44
C GLN A 258 -18.00 -1.85 -31.74
N ALA A 259 -16.88 -2.27 -32.32
CA ALA A 259 -16.92 -3.09 -33.52
C ALA A 259 -17.60 -4.41 -33.22
N ARG A 260 -18.52 -4.82 -34.10
CA ARG A 260 -19.35 -5.99 -33.87
C ARG A 260 -19.06 -7.14 -34.83
N SER A 261 -18.14 -6.96 -35.78
CA SER A 261 -17.79 -8.03 -36.71
C SER A 261 -16.35 -7.86 -37.14
N SER A 262 -15.76 -8.97 -37.59
CA SER A 262 -14.37 -8.93 -38.05
C SER A 262 -14.22 -8.07 -39.29
N ARG A 263 -15.27 -8.00 -40.13
CA ARG A 263 -15.20 -7.17 -41.33
C ARG A 263 -15.01 -5.70 -40.98
N GLU A 264 -15.70 -5.23 -39.94
CA GLU A 264 -15.55 -3.84 -39.51
C GLU A 264 -14.15 -3.56 -39.00
N LEU A 265 -13.56 -4.51 -38.27
CA LEU A 265 -12.26 -4.28 -37.66
C LEU A 265 -11.17 -4.08 -38.71
N GLU A 266 -11.19 -4.88 -39.77
CA GLU A 266 -10.18 -4.73 -40.82
C GLU A 266 -10.36 -3.43 -41.58
N ILE A 267 -11.59 -2.93 -41.70
CA ILE A 267 -11.82 -1.68 -42.40
C ILE A 267 -11.20 -0.51 -41.63
N ILE A 268 -11.36 -0.50 -40.31
CA ILE A 268 -10.80 0.58 -39.50
C ILE A 268 -9.28 0.52 -39.49
N LEU A 269 -8.73 -0.68 -39.29
CA LEU A 269 -7.29 -0.81 -39.09
C LEU A 269 -6.51 -0.64 -40.40
N ASN A 270 -7.10 -1.01 -41.53
CA ASN A 270 -6.42 -0.94 -42.82
C ASN A 270 -6.67 0.36 -43.56
N HIS A 271 -7.39 1.30 -42.95
CA HIS A 271 -7.70 2.56 -43.63
C HIS A 271 -6.43 3.37 -43.85
N ARG A 272 -6.31 3.95 -45.04
CA ARG A 272 -5.18 4.81 -45.41
C ARG A 272 -5.70 6.21 -45.67
N ASP A 273 -5.27 7.17 -44.85
CA ASP A 273 -5.79 8.53 -44.96
C ASP A 273 -5.41 9.16 -46.29
N ASP A 274 -4.16 8.97 -46.72
CA ASP A 274 -3.66 9.57 -47.96
C ASP A 274 -4.37 8.99 -49.18
N ASP A 286 -0.30 -2.52 -45.53
CA ASP A 286 -1.51 -2.79 -44.79
C ASP A 286 -1.39 -2.32 -43.35
N LEU A 287 -2.51 -2.39 -42.61
CA LEU A 287 -2.57 -1.97 -41.22
C LEU A 287 -2.10 -0.52 -41.06
N ALA A 288 -2.48 0.32 -42.02
CA ALA A 288 -1.97 1.69 -42.05
C ALA A 288 -2.41 2.47 -40.82
N LYS A 289 -3.67 2.31 -40.40
CA LYS A 289 -4.14 3.02 -39.22
C LYS A 289 -3.47 2.52 -37.95
N LEU A 290 -3.17 1.22 -37.88
CA LEU A 290 -2.47 0.69 -36.72
C LEU A 290 -1.07 1.27 -36.59
N LYS A 291 -0.37 1.44 -37.72
CA LYS A 291 0.95 2.05 -37.69
C LYS A 291 0.89 3.49 -37.18
N VAL A 292 -0.16 4.22 -37.55
CA VAL A 292 -0.34 5.59 -37.07
C VAL A 292 -0.53 5.58 -35.56
N ALA A 293 -1.28 4.61 -35.03
CA ALA A 293 -1.51 4.53 -33.59
C ALA A 293 -0.20 4.29 -32.85
N ILE A 294 0.66 3.42 -33.38
CA ILE A 294 1.94 3.15 -32.73
C ILE A 294 2.82 4.39 -32.75
N LYS A 295 2.76 5.17 -33.82
CA LYS A 295 3.56 6.39 -33.91
C LYS A 295 3.14 7.42 -32.85
N TYR A 296 1.85 7.50 -32.56
CA TYR A 296 1.32 8.46 -31.59
C TYR A 296 1.27 7.89 -30.18
N HIS A 297 1.81 6.69 -29.96
CA HIS A 297 1.90 6.07 -28.63
C HIS A 297 0.52 5.84 -28.02
N GLN A 298 -0.39 5.28 -28.82
CA GLN A 298 -1.73 4.92 -28.34
C GLN A 298 -1.67 3.48 -27.82
N LYS A 299 -1.12 3.34 -26.61
CA LYS A 299 -0.91 2.02 -26.03
C LYS A 299 -2.23 1.31 -25.75
N GLU A 300 -3.22 2.04 -25.21
CA GLU A 300 -4.51 1.43 -24.93
C GLU A 300 -5.22 0.98 -26.20
N PHE A 301 -5.12 1.79 -27.26
CA PHE A 301 -5.73 1.42 -28.53
C PHE A 301 -5.09 0.16 -29.10
N VAL A 302 -3.77 0.05 -29.03
CA VAL A 302 -3.08 -1.09 -29.62
C VAL A 302 -3.34 -2.37 -28.82
N ALA A 303 -3.38 -2.26 -27.50
CA ALA A 303 -3.39 -3.42 -26.61
C ALA A 303 -4.78 -3.98 -26.36
N GLN A 304 -5.80 -3.48 -27.04
CA GLN A 304 -7.14 -4.03 -26.87
C GLN A 304 -7.16 -5.47 -27.38
N PRO A 305 -7.87 -6.38 -26.71
CA PRO A 305 -7.84 -7.79 -27.11
C PRO A 305 -8.37 -8.03 -28.51
N ASN A 306 -9.20 -7.15 -29.05
CA ASN A 306 -9.71 -7.35 -30.41
C ASN A 306 -8.64 -7.07 -31.45
N CYS A 307 -7.84 -6.03 -31.25
CA CYS A 307 -6.72 -5.76 -32.16
C CYS A 307 -5.65 -6.83 -32.04
N GLN A 308 -5.39 -7.31 -30.82
CA GLN A 308 -4.38 -8.34 -30.61
C GLN A 308 -4.76 -9.65 -31.28
N GLN A 309 -6.04 -10.00 -31.31
CA GLN A 309 -6.48 -11.22 -31.96
C GLN A 309 -6.18 -11.18 -33.45
N LEU A 310 -6.42 -10.05 -34.10
CA LEU A 310 -6.10 -9.93 -35.52
C LEU A 310 -4.61 -9.98 -35.76
N LEU A 311 -3.82 -9.34 -34.89
CA LEU A 311 -2.37 -9.39 -35.03
C LEU A 311 -1.82 -10.79 -34.80
N ALA A 312 -2.38 -11.50 -33.82
CA ALA A 312 -1.92 -12.85 -33.53
C ALA A 312 -2.21 -13.80 -34.68
N THR A 313 -3.27 -13.55 -35.45
CA THR A 313 -3.59 -14.39 -36.59
C THR A 313 -2.49 -14.31 -37.65
N LEU A 314 -2.00 -13.10 -37.93
CA LEU A 314 -0.93 -12.93 -38.90
C LEU A 314 0.42 -13.41 -38.37
N TRP A 315 0.64 -13.28 -37.06
CA TRP A 315 1.89 -13.75 -36.47
C TRP A 315 2.02 -15.26 -36.58
N TYR A 316 0.93 -15.99 -36.32
CA TYR A 316 0.90 -17.45 -36.36
C TYR A 316 0.31 -17.97 -37.66
N ASP A 317 0.62 -17.30 -38.79
CA ASP A 317 0.02 -17.67 -40.06
C ASP A 317 0.26 -19.14 -40.41
N GLY A 318 1.45 -19.65 -40.11
CA GLY A 318 1.75 -21.04 -40.42
C GLY A 318 0.95 -22.03 -39.60
N PHE A 319 0.79 -21.76 -38.31
CA PHE A 319 0.16 -22.71 -37.40
C PHE A 319 -1.22 -22.19 -37.02
N PRO A 320 -2.32 -22.79 -37.51
CA PRO A 320 -3.65 -22.28 -37.16
C PRO A 320 -4.08 -22.63 -35.75
N GLY A 321 -3.55 -23.69 -35.15
CA GLY A 321 -3.98 -24.10 -33.82
C GLY A 321 -2.89 -24.06 -32.77
N TRP A 322 -2.06 -23.01 -32.81
CA TRP A 322 -0.94 -22.93 -31.87
C TRP A 322 -1.41 -22.72 -30.43
N ARG A 323 -2.51 -22.00 -30.24
CA ARG A 323 -2.98 -21.70 -28.89
C ARG A 323 -3.36 -22.98 -28.14
N ARG A 324 -3.98 -23.93 -28.83
CA ARG A 324 -4.48 -25.15 -28.20
C ARG A 324 -3.42 -26.23 -28.06
N LYS A 325 -2.20 -25.99 -28.54
CA LYS A 325 -1.15 -26.98 -28.44
C LYS A 325 -0.61 -27.08 -27.02
N HIS A 326 -0.10 -28.26 -26.68
CA HIS A 326 0.51 -28.49 -25.37
C HIS A 326 1.88 -27.81 -25.30
N TRP A 327 2.30 -27.51 -24.07
CA TRP A 327 3.58 -26.84 -23.88
C TRP A 327 4.75 -27.73 -24.27
N VAL A 328 4.59 -29.05 -24.17
CA VAL A 328 5.66 -29.96 -24.58
C VAL A 328 5.85 -29.93 -26.09
N VAL A 329 4.74 -30.04 -26.84
CA VAL A 329 4.85 -30.04 -28.30
C VAL A 329 5.23 -28.66 -28.82
N LYS A 330 4.81 -27.60 -28.12
CA LYS A 330 5.21 -26.25 -28.52
C LYS A 330 6.72 -26.07 -28.38
N LEU A 331 7.30 -26.57 -27.29
CA LEU A 331 8.74 -26.43 -27.09
C LEU A 331 9.52 -27.32 -28.04
N LEU A 332 9.09 -28.58 -28.19
CA LEU A 332 9.83 -29.52 -29.04
C LEU A 332 9.85 -29.05 -30.48
N THR A 333 8.73 -28.53 -30.98
CA THR A 333 8.67 -28.04 -32.35
C THR A 333 9.49 -26.78 -32.57
N CYS A 334 9.95 -26.12 -31.50
CA CYS A 334 10.70 -24.87 -31.68
C CYS A 334 12.03 -25.11 -32.36
N MET A 335 12.81 -26.09 -31.88
CA MET A 335 14.10 -26.36 -32.50
C MET A 335 13.97 -27.08 -33.84
N THR A 336 12.78 -27.55 -34.20
CA THR A 336 12.61 -28.18 -35.51
C THR A 336 12.93 -27.20 -36.64
N ILE A 337 12.31 -26.02 -36.61
CA ILE A 337 12.71 -24.96 -37.53
C ILE A 337 14.08 -24.42 -37.15
N GLY A 338 14.37 -24.36 -35.84
CA GLY A 338 15.63 -23.78 -35.40
C GLY A 338 16.84 -24.55 -35.87
N PHE A 339 16.80 -25.88 -35.74
CA PHE A 339 17.94 -26.70 -36.15
C PHE A 339 18.16 -26.64 -37.66
N LEU A 340 17.07 -26.68 -38.43
CA LEU A 340 17.15 -26.68 -39.89
C LEU A 340 17.07 -25.27 -40.47
N PHE A 341 17.44 -24.25 -39.71
CA PHE A 341 17.36 -22.88 -40.22
C PHE A 341 18.21 -22.61 -41.46
N PRO A 342 19.42 -23.17 -41.62
CA PRO A 342 20.15 -22.89 -42.88
C PRO A 342 19.44 -23.39 -44.13
N MET A 343 18.70 -24.51 -44.02
CA MET A 343 18.06 -25.08 -45.19
C MET A 343 16.96 -24.17 -45.74
N LEU A 344 16.13 -23.60 -44.87
CA LEU A 344 15.08 -22.70 -45.33
C LEU A 344 15.67 -21.41 -45.89
N SER A 345 16.74 -20.90 -45.26
CA SER A 345 17.32 -19.63 -45.72
C SER A 345 17.88 -19.76 -47.12
N ILE A 346 18.61 -20.85 -47.40
CA ILE A 346 19.18 -21.03 -48.73
C ILE A 346 18.08 -21.32 -49.75
N ALA A 347 16.97 -21.94 -49.32
CA ALA A 347 15.87 -22.21 -50.23
C ALA A 347 15.26 -20.92 -50.76
N TYR A 348 15.17 -19.90 -49.92
CA TYR A 348 14.62 -18.61 -50.36
C TYR A 348 15.50 -17.99 -51.43
N LEU A 349 16.82 -18.08 -51.28
CA LEU A 349 17.73 -17.48 -52.25
C LEU A 349 17.62 -18.17 -53.60
N ILE A 350 17.52 -19.50 -53.61
CA ILE A 350 17.53 -20.25 -54.87
C ILE A 350 16.16 -20.35 -55.52
N SER A 351 15.08 -20.16 -54.77
CA SER A 351 13.74 -20.29 -55.32
C SER A 351 12.73 -19.52 -54.47
N PRO A 352 12.60 -18.21 -54.69
CA PRO A 352 11.61 -17.44 -53.90
C PRO A 352 10.17 -17.87 -54.13
N ARG A 353 9.86 -18.48 -55.27
CA ARG A 353 8.50 -18.89 -55.58
C ARG A 353 8.20 -20.33 -55.15
N SER A 354 9.19 -21.08 -54.68
CA SER A 354 8.95 -22.45 -54.26
C SER A 354 8.14 -22.50 -52.98
N ASN A 355 7.37 -23.59 -52.83
CA ASN A 355 6.56 -23.76 -51.63
C ASN A 355 7.43 -23.89 -50.39
N LEU A 356 8.55 -24.61 -50.50
CA LEU A 356 9.46 -24.74 -49.36
C LEU A 356 10.12 -23.41 -49.01
N GLY A 357 10.39 -22.56 -49.99
CA GLY A 357 10.98 -21.27 -49.75
C GLY A 357 10.05 -20.22 -49.20
N LEU A 358 8.74 -20.50 -49.16
CA LEU A 358 7.76 -19.58 -48.62
C LEU A 358 7.62 -19.68 -47.11
N PHE A 359 8.20 -20.71 -46.48
CA PHE A 359 8.09 -20.86 -45.04
C PHE A 359 8.77 -19.72 -44.31
N ILE A 360 9.94 -19.30 -44.79
CA ILE A 360 10.69 -18.24 -44.12
C ILE A 360 9.97 -16.90 -44.18
N LYS A 361 9.09 -16.71 -45.16
CA LYS A 361 8.34 -15.46 -45.25
C LYS A 361 7.27 -15.33 -44.17
N LYS A 362 6.90 -16.44 -43.53
CA LYS A 362 5.89 -16.38 -42.48
C LYS A 362 6.49 -15.69 -41.25
N PRO A 363 5.76 -14.77 -40.62
CA PRO A 363 6.36 -13.96 -39.54
C PRO A 363 6.92 -14.77 -38.38
N PHE A 364 6.24 -15.84 -37.97
CA PHE A 364 6.73 -16.61 -36.83
C PHE A 364 7.98 -17.41 -37.21
N ILE A 365 8.00 -18.00 -38.41
CA ILE A 365 9.16 -18.75 -38.84
C ILE A 365 10.36 -17.82 -39.02
N LYS A 366 10.12 -16.62 -39.53
CA LYS A 366 11.20 -15.65 -39.71
C LYS A 366 11.82 -15.27 -38.36
N PHE A 367 10.99 -15.10 -37.33
CA PHE A 367 11.52 -14.79 -36.01
C PHE A 367 12.36 -15.93 -35.46
N ILE A 368 11.90 -17.18 -35.63
CA ILE A 368 12.65 -18.32 -35.14
C ILE A 368 13.97 -18.47 -35.90
N CYS A 369 13.94 -18.27 -37.21
CA CYS A 369 15.16 -18.40 -38.01
C CYS A 369 16.21 -17.37 -37.60
N HIS A 370 15.79 -16.14 -37.36
CA HIS A 370 16.73 -15.11 -36.93
C HIS A 370 17.30 -15.40 -35.55
N THR A 371 16.45 -15.88 -34.63
CA THR A 371 16.91 -16.21 -33.28
C THR A 371 17.90 -17.37 -33.31
N ALA A 372 17.62 -18.39 -34.13
CA ALA A 372 18.54 -19.51 -34.24
C ALA A 372 19.87 -19.07 -34.86
N SER A 373 19.81 -18.19 -35.85
CA SER A 373 21.04 -17.68 -36.45
C SER A 373 21.86 -16.88 -35.44
N TYR A 374 21.19 -16.02 -34.66
CA TYR A 374 21.91 -15.25 -33.66
C TYR A 374 22.46 -16.14 -32.56
N LEU A 375 21.69 -17.15 -32.15
CA LEU A 375 22.18 -18.07 -31.12
C LEU A 375 23.37 -18.88 -31.59
N THR A 376 23.53 -19.07 -32.91
CA THR A 376 24.72 -19.72 -33.43
C THR A 376 25.97 -18.89 -33.14
N PHE A 377 25.86 -17.57 -33.26
CA PHE A 377 27.00 -16.69 -33.02
C PHE A 377 27.51 -16.86 -31.58
N LEU A 378 26.59 -16.83 -30.61
CA LEU A 378 27.01 -16.94 -29.21
C LEU A 378 27.66 -18.29 -28.93
N PHE A 379 27.09 -19.37 -29.47
CA PHE A 379 27.73 -20.68 -29.32
C PHE A 379 29.05 -20.72 -30.07
N MET A 380 29.12 -20.09 -31.24
CA MET A 380 30.37 -19.99 -31.98
C MET A 380 31.40 -19.14 -31.25
N LEU A 381 30.96 -18.26 -30.36
CA LEU A 381 31.88 -17.52 -29.51
C LEU A 381 32.42 -18.39 -28.37
N LEU A 382 31.63 -19.37 -27.94
CA LEU A 382 32.09 -20.28 -26.88
C LEU A 382 33.32 -21.06 -27.30
N LEU A 383 33.44 -21.37 -28.60
CA LEU A 383 34.52 -22.20 -29.10
C LEU A 383 35.79 -21.42 -29.45
N ALA A 384 35.74 -20.09 -29.39
CA ALA A 384 36.92 -19.28 -29.68
C ALA A 384 37.87 -19.18 -28.49
N SER A 385 37.43 -19.55 -27.30
CA SER A 385 38.25 -19.47 -26.10
C SER A 385 39.04 -20.75 -25.83
N GLN A 386 38.88 -21.78 -26.65
CA GLN A 386 39.57 -23.04 -26.44
C GLN A 386 40.17 -23.65 -27.69
N HIS A 387 39.89 -23.11 -28.88
CA HIS A 387 40.37 -23.70 -30.13
C HIS A 387 41.72 -23.17 -30.57
N ILE A 388 42.34 -22.29 -29.78
CA ILE A 388 43.70 -21.83 -30.05
C ILE A 388 44.67 -22.68 -29.25
N VAL A 389 45.84 -22.91 -29.82
CA VAL A 389 46.83 -23.79 -29.22
C VAL A 389 47.77 -22.99 -28.33
N ARG A 390 48.35 -23.66 -27.34
CA ARG A 390 49.28 -23.01 -26.42
C ARG A 390 50.59 -22.62 -27.09
N THR A 391 50.87 -23.11 -28.30
CA THR A 391 52.13 -22.79 -28.97
C THR A 391 52.12 -21.38 -29.56
N ASP A 392 50.95 -20.86 -29.93
CA ASP A 392 50.86 -19.60 -30.64
C ASP A 392 50.49 -18.42 -29.73
N LEU A 393 50.59 -18.57 -28.41
CA LEU A 393 50.38 -17.42 -27.55
C LEU A 393 51.54 -16.43 -27.59
N HIS A 394 52.67 -16.81 -28.18
CA HIS A 394 53.87 -15.98 -28.18
C HIS A 394 54.13 -15.33 -29.54
N VAL A 395 53.16 -15.38 -30.45
CA VAL A 395 53.30 -14.75 -31.77
C VAL A 395 52.66 -13.38 -31.73
N GLN A 396 53.23 -12.44 -32.47
CA GLN A 396 52.75 -11.08 -32.53
C GLN A 396 51.99 -10.87 -33.83
N GLY A 397 50.74 -10.41 -33.73
CA GLY A 397 49.91 -10.19 -34.89
C GLY A 397 49.65 -11.46 -35.67
N PRO A 398 48.92 -12.39 -35.08
CA PRO A 398 48.65 -13.67 -35.76
C PRO A 398 47.59 -13.49 -36.84
N PRO A 399 47.55 -14.38 -37.82
CA PRO A 399 46.45 -14.37 -38.78
C PRO A 399 45.15 -14.78 -38.11
N PRO A 400 44.00 -14.46 -38.69
CA PRO A 400 42.73 -14.88 -38.09
C PRO A 400 42.68 -16.39 -37.90
N THR A 401 42.17 -16.80 -36.75
CA THR A 401 42.25 -18.19 -36.32
C THR A 401 41.16 -19.02 -37.01
N VAL A 402 41.04 -20.29 -36.61
CA VAL A 402 40.05 -21.19 -37.22
C VAL A 402 38.64 -20.91 -36.75
N VAL A 403 38.45 -19.97 -35.82
CA VAL A 403 37.13 -19.58 -35.38
C VAL A 403 36.76 -18.17 -35.82
N GLU A 404 37.72 -17.24 -35.83
CA GLU A 404 37.45 -15.86 -36.23
C GLU A 404 37.08 -15.75 -37.71
N TRP A 405 37.41 -16.75 -38.52
CA TRP A 405 37.12 -16.66 -39.95
C TRP A 405 35.63 -16.69 -40.22
N MET A 406 34.91 -17.65 -39.62
CA MET A 406 33.47 -17.75 -39.81
C MET A 406 32.68 -16.76 -38.97
N ILE A 407 33.30 -16.14 -37.96
CA ILE A 407 32.67 -15.02 -37.28
C ILE A 407 32.57 -13.83 -38.23
N LEU A 408 33.52 -13.72 -39.15
CA LEU A 408 33.57 -12.55 -40.03
C LEU A 408 32.30 -12.35 -40.87
N PRO A 409 31.72 -13.38 -41.50
CA PRO A 409 30.43 -13.15 -42.18
C PRO A 409 29.33 -12.66 -41.26
N TRP A 410 29.29 -13.16 -40.02
CA TRP A 410 28.31 -12.68 -39.05
C TRP A 410 28.52 -11.20 -38.74
N VAL A 411 29.78 -10.80 -38.58
CA VAL A 411 30.08 -9.41 -38.22
C VAL A 411 29.62 -8.46 -39.31
N LEU A 412 29.94 -8.79 -40.57
CA LEU A 412 29.48 -7.97 -41.68
C LEU A 412 27.97 -7.99 -41.83
N GLY A 413 27.33 -9.11 -41.47
CA GLY A 413 25.87 -9.17 -41.55
C GLY A 413 25.20 -8.15 -40.66
N PHE A 414 25.74 -7.94 -39.46
CA PHE A 414 25.17 -6.94 -38.55
C PHE A 414 25.51 -5.52 -38.99
N ILE A 415 26.75 -5.28 -39.42
CA ILE A 415 27.15 -3.95 -39.84
C ILE A 415 26.38 -3.54 -41.09
N TRP A 416 26.28 -4.44 -42.06
CA TRP A 416 25.51 -4.14 -43.27
C TRP A 416 24.04 -3.92 -42.96
N GLY A 417 23.48 -4.72 -42.05
CA GLY A 417 22.10 -4.53 -41.65
C GLY A 417 21.86 -3.35 -40.74
N GLU A 418 22.91 -2.85 -40.09
CA GLU A 418 22.76 -1.72 -39.17
C GLU A 418 22.49 -0.42 -39.92
N ILE A 419 23.21 -0.18 -41.01
CA ILE A 419 22.98 1.04 -41.79
C ILE A 419 21.64 0.98 -42.49
N LYS A 420 21.18 -0.23 -42.86
CA LYS A 420 19.91 -0.36 -43.56
C LYS A 420 18.75 0.10 -42.70
N GLU A 421 18.69 -0.37 -41.45
CA GLU A 421 17.59 0.04 -40.58
C GLU A 421 17.75 1.50 -40.16
N MET A 422 18.99 1.96 -39.99
CA MET A 422 19.22 3.37 -39.65
C MET A 422 18.82 4.29 -40.79
N TRP A 423 19.04 3.86 -42.03
CA TRP A 423 18.71 4.69 -43.19
C TRP A 423 17.22 4.97 -43.27
N ASP A 424 16.39 3.96 -42.99
CA ASP A 424 14.95 4.13 -43.12
C ASP A 424 14.41 5.18 -42.18
N GLY A 425 14.86 5.19 -40.93
CA GLY A 425 14.36 6.13 -39.95
C GLY A 425 15.22 7.37 -39.80
N GLY A 426 16.44 7.32 -40.34
CA GLY A 426 17.36 8.43 -40.20
C GLY A 426 18.12 8.37 -38.88
N PHE A 427 19.06 9.31 -38.74
CA PHE A 427 19.88 9.36 -37.53
C PHE A 427 19.05 9.69 -36.30
N THR A 428 18.08 10.61 -36.45
CA THR A 428 17.28 11.04 -35.30
C THR A 428 16.47 9.88 -34.72
N GLU A 429 15.85 9.07 -35.58
CA GLU A 429 15.03 7.97 -35.10
C GLU A 429 15.86 6.91 -34.40
N TYR A 430 17.12 6.75 -34.81
CA TYR A 430 17.96 5.68 -34.26
C TYR A 430 18.24 5.87 -32.77
N ILE A 431 18.50 7.11 -32.36
CA ILE A 431 19.01 7.36 -31.01
C ILE A 431 17.98 7.15 -29.91
N HIS A 432 16.69 7.02 -30.26
CA HIS A 432 15.67 6.90 -29.22
C HIS A 432 15.72 5.54 -28.53
N ASP A 433 15.89 4.47 -29.29
CA ASP A 433 15.84 3.13 -28.71
C ASP A 433 17.07 2.86 -27.87
N TRP A 434 16.85 2.36 -26.65
CA TRP A 434 17.98 2.00 -25.78
C TRP A 434 18.78 0.85 -26.38
N TRP A 435 18.08 -0.15 -26.93
CA TRP A 435 18.77 -1.29 -27.54
C TRP A 435 19.57 -0.89 -28.77
N ASN A 436 19.20 0.20 -29.44
CA ASN A 436 19.95 0.64 -30.61
C ASN A 436 21.36 1.09 -30.23
N LEU A 437 21.50 1.73 -29.07
CA LEU A 437 22.82 2.14 -28.60
C LEU A 437 23.72 0.93 -28.37
N MET A 438 23.16 -0.16 -27.87
CA MET A 438 23.94 -1.38 -27.67
C MET A 438 24.44 -1.92 -29.00
N ASP A 439 23.62 -1.84 -30.05
CA ASP A 439 24.05 -2.30 -31.37
C ASP A 439 25.22 -1.47 -31.89
N PHE A 440 25.14 -0.15 -31.75
CA PHE A 440 26.19 0.71 -32.28
C PHE A 440 27.51 0.48 -31.56
N ALA A 441 27.48 0.38 -30.23
CA ALA A 441 28.71 0.13 -29.49
C ALA A 441 29.29 -1.24 -29.80
N MET A 442 28.43 -2.26 -29.86
CA MET A 442 28.92 -3.61 -30.13
C MET A 442 29.50 -3.72 -31.54
N ASN A 443 28.82 -3.13 -32.53
CA ASN A 443 29.30 -3.21 -33.90
C ASN A 443 30.59 -2.41 -34.08
N SER A 444 30.69 -1.26 -33.41
CA SER A 444 31.90 -0.44 -33.51
C SER A 444 33.10 -1.18 -32.94
N LEU A 445 32.92 -1.89 -31.81
CA LEU A 445 34.03 -2.61 -31.20
C LEU A 445 34.53 -3.73 -32.11
N TYR A 446 33.61 -4.43 -32.78
CA TYR A 446 34.04 -5.45 -33.73
C TYR A 446 34.85 -4.86 -34.87
N LEU A 447 34.42 -3.70 -35.38
CA LEU A 447 35.18 -3.04 -36.44
C LEU A 447 36.57 -2.64 -35.94
N ALA A 448 36.65 -2.14 -34.71
CA ALA A 448 37.95 -1.81 -34.14
C ALA A 448 38.79 -3.05 -33.91
N THR A 449 38.17 -4.16 -33.53
CA THR A 449 38.92 -5.40 -33.33
C THR A 449 39.55 -5.89 -34.63
N ILE A 450 38.82 -5.82 -35.74
CA ILE A 450 39.38 -6.24 -37.03
C ILE A 450 40.46 -5.27 -37.47
N SER A 451 40.27 -3.97 -37.24
CA SER A 451 41.25 -2.98 -37.67
C SER A 451 42.58 -3.18 -36.95
N LEU A 452 42.55 -3.46 -35.65
CA LEU A 452 43.80 -3.64 -34.90
C LEU A 452 44.46 -4.97 -35.23
N LYS A 453 43.66 -6.01 -35.45
CA LYS A 453 44.24 -7.33 -35.72
C LYS A 453 45.02 -7.34 -37.02
N ILE A 454 44.47 -6.73 -38.08
CA ILE A 454 45.19 -6.68 -39.35
C ILE A 454 46.39 -5.75 -39.25
N MET A 455 46.26 -4.64 -38.51
CA MET A 455 47.37 -3.72 -38.35
C MET A 455 48.55 -4.38 -37.65
N ALA A 456 48.28 -5.14 -36.58
CA ALA A 456 49.33 -5.87 -35.90
C ALA A 456 49.82 -7.06 -36.70
N TYR A 457 49.01 -7.56 -37.63
CA TYR A 457 49.41 -8.70 -38.46
C TYR A 457 50.51 -8.33 -39.45
N VAL A 458 50.64 -7.05 -39.80
CA VAL A 458 51.62 -6.63 -40.78
C VAL A 458 52.79 -5.87 -40.15
N LYS A 459 52.60 -5.24 -38.99
CA LYS A 459 53.67 -4.50 -38.34
C LYS A 459 54.64 -5.41 -37.60
N TYR A 460 54.24 -6.65 -37.32
CA TYR A 460 55.09 -7.59 -36.59
C TYR A 460 55.10 -8.93 -37.32
N ASN A 461 56.26 -9.56 -37.35
CA ASN A 461 56.43 -10.87 -37.99
C ASN A 461 57.02 -11.91 -37.05
N GLY A 462 57.98 -11.53 -36.21
CA GLY A 462 58.60 -12.49 -35.32
C GLY A 462 57.72 -12.82 -34.12
N SER A 463 58.09 -13.90 -33.44
CA SER A 463 57.39 -14.34 -32.24
C SER A 463 58.23 -14.00 -31.03
N ARG A 464 57.63 -13.28 -30.07
CA ARG A 464 58.31 -12.84 -28.87
C ARG A 464 57.50 -13.24 -27.66
N PRO A 465 58.15 -13.65 -26.57
CA PRO A 465 57.41 -14.07 -25.37
C PRO A 465 56.48 -12.98 -24.87
N ARG A 466 55.29 -13.39 -24.42
CA ARG A 466 54.25 -12.46 -24.03
C ARG A 466 54.62 -11.65 -22.79
N GLU A 467 55.55 -12.14 -21.97
CA GLU A 467 55.91 -11.44 -20.74
C GLU A 467 56.66 -10.14 -21.01
N GLU A 468 57.28 -10.00 -22.17
CA GLU A 468 58.05 -8.80 -22.50
C GLU A 468 57.31 -7.83 -23.40
N TRP A 469 56.03 -8.09 -23.70
CA TRP A 469 55.28 -7.20 -24.57
C TRP A 469 55.02 -5.86 -23.89
N GLU A 470 54.79 -4.85 -24.71
CA GLU A 470 54.49 -3.52 -24.20
C GLU A 470 53.11 -3.49 -23.54
N MET A 471 52.92 -2.47 -22.69
CA MET A 471 51.63 -2.32 -22.02
C MET A 471 50.51 -2.02 -23.01
N TRP A 472 50.83 -1.27 -24.07
CA TRP A 472 49.86 -0.90 -25.10
C TRP A 472 50.12 -1.64 -26.41
N HIS A 473 50.46 -2.91 -26.32
CA HIS A 473 50.69 -3.71 -27.51
C HIS A 473 49.41 -3.81 -28.33
N PRO A 474 49.48 -3.67 -29.66
CA PRO A 474 48.24 -3.72 -30.46
C PRO A 474 47.46 -5.00 -30.31
N THR A 475 48.14 -6.14 -30.16
CA THR A 475 47.44 -7.40 -29.95
C THR A 475 46.69 -7.39 -28.63
N LEU A 476 47.31 -6.85 -27.57
CA LEU A 476 46.66 -6.80 -26.26
C LEU A 476 45.41 -5.92 -26.30
N ILE A 477 45.49 -4.78 -26.99
CA ILE A 477 44.32 -3.92 -27.10
C ILE A 477 43.24 -4.58 -27.93
N ALA A 478 43.62 -5.31 -28.97
CA ALA A 478 42.63 -5.99 -29.81
C ALA A 478 41.88 -7.05 -29.03
N GLU A 479 42.58 -7.81 -28.19
CA GLU A 479 41.91 -8.85 -27.41
C GLU A 479 41.00 -8.25 -26.34
N ALA A 480 41.38 -7.12 -25.75
CA ALA A 480 40.53 -6.49 -24.74
C ALA A 480 39.23 -6.00 -25.34
N LEU A 481 39.28 -5.41 -26.53
CA LEU A 481 38.07 -4.92 -27.18
C LEU A 481 37.19 -6.08 -27.63
N PHE A 482 37.80 -7.17 -28.08
CA PHE A 482 37.01 -8.34 -28.49
C PHE A 482 36.24 -8.92 -27.32
N ALA A 483 36.88 -9.00 -26.14
CA ALA A 483 36.20 -9.54 -24.96
C ALA A 483 35.09 -8.62 -24.48
N ILE A 484 35.32 -7.31 -24.53
CA ILE A 484 34.30 -6.36 -24.08
C ILE A 484 33.05 -6.47 -24.94
N SER A 485 33.23 -6.51 -26.27
CA SER A 485 32.09 -6.64 -27.17
C SER A 485 31.39 -7.98 -27.06
N ASN A 486 32.07 -9.00 -26.53
CA ASN A 486 31.41 -10.29 -26.32
C ASN A 486 30.31 -10.17 -25.28
N ILE A 487 30.54 -9.37 -24.24
CA ILE A 487 29.52 -9.16 -23.21
C ILE A 487 28.30 -8.48 -23.80
N LEU A 488 28.52 -7.46 -24.63
CA LEU A 488 27.40 -6.73 -25.23
C LEU A 488 26.59 -7.63 -26.16
N SER A 489 27.26 -8.51 -26.91
CA SER A 489 26.54 -9.43 -27.80
C SER A 489 25.65 -10.37 -27.02
N SER A 490 26.15 -10.90 -25.90
CA SER A 490 25.35 -11.84 -25.11
C SER A 490 24.26 -11.13 -24.32
N LEU A 491 24.47 -9.85 -23.98
CA LEU A 491 23.46 -9.11 -23.22
C LEU A 491 22.25 -8.74 -24.06
N ARG A 492 22.35 -8.84 -25.39
CA ARG A 492 21.23 -8.48 -26.24
C ARG A 492 20.13 -9.54 -26.26
N LEU A 493 20.39 -10.74 -25.72
CA LEU A 493 19.34 -11.75 -25.67
C LEU A 493 18.19 -11.34 -24.76
N ILE A 494 18.39 -10.35 -23.90
CA ILE A 494 17.32 -9.88 -23.03
C ILE A 494 16.20 -9.24 -23.83
N SER A 495 16.53 -8.63 -24.98
CA SER A 495 15.51 -8.02 -25.82
C SER A 495 14.56 -9.04 -26.41
N LEU A 496 14.96 -10.32 -26.46
CA LEU A 496 14.08 -11.37 -26.96
C LEU A 496 13.02 -11.80 -25.94
N PHE A 497 13.14 -11.34 -24.69
CA PHE A 497 12.17 -11.70 -23.66
C PHE A 497 10.80 -11.10 -23.94
N THR A 498 10.72 -10.08 -24.79
CA THR A 498 9.44 -9.46 -25.09
C THR A 498 8.48 -10.43 -25.77
N ALA A 499 9.02 -11.35 -26.58
CA ALA A 499 8.18 -12.32 -27.26
C ALA A 499 7.51 -13.26 -26.27
N ASN A 500 8.23 -13.67 -25.23
CA ASN A 500 7.67 -14.59 -24.25
C ASN A 500 6.59 -13.90 -23.42
N SER A 501 5.62 -14.70 -22.97
CA SER A 501 4.51 -14.19 -22.18
C SER A 501 4.78 -14.15 -20.69
N HIS A 502 5.71 -14.98 -20.20
CA HIS A 502 6.05 -14.98 -18.78
C HIS A 502 7.15 -13.98 -18.46
N LEU A 503 8.24 -14.00 -19.22
CA LEU A 503 9.34 -13.07 -19.02
C LEU A 503 9.09 -11.70 -19.65
N GLY A 504 8.06 -11.57 -20.48
CA GLY A 504 7.76 -10.34 -21.16
C GLY A 504 7.44 -9.19 -20.22
N PRO A 505 6.34 -9.30 -19.47
CA PRO A 505 5.97 -8.19 -18.57
C PRO A 505 7.03 -7.85 -17.54
N LEU A 506 7.74 -8.85 -17.02
CA LEU A 506 8.78 -8.57 -16.03
C LEU A 506 9.94 -7.83 -16.66
N GLN A 507 10.35 -8.24 -17.86
CA GLN A 507 11.45 -7.55 -18.54
C GLN A 507 11.08 -6.12 -18.89
N ILE A 508 9.83 -5.89 -19.29
CA ILE A 508 9.39 -4.53 -19.59
C ILE A 508 9.41 -3.68 -18.33
N SER A 509 8.85 -4.19 -17.23
CA SER A 509 8.91 -3.49 -15.96
C SER A 509 10.31 -3.47 -15.37
N LEU A 510 11.19 -4.34 -15.86
CA LEU A 510 12.59 -4.32 -15.40
C LEU A 510 13.26 -3.00 -15.76
N GLY A 511 13.01 -2.49 -16.97
CA GLY A 511 13.64 -1.27 -17.43
C GLY A 511 12.85 0.00 -17.23
N ARG A 512 11.56 -0.09 -16.90
CA ARG A 512 10.77 1.11 -16.69
C ARG A 512 11.23 1.87 -15.45
N MET A 513 11.62 1.16 -14.40
CA MET A 513 12.14 1.78 -13.19
C MET A 513 13.66 1.76 -13.13
N LEU A 514 14.32 1.33 -14.22
CA LEU A 514 15.76 1.53 -14.33
C LEU A 514 16.11 3.00 -14.48
N LEU A 515 15.18 3.80 -15.00
CA LEU A 515 15.41 5.23 -15.12
C LEU A 515 15.52 5.91 -13.76
N ASP A 516 14.75 5.44 -12.78
CA ASP A 516 14.85 5.99 -11.43
C ASP A 516 16.20 5.68 -10.79
N ILE A 517 16.76 4.50 -11.09
CA ILE A 517 18.07 4.15 -10.54
C ILE A 517 19.14 5.09 -11.07
N LEU A 518 19.13 5.35 -12.38
CA LEU A 518 20.09 6.28 -12.97
C LEU A 518 19.92 7.68 -12.41
N LYS A 519 18.68 8.06 -12.10
CA LYS A 519 18.41 9.37 -11.52
C LYS A 519 18.93 9.46 -10.08
N PHE A 520 19.00 8.33 -9.37
CA PHE A 520 19.64 8.29 -8.06
C PHE A 520 21.16 8.31 -8.14
N LEU A 521 21.74 7.91 -9.27
CA LEU A 521 23.19 7.81 -9.38
C LEU A 521 23.88 9.17 -9.44
N PHE A 522 23.14 10.27 -9.59
CA PHE A 522 23.75 11.59 -9.57
C PHE A 522 24.17 11.98 -8.16
N ILE A 523 23.36 11.64 -7.16
CA ILE A 523 23.71 11.96 -5.78
C ILE A 523 24.93 11.17 -5.34
N TYR A 524 24.97 9.88 -5.68
CA TYR A 524 26.12 9.05 -5.30
C TYR A 524 27.39 9.52 -6.01
N CYS A 525 27.29 9.87 -7.29
CA CYS A 525 28.47 10.28 -8.05
C CYS A 525 29.09 11.56 -7.51
N LEU A 526 28.33 12.35 -6.74
CA LEU A 526 28.86 13.56 -6.13
C LEU A 526 29.28 13.33 -4.68
N VAL A 527 28.56 12.47 -3.95
CA VAL A 527 29.01 12.07 -2.62
C VAL A 527 30.33 11.34 -2.70
N LEU A 528 30.48 10.48 -3.72
CA LEU A 528 31.76 9.78 -3.92
C LEU A 528 32.88 10.77 -4.22
N LEU A 529 32.60 11.79 -5.05
CA LEU A 529 33.62 12.78 -5.37
C LEU A 529 34.02 13.59 -4.13
N ALA A 530 33.05 13.92 -3.28
CA ALA A 530 33.34 14.73 -2.09
C ALA A 530 34.32 14.02 -1.17
N PHE A 531 34.07 12.73 -0.91
CA PHE A 531 34.95 11.98 -0.01
C PHE A 531 36.26 11.58 -0.67
N ALA A 532 36.24 11.32 -1.98
CA ALA A 532 37.48 11.00 -2.68
C ALA A 532 38.45 12.17 -2.64
N ASN A 533 37.93 13.39 -2.82
CA ASN A 533 38.79 14.57 -2.75
C ASN A 533 39.35 14.74 -1.34
N GLY A 534 38.52 14.52 -0.32
CA GLY A 534 39.00 14.66 1.05
C GLY A 534 40.03 13.62 1.43
N LEU A 535 39.81 12.37 1.04
CA LEU A 535 40.76 11.31 1.40
C LEU A 535 42.07 11.47 0.64
N ASN A 536 42.01 11.86 -0.63
CA ASN A 536 43.23 12.03 -1.41
C ASN A 536 44.07 13.20 -0.89
N GLN A 537 43.41 14.25 -0.39
CA GLN A 537 44.15 15.40 0.14
C GLN A 537 45.00 15.00 1.35
N LEU A 538 44.45 14.16 2.22
CA LEU A 538 45.15 13.81 3.46
C LEU A 538 46.27 12.81 3.24
N TYR A 539 46.10 11.89 2.30
CA TYR A 539 46.96 10.72 2.18
C TYR A 539 47.99 10.79 1.06
N PHE A 540 48.02 11.86 0.27
CA PHE A 540 48.89 11.84 -0.90
C PHE A 540 50.33 12.19 -0.58
N TYR A 541 50.64 12.62 0.64
CA TYR A 541 52.01 12.86 1.05
C TYR A 541 52.77 11.59 1.39
N TYR A 542 52.09 10.45 1.47
CA TYR A 542 52.71 9.19 1.89
C TYR A 542 52.77 8.17 0.75
N GLU A 543 52.73 8.63 -0.50
CA GLU A 543 52.84 7.72 -1.63
C GLU A 543 54.21 7.06 -1.65
N THR A 544 54.22 5.75 -1.91
CA THR A 544 55.45 4.97 -1.95
C THR A 544 55.61 4.33 -3.32
N ARG A 545 56.87 4.15 -3.73
CA ARG A 545 57.16 3.51 -5.00
C ARG A 545 56.87 2.01 -4.92
N ALA A 546 56.65 1.41 -6.09
CA ALA A 546 56.34 -0.01 -6.15
C ALA A 546 57.51 -0.87 -5.71
N ILE A 547 58.74 -0.37 -5.82
CA ILE A 547 59.90 -1.17 -5.45
C ILE A 547 59.91 -1.46 -3.95
N ASP A 548 59.57 -0.45 -3.14
CA ASP A 548 59.55 -0.65 -1.70
C ASP A 548 58.45 -1.61 -1.25
N GLU A 549 57.46 -1.85 -2.09
CA GLU A 549 56.38 -2.76 -1.73
C GLU A 549 56.88 -4.21 -1.72
N PRO A 550 56.20 -5.10 -0.99
CA PRO A 550 56.68 -6.48 -0.84
C PRO A 550 56.99 -7.21 -2.13
N ASN A 551 56.01 -7.30 -3.03
CA ASN A 551 56.17 -8.07 -4.26
C ASN A 551 56.16 -7.17 -5.50
N ASN A 552 56.71 -5.96 -5.38
CA ASN A 552 56.79 -5.01 -6.49
C ASN A 552 55.41 -4.70 -7.08
N CYS A 553 54.40 -4.66 -6.22
CA CYS A 553 53.02 -4.42 -6.65
C CYS A 553 52.48 -3.19 -5.94
N LYS A 554 51.81 -2.32 -6.70
CA LYS A 554 51.22 -1.10 -6.17
C LYS A 554 49.75 -1.06 -6.54
N GLY A 555 48.93 -0.61 -5.60
CA GLY A 555 47.50 -0.47 -5.82
C GLY A 555 46.70 -1.41 -4.93
N ILE A 556 45.38 -1.34 -5.11
CA ILE A 556 44.45 -2.14 -4.31
C ILE A 556 44.19 -3.51 -4.90
N ARG A 557 44.76 -3.82 -6.06
CA ARG A 557 44.56 -5.11 -6.71
C ARG A 557 45.66 -6.10 -6.39
N CYS A 558 46.55 -5.78 -5.45
CA CYS A 558 47.62 -6.68 -5.06
C CYS A 558 47.15 -7.59 -3.92
N GLU A 559 48.00 -8.57 -3.60
CA GLU A 559 47.70 -9.45 -2.46
C GLU A 559 47.62 -8.65 -1.17
N LYS A 560 48.57 -7.74 -0.96
CA LYS A 560 48.56 -6.81 0.15
C LYS A 560 48.24 -5.43 -0.42
N GLN A 561 47.10 -4.88 -0.01
CA GLN A 561 46.64 -3.61 -0.57
C GLN A 561 47.45 -2.45 -0.01
N ASN A 562 47.87 -1.56 -0.90
CA ASN A 562 48.67 -0.41 -0.52
C ASN A 562 48.39 0.74 -1.48
N ASN A 563 48.71 1.94 -1.03
CA ASN A 563 48.53 3.16 -1.83
C ASN A 563 47.08 3.29 -2.29
N ALA A 564 46.15 3.00 -1.39
CA ALA A 564 44.74 3.05 -1.74
C ALA A 564 44.22 4.48 -1.90
N PHE A 565 44.92 5.47 -1.35
CA PHE A 565 44.50 6.86 -1.44
C PHE A 565 45.62 7.78 -1.91
N SER A 566 46.60 7.25 -2.63
CA SER A 566 47.75 8.06 -3.04
C SER A 566 47.38 9.05 -4.14
N THR A 567 46.56 8.64 -5.09
CA THR A 567 46.16 9.50 -6.20
C THR A 567 44.64 9.57 -6.27
N LEU A 568 44.15 10.59 -6.99
CA LEU A 568 42.70 10.76 -7.14
C LEU A 568 42.09 9.61 -7.92
N PHE A 569 42.78 9.14 -8.97
CA PHE A 569 42.26 8.03 -9.76
C PHE A 569 42.16 6.75 -8.93
N GLU A 570 43.17 6.49 -8.10
CA GLU A 570 43.14 5.31 -7.25
C GLU A 570 42.18 5.46 -6.09
N THR A 571 41.99 6.68 -5.59
CA THR A 571 41.06 6.90 -4.48
C THR A 571 39.62 6.59 -4.90
N LEU A 572 39.24 6.97 -6.12
CA LEU A 572 37.89 6.68 -6.59
C LEU A 572 37.65 5.18 -6.71
N GLN A 573 38.66 4.45 -7.17
CA GLN A 573 38.55 3.00 -7.26
C GLN A 573 38.43 2.37 -5.88
N SER A 574 39.20 2.88 -4.91
CA SER A 574 39.14 2.33 -3.56
C SER A 574 37.78 2.54 -2.92
N LEU A 575 37.19 3.73 -3.10
CA LEU A 575 35.87 3.99 -2.52
C LEU A 575 34.79 3.18 -3.21
N PHE A 576 34.96 2.90 -4.51
CA PHE A 576 33.99 2.08 -5.22
C PHE A 576 34.00 0.64 -4.70
N TRP A 577 35.19 0.06 -4.55
CA TRP A 577 35.29 -1.32 -4.11
C TRP A 577 34.90 -1.49 -2.64
N SER A 578 34.87 -0.40 -1.86
CA SER A 578 34.45 -0.49 -0.48
C SER A 578 32.96 -0.72 -0.34
N VAL A 579 32.19 -0.48 -1.39
CA VAL A 579 30.75 -0.74 -1.34
C VAL A 579 30.49 -2.25 -1.23
N PHE A 580 31.30 -3.05 -1.92
CA PHE A 580 31.17 -4.50 -1.90
C PHE A 580 32.03 -5.16 -0.84
N GLY A 581 32.70 -4.38 0.00
CA GLY A 581 33.49 -4.94 1.08
C GLY A 581 34.78 -5.59 0.65
N LEU A 582 35.32 -5.23 -0.51
CA LEU A 582 36.54 -5.83 -1.03
C LEU A 582 37.79 -5.01 -0.68
N LEU A 583 37.65 -3.96 0.12
CA LEU A 583 38.76 -3.13 0.54
C LEU A 583 39.05 -3.40 2.01
N ASN A 584 40.26 -3.82 2.32
CA ASN A 584 40.64 -4.15 3.68
C ASN A 584 40.85 -2.88 4.50
N LEU A 585 40.72 -3.02 5.81
CA LEU A 585 40.78 -1.87 6.72
C LEU A 585 42.19 -1.34 6.91
N TYR A 586 43.22 -2.15 6.70
CA TYR A 586 44.58 -1.71 7.00
C TYR A 586 45.13 -0.73 5.96
N VAL A 587 44.38 -0.43 4.90
CA VAL A 587 44.83 0.53 3.91
C VAL A 587 44.86 1.96 4.45
N THR A 588 44.26 2.19 5.62
CA THR A 588 44.24 3.51 6.24
C THR A 588 45.50 3.79 7.05
N ASN A 589 46.42 2.84 7.13
CA ASN A 589 47.67 3.03 7.85
C ASN A 589 48.76 3.54 6.92
N VAL A 590 49.78 4.16 7.51
CA VAL A 590 50.92 4.68 6.78
C VAL A 590 52.20 4.18 7.43
N LYS A 591 53.29 4.20 6.66
CA LYS A 591 54.56 3.68 7.13
C LYS A 591 55.06 4.46 8.34
N ALA A 592 54.98 5.79 8.28
CA ALA A 592 55.33 6.62 9.43
C ALA A 592 54.14 6.68 10.37
N ARG A 593 54.32 6.15 11.58
CA ARG A 593 53.21 5.91 12.49
C ARG A 593 52.73 7.22 13.09
N HIS A 594 51.98 7.98 12.29
CA HIS A 594 51.23 9.13 12.77
C HIS A 594 49.77 8.70 12.89
N GLU A 595 49.45 8.01 13.99
CA GLU A 595 48.10 7.48 14.11
C GLU A 595 47.09 8.50 14.64
N PHE A 596 47.39 9.79 14.54
CA PHE A 596 46.34 10.80 14.54
C PHE A 596 45.85 11.09 13.14
N THR A 597 46.78 11.17 12.18
CA THR A 597 46.39 11.27 10.77
C THR A 597 45.66 10.02 10.32
N GLU A 598 46.11 8.85 10.77
CA GLU A 598 45.44 7.61 10.42
C GLU A 598 44.03 7.56 10.99
N PHE A 599 43.84 8.04 12.22
CA PHE A 599 42.51 8.04 12.81
C PHE A 599 41.56 8.94 12.04
N VAL A 600 42.04 10.12 11.62
CA VAL A 600 41.19 11.01 10.81
C VAL A 600 40.88 10.37 9.47
N GLY A 601 41.87 9.75 8.84
CA GLY A 601 41.62 9.06 7.58
C GLY A 601 40.66 7.90 7.73
N ALA A 602 40.75 7.17 8.84
CA ALA A 602 39.82 6.08 9.09
C ALA A 602 38.43 6.59 9.37
N THR A 603 38.30 7.77 9.98
CA THR A 603 36.99 8.36 10.21
C THR A 603 36.36 8.87 8.92
N MET A 604 37.17 9.39 8.00
CA MET A 604 36.65 9.73 6.68
C MET A 604 36.13 8.48 5.97
N PHE A 605 36.89 7.39 6.04
CA PHE A 605 36.45 6.13 5.44
C PHE A 605 35.21 5.60 6.13
N GLY A 606 35.16 5.71 7.46
CA GLY A 606 34.01 5.21 8.20
C GLY A 606 32.74 5.99 7.91
N THR A 607 32.85 7.32 7.81
CA THR A 607 31.67 8.13 7.53
C THR A 607 31.14 7.90 6.12
N TYR A 608 32.03 7.65 5.16
CA TYR A 608 31.59 7.32 3.81
C TYR A 608 30.78 6.04 3.78
N ASN A 609 31.22 5.03 4.53
CA ASN A 609 30.50 3.75 4.55
C ASN A 609 29.11 3.91 5.14
N VAL A 610 28.98 4.70 6.20
CA VAL A 610 27.68 4.91 6.82
C VAL A 610 26.73 5.61 5.86
N ILE A 611 27.23 6.66 5.19
CA ILE A 611 26.38 7.42 4.27
C ILE A 611 25.99 6.58 3.06
N SER A 612 26.98 5.91 2.46
CA SER A 612 26.73 5.20 1.20
C SER A 612 25.94 3.91 1.41
N LEU A 613 26.27 3.15 2.44
CA LEU A 613 25.67 1.82 2.62
C LEU A 613 24.43 1.86 3.50
N VAL A 614 24.54 2.44 4.69
CA VAL A 614 23.41 2.43 5.62
C VAL A 614 22.31 3.36 5.13
N VAL A 615 22.67 4.55 4.66
CA VAL A 615 21.68 5.58 4.35
C VAL A 615 21.31 5.55 2.87
N LEU A 616 22.30 5.79 2.00
CA LEU A 616 22.00 5.96 0.58
C LEU A 616 21.51 4.68 -0.05
N LEU A 617 22.16 3.55 0.26
CA LEU A 617 21.76 2.28 -0.36
C LEU A 617 20.35 1.88 0.08
N ASN A 618 20.05 2.02 1.37
CA ASN A 618 18.71 1.71 1.85
C ASN A 618 17.67 2.70 1.33
N MET A 619 18.09 3.91 0.97
CA MET A 619 17.16 4.88 0.42
C MET A 619 16.76 4.51 -1.01
N LEU A 620 17.69 3.94 -1.77
CA LEU A 620 17.37 3.48 -3.11
C LEU A 620 16.35 2.34 -3.09
N ILE A 621 16.48 1.44 -2.11
CA ILE A 621 15.55 0.31 -2.02
C ILE A 621 14.14 0.81 -1.74
N ALA A 622 13.99 1.80 -0.85
CA ALA A 622 12.68 2.27 -0.46
C ALA A 622 11.92 2.87 -1.64
N MET A 623 12.59 3.71 -2.43
CA MET A 623 11.91 4.32 -3.56
C MET A 623 11.76 3.36 -4.74
N MET A 624 12.60 2.33 -4.81
CA MET A 624 12.49 1.35 -5.88
C MET A 624 11.19 0.56 -5.78
N ASN A 625 10.80 0.18 -4.56
CA ASN A 625 9.54 -0.56 -4.40
C ASN A 625 8.36 0.36 -4.66
N ASN A 626 8.42 1.60 -4.16
CA ASN A 626 7.31 2.54 -4.33
C ASN A 626 7.05 2.80 -5.80
N SER A 627 8.10 2.98 -6.60
CA SER A 627 7.94 3.14 -8.04
C SER A 627 7.52 1.84 -8.72
N TYR A 628 7.70 0.69 -8.07
CA TYR A 628 7.29 -0.58 -8.66
C TYR A 628 5.78 -0.78 -8.59
N GLN A 629 5.12 -0.26 -7.56
CA GLN A 629 3.68 -0.44 -7.44
C GLN A 629 2.95 0.29 -8.58
N LEU A 630 3.40 1.50 -8.92
CA LEU A 630 2.76 2.24 -10.00
C LEU A 630 2.91 1.53 -11.34
N ILE A 631 4.10 0.99 -11.61
CA ILE A 631 4.34 0.31 -12.88
C ILE A 631 3.56 -1.00 -12.95
N ALA A 632 3.44 -1.70 -11.82
CA ALA A 632 2.81 -3.02 -11.82
C ALA A 632 1.35 -2.97 -12.25
N ASP A 633 0.68 -1.84 -12.06
CA ASP A 633 -0.72 -1.72 -12.47
C ASP A 633 -0.86 -1.79 -14.00
N HIS A 634 0.05 -1.13 -14.71
CA HIS A 634 -0.02 -1.03 -16.17
C HIS A 634 0.94 -1.98 -16.87
N ALA A 635 1.51 -2.95 -16.15
CA ALA A 635 2.55 -3.79 -16.73
C ALA A 635 2.07 -4.56 -17.95
N ASP A 636 0.77 -4.87 -18.02
CA ASP A 636 0.26 -5.61 -19.17
C ASP A 636 0.17 -4.73 -20.42
N ILE A 637 -0.27 -3.49 -20.26
CA ILE A 637 -0.49 -2.62 -21.41
C ILE A 637 0.84 -2.30 -22.10
N GLU A 638 1.88 -1.98 -21.33
CA GLU A 638 3.17 -1.66 -21.93
C GLU A 638 3.79 -2.88 -22.60
N TRP A 639 3.61 -4.07 -22.01
CA TRP A 639 4.15 -5.28 -22.62
C TRP A 639 3.51 -5.57 -23.96
N LYS A 640 2.18 -5.42 -24.05
CA LYS A 640 1.50 -5.67 -25.31
C LYS A 640 1.91 -4.66 -26.37
N PHE A 641 2.08 -3.40 -25.98
CA PHE A 641 2.58 -2.41 -26.93
C PHE A 641 4.00 -2.73 -27.37
N ALA A 642 4.85 -3.17 -26.44
CA ALA A 642 6.22 -3.53 -26.79
C ALA A 642 6.25 -4.76 -27.70
N ARG A 643 5.41 -5.75 -27.42
CA ARG A 643 5.39 -6.96 -28.24
C ARG A 643 4.80 -6.68 -29.62
N THR A 644 3.86 -5.73 -29.72
CA THR A 644 3.28 -5.39 -31.01
C THR A 644 4.34 -4.82 -31.95
N LYS A 645 5.23 -3.98 -31.43
CA LYS A 645 6.31 -3.46 -32.26
C LYS A 645 7.26 -4.57 -32.70
N LEU A 646 7.52 -5.54 -31.82
CA LEU A 646 8.35 -6.68 -32.20
C LEU A 646 7.69 -7.51 -33.29
N TRP A 647 6.38 -7.76 -33.16
CA TRP A 647 5.68 -8.56 -34.16
C TRP A 647 5.65 -7.86 -35.52
N MET A 648 5.36 -6.56 -35.53
CA MET A 648 5.19 -5.83 -36.78
C MET A 648 6.49 -5.63 -37.53
N SER A 649 7.65 -5.87 -36.89
CA SER A 649 8.92 -5.72 -37.59
C SER A 649 9.16 -6.86 -38.56
N TYR A 650 8.59 -8.04 -38.29
CA TYR A 650 8.77 -9.21 -39.13
C TYR A 650 7.70 -9.34 -40.22
N PHE A 651 6.72 -8.44 -40.24
CA PHE A 651 5.67 -8.52 -41.26
C PHE A 651 6.16 -8.07 -42.63
N ASP A 652 7.05 -7.09 -42.68
CA ASP A 652 7.57 -6.63 -43.96
C ASP A 652 8.57 -7.63 -44.54
N GLU A 653 8.75 -7.54 -45.86
CA GLU A 653 9.66 -8.45 -46.55
C GLU A 653 11.12 -8.05 -46.40
N GLY A 654 11.40 -6.84 -45.91
CA GLY A 654 12.78 -6.42 -45.75
C GLY A 654 13.49 -7.22 -44.67
N GLY A 655 14.75 -7.55 -44.92
CA GLY A 655 15.52 -8.32 -43.97
C GLY A 655 14.97 -9.71 -43.71
N THR A 656 14.49 -10.38 -44.77
CA THR A 656 13.93 -11.72 -44.60
C THR A 656 15.00 -12.72 -44.18
N LEU A 657 16.18 -12.64 -44.78
CA LEU A 657 17.23 -13.61 -44.52
C LEU A 657 18.03 -13.24 -43.28
N PRO A 658 18.58 -14.24 -42.59
CA PRO A 658 19.39 -13.97 -41.39
C PRO A 658 20.69 -13.28 -41.75
N PRO A 659 21.36 -12.66 -40.78
CA PRO A 659 22.62 -11.96 -41.06
C PRO A 659 23.68 -12.86 -41.69
N PRO A 660 23.79 -14.13 -41.30
CA PRO A 660 24.73 -15.00 -42.03
C PRO A 660 24.42 -15.13 -43.51
N PHE A 661 23.15 -15.00 -43.90
CA PHE A 661 22.75 -15.05 -45.30
C PHE A 661 22.25 -13.70 -45.80
N ASN A 662 22.56 -12.61 -45.09
CA ASN A 662 22.14 -11.29 -45.54
C ASN A 662 22.77 -10.93 -46.88
N ILE A 663 24.05 -11.25 -47.05
CA ILE A 663 24.76 -10.97 -48.30
C ILE A 663 24.76 -12.23 -49.14
N ILE A 664 24.89 -12.04 -50.45
CA ILE A 664 24.87 -13.15 -51.40
C ILE A 664 26.09 -14.06 -51.18
N SER A 706 -9.84 3.21 -55.00
CA SER A 706 -9.10 4.01 -54.03
C SER A 706 -10.03 4.97 -53.30
N LEU A 707 -11.03 5.49 -54.02
CA LEU A 707 -12.01 6.37 -53.43
C LEU A 707 -13.13 5.62 -52.73
N ILE A 708 -13.37 4.37 -53.12
CA ILE A 708 -14.46 3.59 -52.52
C ILE A 708 -14.18 3.33 -51.05
N GLN A 709 -12.90 3.14 -50.69
CA GLN A 709 -12.56 2.82 -49.31
C GLN A 709 -12.91 3.94 -48.35
N ASN A 710 -13.13 5.17 -48.85
CA ASN A 710 -13.55 6.26 -47.98
C ASN A 710 -15.00 6.12 -47.55
N GLN A 711 -15.88 5.71 -48.47
CA GLN A 711 -17.27 5.47 -48.09
C GLN A 711 -17.37 4.30 -47.11
N HIS A 712 -16.57 3.25 -47.32
CA HIS A 712 -16.60 2.11 -46.42
C HIS A 712 -16.17 2.51 -45.02
N TYR A 713 -15.13 3.33 -44.91
CA TYR A 713 -14.67 3.76 -43.59
C TYR A 713 -15.65 4.75 -42.96
N GLN A 714 -16.26 5.61 -43.78
CA GLN A 714 -17.22 6.57 -43.25
C GLN A 714 -18.46 5.85 -42.73
N GLU A 715 -18.94 4.83 -43.44
CA GLU A 715 -20.10 4.08 -42.99
C GLU A 715 -19.82 3.36 -41.68
N VAL A 716 -18.64 2.76 -41.54
CA VAL A 716 -18.29 2.07 -40.31
C VAL A 716 -18.18 3.07 -39.16
N ILE A 717 -17.56 4.22 -39.41
CA ILE A 717 -17.39 5.22 -38.36
C ILE A 717 -18.74 5.72 -37.87
N ARG A 718 -19.69 5.91 -38.78
CA ARG A 718 -21.03 6.35 -38.38
C ARG A 718 -21.69 5.34 -37.47
N ASN A 719 -21.55 4.06 -37.78
CA ASN A 719 -22.15 3.03 -36.93
C ASN A 719 -21.49 2.99 -35.55
N LEU A 720 -20.16 3.12 -35.49
CA LEU A 720 -19.47 3.08 -34.21
C LEU A 720 -19.90 4.25 -33.31
N VAL A 721 -20.06 5.43 -33.90
CA VAL A 721 -20.45 6.60 -33.12
C VAL A 721 -21.84 6.40 -32.51
N LYS A 722 -22.77 5.86 -33.30
CA LYS A 722 -24.13 5.66 -32.80
C LYS A 722 -24.15 4.68 -31.63
N ARG A 723 -23.42 3.57 -31.74
CA ARG A 723 -23.36 2.62 -30.64
C ARG A 723 -22.67 3.23 -29.42
N TYR A 724 -21.59 3.98 -29.64
CA TYR A 724 -20.87 4.58 -28.53
C TYR A 724 -21.71 5.63 -27.81
N VAL A 725 -22.41 6.49 -28.57
CA VAL A 725 -23.17 7.57 -27.96
C VAL A 725 -24.28 7.01 -27.09
N ALA A 726 -25.01 5.99 -27.59
CA ALA A 726 -26.07 5.37 -26.82
C ALA A 726 -25.52 4.68 -25.58
N ALA A 727 -24.35 4.04 -25.71
CA ALA A 727 -23.81 3.27 -24.60
C ALA A 727 -23.41 4.16 -23.42
N MET A 728 -22.74 5.28 -23.70
CA MET A 728 -22.30 6.14 -22.60
C MET A 728 -23.46 6.94 -22.02
N ILE A 729 -24.49 7.20 -22.81
CA ILE A 729 -25.66 7.91 -22.29
C ILE A 729 -26.33 7.09 -21.20
N ARG A 730 -26.51 5.79 -21.45
CA ARG A 730 -27.12 4.93 -20.44
C ARG A 730 -26.18 4.72 -19.26
N ASN A 731 -24.87 4.76 -19.49
CA ASN A 731 -23.92 4.63 -18.39
C ASN A 731 -23.94 5.86 -17.49
N SER A 732 -24.30 7.02 -18.03
CA SER A 732 -24.50 8.20 -17.19
C SER A 732 -25.69 7.99 -16.28
N LYS A 733 -26.73 7.30 -16.74
CA LYS A 733 -27.89 6.99 -15.93
C LYS A 733 -27.63 5.74 -15.09
N THR A 734 -26.51 5.73 -14.37
CA THR A 734 -26.10 4.55 -13.61
C THR A 734 -24.96 4.90 -12.66
N LEU A 738 -27.26 9.26 -6.14
CA LEU A 738 -28.00 10.50 -6.24
C LEU A 738 -27.17 11.67 -5.70
N THR A 739 -27.79 12.84 -5.61
CA THR A 739 -27.10 14.03 -5.14
C THR A 739 -28.10 14.96 -4.47
N GLU A 740 -27.57 15.92 -3.72
CA GLU A 740 -28.42 16.90 -3.02
C GLU A 740 -29.22 17.70 -4.04
N GLU A 741 -28.57 18.16 -5.11
CA GLU A 741 -29.25 19.00 -6.09
C GLU A 741 -30.39 18.26 -6.78
N ASN A 742 -30.30 16.92 -6.88
CA ASN A 742 -31.40 16.16 -7.46
C ASN A 742 -32.60 16.10 -6.51
N PHE A 743 -32.35 16.24 -5.21
CA PHE A 743 -33.43 16.22 -4.24
C PHE A 743 -34.32 17.46 -4.37
N LYS A 744 -33.81 18.52 -4.98
CA LYS A 744 -34.54 19.79 -4.99
C LYS A 744 -35.72 19.76 -5.96
N GLU A 745 -35.54 19.15 -7.14
CA GLU A 745 -36.63 19.13 -8.12
C GLU A 745 -37.82 18.33 -7.62
N LEU A 746 -37.56 17.23 -6.91
CA LEU A 746 -38.65 16.51 -6.28
C LEU A 746 -39.37 17.37 -5.24
N LYS A 747 -38.59 18.18 -4.50
CA LYS A 747 -39.20 19.17 -3.63
C LYS A 747 -40.01 20.19 -4.43
N GLN A 748 -39.47 20.65 -5.55
CA GLN A 748 -40.18 21.63 -6.37
C GLN A 748 -41.45 21.04 -6.97
N ASP A 749 -41.39 19.78 -7.43
CA ASP A 749 -42.56 19.15 -8.04
C ASP A 749 -43.69 19.00 -7.02
N ILE A 750 -43.36 18.60 -5.80
CA ILE A 750 -44.38 18.43 -4.76
C ILE A 750 -45.01 19.77 -4.40
N SER A 751 -44.17 20.79 -4.18
CA SER A 751 -44.69 22.10 -3.80
C SER A 751 -45.50 22.73 -4.93
N SER A 752 -45.03 22.61 -6.18
CA SER A 752 -45.78 23.14 -7.30
C SER A 752 -47.12 22.43 -7.46
N PHE A 753 -47.14 21.10 -7.30
CA PHE A 753 -48.38 20.36 -7.38
C PHE A 753 -49.30 20.70 -6.21
N ARG A 754 -48.73 21.04 -5.05
CA ARG A 754 -49.54 21.37 -3.89
C ARG A 754 -50.35 22.64 -4.11
N TYR A 755 -49.72 23.69 -4.67
CA TYR A 755 -50.39 24.98 -4.77
C TYR A 755 -51.46 25.00 -5.85
N GLU A 756 -51.18 24.34 -6.99
CA GLU A 756 -52.16 24.34 -8.08
C GLU A 756 -53.43 23.60 -7.68
N VAL A 757 -53.28 22.47 -6.97
CA VAL A 757 -54.45 21.74 -6.50
C VAL A 757 -55.20 22.54 -5.44
N LEU A 758 -54.46 23.20 -4.54
CA LEU A 758 -55.10 23.99 -3.49
C LEU A 758 -55.95 25.10 -4.07
N ASP A 759 -55.44 25.80 -5.08
CA ASP A 759 -56.23 26.83 -5.75
C ASP A 759 -57.36 26.25 -6.58
N LEU A 760 -57.21 25.01 -7.06
CA LEU A 760 -58.26 24.37 -7.84
C LEU A 760 -59.45 24.03 -6.95
N LEU A 761 -60.64 24.14 -7.52
CA LEU A 761 -61.88 23.84 -6.80
C LEU A 761 -62.69 22.76 -7.52
N ARG B 17 -30.55 -17.82 32.03
CA ARG B 17 -31.76 -17.04 31.86
C ARG B 17 -31.65 -15.73 32.63
N ILE B 18 -31.25 -14.66 31.94
CA ILE B 18 -31.09 -13.34 32.54
C ILE B 18 -32.40 -12.57 32.31
N PRO B 19 -33.14 -12.22 33.36
CA PRO B 19 -34.30 -11.35 33.18
C PRO B 19 -33.88 -9.99 32.65
N LEU B 20 -34.73 -9.43 31.79
CA LEU B 20 -34.49 -8.13 31.19
C LEU B 20 -35.56 -7.15 31.66
N GLN B 21 -35.13 -6.03 32.23
CA GLN B 21 -36.05 -5.03 32.73
C GLN B 21 -35.36 -3.67 32.73
N ILE B 22 -36.18 -2.62 32.76
CA ILE B 22 -35.65 -1.26 32.75
C ILE B 22 -34.92 -1.00 34.06
N VAL B 23 -33.68 -0.51 33.95
CA VAL B 23 -32.87 -0.25 35.13
C VAL B 23 -32.97 1.20 35.57
N ARG B 24 -32.74 2.14 34.64
CA ARG B 24 -32.86 3.56 34.92
C ARG B 24 -34.21 4.02 34.40
N ALA B 25 -35.23 3.92 35.26
CA ALA B 25 -36.59 4.23 34.84
C ALA B 25 -36.75 5.72 34.57
N GLU B 26 -37.48 6.03 33.50
CA GLU B 26 -37.81 7.40 33.12
C GLU B 26 -39.32 7.54 33.01
N THR B 27 -39.83 8.72 33.35
CA THR B 27 -41.26 8.96 33.30
C THR B 27 -41.80 8.71 31.89
N GLU B 28 -42.83 7.86 31.81
CA GLU B 28 -43.37 7.46 30.53
C GLU B 28 -44.31 8.54 29.97
N LEU B 29 -44.75 8.32 28.74
CA LEU B 29 -45.68 9.21 28.06
C LEU B 29 -47.05 8.55 28.02
N SER B 30 -48.07 9.29 28.44
CA SER B 30 -49.41 8.73 28.56
C SER B 30 -50.02 8.48 27.18
N ALA B 31 -51.23 7.93 27.17
CA ALA B 31 -51.87 7.53 25.91
C ALA B 31 -52.26 8.75 25.07
N GLU B 32 -52.93 9.73 25.70
CA GLU B 32 -53.36 10.89 24.93
C GLU B 32 -52.19 11.74 24.47
N GLU B 33 -51.06 11.68 25.19
CA GLU B 33 -49.87 12.40 24.75
C GLU B 33 -49.29 11.78 23.48
N LYS B 34 -49.23 10.45 23.42
CA LYS B 34 -48.61 9.79 22.27
C LYS B 34 -49.35 10.11 20.97
N ALA B 35 -50.66 10.33 21.05
CA ALA B 35 -51.39 10.74 19.85
C ALA B 35 -50.93 12.09 19.33
N PHE B 36 -50.50 12.98 20.24
CA PHE B 36 -50.06 14.30 19.82
C PHE B 36 -48.80 14.20 18.97
N LEU B 37 -47.76 13.51 19.48
CA LEU B 37 -46.52 13.40 18.73
C LEU B 37 -46.71 12.61 17.45
N ASN B 38 -47.51 11.54 17.51
CA ASN B 38 -47.73 10.73 16.31
C ASN B 38 -48.44 11.53 15.22
N ALA B 39 -49.29 12.48 15.61
CA ALA B 39 -50.01 13.30 14.65
C ALA B 39 -49.28 14.59 14.29
N VAL B 40 -48.12 14.86 14.90
CA VAL B 40 -47.36 16.06 14.56
C VAL B 40 -46.91 15.99 13.11
N GLU B 41 -46.42 14.83 12.68
CA GLU B 41 -45.99 14.66 11.29
C GLU B 41 -47.16 14.60 10.32
N LYS B 42 -48.40 14.52 10.81
CA LYS B 42 -49.57 14.42 9.96
C LYS B 42 -50.02 15.80 9.49
N GLY B 43 -50.33 16.70 10.41
CA GLY B 43 -50.70 18.05 10.05
C GLY B 43 -52.10 18.47 10.47
N ASP B 44 -52.60 17.89 11.55
CA ASP B 44 -53.88 18.30 12.12
C ASP B 44 -53.64 19.14 13.36
N TYR B 45 -54.31 20.29 13.43
CA TYR B 45 -54.06 21.25 14.49
C TYR B 45 -55.25 21.46 15.43
N ALA B 46 -56.44 20.98 15.05
CA ALA B 46 -57.62 21.18 15.89
C ALA B 46 -57.42 20.57 17.28
N THR B 47 -56.61 19.52 17.38
CA THR B 47 -56.27 18.97 18.69
C THR B 47 -55.53 19.98 19.54
N VAL B 48 -54.71 20.82 18.91
CA VAL B 48 -53.88 21.76 19.67
C VAL B 48 -54.74 22.80 20.36
N LYS B 49 -55.65 23.45 19.62
CA LYS B 49 -56.49 24.48 20.24
C LYS B 49 -57.42 23.87 21.28
N GLN B 50 -58.00 22.71 20.98
CA GLN B 50 -58.95 22.10 21.92
C GLN B 50 -58.26 21.75 23.23
N ALA B 51 -57.04 21.21 23.18
CA ALA B 51 -56.31 20.91 24.40
C ALA B 51 -55.81 22.18 25.08
N LEU B 52 -55.21 23.09 24.29
CA LEU B 52 -54.60 24.28 24.88
C LEU B 52 -55.64 25.20 25.50
N GLN B 53 -56.77 25.39 24.83
CA GLN B 53 -57.85 26.17 25.42
C GLN B 53 -58.38 25.49 26.68
N GLU B 54 -58.51 24.16 26.64
CA GLU B 54 -58.89 23.41 27.83
C GLU B 54 -57.75 23.39 28.86
N ALA B 55 -56.51 23.53 28.42
CA ALA B 55 -55.38 23.49 29.34
C ALA B 55 -55.43 24.59 30.39
N GLU B 56 -56.15 25.68 30.11
CA GLU B 56 -56.33 26.72 31.13
C GLU B 56 -57.17 26.22 32.30
N ILE B 57 -58.09 25.29 32.05
CA ILE B 57 -58.97 24.78 33.10
C ILE B 57 -58.88 23.26 33.19
N TYR B 58 -59.11 22.58 32.06
CA TYR B 58 -59.15 21.12 32.07
C TYR B 58 -57.77 20.53 32.31
N TYR B 59 -56.73 21.12 31.72
CA TYR B 59 -55.36 20.59 31.80
C TYR B 59 -55.31 19.15 31.29
N ASN B 60 -56.04 18.88 30.20
CA ASN B 60 -56.12 17.51 29.69
C ASN B 60 -54.79 17.03 29.15
N VAL B 61 -54.11 17.86 28.36
CA VAL B 61 -52.87 17.49 27.69
C VAL B 61 -51.81 18.53 28.01
N ASN B 62 -50.62 18.06 28.39
CA ASN B 62 -49.47 18.94 28.61
C ASN B 62 -48.74 19.09 27.27
N ILE B 63 -48.70 20.31 26.75
CA ILE B 63 -48.16 20.53 25.40
C ILE B 63 -46.67 20.20 25.36
N ASN B 64 -45.92 20.65 26.36
CA ASN B 64 -44.48 20.43 26.37
C ASN B 64 -44.13 19.04 26.89
N CYS B 65 -44.76 18.03 26.32
CA CYS B 65 -44.43 16.65 26.67
C CYS B 65 -43.04 16.28 26.15
N MET B 66 -42.40 15.37 26.86
CA MET B 66 -41.01 15.01 26.61
C MET B 66 -40.94 13.62 26.00
N ASP B 67 -40.44 13.54 24.77
CA ASP B 67 -40.20 12.25 24.14
C ASP B 67 -39.10 11.52 24.90
N PRO B 68 -39.28 10.23 25.20
CA PRO B 68 -38.17 9.46 25.80
C PRO B 68 -36.84 9.61 25.09
N LEU B 69 -36.84 9.92 23.79
CA LEU B 69 -35.61 10.22 23.07
C LEU B 69 -35.21 11.69 23.18
N GLY B 70 -35.80 12.44 24.12
CA GLY B 70 -35.41 13.80 24.36
C GLY B 70 -35.90 14.81 23.34
N ARG B 71 -37.00 14.52 22.65
CA ARG B 71 -37.53 15.41 21.61
C ARG B 71 -38.78 16.11 22.16
N SER B 72 -38.62 17.37 22.56
CA SER B 72 -39.76 18.15 23.00
C SER B 72 -40.70 18.44 21.83
N ALA B 73 -41.91 18.88 22.16
CA ALA B 73 -42.96 19.00 21.15
C ALA B 73 -42.57 19.92 20.01
N LEU B 74 -41.95 21.06 20.34
CA LEU B 74 -41.50 21.98 19.30
C LEU B 74 -40.40 21.36 18.45
N LEU B 75 -39.64 20.41 19.00
CA LEU B 75 -38.45 19.93 18.31
C LEU B 75 -38.77 19.10 17.07
N ILE B 76 -39.86 18.33 17.08
CA ILE B 76 -40.20 17.54 15.90
C ILE B 76 -40.54 18.46 14.73
N ALA B 77 -41.20 19.58 15.01
CA ALA B 77 -41.55 20.53 13.95
C ALA B 77 -40.30 21.03 13.22
N ILE B 78 -39.23 21.29 13.98
CA ILE B 78 -37.96 21.62 13.34
C ILE B 78 -37.37 20.40 12.65
N GLU B 79 -37.58 19.20 13.23
CA GLU B 79 -36.94 17.99 12.71
C GLU B 79 -37.43 17.65 11.31
N ASN B 80 -38.74 17.74 11.07
CA ASN B 80 -39.31 17.35 9.79
C ASN B 80 -39.34 18.50 8.79
N GLU B 81 -38.67 19.61 9.08
CA GLU B 81 -38.46 20.74 8.20
C GLU B 81 -39.72 21.53 7.89
N ASN B 82 -40.86 21.20 8.52
CA ASN B 82 -42.11 21.87 8.21
C ASN B 82 -42.31 23.10 9.11
N LEU B 83 -42.79 24.18 8.52
CA LEU B 83 -42.97 25.43 9.24
C LEU B 83 -44.43 25.75 9.59
N GLU B 84 -45.39 25.19 8.86
CA GLU B 84 -46.79 25.50 9.12
C GLU B 84 -47.19 25.08 10.52
N ILE B 85 -46.79 23.89 10.95
CA ILE B 85 -47.01 23.48 12.33
C ILE B 85 -46.15 24.29 13.29
N MET B 86 -44.90 24.57 12.89
CA MET B 86 -44.00 25.32 13.74
C MET B 86 -44.55 26.70 14.08
N GLU B 87 -45.20 27.33 13.11
CA GLU B 87 -45.83 28.63 13.35
C GLU B 87 -46.83 28.51 14.50
N LEU B 88 -47.70 27.49 14.43
CA LEU B 88 -48.79 27.41 15.39
C LEU B 88 -48.31 27.11 16.81
N LEU B 89 -47.22 26.36 16.97
CA LEU B 89 -46.69 26.12 18.32
C LEU B 89 -46.20 27.42 18.95
N LEU B 90 -45.48 28.25 18.18
CA LEU B 90 -44.95 29.49 18.73
C LEU B 90 -46.03 30.49 19.05
N ASN B 91 -47.23 30.36 18.47
CA ASN B 91 -48.33 31.25 18.81
C ASN B 91 -48.71 31.12 20.29
N HIS B 92 -48.80 29.89 20.78
CA HIS B 92 -49.02 29.66 22.19
C HIS B 92 -47.69 29.66 22.94
N SER B 93 -47.75 30.03 24.22
CA SER B 93 -46.54 30.18 25.03
C SER B 93 -46.02 28.81 25.42
N VAL B 94 -45.28 28.20 24.50
CA VAL B 94 -44.60 26.95 24.76
C VAL B 94 -43.14 27.25 25.08
N TYR B 95 -42.44 26.26 25.63
CA TYR B 95 -41.04 26.45 25.99
C TYR B 95 -40.20 26.56 24.72
N VAL B 96 -39.46 27.66 24.60
CA VAL B 96 -38.66 27.93 23.41
C VAL B 96 -37.17 27.89 23.68
N GLY B 97 -36.75 27.76 24.95
CA GLY B 97 -35.35 27.76 25.30
C GLY B 97 -34.53 26.69 24.62
N ASP B 98 -33.36 27.08 24.10
CA ASP B 98 -32.37 26.18 23.51
C ASP B 98 -32.86 25.60 22.18
N ALA B 99 -34.11 25.89 21.82
CA ALA B 99 -34.64 25.41 20.55
C ALA B 99 -34.01 26.09 19.36
N LEU B 100 -33.41 27.27 19.56
CA LEU B 100 -32.77 27.98 18.46
C LEU B 100 -31.57 27.21 17.91
N LEU B 101 -30.80 26.58 18.80
CA LEU B 101 -29.60 25.88 18.37
C LEU B 101 -29.94 24.70 17.45
N TYR B 102 -31.04 24.00 17.74
CA TYR B 102 -31.41 22.87 16.91
C TYR B 102 -31.78 23.31 15.49
N ALA B 103 -32.50 24.43 15.37
CA ALA B 103 -32.84 24.93 14.05
C ALA B 103 -31.60 25.32 13.26
N ILE B 104 -30.64 25.97 13.91
CA ILE B 104 -29.40 26.34 13.24
C ILE B 104 -28.61 25.11 12.84
N ARG B 105 -28.53 24.12 13.72
CA ARG B 105 -27.70 22.95 13.44
C ARG B 105 -28.36 22.06 12.39
N LYS B 106 -29.67 22.15 12.22
CA LYS B 106 -30.34 21.54 11.08
C LYS B 106 -30.09 22.30 9.79
N GLU B 107 -29.53 23.51 9.87
CA GLU B 107 -29.17 24.31 8.68
C GLU B 107 -30.41 24.66 7.87
N VAL B 108 -31.51 24.98 8.55
CA VAL B 108 -32.74 25.42 7.90
C VAL B 108 -32.86 26.92 8.11
N VAL B 109 -32.87 27.67 7.00
CA VAL B 109 -32.89 29.13 7.10
C VAL B 109 -34.23 29.62 7.60
N GLY B 110 -35.33 29.03 7.13
CA GLY B 110 -36.65 29.53 7.47
C GLY B 110 -36.95 29.48 8.95
N ALA B 111 -36.52 28.41 9.62
CA ALA B 111 -36.75 28.29 11.06
C ALA B 111 -35.98 29.33 11.85
N VAL B 112 -34.75 29.62 11.43
CA VAL B 112 -33.90 30.57 12.16
C VAL B 112 -34.51 31.96 12.15
N GLU B 113 -35.03 32.39 11.00
CA GLU B 113 -35.63 33.72 10.91
C GLU B 113 -36.83 33.86 11.84
N LEU B 114 -37.68 32.83 11.89
CA LEU B 114 -38.87 32.89 12.74
C LEU B 114 -38.49 32.93 14.22
N LEU B 115 -37.54 32.09 14.63
CA LEU B 115 -37.18 32.04 16.04
C LEU B 115 -36.51 33.33 16.51
N LEU B 116 -35.70 33.95 15.66
CA LEU B 116 -35.06 35.20 16.04
C LEU B 116 -36.09 36.29 16.30
N SER B 117 -37.12 36.36 15.47
CA SER B 117 -38.21 37.32 15.66
C SER B 117 -39.31 36.67 16.50
N TYR B 118 -38.99 36.50 17.78
CA TYR B 118 -39.92 35.88 18.73
C TYR B 118 -41.14 36.75 18.96
N THR B 134 -32.09 22.21 35.20
CA THR B 134 -30.96 21.78 34.39
C THR B 134 -31.43 21.27 33.03
N GLN B 135 -32.31 20.28 33.06
CA GLN B 135 -32.89 19.68 31.86
C GLN B 135 -31.83 19.01 30.99
N PHE B 136 -32.26 18.43 29.87
CA PHE B 136 -31.38 17.70 28.96
C PHE B 136 -31.28 18.44 27.64
N SER B 137 -30.06 18.61 27.14
CA SER B 137 -29.81 19.22 25.85
C SER B 137 -28.69 18.46 25.15
N GLU B 138 -28.65 18.58 23.83
CA GLU B 138 -27.63 17.93 23.02
C GLU B 138 -26.39 18.79 22.83
N PHE B 139 -26.33 19.97 23.43
CA PHE B 139 -25.23 20.89 23.25
C PHE B 139 -24.60 21.24 24.59
N THR B 140 -23.28 21.34 24.60
CA THR B 140 -22.55 21.74 25.80
C THR B 140 -22.95 23.18 26.15
N PRO B 141 -23.06 23.52 27.44
CA PRO B 141 -23.59 24.83 27.81
C PRO B 141 -22.78 26.02 27.29
N ASP B 142 -21.52 25.84 26.90
CA ASP B 142 -20.74 26.96 26.40
C ASP B 142 -21.11 27.35 24.98
N ILE B 143 -21.93 26.55 24.30
CA ILE B 143 -22.25 26.82 22.89
C ILE B 143 -23.21 27.99 22.81
N THR B 144 -22.88 28.96 21.97
CA THR B 144 -23.71 30.11 21.66
C THR B 144 -24.20 30.01 20.22
N PRO B 145 -25.32 30.68 19.89
CA PRO B 145 -25.84 30.57 18.52
C PRO B 145 -24.85 30.97 17.45
N ILE B 146 -24.05 32.02 17.68
CA ILE B 146 -23.06 32.42 16.69
C ILE B 146 -21.95 31.38 16.58
N MET B 147 -21.54 30.80 17.72
CA MET B 147 -20.51 29.77 17.70
C MET B 147 -20.98 28.54 16.94
N LEU B 148 -22.22 28.12 17.18
CA LEU B 148 -22.74 26.92 16.52
C LEU B 148 -22.99 27.17 15.04
N ALA B 149 -23.37 28.40 14.67
CA ALA B 149 -23.59 28.71 13.26
C ALA B 149 -22.29 28.61 12.47
N ALA B 150 -21.18 29.04 13.05
CA ALA B 150 -19.90 28.96 12.37
C ALA B 150 -19.43 27.52 12.21
N HIS B 151 -19.79 26.64 13.14
CA HIS B 151 -19.42 25.24 13.02
C HIS B 151 -20.07 24.60 11.80
N THR B 152 -21.33 24.95 11.53
CA THR B 152 -22.02 24.43 10.36
C THR B 152 -21.53 25.03 9.05
N ASN B 153 -20.84 26.17 9.12
CA ASN B 153 -20.25 26.81 7.94
C ASN B 153 -21.31 27.14 6.89
N ASN B 154 -22.43 27.69 7.33
CA ASN B 154 -23.50 28.13 6.43
C ASN B 154 -23.41 29.65 6.29
N TYR B 155 -23.16 30.10 5.06
CA TYR B 155 -22.99 31.53 4.82
C TYR B 155 -24.28 32.29 5.07
N GLU B 156 -25.42 31.75 4.63
CA GLU B 156 -26.68 32.46 4.78
C GLU B 156 -27.09 32.60 6.24
N ILE B 157 -26.93 31.53 7.02
CA ILE B 157 -27.36 31.57 8.42
C ILE B 157 -26.45 32.48 9.24
N ILE B 158 -25.14 32.43 8.99
CA ILE B 158 -24.20 33.25 9.76
C ILE B 158 -24.48 34.73 9.54
N LYS B 159 -24.74 35.13 8.29
CA LYS B 159 -24.99 36.54 8.01
C LYS B 159 -26.21 37.05 8.76
N LEU B 160 -27.19 36.19 9.01
CA LEU B 160 -28.37 36.61 9.77
C LEU B 160 -28.00 37.03 11.18
N LEU B 161 -27.13 36.27 11.84
CA LEU B 161 -26.76 36.59 13.22
C LEU B 161 -25.80 37.77 13.27
N VAL B 162 -24.88 37.87 12.31
CA VAL B 162 -23.89 38.95 12.32
C VAL B 162 -24.57 40.30 12.16
N GLN B 163 -25.70 40.35 11.45
CA GLN B 163 -26.41 41.61 11.29
C GLN B 163 -26.85 42.17 12.63
N LYS B 164 -27.34 41.32 13.53
CA LYS B 164 -27.58 41.73 14.90
C LYS B 164 -26.25 41.85 15.64
N ARG B 165 -26.27 42.64 16.71
CA ARG B 165 -25.05 42.85 17.50
C ARG B 165 -24.66 41.54 18.17
N VAL B 166 -23.60 40.91 17.68
CA VAL B 166 -23.15 39.61 18.15
C VAL B 166 -21.65 39.68 18.39
N THR B 167 -21.19 39.03 19.46
CA THR B 167 -19.78 39.00 19.82
C THR B 167 -19.36 37.57 20.14
N ILE B 168 -18.07 37.31 19.99
CA ILE B 168 -17.49 36.01 20.28
C ILE B 168 -16.28 36.20 21.19
N PRO B 169 -16.16 35.45 22.28
CA PRO B 169 -15.06 35.69 23.23
C PRO B 169 -13.69 35.49 22.59
N ARG B 170 -12.74 36.32 23.02
CA ARG B 170 -11.39 36.25 22.50
C ARG B 170 -10.59 35.19 23.24
N PRO B 171 -10.03 34.20 22.55
CA PRO B 171 -9.18 33.21 23.22
C PRO B 171 -7.91 33.85 23.77
N HIS B 172 -7.44 33.30 24.88
CA HIS B 172 -6.23 33.81 25.51
C HIS B 172 -4.99 33.24 24.80
N GLN B 173 -3.84 33.82 25.13
CA GLN B 173 -2.59 33.36 24.54
C GLN B 173 -2.26 31.96 25.02
N ILE B 174 -1.45 31.25 24.23
CA ILE B 174 -1.09 29.88 24.57
C ILE B 174 -0.33 29.83 25.88
N ARG B 175 0.66 30.72 26.03
CA ARG B 175 1.45 30.81 27.26
C ARG B 175 0.89 31.96 28.10
N CYS B 176 -0.25 31.69 28.72
CA CYS B 176 -0.95 32.69 29.53
C CYS B 176 -1.12 32.14 30.95
N ASN B 177 -0.77 32.97 31.93
CA ASN B 177 -0.82 32.57 33.34
C ASN B 177 -1.50 33.64 34.20
N CYS B 178 -2.52 34.31 33.65
CA CYS B 178 -3.25 35.30 34.43
C CYS B 178 -4.11 34.60 35.48
N VAL B 179 -4.78 35.41 36.30
CA VAL B 179 -5.43 34.88 37.51
C VAL B 179 -6.58 33.96 37.16
N GLU B 180 -7.32 34.26 36.09
CA GLU B 180 -8.50 33.45 35.78
C GLU B 180 -8.20 32.26 34.88
N CYS B 181 -7.13 32.31 34.08
CA CYS B 181 -6.78 31.16 33.26
C CYS B 181 -6.36 29.97 34.12
N VAL B 182 -5.54 30.21 35.14
CA VAL B 182 -5.08 29.12 36.00
C VAL B 182 -6.22 28.66 36.91
N SER B 183 -7.00 29.60 37.45
CA SER B 183 -8.06 29.24 38.39
C SER B 183 -9.12 28.39 37.72
N SER B 184 -9.53 28.77 36.51
CA SER B 184 -10.52 27.98 35.78
C SER B 184 -9.98 26.61 35.41
N SER B 185 -8.71 26.55 34.99
CA SER B 185 -8.11 25.27 34.63
C SER B 185 -8.00 24.35 35.83
N GLU B 186 -7.64 24.89 36.99
CA GLU B 186 -7.50 24.06 38.18
C GLU B 186 -8.85 23.62 38.72
N VAL B 187 -9.83 24.53 38.76
CA VAL B 187 -11.11 24.20 39.35
C VAL B 187 -11.87 23.22 38.46
N ASP B 188 -11.75 23.34 37.15
CA ASP B 188 -12.50 22.48 36.24
C ASP B 188 -11.76 22.44 34.90
N SER B 189 -11.00 21.38 34.67
CA SER B 189 -10.47 21.09 33.35
C SER B 189 -11.51 20.32 32.55
N LEU B 190 -11.18 20.03 31.29
CA LEU B 190 -12.05 19.30 30.36
C LEU B 190 -13.21 20.17 29.92
N ARG B 191 -13.37 21.32 30.58
CA ARG B 191 -14.30 22.36 30.15
C ARG B 191 -13.60 23.62 29.69
N HIS B 192 -12.47 23.96 30.32
CA HIS B 192 -11.60 24.99 29.78
C HIS B 192 -11.03 24.59 28.42
N SER B 193 -10.63 23.33 28.29
CA SER B 193 -10.10 22.85 27.02
C SER B 193 -11.20 22.65 25.99
N ARG B 194 -12.39 22.21 26.41
CA ARG B 194 -13.51 22.10 25.48
C ARG B 194 -13.95 23.46 24.97
N SER B 195 -13.99 24.46 25.86
CA SER B 195 -14.39 25.81 25.45
C SER B 195 -13.40 26.40 24.47
N ARG B 196 -12.10 26.20 24.72
CA ARG B 196 -11.08 26.76 23.82
C ARG B 196 -11.18 26.17 22.43
N LEU B 197 -11.39 24.86 22.34
CA LEU B 197 -11.51 24.22 21.03
C LEU B 197 -12.77 24.65 20.30
N ASN B 198 -13.86 24.88 21.03
CA ASN B 198 -15.09 25.33 20.40
C ASN B 198 -14.95 26.74 19.84
N ILE B 199 -14.20 27.61 20.53
CA ILE B 199 -14.01 28.97 20.05
C ILE B 199 -13.17 28.97 18.78
N TYR B 200 -12.06 28.22 18.78
CA TYR B 200 -11.21 28.16 17.60
C TYR B 200 -11.89 27.47 16.43
N LYS B 201 -12.85 26.58 16.69
CA LYS B 201 -13.63 25.99 15.61
C LYS B 201 -14.47 27.04 14.91
N ALA B 202 -15.03 27.99 15.67
CA ALA B 202 -15.84 29.04 15.06
C ALA B 202 -14.96 30.07 14.34
N LEU B 203 -13.82 30.43 14.95
CA LEU B 203 -12.96 31.44 14.34
C LEU B 203 -12.34 30.97 13.04
N ALA B 204 -12.15 29.65 12.89
CA ALA B 204 -11.49 29.09 11.72
C ALA B 204 -12.46 28.75 10.60
N SER B 205 -13.74 29.04 10.75
CA SER B 205 -14.70 28.73 9.71
C SER B 205 -14.51 29.65 8.51
N PRO B 206 -14.43 29.12 7.29
CA PRO B 206 -14.23 30.00 6.13
C PRO B 206 -15.31 31.05 5.97
N SER B 207 -16.57 30.72 6.28
CA SER B 207 -17.64 31.69 6.15
C SER B 207 -17.49 32.84 7.13
N LEU B 208 -17.00 32.57 8.34
CA LEU B 208 -16.78 33.62 9.33
C LEU B 208 -15.49 34.39 9.08
N ILE B 209 -14.65 33.95 8.15
CA ILE B 209 -13.45 34.67 7.77
C ILE B 209 -13.67 35.45 6.48
N ALA B 210 -14.29 34.82 5.48
CA ALA B 210 -14.65 35.54 4.27
C ALA B 210 -15.64 36.66 4.55
N LEU B 211 -16.36 36.58 5.67
CA LEU B 211 -17.33 37.59 6.07
C LEU B 211 -16.95 38.05 7.47
N SER B 212 -17.02 39.37 7.70
CA SER B 212 -16.70 39.97 9.00
C SER B 212 -15.21 39.86 9.32
N SER B 213 -14.37 40.14 8.32
CA SER B 213 -12.93 40.19 8.52
C SER B 213 -12.34 41.21 7.57
N GLU B 214 -11.41 42.03 8.08
CA GLU B 214 -10.84 43.11 7.28
C GLU B 214 -9.97 42.56 6.15
N ASP B 215 -9.06 41.64 6.48
CA ASP B 215 -8.14 41.05 5.50
C ASP B 215 -8.27 39.53 5.60
N PRO B 216 -9.12 38.91 4.78
CA PRO B 216 -9.31 37.47 4.87
C PRO B 216 -8.04 36.66 4.64
N ILE B 217 -7.16 37.12 3.75
CA ILE B 217 -5.95 36.36 3.46
C ILE B 217 -4.99 36.40 4.64
N LEU B 218 -4.80 37.58 5.24
CA LEU B 218 -3.89 37.68 6.38
C LEU B 218 -4.46 36.97 7.61
N THR B 219 -5.78 37.06 7.82
CA THR B 219 -6.40 36.41 8.96
C THR B 219 -6.23 34.89 8.89
N ALA B 220 -6.40 34.32 7.70
CA ALA B 220 -6.19 32.88 7.54
C ALA B 220 -4.73 32.51 7.77
N PHE B 221 -3.80 33.37 7.41
CA PHE B 221 -2.38 33.10 7.64
C PHE B 221 -2.08 33.05 9.13
N ARG B 222 -2.52 34.06 9.87
CA ARG B 222 -2.23 34.12 11.30
C ARG B 222 -2.95 33.02 12.07
N LEU B 223 -4.22 32.80 11.77
CA LEU B 223 -4.98 31.77 12.48
C LEU B 223 -4.45 30.38 12.18
N GLY B 224 -4.10 30.12 10.92
CA GLY B 224 -3.57 28.81 10.57
C GLY B 224 -2.25 28.51 11.27
N TRP B 225 -1.38 29.53 11.38
CA TRP B 225 -0.12 29.34 12.08
C TRP B 225 -0.34 29.20 13.58
N GLU B 226 -1.24 30.00 14.15
CA GLU B 226 -1.49 29.93 15.58
C GLU B 226 -2.09 28.59 15.97
N LEU B 227 -2.99 28.04 15.14
CA LEU B 227 -3.57 26.73 15.43
C LEU B 227 -2.51 25.65 15.41
N LYS B 228 -1.54 25.74 14.49
CA LYS B 228 -0.48 24.75 14.43
C LYS B 228 0.36 24.75 15.69
N GLU B 229 0.69 25.94 16.20
CA GLU B 229 1.42 26.03 17.46
C GLU B 229 0.63 25.45 18.62
N LEU B 230 -0.70 25.49 18.55
CA LEU B 230 -1.53 24.93 19.62
C LEU B 230 -1.62 23.42 19.54
N SER B 231 -1.25 22.82 18.41
CA SER B 231 -1.30 21.37 18.27
C SER B 231 -0.18 20.66 18.99
N LYS B 232 0.85 21.38 19.43
CA LYS B 232 1.94 20.80 20.21
C LYS B 232 1.76 20.98 21.70
N VAL B 233 1.26 22.14 22.13
CA VAL B 233 1.02 22.37 23.56
C VAL B 233 -0.07 21.45 24.06
N GLU B 234 -1.19 21.39 23.34
CA GLU B 234 -2.28 20.46 23.67
C GLU B 234 -2.11 19.18 22.85
N ASN B 235 -1.13 18.38 23.26
CA ASN B 235 -0.87 17.11 22.57
C ASN B 235 -2.04 16.16 22.65
N GLU B 236 -2.92 16.31 23.64
CA GLU B 236 -4.09 15.44 23.75
C GLU B 236 -5.04 15.66 22.58
N PHE B 237 -5.27 16.91 22.19
CA PHE B 237 -6.17 17.25 21.10
C PHE B 237 -5.40 17.64 19.84
N LYS B 238 -4.29 16.96 19.57
CA LYS B 238 -3.47 17.31 18.41
C LYS B 238 -4.24 17.08 17.11
N ALA B 239 -5.01 15.99 17.04
CA ALA B 239 -5.72 15.68 15.80
C ALA B 239 -6.74 16.75 15.45
N GLU B 240 -7.46 17.26 16.45
CA GLU B 240 -8.48 18.28 16.18
C GLU B 240 -7.87 19.58 15.73
N TYR B 241 -6.78 20.01 16.37
CA TYR B 241 -6.17 21.30 16.04
C TYR B 241 -5.47 21.24 14.68
N GLU B 242 -4.88 20.10 14.34
CA GLU B 242 -4.21 19.97 13.05
C GLU B 242 -5.20 20.07 11.91
N GLU B 243 -6.40 19.49 12.08
CA GLU B 243 -7.43 19.61 11.05
C GLU B 243 -7.86 21.06 10.87
N LEU B 244 -8.01 21.79 11.99
CA LEU B 244 -8.40 23.19 11.90
C LEU B 244 -7.32 24.02 11.19
N SER B 245 -6.04 23.74 11.48
CA SER B 245 -4.96 24.46 10.82
C SER B 245 -4.97 24.19 9.32
N GLN B 246 -5.20 22.93 8.92
CA GLN B 246 -5.26 22.62 7.49
C GLN B 246 -6.47 23.27 6.83
N GLN B 247 -7.55 23.46 7.59
CA GLN B 247 -8.74 24.12 7.03
C GLN B 247 -8.45 25.57 6.66
N CYS B 248 -7.70 26.27 7.51
CA CYS B 248 -7.36 27.66 7.22
C CYS B 248 -6.39 27.79 6.05
N LYS B 249 -5.47 26.82 5.91
CA LYS B 249 -4.51 26.87 4.80
C LYS B 249 -5.21 26.73 3.46
N LEU B 250 -6.21 25.85 3.36
CA LEU B 250 -6.91 25.65 2.10
C LEU B 250 -7.77 26.84 1.75
N PHE B 251 -8.35 27.52 2.74
CA PHE B 251 -9.19 28.68 2.46
C PHE B 251 -8.40 29.80 1.80
N ALA B 252 -7.18 30.06 2.29
CA ALA B 252 -6.36 31.11 1.71
C ALA B 252 -5.97 30.78 0.28
N LYS B 253 -5.62 29.52 0.00
CA LYS B 253 -5.26 29.14 -1.35
C LYS B 253 -6.47 29.16 -2.28
N ASP B 254 -7.61 28.66 -1.82
CA ASP B 254 -8.82 28.68 -2.64
C ASP B 254 -9.29 30.10 -2.92
N LEU B 255 -9.08 31.02 -1.98
CA LEU B 255 -9.42 32.42 -2.22
C LEU B 255 -8.57 32.99 -3.35
N LEU B 256 -7.28 32.68 -3.37
CA LEU B 256 -6.40 33.17 -4.42
C LEU B 256 -6.66 32.47 -5.75
N ASP B 257 -7.27 31.30 -5.74
CA ASP B 257 -7.59 30.57 -6.96
C ASP B 257 -8.65 31.27 -7.81
N GLN B 258 -9.33 32.27 -7.27
CA GLN B 258 -10.42 32.95 -7.97
C GLN B 258 -9.94 34.17 -8.74
N ALA B 259 -8.64 34.44 -8.78
CA ALA B 259 -8.12 35.54 -9.57
C ALA B 259 -8.37 35.26 -11.05
N ARG B 260 -8.86 36.28 -11.77
CA ARG B 260 -9.23 36.13 -13.16
C ARG B 260 -8.38 36.96 -14.11
N SER B 261 -7.46 37.77 -13.60
CA SER B 261 -6.59 38.57 -14.44
C SER B 261 -5.23 38.70 -13.77
N SER B 262 -4.21 38.97 -14.59
CA SER B 262 -2.87 39.16 -14.05
C SER B 262 -2.80 40.41 -13.18
N ARG B 263 -3.64 41.41 -13.45
CA ARG B 263 -3.68 42.60 -12.62
C ARG B 263 -4.15 42.26 -11.21
N GLU B 264 -5.14 41.38 -11.09
CA GLU B 264 -5.64 41.00 -9.76
C GLU B 264 -4.58 40.25 -8.97
N LEU B 265 -3.82 39.36 -9.63
CA LEU B 265 -2.78 38.62 -8.93
C LEU B 265 -1.68 39.52 -8.42
N GLU B 266 -1.27 40.51 -9.22
CA GLU B 266 -0.19 41.40 -8.82
C GLU B 266 -0.61 42.28 -7.64
N ILE B 267 -1.88 42.70 -7.61
CA ILE B 267 -2.34 43.54 -6.52
C ILE B 267 -2.30 42.79 -5.20
N ILE B 268 -2.74 41.53 -5.21
CA ILE B 268 -2.80 40.76 -3.97
C ILE B 268 -1.41 40.46 -3.44
N LEU B 269 -0.52 40.01 -4.32
CA LEU B 269 0.80 39.56 -3.89
C LEU B 269 1.72 40.70 -3.47
N ASN B 270 1.43 41.92 -3.91
CA ASN B 270 2.26 43.08 -3.61
C ASN B 270 1.71 43.95 -2.50
N HIS B 271 0.67 43.49 -1.80
CA HIS B 271 0.04 44.31 -0.77
C HIS B 271 0.93 44.42 0.47
N ARG B 272 1.09 45.63 0.98
CA ARG B 272 1.80 45.89 2.22
C ARG B 272 0.79 46.35 3.25
N ASP B 273 0.77 45.68 4.41
CA ASP B 273 -0.28 45.92 5.40
C ASP B 273 -0.24 47.36 5.92
N ASP B 274 0.96 47.89 6.16
CA ASP B 274 1.09 49.29 6.56
C ASP B 274 1.93 50.07 5.56
N ASP B 286 9.10 44.54 -3.03
CA ASP B 286 7.96 44.00 -3.76
C ASP B 286 7.63 42.60 -3.28
N LEU B 287 6.49 42.07 -3.74
CA LEU B 287 6.00 40.76 -3.32
C LEU B 287 5.91 40.67 -1.80
N ALA B 288 5.39 41.74 -1.19
CA ALA B 288 5.32 41.81 0.27
C ALA B 288 4.42 40.72 0.84
N LYS B 289 3.26 40.50 0.21
CA LYS B 289 2.35 39.48 0.72
C LYS B 289 2.90 38.07 0.52
N LEU B 290 3.62 37.85 -0.58
CA LEU B 290 4.24 36.55 -0.79
C LEU B 290 5.32 36.27 0.26
N LYS B 291 6.05 37.32 0.66
CA LYS B 291 7.06 37.15 1.69
C LYS B 291 6.43 36.73 3.01
N VAL B 292 5.27 37.30 3.35
CA VAL B 292 4.57 36.93 4.58
C VAL B 292 4.10 35.48 4.49
N ALA B 293 3.65 35.05 3.31
CA ALA B 293 3.18 33.67 3.15
C ALA B 293 4.31 32.67 3.38
N ILE B 294 5.52 32.99 2.90
CA ILE B 294 6.66 32.11 3.12
C ILE B 294 7.02 32.05 4.59
N LYS B 295 6.92 33.18 5.29
CA LYS B 295 7.26 33.22 6.70
C LYS B 295 6.34 32.34 7.53
N TYR B 296 5.05 32.30 7.18
CA TYR B 296 4.06 31.53 7.92
C TYR B 296 3.94 30.10 7.40
N HIS B 297 4.88 29.63 6.59
CA HIS B 297 4.92 28.26 6.10
C HIS B 297 3.63 27.88 5.37
N GLN B 298 3.14 28.79 4.54
CA GLN B 298 1.96 28.52 3.71
C GLN B 298 2.43 27.91 2.40
N LYS B 299 2.67 26.60 2.43
CA LYS B 299 3.21 25.91 1.26
C LYS B 299 2.20 25.83 0.12
N GLU B 300 0.93 25.55 0.45
CA GLU B 300 -0.09 25.45 -0.59
C GLU B 300 -0.33 26.78 -1.28
N PHE B 301 -0.33 27.87 -0.52
CA PHE B 301 -0.54 29.19 -1.11
C PHE B 301 0.58 29.54 -2.09
N VAL B 302 1.82 29.25 -1.71
CA VAL B 302 2.96 29.59 -2.56
C VAL B 302 2.99 28.72 -3.81
N ALA B 303 2.69 27.43 -3.66
CA ALA B 303 2.82 26.47 -4.76
C ALA B 303 1.64 26.49 -5.71
N GLN B 304 0.80 27.53 -5.67
CA GLN B 304 -0.29 27.62 -6.61
C GLN B 304 0.25 27.89 -8.01
N PRO B 305 -0.27 27.22 -9.04
CA PRO B 305 0.30 27.38 -10.39
C PRO B 305 0.29 28.81 -10.90
N ASN B 306 -0.73 29.60 -10.57
CA ASN B 306 -0.74 30.99 -11.00
C ASN B 306 0.35 31.80 -10.31
N CYS B 307 0.60 31.52 -9.04
CA CYS B 307 1.67 32.21 -8.31
C CYS B 307 3.04 31.85 -8.87
N GLN B 308 3.24 30.57 -9.22
CA GLN B 308 4.52 30.14 -9.75
C GLN B 308 4.79 30.74 -11.13
N GLN B 309 3.74 30.94 -11.93
CA GLN B 309 3.93 31.54 -13.25
C GLN B 309 4.47 32.96 -13.15
N LEU B 310 3.97 33.73 -12.18
CA LEU B 310 4.47 35.09 -11.98
C LEU B 310 5.93 35.08 -11.54
N LEU B 311 6.29 34.15 -10.65
CA LEU B 311 7.67 34.07 -10.19
C LEU B 311 8.62 33.67 -11.31
N ALA B 312 8.20 32.74 -12.17
CA ALA B 312 9.05 32.30 -13.26
C ALA B 312 9.34 33.44 -14.24
N THR B 313 8.41 34.38 -14.37
CA THR B 313 8.64 35.54 -15.24
C THR B 313 9.80 36.40 -14.71
N LEU B 314 9.85 36.60 -13.39
CA LEU B 314 10.92 37.39 -12.81
C LEU B 314 12.23 36.61 -12.76
N TRP B 315 12.16 35.30 -12.51
CA TRP B 315 13.36 34.49 -12.46
C TRP B 315 14.04 34.42 -13.83
N TYR B 316 13.26 34.29 -14.90
CA TYR B 316 13.76 34.20 -16.27
C TYR B 316 13.65 35.53 -17.00
N ASP B 317 13.92 36.63 -16.30
CA ASP B 317 13.76 37.95 -16.89
C ASP B 317 14.56 38.11 -18.18
N GLY B 318 15.78 37.58 -18.20
CA GLY B 318 16.61 37.72 -19.38
C GLY B 318 16.08 36.97 -20.59
N PHE B 319 15.58 35.75 -20.36
CA PHE B 319 15.15 34.89 -21.47
C PHE B 319 13.63 34.83 -21.50
N PRO B 320 12.97 35.49 -22.44
CA PRO B 320 11.50 35.42 -22.48
C PRO B 320 10.98 34.06 -22.91
N GLY B 321 11.72 33.32 -23.72
CA GLY B 321 11.25 32.03 -24.22
C GLY B 321 12.09 30.86 -23.78
N TRP B 322 12.51 30.87 -22.51
CA TRP B 322 13.34 29.78 -22.00
C TRP B 322 12.59 28.46 -21.94
N ARG B 323 11.27 28.51 -21.69
CA ARG B 323 10.49 27.28 -21.58
C ARG B 323 10.46 26.52 -22.90
N ARG B 324 10.34 27.24 -24.01
CA ARG B 324 10.21 26.61 -25.32
C ARG B 324 11.52 26.11 -25.90
N LYS B 325 12.65 26.43 -25.26
CA LYS B 325 13.95 26.03 -25.79
C LYS B 325 14.16 24.53 -25.61
N HIS B 326 14.98 23.97 -26.49
CA HIS B 326 15.33 22.56 -26.43
C HIS B 326 16.29 22.29 -25.26
N TRP B 327 16.33 21.04 -24.83
CA TRP B 327 17.22 20.66 -23.74
C TRP B 327 18.68 20.77 -24.13
N VAL B 328 19.00 20.54 -25.40
CA VAL B 328 20.38 20.65 -25.85
C VAL B 328 20.85 22.10 -25.81
N VAL B 329 20.04 23.01 -26.35
CA VAL B 329 20.42 24.42 -26.36
C VAL B 329 20.37 25.00 -24.94
N LYS B 330 19.44 24.52 -24.11
CA LYS B 330 19.40 24.97 -22.72
C LYS B 330 20.67 24.56 -21.98
N LEU B 331 21.15 23.34 -22.21
CA LEU B 331 22.39 22.90 -21.58
C LEU B 331 23.58 23.67 -22.11
N LEU B 332 23.69 23.79 -23.43
CA LEU B 332 24.87 24.43 -24.02
C LEU B 332 24.98 25.89 -23.62
N THR B 333 23.86 26.62 -23.59
CA THR B 333 23.88 28.03 -23.24
C THR B 333 24.22 28.28 -21.78
N CYS B 334 24.19 27.24 -20.94
CA CYS B 334 24.44 27.45 -19.51
C CYS B 334 25.88 27.84 -19.26
N MET B 335 26.83 27.11 -19.84
CA MET B 335 28.24 27.42 -19.61
C MET B 335 28.68 28.71 -20.31
N THR B 336 27.87 29.26 -21.21
CA THR B 336 28.24 30.50 -21.88
C THR B 336 28.39 31.64 -20.87
N ILE B 337 27.41 31.80 -19.99
CA ILE B 337 27.54 32.78 -18.91
C ILE B 337 28.57 32.30 -17.89
N GLY B 338 28.58 31.00 -17.60
CA GLY B 338 29.48 30.48 -16.58
C GLY B 338 30.95 30.67 -16.93
N PHE B 339 31.30 30.44 -18.20
CA PHE B 339 32.69 30.59 -18.60
C PHE B 339 33.14 32.04 -18.50
N LEU B 340 32.27 32.98 -18.88
CA LEU B 340 32.60 34.39 -18.85
C LEU B 340 32.15 35.08 -17.57
N PHE B 341 31.97 34.33 -16.48
CA PHE B 341 31.48 34.92 -15.24
C PHE B 341 32.38 36.03 -14.69
N PRO B 342 33.72 35.94 -14.73
CA PRO B 342 34.51 37.08 -14.22
C PRO B 342 34.30 38.36 -15.01
N MET B 343 34.00 38.26 -16.30
CA MET B 343 33.86 39.46 -17.14
C MET B 343 32.65 40.28 -16.72
N LEU B 344 31.51 39.63 -16.50
CA LEU B 344 30.32 40.36 -16.04
C LEU B 344 30.52 40.89 -14.62
N SER B 345 31.24 40.13 -13.78
CA SER B 345 31.42 40.55 -12.39
C SER B 345 32.19 41.87 -12.29
N ILE B 346 33.27 41.99 -13.07
CA ILE B 346 34.03 43.24 -13.04
C ILE B 346 33.25 44.37 -13.71
N ALA B 347 32.38 44.05 -14.66
CA ALA B 347 31.58 45.07 -15.32
C ALA B 347 30.66 45.77 -14.34
N TYR B 348 30.11 45.03 -13.38
CA TYR B 348 29.25 45.64 -12.37
C TYR B 348 30.02 46.63 -11.52
N LEU B 349 31.27 46.31 -11.19
CA LEU B 349 32.07 47.20 -10.35
C LEU B 349 32.41 48.49 -11.07
N ILE B 350 32.81 48.40 -12.34
CA ILE B 350 33.31 49.58 -13.04
C ILE B 350 32.19 50.41 -13.67
N SER B 351 31.03 49.82 -13.95
CA SER B 351 29.94 50.54 -14.59
C SER B 351 28.62 49.85 -14.26
N PRO B 352 28.05 50.15 -13.09
CA PRO B 352 26.74 49.56 -12.75
C PRO B 352 25.62 49.99 -13.68
N ARG B 353 25.76 51.12 -14.38
CA ARG B 353 24.71 51.64 -15.24
C ARG B 353 24.87 51.20 -16.70
N SER B 354 26.01 50.66 -17.08
CA SER B 354 26.21 50.22 -18.46
C SER B 354 25.31 49.03 -18.76
N ASN B 355 24.93 48.91 -20.04
CA ASN B 355 24.03 47.84 -20.45
C ASN B 355 24.64 46.46 -20.19
N LEU B 356 25.97 46.35 -20.30
CA LEU B 356 26.63 45.09 -19.94
C LEU B 356 26.57 44.84 -18.44
N GLY B 357 26.53 45.91 -17.64
CA GLY B 357 26.46 45.76 -16.19
C GLY B 357 25.08 45.44 -15.65
N LEU B 358 24.04 45.53 -16.48
CA LEU B 358 22.70 45.16 -16.04
C LEU B 358 22.43 43.66 -16.14
N PHE B 359 23.29 42.91 -16.82
CA PHE B 359 23.07 41.48 -16.97
C PHE B 359 23.26 40.74 -15.66
N ILE B 360 24.19 41.19 -14.81
CA ILE B 360 24.51 40.46 -13.60
C ILE B 360 23.37 40.52 -12.59
N LYS B 361 22.56 41.58 -12.62
CA LYS B 361 21.50 41.72 -11.62
C LYS B 361 20.26 40.89 -11.94
N LYS B 362 20.19 40.27 -13.11
CA LYS B 362 19.07 39.39 -13.40
C LYS B 362 19.12 38.16 -12.49
N PRO B 363 17.98 37.72 -11.95
CA PRO B 363 18.01 36.63 -10.96
C PRO B 363 18.62 35.34 -11.47
N PHE B 364 18.36 34.97 -12.73
CA PHE B 364 18.90 33.71 -13.23
C PHE B 364 20.39 33.81 -13.52
N ILE B 365 20.84 34.93 -14.09
CA ILE B 365 22.26 35.11 -14.37
C ILE B 365 23.06 35.15 -13.09
N LYS B 366 22.53 35.85 -12.06
CA LYS B 366 23.23 35.92 -10.78
C LYS B 366 23.38 34.54 -10.17
N PHE B 367 22.38 33.69 -10.31
CA PHE B 367 22.48 32.31 -9.82
C PHE B 367 23.56 31.54 -10.57
N ILE B 368 23.63 31.70 -11.90
CA ILE B 368 24.64 31.00 -12.69
C ILE B 368 26.03 31.51 -12.34
N CYS B 369 26.19 32.83 -12.21
CA CYS B 369 27.50 33.39 -11.89
C CYS B 369 27.98 32.92 -10.52
N HIS B 370 27.10 32.89 -9.53
CA HIS B 370 27.49 32.40 -8.21
C HIS B 370 27.81 30.91 -8.25
N THR B 371 27.02 30.13 -9.00
CA THR B 371 27.28 28.70 -9.13
C THR B 371 28.62 28.45 -9.82
N ALA B 372 28.91 29.18 -10.89
CA ALA B 372 30.18 29.04 -11.57
C ALA B 372 31.34 29.46 -10.68
N SER B 373 31.15 30.53 -9.90
CA SER B 373 32.20 31.01 -9.00
C SER B 373 32.53 29.96 -7.95
N TYR B 374 31.50 29.31 -7.38
CA TYR B 374 31.75 28.27 -6.39
C TYR B 374 32.38 27.03 -7.02
N LEU B 375 31.98 26.71 -8.25
CA LEU B 375 32.57 25.56 -8.93
C LEU B 375 34.04 25.77 -9.23
N THR B 376 34.45 27.03 -9.47
CA THR B 376 35.86 27.33 -9.66
C THR B 376 36.65 27.04 -8.39
N PHE B 377 36.09 27.38 -7.22
CA PHE B 377 36.75 27.09 -5.96
C PHE B 377 36.94 25.59 -5.76
N LEU B 378 35.91 24.79 -6.06
CA LEU B 378 36.02 23.35 -5.90
C LEU B 378 37.05 22.76 -6.86
N PHE B 379 37.05 23.22 -8.12
CA PHE B 379 38.03 22.72 -9.08
C PHE B 379 39.45 23.11 -8.66
N MET B 380 39.60 24.32 -8.11
CA MET B 380 40.91 24.75 -7.65
C MET B 380 41.42 23.91 -6.48
N LEU B 381 40.50 23.34 -5.69
CA LEU B 381 40.91 22.45 -4.61
C LEU B 381 41.51 21.16 -5.13
N LEU B 382 41.01 20.66 -6.27
CA LEU B 382 41.53 19.41 -6.81
C LEU B 382 42.97 19.54 -7.27
N LEU B 383 43.39 20.75 -7.64
CA LEU B 383 44.76 20.98 -8.10
C LEU B 383 45.74 21.16 -6.95
N ALA B 384 45.24 21.39 -5.73
CA ALA B 384 46.12 21.62 -4.59
C ALA B 384 46.83 20.35 -4.15
N SER B 385 46.39 19.18 -4.60
CA SER B 385 46.96 17.90 -4.19
C SER B 385 47.95 17.36 -5.19
N GLN B 386 48.30 18.13 -6.22
CA GLN B 386 49.27 17.66 -7.21
C GLN B 386 50.30 18.71 -7.62
N HIS B 387 50.10 19.98 -7.32
CA HIS B 387 51.01 21.03 -7.76
C HIS B 387 52.18 21.25 -6.80
N ILE B 388 52.24 20.52 -5.70
CA ILE B 388 53.36 20.62 -4.78
C ILE B 388 54.45 19.66 -5.22
N VAL B 389 55.69 20.01 -4.85
CA VAL B 389 56.86 19.25 -5.27
C VAL B 389 57.23 18.27 -4.16
N ARG B 390 57.75 17.10 -4.55
CA ARG B 390 58.12 16.09 -3.57
C ARG B 390 59.26 16.51 -2.66
N THR B 391 59.98 17.58 -3.00
CA THR B 391 61.08 18.03 -2.15
C THR B 391 60.61 18.77 -0.91
N ASP B 392 59.47 19.47 -0.98
CA ASP B 392 58.99 20.26 0.14
C ASP B 392 58.03 19.48 1.04
N LEU B 393 57.89 18.17 0.84
CA LEU B 393 57.22 17.34 1.84
C LEU B 393 58.03 17.22 3.12
N HIS B 394 59.29 17.64 3.10
CA HIS B 394 60.25 17.36 4.16
C HIS B 394 60.43 18.54 5.12
N VAL B 395 59.70 19.64 4.92
CA VAL B 395 59.94 20.88 5.62
C VAL B 395 58.87 21.09 6.69
N GLN B 396 59.22 21.86 7.72
CA GLN B 396 58.32 22.18 8.81
C GLN B 396 57.79 23.59 8.66
N GLY B 397 56.47 23.75 8.71
CA GLY B 397 55.84 25.04 8.60
C GLY B 397 56.14 25.75 7.30
N PRO B 398 55.65 25.21 6.19
CA PRO B 398 55.94 25.81 4.88
C PRO B 398 55.12 27.07 4.68
N PRO B 399 55.56 27.96 3.80
CA PRO B 399 54.74 29.11 3.43
C PRO B 399 53.56 28.67 2.58
N PRO B 400 52.54 29.52 2.41
CA PRO B 400 51.41 29.14 1.56
C PRO B 400 51.88 28.79 0.16
N THR B 401 51.29 27.72 -0.39
CA THR B 401 51.74 27.15 -1.64
C THR B 401 51.22 27.95 -2.82
N VAL B 402 51.56 27.50 -4.03
CA VAL B 402 51.16 28.18 -5.25
C VAL B 402 49.69 28.00 -5.59
N VAL B 403 48.98 27.17 -4.83
CA VAL B 403 47.55 26.99 -5.01
C VAL B 403 46.75 27.64 -3.89
N GLU B 404 47.28 27.65 -2.67
CA GLU B 404 46.56 28.23 -1.54
C GLU B 404 46.40 29.74 -1.69
N TRP B 405 47.32 30.39 -2.39
CA TRP B 405 47.29 31.86 -2.48
C TRP B 405 46.02 32.35 -3.15
N MET B 406 45.62 31.73 -4.25
CA MET B 406 44.37 32.10 -4.92
C MET B 406 43.15 31.46 -4.27
N ILE B 407 43.34 30.46 -3.41
CA ILE B 407 42.22 29.97 -2.60
C ILE B 407 41.86 31.00 -1.54
N LEU B 408 42.86 31.78 -1.07
CA LEU B 408 42.63 32.73 0.01
C LEU B 408 41.52 33.73 -0.28
N PRO B 409 41.47 34.42 -1.43
CA PRO B 409 40.41 35.41 -1.63
C PRO B 409 39.00 34.83 -1.51
N TRP B 410 38.84 33.55 -1.87
CA TRP B 410 37.54 32.91 -1.72
C TRP B 410 37.13 32.79 -0.25
N VAL B 411 38.07 32.43 0.61
CA VAL B 411 37.71 32.07 1.98
C VAL B 411 37.24 33.30 2.77
N LEU B 412 37.85 34.46 2.53
CA LEU B 412 37.33 35.68 3.16
C LEU B 412 35.95 36.02 2.63
N GLY B 413 35.73 35.80 1.33
CA GLY B 413 34.40 36.04 0.77
C GLY B 413 33.33 35.19 1.42
N PHE B 414 33.66 33.94 1.73
CA PHE B 414 32.73 33.09 2.46
C PHE B 414 32.60 33.53 3.91
N ILE B 415 33.70 33.93 4.54
CA ILE B 415 33.64 34.44 5.90
C ILE B 415 32.87 35.77 5.94
N TRP B 416 33.22 36.69 5.04
CA TRP B 416 32.56 37.99 5.02
C TRP B 416 31.09 37.87 4.67
N GLY B 417 30.76 36.99 3.72
CA GLY B 417 29.38 36.81 3.33
C GLY B 417 28.54 36.04 4.33
N GLU B 418 29.18 35.30 5.23
CA GLU B 418 28.44 34.52 6.22
C GLU B 418 27.83 35.42 7.28
N ILE B 419 28.59 36.38 7.79
CA ILE B 419 28.09 37.23 8.86
C ILE B 419 27.03 38.20 8.36
N LYS B 420 27.07 38.53 7.06
CA LYS B 420 26.11 39.49 6.51
C LYS B 420 24.68 38.92 6.55
N GLU B 421 24.51 37.68 6.07
CA GLU B 421 23.19 37.06 6.09
C GLU B 421 22.77 36.70 7.52
N MET B 422 23.73 36.37 8.38
CA MET B 422 23.39 36.07 9.76
C MET B 422 23.04 37.33 10.54
N TRP B 423 23.57 38.48 10.14
CA TRP B 423 23.23 39.74 10.80
C TRP B 423 21.77 40.11 10.53
N ASP B 424 21.30 39.93 9.29
CA ASP B 424 19.93 40.30 8.95
C ASP B 424 18.92 39.44 9.69
N GLY B 425 19.17 38.13 9.77
CA GLY B 425 18.24 37.23 10.42
C GLY B 425 18.49 36.97 11.88
N GLY B 426 19.67 37.31 12.40
CA GLY B 426 20.01 37.07 13.78
C GLY B 426 20.51 35.67 14.02
N PHE B 427 20.94 35.43 15.26
CA PHE B 427 21.46 34.12 15.64
C PHE B 427 20.36 33.06 15.64
N THR B 428 19.15 33.42 16.08
CA THR B 428 18.08 32.45 16.19
C THR B 428 17.68 31.88 14.84
N GLU B 429 17.57 32.76 13.83
CA GLU B 429 17.13 32.30 12.51
C GLU B 429 18.19 31.45 11.82
N TYR B 430 19.46 31.65 12.17
CA TYR B 430 20.54 30.94 11.48
C TYR B 430 20.47 29.43 11.74
N ILE B 431 20.19 29.04 12.98
CA ILE B 431 20.33 27.63 13.37
C ILE B 431 19.20 26.74 12.86
N HIS B 432 18.13 27.31 12.31
CA HIS B 432 17.03 26.48 11.85
C HIS B 432 17.37 25.75 10.56
N ASP B 433 18.03 26.42 9.63
CA ASP B 433 18.39 25.81 8.36
C ASP B 433 19.55 24.85 8.55
N TRP B 434 19.42 23.65 7.99
CA TRP B 434 20.48 22.65 8.14
C TRP B 434 21.73 23.03 7.36
N TRP B 435 21.57 23.68 6.20
CA TRP B 435 22.73 24.06 5.40
C TRP B 435 23.55 25.15 6.07
N ASN B 436 22.91 26.01 6.86
CA ASN B 436 23.64 27.08 7.52
C ASN B 436 24.60 26.53 8.57
N LEU B 437 24.24 25.42 9.22
CA LEU B 437 25.16 24.78 10.15
C LEU B 437 26.39 24.27 9.42
N MET B 438 26.20 23.65 8.25
CA MET B 438 27.32 23.18 7.45
C MET B 438 28.20 24.33 7.00
N ASP B 439 27.60 25.45 6.58
CA ASP B 439 28.37 26.61 6.18
C ASP B 439 29.18 27.16 7.34
N PHE B 440 28.59 27.23 8.53
CA PHE B 440 29.34 27.67 9.70
C PHE B 440 30.42 26.67 10.07
N ALA B 441 30.12 25.36 9.99
CA ALA B 441 31.11 24.36 10.31
C ALA B 441 32.26 24.38 9.30
N MET B 442 31.93 24.43 8.01
CA MET B 442 32.97 24.42 6.98
C MET B 442 33.88 25.63 7.10
N ASN B 443 33.31 26.80 7.38
CA ASN B 443 34.12 28.01 7.48
C ASN B 443 35.02 27.99 8.71
N SER B 444 34.64 27.24 9.75
CA SER B 444 35.43 27.20 10.97
C SER B 444 36.77 26.52 10.74
N LEU B 445 36.77 25.37 10.06
CA LEU B 445 38.02 24.67 9.79
C LEU B 445 38.92 25.48 8.86
N TYR B 446 38.34 26.22 7.92
CA TYR B 446 39.15 27.06 7.04
C TYR B 446 39.89 28.13 7.84
N LEU B 447 39.21 28.76 8.79
CA LEU B 447 39.87 29.73 9.66
C LEU B 447 40.90 29.06 10.56
N ALA B 448 40.56 27.89 11.10
CA ALA B 448 41.50 27.18 11.96
C ALA B 448 42.74 26.73 11.20
N THR B 449 42.56 26.27 9.95
CA THR B 449 43.69 25.87 9.13
C THR B 449 44.63 27.06 8.89
N ILE B 450 44.07 28.23 8.61
CA ILE B 450 44.90 29.42 8.42
C ILE B 450 45.65 29.76 9.70
N SER B 451 44.97 29.67 10.86
CA SER B 451 45.60 29.99 12.13
C SER B 451 46.76 29.05 12.43
N LEU B 452 46.58 27.75 12.15
CA LEU B 452 47.63 26.78 12.44
C LEU B 452 48.79 26.89 11.45
N LYS B 453 48.49 27.18 10.18
CA LYS B 453 49.54 27.23 9.17
C LYS B 453 50.53 28.36 9.45
N ILE B 454 50.03 29.52 9.86
CA ILE B 454 50.94 30.64 10.15
C ILE B 454 51.63 30.45 11.49
N MET B 455 51.07 29.65 12.40
CA MET B 455 51.72 29.37 13.67
C MET B 455 52.94 28.48 13.47
N ALA B 456 52.82 27.47 12.62
CA ALA B 456 53.96 26.59 12.33
C ALA B 456 54.99 27.25 11.42
N TYR B 457 54.60 28.29 10.69
CA TYR B 457 55.54 28.98 9.82
C TYR B 457 56.51 29.85 10.62
N VAL B 458 56.08 30.32 11.79
CA VAL B 458 56.92 31.18 12.61
C VAL B 458 57.59 30.42 13.76
N LYS B 459 57.09 29.24 14.14
CA LYS B 459 57.68 28.46 15.21
C LYS B 459 58.75 27.49 14.71
N TYR B 460 58.75 27.17 13.41
CA TYR B 460 59.73 26.27 12.83
C TYR B 460 60.37 26.92 11.61
N ASN B 461 61.68 26.77 11.47
CA ASN B 461 62.41 27.29 10.34
C ASN B 461 63.15 26.22 9.55
N GLY B 462 63.81 25.28 10.22
CA GLY B 462 64.53 24.24 9.53
C GLY B 462 63.64 23.11 9.08
N SER B 463 64.20 22.25 8.24
CA SER B 463 63.51 21.08 7.70
C SER B 463 63.95 19.84 8.46
N ARG B 464 62.98 19.12 9.02
CA ARG B 464 63.23 17.90 9.77
C ARG B 464 62.48 16.74 9.14
N PRO B 465 63.08 15.54 9.12
CA PRO B 465 62.41 14.40 8.47
C PRO B 465 61.04 14.12 9.05
N ARG B 466 60.08 13.85 8.16
CA ARG B 466 58.70 13.64 8.57
C ARG B 466 58.53 12.40 9.43
N GLU B 467 59.45 11.43 9.34
CA GLU B 467 59.32 10.19 10.09
C GLU B 467 59.43 10.41 11.59
N GLU B 468 60.04 11.51 12.02
CA GLU B 468 60.23 11.79 13.44
C GLU B 468 59.43 13.00 13.93
N TRP B 469 58.44 13.45 13.16
CA TRP B 469 57.58 14.52 13.63
C TRP B 469 56.71 14.03 14.79
N GLU B 470 56.36 14.96 15.68
CA GLU B 470 55.54 14.62 16.84
C GLU B 470 54.13 14.24 16.40
N MET B 471 53.35 13.75 17.37
CA MET B 471 51.99 13.32 17.08
C MET B 471 51.11 14.51 16.74
N TRP B 472 51.17 15.57 17.54
CA TRP B 472 50.31 16.74 17.39
C TRP B 472 51.06 17.90 16.74
N HIS B 473 51.91 17.61 15.77
CA HIS B 473 52.63 18.66 15.06
C HIS B 473 51.63 19.59 14.38
N PRO B 474 51.84 20.90 14.45
CA PRO B 474 50.86 21.84 13.85
C PRO B 474 50.66 21.63 12.36
N THR B 475 51.71 21.26 11.63
CA THR B 475 51.55 21.00 10.19
C THR B 475 50.62 19.82 9.95
N LEU B 476 50.77 18.76 10.74
CA LEU B 476 49.91 17.59 10.58
C LEU B 476 48.46 17.90 10.93
N ILE B 477 48.24 18.67 12.00
CA ILE B 477 46.87 18.95 12.45
C ILE B 477 46.16 19.83 11.43
N ALA B 478 46.83 20.89 10.97
CA ALA B 478 46.23 21.76 9.96
C ALA B 478 46.04 21.02 8.64
N GLU B 479 46.87 20.01 8.38
CA GLU B 479 46.74 19.21 7.18
C GLU B 479 45.42 18.43 7.18
N ALA B 480 45.06 17.87 8.35
CA ALA B 480 43.82 17.09 8.44
C ALA B 480 42.59 17.99 8.46
N LEU B 481 42.68 19.14 9.15
CA LEU B 481 41.54 20.04 9.22
C LEU B 481 41.19 20.59 7.84
N PHE B 482 42.21 20.90 7.03
CA PHE B 482 41.96 21.35 5.67
C PHE B 482 41.30 20.26 4.85
N ALA B 483 41.73 19.00 5.03
CA ALA B 483 41.15 17.90 4.28
C ALA B 483 39.70 17.66 4.68
N ILE B 484 39.38 17.80 5.97
CA ILE B 484 38.01 17.60 6.44
C ILE B 484 37.08 18.63 5.82
N SER B 485 37.50 19.90 5.79
CA SER B 485 36.68 20.96 5.23
C SER B 485 36.49 20.80 3.73
N ASN B 486 37.39 20.08 3.05
CA ASN B 486 37.20 19.83 1.62
C ASN B 486 35.97 18.97 1.37
N ILE B 487 35.72 18.00 2.25
CA ILE B 487 34.53 17.16 2.12
C ILE B 487 33.27 17.99 2.29
N LEU B 488 33.26 18.87 3.30
CA LEU B 488 32.09 19.72 3.54
C LEU B 488 31.86 20.67 2.38
N SER B 489 32.93 21.21 1.81
CA SER B 489 32.78 22.16 0.70
C SER B 489 32.13 21.50 -0.50
N SER B 490 32.53 20.29 -0.84
CA SER B 490 31.96 19.60 -1.99
C SER B 490 30.56 19.08 -1.71
N LEU B 491 30.25 18.78 -0.45
CA LEU B 491 28.91 18.29 -0.12
C LEU B 491 27.87 19.40 -0.18
N ARG B 492 28.29 20.67 -0.18
CA ARG B 492 27.34 21.77 -0.26
C ARG B 492 26.68 21.89 -1.63
N LEU B 493 27.19 21.18 -2.64
CA LEU B 493 26.58 21.20 -3.96
C LEU B 493 25.23 20.50 -4.00
N ILE B 494 24.86 19.76 -2.95
CA ILE B 494 23.55 19.11 -2.92
C ILE B 494 22.45 20.16 -2.90
N SER B 495 22.67 21.26 -2.18
CA SER B 495 21.66 22.31 -2.07
C SER B 495 21.34 22.96 -3.40
N LEU B 496 22.22 22.82 -4.40
CA LEU B 496 21.94 23.34 -5.72
C LEU B 496 20.99 22.46 -6.51
N PHE B 497 20.66 21.27 -6.02
CA PHE B 497 19.75 20.37 -6.72
C PHE B 497 18.33 20.91 -6.74
N THR B 498 17.99 21.85 -5.86
CA THR B 498 16.64 22.36 -5.78
C THR B 498 16.22 23.09 -7.06
N ALA B 499 17.18 23.73 -7.74
CA ALA B 499 16.86 24.46 -8.96
C ALA B 499 16.37 23.52 -10.05
N ASN B 500 16.98 22.34 -10.17
CA ASN B 500 16.62 21.41 -11.23
C ASN B 500 15.24 20.82 -11.00
N SER B 501 14.53 20.55 -12.12
CA SER B 501 13.19 20.01 -12.04
C SER B 501 13.18 18.51 -11.77
N HIS B 502 14.23 17.80 -12.17
CA HIS B 502 14.31 16.35 -11.96
C HIS B 502 14.97 16.01 -10.64
N LEU B 503 16.12 16.61 -10.35
CA LEU B 503 16.87 16.31 -9.14
C LEU B 503 16.28 16.97 -7.90
N GLY B 504 15.47 18.00 -8.07
CA GLY B 504 14.87 18.71 -6.96
C GLY B 504 13.89 17.93 -6.11
N PRO B 505 12.88 17.30 -6.73
CA PRO B 505 11.80 16.68 -5.92
C PRO B 505 12.28 15.63 -4.94
N LEU B 506 13.25 14.79 -5.30
CA LEU B 506 13.69 13.77 -4.35
C LEU B 506 14.74 14.28 -3.39
N GLN B 507 15.49 15.33 -3.77
CA GLN B 507 16.48 15.88 -2.85
C GLN B 507 15.82 16.48 -1.61
N ILE B 508 14.68 17.15 -1.79
CA ILE B 508 13.88 17.56 -0.64
C ILE B 508 13.36 16.33 0.09
N SER B 509 12.82 15.37 -0.66
CA SER B 509 12.35 14.12 -0.06
C SER B 509 13.49 13.31 0.54
N LEU B 510 14.72 13.51 0.07
CA LEU B 510 15.86 12.80 0.64
C LEU B 510 16.08 13.21 2.10
N GLY B 511 15.92 14.51 2.40
CA GLY B 511 16.17 15.01 3.73
C GLY B 511 14.97 14.97 4.65
N ARG B 512 13.75 14.88 4.09
CA ARG B 512 12.57 14.79 4.93
C ARG B 512 12.52 13.45 5.68
N MET B 513 13.00 12.38 5.05
CA MET B 513 13.05 11.08 5.69
C MET B 513 14.34 10.85 6.46
N LEU B 514 15.28 11.81 6.41
CA LEU B 514 16.50 11.70 7.21
C LEU B 514 16.21 11.87 8.69
N LEU B 515 15.15 12.60 9.04
CA LEU B 515 14.80 12.80 10.44
C LEU B 515 14.33 11.50 11.09
N ASP B 516 13.69 10.62 10.32
CA ASP B 516 13.25 9.34 10.86
C ASP B 516 14.43 8.42 11.14
N ILE B 517 15.54 8.58 10.41
CA ILE B 517 16.73 7.77 10.64
C ILE B 517 17.33 8.10 12.00
N LEU B 518 17.34 9.39 12.37
CA LEU B 518 17.96 9.79 13.64
C LEU B 518 17.31 9.12 14.84
N LYS B 519 16.00 8.88 14.78
CA LYS B 519 15.33 8.22 15.89
C LYS B 519 15.85 6.80 16.09
N PHE B 520 16.05 6.06 15.00
CA PHE B 520 16.68 4.75 15.13
C PHE B 520 18.14 4.82 15.48
N LEU B 521 18.80 5.95 15.25
CA LEU B 521 20.20 6.07 15.63
C LEU B 521 20.36 6.14 17.15
N PHE B 522 19.30 6.49 17.87
CA PHE B 522 19.36 6.50 19.32
C PHE B 522 19.29 5.10 19.89
N ILE B 523 18.48 4.22 19.29
CA ILE B 523 18.35 2.85 19.77
C ILE B 523 19.65 2.08 19.53
N TYR B 524 20.21 2.21 18.34
CA TYR B 524 21.45 1.49 18.03
C TYR B 524 22.60 1.99 18.88
N CYS B 525 22.66 3.30 19.14
CA CYS B 525 23.73 3.85 19.96
C CYS B 525 23.70 3.36 21.39
N LEU B 526 22.58 2.79 21.84
CA LEU B 526 22.49 2.18 23.16
C LEU B 526 22.74 0.68 23.13
N VAL B 527 22.31 0.00 22.06
CA VAL B 527 22.66 -1.40 21.88
C VAL B 527 24.17 -1.55 21.70
N LEU B 528 24.77 -0.65 20.91
CA LEU B 528 26.21 -0.69 20.71
C LEU B 528 26.96 -0.49 22.03
N LEU B 529 26.51 0.45 22.86
CA LEU B 529 27.17 0.69 24.13
C LEU B 529 26.98 -0.48 25.09
N ALA B 530 25.82 -1.12 25.06
CA ALA B 530 25.56 -2.24 25.96
C ALA B 530 26.51 -3.39 25.69
N PHE B 531 26.71 -3.73 24.42
CA PHE B 531 27.60 -4.83 24.07
C PHE B 531 29.07 -4.45 24.19
N ALA B 532 29.41 -3.20 23.90
CA ALA B 532 30.79 -2.76 24.05
C ALA B 532 31.25 -2.84 25.50
N ASN B 533 30.37 -2.45 26.43
CA ASN B 533 30.70 -2.55 27.85
C ASN B 533 30.88 -4.02 28.26
N GLY B 534 30.02 -4.90 27.77
CA GLY B 534 30.14 -6.30 28.12
C GLY B 534 31.40 -6.96 27.56
N LEU B 535 31.72 -6.66 26.30
CA LEU B 535 32.89 -7.27 25.68
C LEU B 535 34.19 -6.74 26.29
N ASN B 536 34.22 -5.45 26.63
CA ASN B 536 35.42 -4.87 27.23
C ASN B 536 35.71 -5.49 28.59
N GLN B 537 34.66 -5.78 29.37
CA GLN B 537 34.85 -6.36 30.69
C GLN B 537 35.52 -7.72 30.61
N LEU B 538 35.12 -8.53 29.63
CA LEU B 538 35.63 -9.90 29.54
C LEU B 538 37.05 -9.96 28.98
N TYR B 539 37.40 -9.06 28.06
CA TYR B 539 38.63 -9.18 27.29
C TYR B 539 39.75 -8.26 27.76
N PHE B 540 39.51 -7.39 28.74
CA PHE B 540 40.52 -6.40 29.09
C PHE B 540 41.65 -6.97 29.94
N TYR B 541 41.51 -8.19 30.46
CA TYR B 541 42.61 -8.79 31.21
C TYR B 541 43.75 -9.26 30.31
N TYR B 542 43.53 -9.36 29.01
CA TYR B 542 44.50 -9.95 28.09
C TYR B 542 45.13 -8.92 27.15
N GLU B 543 45.13 -7.65 27.54
CA GLU B 543 45.75 -6.62 26.71
C GLU B 543 47.24 -6.87 26.60
N THR B 544 47.77 -6.73 25.38
CA THR B 544 49.19 -6.93 25.10
C THR B 544 49.79 -5.66 24.54
N ARG B 545 51.07 -5.44 24.84
CA ARG B 545 51.77 -4.26 24.36
C ARG B 545 52.09 -4.39 22.87
N ALA B 546 52.32 -3.24 22.23
CA ALA B 546 52.61 -3.22 20.82
C ALA B 546 53.95 -3.88 20.49
N ILE B 547 54.86 -3.98 21.47
CA ILE B 547 56.15 -4.61 21.23
C ILE B 547 55.98 -6.10 20.90
N ASP B 548 55.08 -6.78 21.61
CA ASP B 548 54.89 -8.20 21.42
C ASP B 548 54.19 -8.53 20.09
N GLU B 549 53.55 -7.55 19.48
CA GLU B 549 52.84 -7.78 18.22
C GLU B 549 53.83 -7.97 17.07
N PRO B 550 53.41 -8.65 16.00
CA PRO B 550 54.34 -8.97 14.90
C PRO B 550 55.08 -7.78 14.32
N ASN B 551 54.35 -6.77 13.84
CA ASN B 551 54.96 -5.62 13.17
C ASN B 551 54.89 -4.36 14.02
N ASN B 552 54.95 -4.51 15.34
CA ASN B 552 54.90 -3.38 16.28
C ASN B 552 53.64 -2.55 16.04
N CYS B 553 52.53 -3.22 15.78
CA CYS B 553 51.26 -2.58 15.47
C CYS B 553 50.19 -3.09 16.42
N LYS B 554 49.43 -2.17 17.00
CA LYS B 554 48.34 -2.49 17.92
C LYS B 554 47.04 -1.89 17.41
N GLY B 555 45.97 -2.67 17.52
CA GLY B 555 44.65 -2.21 17.13
C GLY B 555 44.09 -3.04 16.00
N ILE B 556 42.91 -2.62 15.53
CA ILE B 556 42.22 -3.32 14.45
C ILE B 556 42.58 -2.80 13.06
N ARG B 557 43.38 -1.75 12.98
CA ARG B 557 43.78 -1.17 11.70
C ARG B 557 45.07 -1.78 11.17
N CYS B 558 45.61 -2.79 11.83
CA CYS B 558 46.84 -3.44 11.40
C CYS B 558 46.53 -4.55 10.40
N GLU B 559 47.60 -5.09 9.81
CA GLU B 559 47.42 -6.21 8.87
C GLU B 559 46.83 -7.41 9.57
N LYS B 560 47.35 -7.74 10.75
CA LYS B 560 46.78 -8.76 11.62
C LYS B 560 46.10 -8.05 12.78
N GLN B 561 44.77 -8.15 12.83
CA GLN B 561 44.01 -7.40 13.83
C GLN B 561 44.21 -8.01 15.21
N ASN B 562 44.47 -7.15 16.20
CA ASN B 562 44.72 -7.58 17.56
C ASN B 562 44.25 -6.50 18.52
N ASN B 563 44.03 -6.89 19.77
CA ASN B 563 43.58 -5.98 20.83
C ASN B 563 42.28 -5.27 20.41
N ALA B 564 41.34 -6.04 19.87
CA ALA B 564 40.11 -5.47 19.37
C ALA B 564 39.18 -5.06 20.51
N PHE B 565 39.26 -5.72 21.66
CA PHE B 565 38.38 -5.46 22.79
C PHE B 565 39.16 -5.12 24.05
N SER B 566 40.37 -4.59 23.89
CA SER B 566 41.20 -4.31 25.06
C SER B 566 40.69 -3.12 25.85
N THR B 567 40.27 -2.05 25.17
CA THR B 567 39.80 -0.83 25.81
C THR B 567 38.41 -0.50 25.32
N LEU B 568 37.71 0.34 26.09
CA LEU B 568 36.36 0.74 25.73
C LEU B 568 36.34 1.54 24.43
N PHE B 569 37.31 2.44 24.25
CA PHE B 569 37.38 3.23 23.03
C PHE B 569 37.66 2.33 21.82
N GLU B 570 38.54 1.35 21.97
CA GLU B 570 38.83 0.43 20.88
C GLU B 570 37.66 -0.50 20.62
N THR B 571 36.94 -0.90 21.68
CA THR B 571 35.82 -1.81 21.52
C THR B 571 34.70 -1.18 20.71
N LEU B 572 34.43 0.11 20.93
CA LEU B 572 33.38 0.79 20.18
C LEU B 572 33.72 0.84 18.69
N GLN B 573 35.00 1.07 18.37
CA GLN B 573 35.42 1.05 16.97
C GLN B 573 35.29 -0.35 16.38
N SER B 574 35.66 -1.38 17.15
CA SER B 574 35.58 -2.75 16.64
C SER B 574 34.14 -3.14 16.34
N LEU B 575 33.21 -2.78 17.22
CA LEU B 575 31.81 -3.12 17.00
C LEU B 575 31.22 -2.32 15.85
N PHE B 576 31.75 -1.13 15.58
CA PHE B 576 31.27 -0.34 14.45
C PHE B 576 31.71 -0.95 13.13
N TRP B 577 32.98 -1.36 13.04
CA TRP B 577 33.51 -1.91 11.80
C TRP B 577 32.95 -3.30 11.50
N SER B 578 32.39 -3.99 12.50
CA SER B 578 31.80 -5.29 12.26
C SER B 578 30.48 -5.19 11.49
N VAL B 579 29.88 -3.99 11.44
CA VAL B 579 28.65 -3.82 10.67
C VAL B 579 28.91 -4.02 9.19
N PHE B 580 30.08 -3.57 8.71
CA PHE B 580 30.45 -3.68 7.31
C PHE B 580 31.28 -4.92 7.03
N GLY B 581 31.47 -5.79 8.03
CA GLY B 581 32.22 -7.02 7.82
C GLY B 581 33.71 -6.84 7.71
N LEU B 582 34.27 -5.75 8.23
CA LEU B 582 35.68 -5.48 8.13
C LEU B 582 36.46 -5.95 9.36
N LEU B 583 35.80 -6.62 10.29
CA LEU B 583 36.44 -7.16 11.49
C LEU B 583 36.52 -8.67 11.37
N ASN B 584 37.75 -9.20 11.39
CA ASN B 584 37.95 -10.62 11.23
C ASN B 584 37.53 -11.37 12.49
N LEU B 585 37.22 -12.67 12.32
CA LEU B 585 36.72 -13.49 13.41
C LEU B 585 37.79 -13.88 14.41
N TYR B 586 39.06 -13.89 14.04
CA TYR B 586 40.09 -14.37 14.93
C TYR B 586 40.45 -13.38 16.03
N VAL B 587 39.85 -12.17 16.03
CA VAL B 587 40.10 -11.21 17.09
C VAL B 587 39.50 -11.63 18.41
N THR B 588 38.64 -12.65 18.42
CA THR B 588 38.01 -13.14 19.64
C THR B 588 38.91 -14.11 20.40
N ASN B 589 40.09 -14.43 19.88
CA ASN B 589 41.01 -15.35 20.53
C ASN B 589 41.99 -14.58 21.41
N VAL B 590 42.61 -15.31 22.33
CA VAL B 590 43.61 -14.76 23.24
C VAL B 590 44.84 -15.65 23.20
N LYS B 591 45.97 -15.07 23.62
CA LYS B 591 47.24 -15.79 23.58
C LYS B 591 47.21 -17.04 24.44
N ALA B 592 46.68 -16.91 25.66
CA ALA B 592 46.50 -18.07 26.53
C ALA B 592 45.20 -18.77 26.14
N ARG B 593 45.28 -20.05 25.83
CA ARG B 593 44.14 -20.78 25.26
C ARG B 593 43.13 -21.09 26.37
N HIS B 594 42.34 -20.07 26.70
CA HIS B 594 41.17 -20.24 27.57
C HIS B 594 39.95 -20.39 26.66
N GLU B 595 39.71 -21.63 26.23
CA GLU B 595 38.69 -21.90 25.24
C GLU B 595 37.27 -21.80 25.79
N PHE B 596 37.09 -21.31 27.02
CA PHE B 596 35.78 -20.94 27.53
C PHE B 596 35.54 -19.45 27.46
N THR B 597 36.55 -18.64 27.80
CA THR B 597 36.43 -17.19 27.64
C THR B 597 36.25 -16.81 26.18
N GLU B 598 37.00 -17.46 25.28
CA GLU B 598 36.88 -17.17 23.86
C GLU B 598 35.49 -17.51 23.34
N PHE B 599 34.93 -18.64 23.76
CA PHE B 599 33.59 -19.01 23.33
C PHE B 599 32.55 -18.01 23.82
N VAL B 600 32.68 -17.56 25.08
CA VAL B 600 31.76 -16.56 25.60
C VAL B 600 31.90 -15.25 24.84
N GLY B 601 33.15 -14.84 24.58
CA GLY B 601 33.36 -13.61 23.81
C GLY B 601 32.85 -13.71 22.39
N ALA B 602 32.99 -14.89 21.77
CA ALA B 602 32.47 -15.09 20.42
C ALA B 602 30.95 -15.07 20.41
N THR B 603 30.32 -15.61 21.46
CA THR B 603 28.86 -15.57 21.54
C THR B 603 28.35 -14.14 21.74
N MET B 604 29.07 -13.34 22.53
CA MET B 604 28.72 -11.93 22.66
C MET B 604 28.84 -11.22 21.32
N PHE B 605 29.92 -11.49 20.59
CA PHE B 605 30.09 -10.91 19.26
C PHE B 605 29.02 -11.41 18.30
N GLY B 606 28.70 -12.70 18.36
CA GLY B 606 27.69 -13.24 17.47
C GLY B 606 26.30 -12.70 17.75
N THR B 607 25.96 -12.55 19.04
CA THR B 607 24.64 -12.02 19.39
C THR B 607 24.49 -10.58 18.91
N TYR B 608 25.57 -9.79 19.00
CA TYR B 608 25.51 -8.41 18.52
C TYR B 608 25.24 -8.35 17.03
N ASN B 609 25.87 -9.25 16.26
CA ASN B 609 25.66 -9.25 14.82
C ASN B 609 24.21 -9.55 14.47
N VAL B 610 23.60 -10.51 15.18
CA VAL B 610 22.20 -10.86 14.91
C VAL B 610 21.29 -9.67 15.20
N ILE B 611 21.52 -9.00 16.32
CA ILE B 611 20.67 -7.87 16.70
C ILE B 611 20.87 -6.71 15.75
N SER B 612 22.13 -6.37 15.46
CA SER B 612 22.42 -5.17 14.68
C SER B 612 22.09 -5.35 13.20
N LEU B 613 22.46 -6.49 12.63
CA LEU B 613 22.33 -6.70 11.18
C LEU B 613 21.01 -7.33 10.79
N VAL B 614 20.68 -8.48 11.38
CA VAL B 614 19.46 -9.18 10.98
C VAL B 614 18.22 -8.43 11.45
N VAL B 615 18.24 -7.92 12.67
CA VAL B 615 17.04 -7.35 13.28
C VAL B 615 16.98 -5.84 13.09
N LEU B 616 17.99 -5.14 13.61
CA LEU B 616 17.90 -3.68 13.70
C LEU B 616 17.95 -3.03 12.32
N LEU B 617 18.90 -3.45 11.47
CA LEU B 617 19.02 -2.83 10.15
C LEU B 617 17.81 -3.11 9.28
N ASN B 618 17.30 -4.35 9.32
CA ASN B 618 16.10 -4.67 8.56
C ASN B 618 14.88 -3.93 9.10
N MET B 619 14.90 -3.59 10.39
CA MET B 619 13.83 -2.77 10.96
C MET B 619 13.88 -1.36 10.42
N LEU B 620 15.08 -0.81 10.21
CA LEU B 620 15.21 0.53 9.65
C LEU B 620 14.69 0.57 8.22
N ILE B 621 14.96 -0.47 7.44
CA ILE B 621 14.43 -0.54 6.08
C ILE B 621 12.91 -0.57 6.10
N ALA B 622 12.33 -1.16 7.15
CA ALA B 622 10.88 -1.32 7.22
C ALA B 622 10.17 0.03 7.27
N MET B 623 10.58 0.91 8.18
CA MET B 623 9.85 2.18 8.31
C MET B 623 10.22 3.14 7.19
N MET B 624 11.48 3.11 6.73
CA MET B 624 11.90 4.03 5.69
C MET B 624 11.18 3.74 4.38
N ASN B 625 10.85 2.47 4.13
CA ASN B 625 10.01 2.13 2.99
C ASN B 625 8.60 2.64 3.20
N ASN B 626 8.08 2.50 4.43
CA ASN B 626 6.75 3.03 4.74
C ASN B 626 6.76 4.55 4.78
N SER B 627 7.78 5.15 5.39
CA SER B 627 7.83 6.61 5.52
C SER B 627 7.98 7.31 4.18
N TYR B 628 8.45 6.59 3.15
CA TYR B 628 8.56 7.18 1.82
C TYR B 628 7.20 7.37 1.16
N GLN B 629 6.24 6.50 1.45
CA GLN B 629 4.92 6.60 0.85
C GLN B 629 4.21 7.88 1.27
N LEU B 630 4.28 8.22 2.56
CA LEU B 630 3.63 9.44 3.03
C LEU B 630 4.30 10.68 2.45
N ILE B 631 5.64 10.66 2.33
CA ILE B 631 6.36 11.83 1.84
C ILE B 631 6.07 12.05 0.36
N ALA B 632 6.02 10.97 -0.42
CA ALA B 632 5.91 11.09 -1.88
C ALA B 632 4.62 11.76 -2.32
N ASP B 633 3.56 11.71 -1.49
CA ASP B 633 2.29 12.31 -1.90
C ASP B 633 2.38 13.83 -1.94
N HIS B 634 3.09 14.43 -0.99
CA HIS B 634 3.30 15.88 -0.95
C HIS B 634 4.65 16.30 -1.52
N ALA B 635 5.28 15.43 -2.33
CA ALA B 635 6.63 15.73 -2.81
C ALA B 635 6.64 16.96 -3.69
N ASP B 636 5.66 17.10 -4.58
CA ASP B 636 5.66 18.23 -5.51
C ASP B 636 5.47 19.56 -4.78
N ILE B 637 4.57 19.59 -3.78
CA ILE B 637 4.28 20.84 -3.09
C ILE B 637 5.47 21.29 -2.26
N GLU B 638 6.13 20.36 -1.57
CA GLU B 638 7.27 20.71 -0.73
C GLU B 638 8.43 21.26 -1.56
N TRP B 639 8.69 20.65 -2.72
CA TRP B 639 9.81 21.10 -3.55
C TRP B 639 9.59 22.52 -4.04
N LYS B 640 8.37 22.85 -4.46
CA LYS B 640 8.10 24.19 -4.97
C LYS B 640 8.29 25.25 -3.89
N PHE B 641 7.95 24.93 -2.63
CA PHE B 641 8.24 25.84 -1.54
C PHE B 641 9.73 26.04 -1.37
N ALA B 642 10.51 24.97 -1.48
CA ALA B 642 11.97 25.08 -1.37
C ALA B 642 12.55 25.88 -2.53
N ARG B 643 12.04 25.65 -3.75
CA ARG B 643 12.55 26.38 -4.91
C ARG B 643 12.18 27.86 -4.84
N THR B 644 11.02 28.18 -4.29
CA THR B 644 10.61 29.58 -4.17
C THR B 644 11.58 30.35 -3.28
N LYS B 645 12.00 29.75 -2.17
CA LYS B 645 12.97 30.39 -1.29
C LYS B 645 14.30 30.60 -2.01
N LEU B 646 14.72 29.63 -2.81
CA LEU B 646 15.96 29.78 -3.56
C LEU B 646 15.86 30.91 -4.58
N TRP B 647 14.73 30.99 -5.29
CA TRP B 647 14.57 32.05 -6.29
C TRP B 647 14.53 33.43 -5.65
N MET B 648 13.81 33.57 -4.53
CA MET B 648 13.64 34.88 -3.91
C MET B 648 14.92 35.39 -3.26
N SER B 649 15.90 34.52 -3.02
CA SER B 649 17.15 34.95 -2.41
C SER B 649 17.97 35.80 -3.37
N TYR B 650 17.83 35.58 -4.67
CA TYR B 650 18.59 36.31 -5.68
C TYR B 650 17.84 37.52 -6.22
N PHE B 651 16.64 37.80 -5.72
CA PHE B 651 15.88 38.96 -6.20
C PHE B 651 16.45 40.26 -5.66
N ASP B 652 16.89 40.27 -4.40
CA ASP B 652 17.40 41.48 -3.79
C ASP B 652 18.74 41.85 -4.39
N GLU B 653 19.00 43.16 -4.47
CA GLU B 653 20.26 43.65 -5.04
C GLU B 653 21.46 43.38 -4.13
N GLY B 654 21.22 43.13 -2.84
CA GLY B 654 22.33 42.85 -1.95
C GLY B 654 22.99 41.52 -2.24
N GLY B 655 24.30 41.46 -2.01
CA GLY B 655 25.05 40.25 -2.29
C GLY B 655 25.08 39.84 -3.73
N THR B 656 25.11 40.81 -4.65
CA THR B 656 25.11 40.50 -6.07
C THR B 656 26.42 39.86 -6.50
N LEU B 657 27.55 40.39 -6.04
CA LEU B 657 28.85 39.96 -6.51
C LEU B 657 29.22 38.58 -5.94
N PRO B 658 29.95 37.78 -6.71
CA PRO B 658 30.40 36.48 -6.21
C PRO B 658 31.44 36.65 -5.10
N PRO B 659 31.64 35.62 -4.29
CA PRO B 659 32.59 35.73 -3.16
C PRO B 659 33.99 36.13 -3.59
N PRO B 660 34.51 35.63 -4.73
CA PRO B 660 35.85 36.11 -5.15
C PRO B 660 35.91 37.61 -5.38
N PHE B 661 34.85 38.20 -5.91
CA PHE B 661 34.80 39.64 -6.16
C PHE B 661 34.01 40.38 -5.10
N ASN B 662 33.62 39.71 -4.01
CA ASN B 662 32.77 40.35 -3.02
C ASN B 662 33.48 41.52 -2.35
N ILE B 663 34.77 41.38 -2.07
CA ILE B 663 35.56 42.44 -1.47
C ILE B 663 36.26 43.21 -2.59
N ILE B 664 36.34 44.52 -2.42
CA ILE B 664 36.96 45.39 -3.42
C ILE B 664 38.43 45.03 -3.62
N SER B 706 0.20 55.37 -1.04
CA SER B 706 0.27 54.62 0.21
C SER B 706 -1.13 54.21 0.68
N LEU B 707 -2.00 55.20 0.85
CA LEU B 707 -3.37 54.94 1.28
C LEU B 707 -4.22 54.40 0.13
N ILE B 708 -3.97 54.86 -1.10
CA ILE B 708 -4.81 54.45 -2.23
C ILE B 708 -4.65 52.98 -2.54
N GLN B 709 -3.49 52.39 -2.24
CA GLN B 709 -3.27 50.97 -2.54
C GLN B 709 -4.14 50.06 -1.68
N ASN B 710 -4.70 50.57 -0.57
CA ASN B 710 -5.60 49.77 0.23
C ASN B 710 -6.96 49.61 -0.42
N GLN B 711 -7.45 50.67 -1.07
CA GLN B 711 -8.73 50.58 -1.76
C GLN B 711 -8.68 49.58 -2.91
N HIS B 712 -7.58 49.57 -3.66
CA HIS B 712 -7.43 48.61 -4.75
C HIS B 712 -7.42 47.18 -4.22
N TYR B 713 -6.71 46.95 -3.12
CA TYR B 713 -6.70 45.62 -2.51
C TYR B 713 -8.09 45.24 -1.99
N GLN B 714 -8.80 46.20 -1.40
CA GLN B 714 -10.12 45.90 -0.87
C GLN B 714 -11.10 45.52 -1.96
N GLU B 715 -11.06 46.24 -3.09
CA GLU B 715 -11.96 45.95 -4.20
C GLU B 715 -11.70 44.55 -4.77
N VAL B 716 -10.43 44.19 -4.93
CA VAL B 716 -10.10 42.87 -5.45
C VAL B 716 -10.49 41.79 -4.45
N ILE B 717 -10.30 42.06 -3.15
CA ILE B 717 -10.67 41.10 -2.12
C ILE B 717 -12.17 40.86 -2.12
N ARG B 718 -12.96 41.93 -2.30
CA ARG B 718 -14.41 41.78 -2.32
C ARG B 718 -14.86 40.90 -3.47
N ASN B 719 -14.26 41.06 -4.65
CA ASN B 719 -14.62 40.23 -5.79
C ASN B 719 -14.28 38.76 -5.54
N LEU B 720 -13.12 38.50 -4.93
CA LEU B 720 -12.72 37.11 -4.69
C LEU B 720 -13.67 36.41 -3.72
N VAL B 721 -14.13 37.13 -2.69
CA VAL B 721 -15.05 36.53 -1.72
C VAL B 721 -16.37 36.17 -2.39
N LYS B 722 -16.89 37.04 -3.25
CA LYS B 722 -18.13 36.75 -3.95
C LYS B 722 -17.99 35.53 -4.85
N ARG B 723 -16.89 35.44 -5.59
CA ARG B 723 -16.67 34.26 -6.43
C ARG B 723 -16.48 33.01 -5.61
N TYR B 724 -15.76 33.10 -4.49
CA TYR B 724 -15.53 31.93 -3.65
C TYR B 724 -16.81 31.45 -2.99
N VAL B 725 -17.65 32.39 -2.52
CA VAL B 725 -18.88 32.00 -1.85
C VAL B 725 -19.82 31.28 -2.81
N ALA B 726 -19.96 31.81 -4.02
CA ALA B 726 -20.82 31.17 -5.02
C ALA B 726 -20.27 29.81 -5.42
N ALA B 727 -18.96 29.70 -5.59
CA ALA B 727 -18.37 28.43 -6.01
C ALA B 727 -18.55 27.35 -4.95
N MET B 728 -18.40 27.70 -3.67
CA MET B 728 -18.50 26.70 -2.62
C MET B 728 -19.94 26.23 -2.44
N ILE B 729 -20.92 27.11 -2.66
CA ILE B 729 -22.31 26.71 -2.52
C ILE B 729 -22.68 25.63 -3.53
N ARG B 730 -22.26 25.82 -4.78
CA ARG B 730 -22.56 24.83 -5.81
C ARG B 730 -21.89 23.49 -5.51
N ASN B 731 -20.64 23.52 -5.04
CA ASN B 731 -19.96 22.28 -4.67
C ASN B 731 -20.62 21.61 -3.47
N SER B 732 -21.23 22.40 -2.59
CA SER B 732 -22.00 21.81 -1.49
C SER B 732 -23.21 21.05 -2.02
N LYS B 733 -23.91 21.61 -3.00
CA LYS B 733 -25.06 20.96 -3.63
C LYS B 733 -24.60 20.09 -4.80
N THR B 734 -23.67 19.20 -4.51
CA THR B 734 -23.12 18.31 -5.53
C THR B 734 -22.48 17.08 -4.89
N LEU B 738 -26.84 11.30 -1.32
CA LEU B 738 -28.00 11.63 -0.51
C LEU B 738 -27.96 10.90 0.83
N THR B 739 -28.81 11.35 1.76
CA THR B 739 -28.94 10.73 3.07
C THR B 739 -30.41 10.48 3.34
N GLU B 740 -30.70 9.45 4.14
CA GLU B 740 -32.08 9.10 4.42
C GLU B 740 -32.76 10.14 5.31
N GLU B 741 -32.00 11.02 5.95
CA GLU B 741 -32.61 12.16 6.63
C GLU B 741 -33.28 13.10 5.63
N ASN B 742 -32.66 13.28 4.47
CA ASN B 742 -33.31 14.01 3.38
C ASN B 742 -34.51 13.22 2.83
N PHE B 743 -34.42 11.89 2.86
CA PHE B 743 -35.52 11.06 2.39
C PHE B 743 -36.74 11.15 3.30
N LYS B 744 -36.52 11.32 4.61
CA LYS B 744 -37.64 11.46 5.54
C LYS B 744 -38.45 12.71 5.25
N GLU B 745 -37.78 13.78 4.79
CA GLU B 745 -38.49 15.02 4.48
C GLU B 745 -39.47 14.80 3.34
N LEU B 746 -39.07 14.03 2.32
CA LEU B 746 -39.99 13.75 1.21
C LEU B 746 -41.23 13.01 1.70
N LYS B 747 -41.06 12.08 2.65
CA LYS B 747 -42.21 11.38 3.22
C LYS B 747 -43.15 12.35 3.92
N GLN B 748 -42.60 13.34 4.62
CA GLN B 748 -43.44 14.29 5.35
C GLN B 748 -44.31 15.10 4.40
N ASP B 749 -43.75 15.56 3.27
CA ASP B 749 -44.52 16.35 2.32
C ASP B 749 -45.61 15.52 1.66
N ILE B 750 -45.32 14.25 1.37
CA ILE B 750 -46.34 13.36 0.80
C ILE B 750 -47.50 13.19 1.77
N SER B 751 -47.18 12.95 3.05
CA SER B 751 -48.23 12.83 4.06
C SER B 751 -48.95 14.15 4.27
N SER B 752 -48.22 15.26 4.27
CA SER B 752 -48.85 16.57 4.49
C SER B 752 -49.81 16.90 3.36
N PHE B 753 -49.42 16.63 2.12
CA PHE B 753 -50.31 16.86 0.99
C PHE B 753 -51.49 15.90 1.01
N ARG B 754 -51.28 14.67 1.48
CA ARG B 754 -52.36 13.69 1.51
C ARG B 754 -53.48 14.11 2.45
N TYR B 755 -53.14 14.59 3.64
CA TYR B 755 -54.17 14.92 4.63
C TYR B 755 -54.90 16.19 4.26
N GLU B 756 -54.19 17.19 3.74
CA GLU B 756 -54.84 18.44 3.36
C GLU B 756 -55.83 18.23 2.21
N VAL B 757 -55.46 17.41 1.23
CA VAL B 757 -56.36 17.12 0.12
C VAL B 757 -57.59 16.34 0.61
N LEU B 758 -57.38 15.36 1.49
CA LEU B 758 -58.48 14.53 1.95
C LEU B 758 -59.51 15.35 2.72
N ASP B 759 -59.06 16.28 3.56
CA ASP B 759 -60.00 17.12 4.31
C ASP B 759 -60.79 18.04 3.39
N LEU B 760 -60.13 18.58 2.36
CA LEU B 760 -60.80 19.47 1.43
C LEU B 760 -61.85 18.73 0.61
N LEU B 761 -62.97 19.39 0.35
CA LEU B 761 -64.05 18.79 -0.42
C LEU B 761 -64.26 19.53 -1.74
N ARG C 17 -27.22 -27.59 -28.13
CA ARG C 17 -28.53 -27.20 -27.62
C ARG C 17 -28.78 -27.84 -26.26
N ILE C 18 -29.17 -27.01 -25.30
CA ILE C 18 -29.42 -27.45 -23.92
C ILE C 18 -30.85 -27.09 -23.56
N PRO C 19 -31.77 -28.05 -23.56
CA PRO C 19 -33.13 -27.77 -23.11
C PRO C 19 -33.15 -27.38 -21.63
N LEU C 20 -34.01 -26.42 -21.30
CA LEU C 20 -34.13 -25.91 -19.95
C LEU C 20 -35.58 -26.09 -19.47
N GLN C 21 -35.73 -26.73 -18.32
CA GLN C 21 -37.04 -26.94 -17.72
C GLN C 21 -36.92 -26.80 -16.21
N ILE C 22 -38.05 -26.52 -15.57
CA ILE C 22 -38.08 -26.39 -14.11
C ILE C 22 -37.79 -27.75 -13.50
N VAL C 23 -36.64 -27.86 -12.83
CA VAL C 23 -36.22 -29.16 -12.28
C VAL C 23 -36.96 -29.45 -10.98
N ARG C 24 -37.05 -28.48 -10.08
CA ARG C 24 -37.71 -28.65 -8.79
C ARG C 24 -39.02 -27.87 -8.84
N ALA C 25 -40.11 -28.57 -9.16
CA ALA C 25 -41.39 -27.93 -9.32
C ALA C 25 -41.95 -27.44 -7.99
N GLU C 26 -42.67 -26.32 -8.05
CA GLU C 26 -43.37 -25.77 -6.91
C GLU C 26 -44.79 -25.39 -7.34
N THR C 27 -45.74 -25.56 -6.44
CA THR C 27 -47.14 -25.25 -6.75
C THR C 27 -47.27 -23.79 -7.19
N GLU C 28 -47.94 -23.59 -8.32
CA GLU C 28 -48.06 -22.26 -8.89
C GLU C 28 -49.24 -21.51 -8.27
N LEU C 29 -49.30 -20.21 -8.57
CA LEU C 29 -50.36 -19.34 -8.08
C LEU C 29 -51.41 -19.13 -9.15
N SER C 30 -52.69 -19.20 -8.74
CA SER C 30 -53.78 -19.06 -9.68
C SER C 30 -53.90 -17.62 -10.17
N ALA C 31 -54.77 -17.43 -11.17
CA ALA C 31 -54.96 -16.11 -11.75
C ALA C 31 -55.62 -15.16 -10.77
N GLU C 32 -56.67 -15.62 -10.08
CA GLU C 32 -57.35 -14.75 -9.12
C GLU C 32 -56.46 -14.45 -7.92
N GLU C 33 -55.59 -15.38 -7.54
CA GLU C 33 -54.66 -15.11 -6.44
C GLU C 33 -53.61 -14.09 -6.85
N LYS C 34 -53.08 -14.21 -8.07
CA LYS C 34 -52.01 -13.30 -8.51
C LYS C 34 -52.46 -11.86 -8.51
N ALA C 35 -53.72 -11.60 -8.88
CA ALA C 35 -54.24 -10.24 -8.85
C ALA C 35 -54.34 -9.70 -7.43
N PHE C 36 -54.51 -10.59 -6.45
CA PHE C 36 -54.62 -10.15 -5.06
C PHE C 36 -53.32 -9.51 -4.59
N LEU C 37 -52.19 -10.22 -4.74
CA LEU C 37 -50.93 -9.66 -4.28
C LEU C 37 -50.46 -8.52 -5.19
N ASN C 38 -50.83 -8.55 -6.47
CA ASN C 38 -50.51 -7.45 -7.36
C ASN C 38 -51.20 -6.17 -6.92
N ALA C 39 -52.43 -6.27 -6.43
CA ALA C 39 -53.19 -5.13 -5.97
C ALA C 39 -53.00 -4.84 -4.48
N VAL C 40 -52.18 -5.63 -3.78
CA VAL C 40 -51.92 -5.35 -2.38
C VAL C 40 -51.24 -4.00 -2.21
N GLU C 41 -50.26 -3.70 -3.06
CA GLU C 41 -49.60 -2.40 -3.02
C GLU C 41 -50.48 -1.27 -3.52
N LYS C 42 -51.64 -1.58 -4.10
CA LYS C 42 -52.50 -0.56 -4.68
C LYS C 42 -53.35 0.14 -3.62
N GLY C 43 -54.16 -0.62 -2.89
CA GLY C 43 -54.94 -0.05 -1.82
C GLY C 43 -56.44 -0.22 -1.94
N ASP C 44 -56.88 -1.27 -2.62
CA ASP C 44 -58.30 -1.59 -2.72
C ASP C 44 -58.61 -2.77 -1.81
N TYR C 45 -59.71 -2.67 -1.07
CA TYR C 45 -60.06 -3.65 -0.05
C TYR C 45 -61.37 -4.39 -0.32
N ALA C 46 -62.21 -3.90 -1.23
CA ALA C 46 -63.47 -4.59 -1.51
C ALA C 46 -63.23 -5.99 -2.03
N THR C 47 -62.12 -6.22 -2.73
CA THR C 47 -61.77 -7.57 -3.16
C THR C 47 -61.51 -8.48 -1.96
N VAL C 48 -60.88 -7.93 -0.91
CA VAL C 48 -60.58 -8.74 0.27
C VAL C 48 -61.87 -9.13 0.99
N LYS C 49 -62.76 -8.18 1.21
CA LYS C 49 -64.02 -8.50 1.91
C LYS C 49 -64.87 -9.47 1.12
N GLN C 50 -64.99 -9.25 -0.20
CA GLN C 50 -65.83 -10.12 -1.01
C GLN C 50 -65.32 -11.55 -1.02
N ALA C 51 -64.01 -11.73 -1.13
CA ALA C 51 -63.44 -13.07 -1.13
C ALA C 51 -63.49 -13.70 0.26
N LEU C 52 -63.18 -12.92 1.30
CA LEU C 52 -63.10 -13.49 2.64
C LEU C 52 -64.49 -13.90 3.16
N GLN C 53 -65.50 -13.05 2.93
CA GLN C 53 -66.85 -13.41 3.35
C GLN C 53 -67.35 -14.63 2.57
N GLU C 54 -67.03 -14.70 1.27
CA GLU C 54 -67.38 -15.87 0.48
C GLU C 54 -66.50 -17.07 0.79
N ALA C 55 -65.32 -16.83 1.39
CA ALA C 55 -64.42 -17.94 1.70
C ALA C 55 -65.03 -18.92 2.69
N GLU C 56 -66.01 -18.49 3.49
CA GLU C 56 -66.69 -19.41 4.38
C GLU C 56 -67.52 -20.43 3.63
N ILE C 57 -67.99 -20.09 2.43
CA ILE C 57 -68.82 -20.99 1.64
C ILE C 57 -68.23 -21.22 0.25
N TYR C 58 -67.96 -20.13 -0.47
CA TYR C 58 -67.49 -20.24 -1.85
C TYR C 58 -66.06 -20.76 -1.90
N TYR C 59 -65.21 -20.32 -0.96
CA TYR C 59 -63.79 -20.69 -0.93
C TYR C 59 -63.11 -20.33 -2.26
N ASN C 60 -63.42 -19.14 -2.78
CA ASN C 60 -62.90 -18.75 -4.08
C ASN C 60 -61.39 -18.47 -4.03
N VAL C 61 -60.95 -17.71 -3.03
CA VAL C 61 -59.56 -17.28 -2.93
C VAL C 61 -59.02 -17.70 -1.57
N ASN C 62 -57.83 -18.29 -1.56
CA ASN C 62 -57.13 -18.64 -0.33
C ASN C 62 -56.30 -17.44 0.10
N ILE C 63 -56.69 -16.82 1.22
CA ILE C 63 -56.02 -15.60 1.67
C ILE C 63 -54.57 -15.88 2.03
N ASN C 64 -54.31 -17.00 2.69
CA ASN C 64 -52.95 -17.38 3.08
C ASN C 64 -52.20 -17.96 1.88
N CYS C 65 -52.12 -17.15 0.82
CA CYS C 65 -51.45 -17.57 -0.40
C CYS C 65 -49.94 -17.45 -0.24
N MET C 66 -49.21 -18.24 -1.03
CA MET C 66 -47.77 -18.31 -0.95
C MET C 66 -47.17 -17.90 -2.30
N ASP C 67 -46.54 -16.73 -2.34
CA ASP C 67 -45.88 -16.28 -3.54
C ASP C 67 -44.65 -17.16 -3.81
N PRO C 68 -44.26 -17.31 -5.09
CA PRO C 68 -43.09 -18.17 -5.40
C PRO C 68 -41.82 -17.80 -4.65
N LEU C 69 -41.60 -16.51 -4.36
CA LEU C 69 -40.43 -16.09 -3.62
C LEU C 69 -40.54 -16.35 -2.12
N GLY C 70 -41.51 -17.15 -1.69
CA GLY C 70 -41.65 -17.48 -0.29
C GLY C 70 -42.27 -16.43 0.58
N ARG C 71 -42.96 -15.45 -0.02
CA ARG C 71 -43.60 -14.38 0.73
C ARG C 71 -45.11 -14.60 0.75
N SER C 72 -45.72 -14.40 1.91
CA SER C 72 -47.14 -14.60 2.08
C SER C 72 -47.88 -13.26 2.02
N ALA C 73 -49.21 -13.31 2.16
CA ALA C 73 -50.03 -12.12 1.99
C ALA C 73 -49.68 -11.04 3.01
N LEU C 74 -49.48 -11.44 4.27
CA LEU C 74 -49.24 -10.46 5.33
C LEU C 74 -47.88 -9.78 5.16
N LEU C 75 -46.88 -10.51 4.67
CA LEU C 75 -45.53 -9.97 4.62
C LEU C 75 -45.37 -8.87 3.58
N ILE C 76 -46.21 -8.80 2.56
CA ILE C 76 -46.10 -7.71 1.60
C ILE C 76 -46.40 -6.38 2.26
N ALA C 77 -47.45 -6.34 3.09
CA ALA C 77 -47.86 -5.08 3.71
C ALA C 77 -46.75 -4.51 4.59
N ILE C 78 -46.01 -5.38 5.27
CA ILE C 78 -44.87 -4.92 6.07
C ILE C 78 -43.79 -4.34 5.18
N GLU C 79 -43.55 -4.97 4.04
CA GLU C 79 -42.43 -4.57 3.17
C GLU C 79 -42.64 -3.17 2.60
N ASN C 80 -43.86 -2.84 2.21
CA ASN C 80 -44.13 -1.50 1.71
C ASN C 80 -44.41 -0.49 2.81
N GLU C 81 -44.39 -0.92 4.08
CA GLU C 81 -44.48 -0.08 5.28
C GLU C 81 -45.85 0.53 5.49
N ASN C 82 -46.83 0.28 4.61
CA ASN C 82 -48.16 0.85 4.79
C ASN C 82 -48.93 0.07 5.84
N LEU C 83 -49.44 0.79 6.85
CA LEU C 83 -50.13 0.16 7.97
C LEU C 83 -51.65 0.09 7.78
N GLU C 84 -52.19 0.75 6.76
CA GLU C 84 -53.63 0.72 6.55
C GLU C 84 -54.10 -0.66 6.15
N ILE C 85 -53.41 -1.29 5.19
CA ILE C 85 -53.74 -2.65 4.80
C ILE C 85 -53.45 -3.63 5.93
N MET C 86 -52.38 -3.35 6.70
CA MET C 86 -52.02 -4.23 7.82
C MET C 86 -53.17 -4.38 8.80
N GLU C 87 -53.90 -3.29 9.07
CA GLU C 87 -55.00 -3.36 10.02
C GLU C 87 -56.09 -4.30 9.49
N LEU C 88 -56.41 -4.20 8.20
CA LEU C 88 -57.52 -4.95 7.64
C LEU C 88 -57.24 -6.45 7.66
N LEU C 89 -56.05 -6.87 7.26
CA LEU C 89 -55.73 -8.30 7.24
C LEU C 89 -55.77 -8.89 8.64
N LEU C 90 -55.27 -8.14 9.63
CA LEU C 90 -55.27 -8.63 11.00
C LEU C 90 -56.67 -8.73 11.59
N ASN C 91 -57.65 -8.06 10.97
CA ASN C 91 -59.04 -8.22 11.42
C ASN C 91 -59.51 -9.65 11.26
N HIS C 92 -59.19 -10.26 10.12
CA HIS C 92 -59.55 -11.65 9.86
C HIS C 92 -58.45 -12.57 10.39
N SER C 93 -58.85 -13.80 10.71
CA SER C 93 -57.93 -14.77 11.31
C SER C 93 -57.01 -15.32 10.22
N VAL C 94 -55.82 -14.74 10.12
CA VAL C 94 -54.81 -15.19 9.17
C VAL C 94 -53.67 -15.82 9.95
N TYR C 95 -52.89 -16.66 9.26
CA TYR C 95 -51.74 -17.28 9.89
C TYR C 95 -50.62 -16.26 10.02
N VAL C 96 -50.35 -15.83 11.25
CA VAL C 96 -49.35 -14.80 11.53
C VAL C 96 -48.13 -15.38 12.22
N GLY C 97 -47.98 -16.70 12.24
CA GLY C 97 -46.83 -17.32 12.85
C GLY C 97 -45.52 -16.88 12.24
N ASP C 98 -44.56 -16.50 13.08
CA ASP C 98 -43.24 -16.03 12.69
C ASP C 98 -43.29 -14.77 11.82
N ALA C 99 -44.39 -14.01 11.90
CA ALA C 99 -44.50 -12.75 11.18
C ALA C 99 -44.00 -11.56 11.98
N LEU C 100 -43.91 -11.70 13.31
CA LEU C 100 -43.39 -10.61 14.12
C LEU C 100 -41.91 -10.35 13.82
N LEU C 101 -41.17 -11.41 13.53
CA LEU C 101 -39.74 -11.25 13.24
C LEU C 101 -39.50 -10.40 12.00
N TYR C 102 -40.34 -10.56 10.98
CA TYR C 102 -40.19 -9.73 9.78
C TYR C 102 -40.41 -8.26 10.08
N ALA C 103 -41.40 -7.95 10.93
CA ALA C 103 -41.65 -6.55 11.29
C ALA C 103 -40.47 -5.98 12.07
N ILE C 104 -39.92 -6.76 13.00
CA ILE C 104 -38.77 -6.30 13.77
C ILE C 104 -37.56 -6.11 12.86
N ARG C 105 -37.34 -7.05 11.94
CA ARG C 105 -36.16 -7.00 11.08
C ARG C 105 -36.16 -5.76 10.20
N LYS C 106 -37.32 -5.26 9.82
CA LYS C 106 -37.41 -4.05 9.01
C LYS C 106 -37.32 -2.77 9.84
N GLU C 107 -37.29 -2.89 11.17
CA GLU C 107 -37.17 -1.74 12.06
C GLU C 107 -38.29 -0.73 11.82
N VAL C 108 -39.51 -1.24 11.73
CA VAL C 108 -40.71 -0.41 11.57
C VAL C 108 -41.45 -0.45 12.90
N VAL C 109 -41.37 0.64 13.66
CA VAL C 109 -41.90 0.64 15.02
C VAL C 109 -43.43 0.51 15.02
N GLY C 110 -44.11 1.10 14.04
CA GLY C 110 -45.56 1.03 14.01
C GLY C 110 -46.06 -0.38 13.80
N ALA C 111 -45.39 -1.16 12.95
CA ALA C 111 -45.83 -2.52 12.67
C ALA C 111 -45.71 -3.40 13.91
N VAL C 112 -44.64 -3.24 14.68
CA VAL C 112 -44.43 -4.09 15.85
C VAL C 112 -45.53 -3.89 16.87
N GLU C 113 -45.80 -2.63 17.23
CA GLU C 113 -46.75 -2.35 18.31
C GLU C 113 -48.12 -2.98 18.03
N LEU C 114 -48.52 -3.01 16.76
CA LEU C 114 -49.78 -3.66 16.40
C LEU C 114 -49.70 -5.17 16.65
N LEU C 115 -48.54 -5.77 16.40
CA LEU C 115 -48.42 -7.22 16.48
C LEU C 115 -48.60 -7.75 17.89
N LEU C 116 -47.98 -7.10 18.89
CA LEU C 116 -48.19 -7.55 20.26
C LEU C 116 -49.64 -7.35 20.72
N SER C 117 -50.38 -6.45 20.08
CA SER C 117 -51.80 -6.27 20.37
C SER C 117 -52.62 -7.14 19.41
N TYR C 118 -52.39 -8.43 19.50
CA TYR C 118 -53.06 -9.39 18.63
C TYR C 118 -54.52 -9.60 19.05
N THR C 134 -43.59 -28.02 9.12
CA THR C 134 -42.27 -27.40 9.20
C THR C 134 -42.29 -26.00 8.59
N GLN C 135 -42.86 -25.89 7.39
CA GLN C 135 -43.01 -24.63 6.67
C GLN C 135 -41.66 -23.99 6.34
N PHE C 136 -41.68 -22.85 5.67
CA PHE C 136 -40.47 -22.15 5.26
C PHE C 136 -40.38 -20.82 6.00
N SER C 137 -39.21 -20.55 6.57
CA SER C 137 -38.97 -19.30 7.27
C SER C 137 -37.56 -18.80 6.92
N GLU C 138 -37.40 -17.48 6.97
CA GLU C 138 -36.11 -16.85 6.70
C GLU C 138 -35.22 -16.80 7.93
N PHE C 139 -35.69 -17.25 9.09
CA PHE C 139 -34.95 -17.18 10.34
C PHE C 139 -34.77 -18.59 10.91
N THR C 140 -33.64 -18.81 11.56
CA THR C 140 -33.38 -20.09 12.19
C THR C 140 -34.34 -20.31 13.36
N PRO C 141 -34.64 -21.56 13.70
CA PRO C 141 -35.63 -21.82 14.76
C PRO C 141 -35.24 -21.28 16.12
N ASP C 142 -33.96 -21.04 16.38
CA ASP C 142 -33.53 -20.58 17.69
C ASP C 142 -33.72 -19.09 17.90
N ILE C 143 -34.14 -18.36 16.88
CA ILE C 143 -34.30 -16.92 16.98
C ILE C 143 -35.63 -16.60 17.67
N THR C 144 -35.55 -15.78 18.71
CA THR C 144 -36.70 -15.22 19.42
C THR C 144 -36.75 -13.71 19.19
N PRO C 145 -37.93 -13.09 19.28
CA PRO C 145 -38.03 -11.67 18.93
C PRO C 145 -37.08 -10.75 19.69
N ILE C 146 -36.78 -11.06 20.96
CA ILE C 146 -35.88 -10.19 21.72
C ILE C 146 -34.46 -10.27 21.16
N MET C 147 -34.00 -11.46 20.78
CA MET C 147 -32.67 -11.59 20.20
C MET C 147 -32.57 -10.85 18.87
N LEU C 148 -33.61 -10.96 18.03
CA LEU C 148 -33.57 -10.30 16.73
C LEU C 148 -33.60 -8.78 16.88
N ALA C 149 -34.34 -8.26 17.87
CA ALA C 149 -34.36 -6.82 18.08
C ALA C 149 -32.99 -6.30 18.47
N ALA C 150 -32.26 -7.03 19.31
CA ALA C 150 -30.92 -6.60 19.70
C ALA C 150 -29.96 -6.66 18.53
N HIS C 151 -30.15 -7.59 17.60
CA HIS C 151 -29.30 -7.66 16.42
C HIS C 151 -29.44 -6.40 15.57
N THR C 152 -30.68 -5.91 15.42
CA THR C 152 -30.89 -4.69 14.63
C THR C 152 -30.44 -3.43 15.37
N ASN C 153 -30.20 -3.53 16.68
CA ASN C 153 -29.73 -2.40 17.49
C ASN C 153 -30.67 -1.20 17.39
N ASN C 154 -31.97 -1.46 17.43
CA ASN C 154 -32.99 -0.43 17.40
C ASN C 154 -33.45 -0.15 18.82
N TYR C 155 -33.11 1.03 19.34
CA TYR C 155 -33.37 1.33 20.74
C TYR C 155 -34.87 1.34 21.06
N GLU C 156 -35.67 1.95 20.18
CA GLU C 156 -37.09 2.07 20.44
C GLU C 156 -37.78 0.71 20.47
N ILE C 157 -37.44 -0.16 19.52
CA ILE C 157 -38.08 -1.48 19.46
C ILE C 157 -37.63 -2.35 20.62
N ILE C 158 -36.35 -2.28 20.97
CA ILE C 158 -35.84 -3.07 22.09
C ILE C 158 -36.55 -2.69 23.39
N LYS C 159 -36.82 -1.40 23.58
CA LYS C 159 -37.53 -0.96 24.78
C LYS C 159 -38.94 -1.51 24.82
N LEU C 160 -39.57 -1.70 23.66
CA LEU C 160 -40.94 -2.19 23.63
C LEU C 160 -41.03 -3.60 24.20
N LEU C 161 -40.13 -4.49 23.80
CA LEU C 161 -40.20 -5.87 24.25
C LEU C 161 -39.70 -6.04 25.68
N VAL C 162 -38.69 -5.26 26.08
CA VAL C 162 -38.15 -5.40 27.43
C VAL C 162 -39.15 -4.94 28.49
N GLN C 163 -40.12 -4.10 28.11
CA GLN C 163 -41.15 -3.69 29.06
C GLN C 163 -41.98 -4.88 29.52
N LYS C 164 -42.30 -5.78 28.59
CA LYS C 164 -42.94 -7.03 28.97
C LYS C 164 -41.93 -7.98 29.61
N ARG C 165 -42.45 -9.03 30.23
CA ARG C 165 -41.59 -10.04 30.86
C ARG C 165 -40.86 -10.82 29.76
N VAL C 166 -39.59 -10.52 29.56
CA VAL C 166 -38.79 -11.11 28.50
C VAL C 166 -37.44 -11.54 29.07
N THR C 167 -37.02 -12.77 28.75
CA THR C 167 -35.75 -13.30 29.20
C THR C 167 -34.97 -13.84 28.01
N ILE C 168 -33.66 -13.90 28.17
CA ILE C 168 -32.75 -14.46 27.16
C ILE C 168 -31.81 -15.43 27.87
N PRO C 169 -31.59 -16.63 27.32
CA PRO C 169 -30.86 -17.66 28.07
C PRO C 169 -29.42 -17.29 28.39
N ARG C 170 -28.94 -17.80 29.51
CA ARG C 170 -27.53 -17.67 29.88
C ARG C 170 -26.67 -18.58 28.99
N PRO C 171 -25.64 -18.05 28.34
CA PRO C 171 -24.68 -18.93 27.66
C PRO C 171 -23.77 -19.61 28.67
N HIS C 172 -23.43 -20.87 28.37
CA HIS C 172 -22.57 -21.64 29.26
C HIS C 172 -21.12 -21.18 29.13
N GLN C 173 -20.30 -21.62 30.08
CA GLN C 173 -18.91 -21.20 30.13
C GLN C 173 -18.12 -21.76 28.94
N ILE C 174 -16.92 -21.21 28.76
CA ILE C 174 -16.07 -21.63 27.64
C ILE C 174 -15.69 -23.09 27.78
N ARG C 175 -15.30 -23.52 28.98
CA ARG C 175 -14.93 -24.89 29.26
C ARG C 175 -16.01 -25.50 30.15
N CYS C 176 -17.06 -26.02 29.52
CA CYS C 176 -18.20 -26.60 30.23
C CYS C 176 -18.43 -28.01 29.71
N ASN C 177 -18.41 -28.98 30.62
CA ASN C 177 -18.56 -30.39 30.28
C ASN C 177 -19.76 -31.00 31.00
N CYS C 178 -20.87 -30.27 31.04
CA CYS C 178 -22.06 -30.75 31.72
C CYS C 178 -22.76 -31.83 30.89
N VAL C 179 -23.91 -32.28 31.38
CA VAL C 179 -24.59 -33.40 30.73
C VAL C 179 -25.30 -32.95 29.46
N GLU C 180 -25.72 -31.69 29.37
CA GLU C 180 -26.48 -31.24 28.21
C GLU C 180 -25.64 -30.46 27.21
N CYS C 181 -24.56 -29.79 27.65
CA CYS C 181 -23.67 -29.15 26.69
C CYS C 181 -22.99 -30.18 25.79
N VAL C 182 -22.55 -31.29 26.36
CA VAL C 182 -21.93 -32.35 25.56
C VAL C 182 -22.97 -33.04 24.70
N SER C 183 -24.16 -33.31 25.27
CA SER C 183 -25.18 -34.05 24.53
C SER C 183 -25.68 -33.26 23.32
N SER C 184 -25.98 -31.99 23.51
CA SER C 184 -26.48 -31.17 22.41
C SER C 184 -25.40 -30.98 21.34
N SER C 185 -24.16 -30.73 21.76
CA SER C 185 -23.08 -30.53 20.78
C SER C 185 -22.78 -31.81 20.01
N GLU C 186 -22.83 -32.96 20.68
CA GLU C 186 -22.53 -34.23 20.01
C GLU C 186 -23.65 -34.64 19.07
N VAL C 187 -24.91 -34.46 19.49
CA VAL C 187 -26.02 -34.94 18.68
C VAL C 187 -26.17 -34.12 17.41
N ASP C 188 -25.94 -32.81 17.49
CA ASP C 188 -26.20 -31.93 16.36
C ASP C 188 -25.37 -30.67 16.57
N SER C 189 -24.21 -30.63 15.93
CA SER C 189 -23.42 -29.40 15.86
C SER C 189 -23.94 -28.54 14.72
N LEU C 190 -23.28 -27.40 14.49
CA LEU C 190 -23.70 -26.41 13.51
C LEU C 190 -25.00 -25.73 13.95
N ARG C 191 -25.57 -26.22 15.04
CA ARG C 191 -26.70 -25.57 15.71
C ARG C 191 -26.36 -25.11 17.11
N HIS C 192 -25.62 -25.93 17.87
CA HIS C 192 -25.09 -25.47 19.15
C HIS C 192 -24.13 -24.31 18.96
N SER C 193 -23.27 -24.39 17.93
CA SER C 193 -22.35 -23.29 17.65
C SER C 193 -23.09 -22.06 17.13
N ARG C 194 -24.15 -22.26 16.35
CA ARG C 194 -24.92 -21.12 15.85
C ARG C 194 -25.75 -20.49 16.95
N SER C 195 -26.33 -21.32 17.82
CA SER C 195 -27.15 -20.79 18.92
C SER C 195 -26.31 -19.94 19.86
N ARG C 196 -25.10 -20.39 20.19
CA ARG C 196 -24.26 -19.64 21.12
C ARG C 196 -23.82 -18.32 20.52
N LEU C 197 -23.52 -18.29 19.22
CA LEU C 197 -23.16 -17.04 18.57
C LEU C 197 -24.33 -16.07 18.56
N ASN C 198 -25.54 -16.57 18.30
CA ASN C 198 -26.71 -15.69 18.26
C ASN C 198 -26.98 -15.07 19.63
N ILE C 199 -26.78 -15.83 20.69
CA ILE C 199 -27.00 -15.31 22.04
C ILE C 199 -26.02 -14.18 22.34
N TYR C 200 -24.74 -14.37 21.98
CA TYR C 200 -23.73 -13.34 22.24
C TYR C 200 -23.94 -12.12 21.37
N LYS C 201 -24.51 -12.30 20.17
CA LYS C 201 -24.81 -11.14 19.32
C LYS C 201 -25.83 -10.23 19.99
N ALA C 202 -26.83 -10.81 20.64
CA ALA C 202 -27.84 -10.00 21.32
C ALA C 202 -27.25 -9.33 22.56
N LEU C 203 -26.34 -10.02 23.25
CA LEU C 203 -25.78 -9.48 24.48
C LEU C 203 -24.77 -8.36 24.23
N ALA C 204 -24.20 -8.29 23.03
CA ALA C 204 -23.18 -7.30 22.71
C ALA C 204 -23.74 -6.05 22.06
N SER C 205 -25.05 -5.95 21.92
CA SER C 205 -25.65 -4.78 21.29
C SER C 205 -25.62 -3.60 22.26
N PRO C 206 -25.12 -2.44 21.84
CA PRO C 206 -25.06 -1.28 22.75
C PRO C 206 -26.41 -0.85 23.30
N SER C 207 -27.49 -1.04 22.54
CA SER C 207 -28.81 -0.65 23.02
C SER C 207 -29.28 -1.54 24.16
N LEU C 208 -28.95 -2.83 24.12
CA LEU C 208 -29.33 -3.75 25.19
C LEU C 208 -28.34 -3.72 26.35
N ILE C 209 -27.24 -2.99 26.23
CA ILE C 209 -26.31 -2.79 27.33
C ILE C 209 -26.52 -1.44 27.99
N ALA C 210 -26.69 -0.38 27.20
CA ALA C 210 -27.03 0.92 27.74
C ALA C 210 -28.38 0.91 28.43
N LEU C 211 -29.23 -0.06 28.11
CA LEU C 211 -30.53 -0.24 28.73
C LEU C 211 -30.59 -1.65 29.30
N SER C 212 -31.16 -1.79 30.50
CA SER C 212 -31.31 -3.07 31.18
C SER C 212 -29.96 -3.63 31.63
N SER C 213 -29.11 -2.76 32.17
CA SER C 213 -27.83 -3.19 32.76
C SER C 213 -27.48 -2.22 33.88
N GLU C 214 -27.06 -2.76 35.02
CA GLU C 214 -26.77 -1.93 36.18
C GLU C 214 -25.57 -1.02 35.93
N ASP C 215 -24.46 -1.59 35.45
CA ASP C 215 -23.23 -0.85 35.18
C ASP C 215 -22.85 -1.08 33.73
N PRO C 216 -23.26 -0.18 32.82
CA PRO C 216 -22.97 -0.40 31.39
C PRO C 216 -21.48 -0.47 31.07
N ILE C 217 -20.65 0.30 31.78
CA ILE C 217 -19.22 0.30 31.50
C ILE C 217 -18.60 -1.03 31.91
N LEU C 218 -18.93 -1.52 33.11
CA LEU C 218 -18.37 -2.79 33.56
C LEU C 218 -18.85 -3.95 32.70
N THR C 219 -20.11 -3.92 32.29
CA THR C 219 -20.65 -5.00 31.46
C THR C 219 -19.92 -5.08 30.13
N ALA C 220 -19.63 -3.93 29.52
CA ALA C 220 -18.89 -3.92 28.26
C ALA C 220 -17.46 -4.42 28.45
N PHE C 221 -16.86 -4.15 29.61
CA PHE C 221 -15.51 -4.65 29.88
C PHE C 221 -15.50 -6.17 29.96
N ARG C 222 -16.40 -6.73 30.76
CA ARG C 222 -16.43 -8.19 30.94
C ARG C 222 -16.83 -8.89 29.65
N LEU C 223 -17.86 -8.39 28.97
CA LEU C 223 -18.33 -9.04 27.75
C LEU C 223 -17.29 -8.97 26.64
N GLY C 224 -16.63 -7.81 26.49
CA GLY C 224 -15.61 -7.68 25.46
C GLY C 224 -14.42 -8.58 25.69
N TRP C 225 -14.00 -8.73 26.95
CA TRP C 225 -12.90 -9.63 27.27
C TRP C 225 -13.31 -11.09 27.06
N GLU C 226 -14.55 -11.42 27.42
CA GLU C 226 -15.03 -12.80 27.25
C GLU C 226 -15.06 -13.19 25.77
N LEU C 227 -15.51 -12.28 24.91
CA LEU C 227 -15.59 -12.59 23.49
C LEU C 227 -14.21 -12.77 22.88
N LYS C 228 -13.22 -12.02 23.36
CA LYS C 228 -11.86 -12.19 22.87
C LYS C 228 -11.33 -13.58 23.21
N GLU C 229 -11.61 -14.06 24.42
CA GLU C 229 -11.19 -15.41 24.79
C GLU C 229 -11.92 -16.48 24.00
N LEU C 230 -13.16 -16.18 23.57
CA LEU C 230 -13.92 -17.16 22.80
C LEU C 230 -13.49 -17.21 21.34
N SER C 231 -12.75 -16.21 20.86
CA SER C 231 -12.27 -16.23 19.49
C SER C 231 -11.12 -17.22 19.28
N LYS C 232 -10.50 -17.70 20.34
CA LYS C 232 -9.43 -18.69 20.23
C LYS C 232 -9.94 -20.11 20.37
N VAL C 233 -10.88 -20.34 21.30
CA VAL C 233 -11.45 -21.68 21.46
C VAL C 233 -12.26 -22.07 20.23
N GLU C 234 -13.11 -21.16 19.76
CA GLU C 234 -13.88 -21.38 18.55
C GLU C 234 -13.16 -20.75 17.36
N ASN C 235 -12.05 -21.40 16.98
CA ASN C 235 -11.19 -20.87 15.94
C ASN C 235 -11.86 -20.82 14.58
N GLU C 236 -12.90 -21.62 14.37
CA GLU C 236 -13.61 -21.58 13.08
C GLU C 236 -14.35 -20.27 12.90
N PHE C 237 -14.87 -19.69 13.99
CA PHE C 237 -15.65 -18.45 13.95
C PHE C 237 -14.84 -17.27 14.47
N LYS C 238 -13.55 -17.21 14.11
CA LYS C 238 -12.68 -16.17 14.64
C LYS C 238 -13.17 -14.78 14.26
N ALA C 239 -13.58 -14.60 13.00
CA ALA C 239 -13.95 -13.27 12.52
C ALA C 239 -15.18 -12.72 13.24
N GLU C 240 -16.18 -13.58 13.46
CA GLU C 240 -17.42 -13.10 14.06
C GLU C 240 -17.22 -12.68 15.51
N TYR C 241 -16.50 -13.49 16.30
CA TYR C 241 -16.31 -13.17 17.71
C TYR C 241 -15.39 -11.97 17.89
N GLU C 242 -14.36 -11.85 17.04
CA GLU C 242 -13.46 -10.70 17.15
C GLU C 242 -14.19 -9.41 16.83
N GLU C 243 -15.06 -9.42 15.82
CA GLU C 243 -15.83 -8.23 15.50
C GLU C 243 -16.76 -7.84 16.64
N LEU C 244 -17.37 -8.83 17.29
CA LEU C 244 -18.25 -8.54 18.42
C LEU C 244 -17.48 -7.93 19.59
N SER C 245 -16.25 -8.41 19.81
CA SER C 245 -15.43 -7.85 20.89
C SER C 245 -15.12 -6.38 20.64
N GLN C 246 -14.80 -6.02 19.40
CA GLN C 246 -14.55 -4.61 19.08
C GLN C 246 -15.80 -3.76 19.26
N GLN C 247 -16.99 -4.35 19.05
CA GLN C 247 -18.22 -3.62 19.27
C GLN C 247 -18.38 -3.22 20.73
N CYS C 248 -18.04 -4.12 21.65
CA CYS C 248 -18.15 -3.81 23.07
C CYS C 248 -17.11 -2.79 23.50
N LYS C 249 -15.91 -2.88 22.95
CA LYS C 249 -14.85 -1.94 23.31
C LYS C 249 -15.21 -0.51 22.90
N LEU C 250 -15.77 -0.35 21.70
CA LEU C 250 -16.13 0.98 21.23
C LEU C 250 -17.23 1.60 22.08
N PHE C 251 -18.19 0.79 22.52
CA PHE C 251 -19.30 1.31 23.32
C PHE C 251 -18.80 1.89 24.64
N ALA C 252 -17.84 1.21 25.29
CA ALA C 252 -17.32 1.72 26.54
C ALA C 252 -16.61 3.05 26.36
N LYS C 253 -15.81 3.19 25.29
CA LYS C 253 -15.12 4.44 25.04
C LYS C 253 -16.10 5.53 24.61
N ASP C 254 -17.08 5.18 23.76
CA ASP C 254 -18.06 6.16 23.32
C ASP C 254 -18.91 6.67 24.48
N LEU C 255 -19.24 5.80 25.42
CA LEU C 255 -19.98 6.23 26.60
C LEU C 255 -19.17 7.23 27.42
N LEU C 256 -17.87 6.99 27.58
CA LEU C 256 -17.02 7.90 28.34
C LEU C 256 -16.76 9.19 27.59
N ASP C 257 -16.88 9.19 26.26
CA ASP C 257 -16.66 10.39 25.47
C ASP C 257 -17.71 11.47 25.71
N GLN C 258 -18.82 11.13 26.37
CA GLN C 258 -19.91 12.08 26.59
C GLN C 258 -19.77 12.85 27.88
N ALA C 259 -18.69 12.66 28.64
CA ALA C 259 -18.47 13.44 29.85
C ALA C 259 -18.32 14.92 29.51
N ARG C 260 -18.99 15.76 30.28
CA ARG C 260 -19.02 17.19 30.01
C ARG C 260 -18.35 18.04 31.08
N SER C 261 -18.00 17.46 32.22
CA SER C 261 -17.36 18.21 33.30
C SER C 261 -16.34 17.32 33.99
N SER C 262 -15.33 17.95 34.59
CA SER C 262 -14.30 17.19 35.30
C SER C 262 -14.88 16.46 36.51
N ARG C 263 -15.97 17.00 37.08
CA ARG C 263 -16.64 16.30 38.17
C ARG C 263 -17.20 14.97 37.70
N GLU C 264 -17.80 14.93 36.50
CA GLU C 264 -18.34 13.69 35.98
C GLU C 264 -17.23 12.69 35.67
N LEU C 265 -16.12 13.16 35.12
CA LEU C 265 -15.03 12.25 34.75
C LEU C 265 -14.42 11.59 35.98
N GLU C 266 -14.24 12.34 37.06
CA GLU C 266 -13.64 11.77 38.26
C GLU C 266 -14.54 10.73 38.91
N ILE C 267 -15.86 10.91 38.82
CA ILE C 267 -16.78 9.94 39.40
C ILE C 267 -16.69 8.60 38.68
N ILE C 268 -16.61 8.64 37.36
CA ILE C 268 -16.56 7.40 36.58
C ILE C 268 -15.27 6.63 36.86
N LEU C 269 -14.14 7.33 36.90
CA LEU C 269 -12.86 6.66 37.04
C LEU C 269 -12.58 6.19 38.47
N ASN C 270 -13.16 6.83 39.48
CA ASN C 270 -12.92 6.49 40.87
C ASN C 270 -13.94 5.53 41.44
N HIS C 271 -14.91 5.07 40.64
CA HIS C 271 -15.96 4.20 41.16
C HIS C 271 -15.39 2.83 41.49
N ARG C 272 -15.77 2.31 42.66
CA ARG C 272 -15.37 0.98 43.10
C ARG C 272 -16.63 0.15 43.30
N ASP C 273 -16.70 -1.01 42.64
CA ASP C 273 -17.87 -1.87 42.77
C ASP C 273 -17.93 -2.55 44.13
N ASP C 274 -16.77 -2.90 44.69
CA ASP C 274 -16.71 -3.57 45.98
C ASP C 274 -17.12 -2.64 47.12
N ASP C 286 -6.97 5.23 44.54
CA ASP C 286 -8.02 5.77 43.67
C ASP C 286 -7.89 5.18 42.26
N LEU C 287 -8.70 5.72 41.33
CA LEU C 287 -8.73 5.27 39.95
C LEU C 287 -9.02 3.76 39.87
N ALA C 288 -9.99 3.32 40.66
CA ALA C 288 -10.33 1.90 40.70
C ALA C 288 -10.84 1.40 39.36
N LYS C 289 -11.68 2.19 38.70
CA LYS C 289 -12.22 1.78 37.40
C LYS C 289 -11.15 1.79 36.32
N LEU C 290 -10.15 2.67 36.44
CA LEU C 290 -9.07 2.69 35.47
C LEU C 290 -8.17 1.46 35.59
N LYS C 291 -7.98 0.97 36.82
CA LYS C 291 -7.21 -0.26 37.01
C LYS C 291 -7.93 -1.45 36.37
N VAL C 292 -9.26 -1.49 36.47
CA VAL C 292 -10.02 -2.56 35.84
C VAL C 292 -9.89 -2.49 34.32
N ALA C 293 -9.92 -1.28 33.76
CA ALA C 293 -9.78 -1.12 32.32
C ALA C 293 -8.42 -1.62 31.85
N ILE C 294 -7.36 -1.33 32.61
CA ILE C 294 -6.04 -1.84 32.27
C ILE C 294 -6.00 -3.36 32.41
N LYS C 295 -6.70 -3.90 33.41
CA LYS C 295 -6.71 -5.34 33.61
C LYS C 295 -7.40 -6.07 32.46
N TYR C 296 -8.41 -5.45 31.84
CA TYR C 296 -9.15 -6.06 30.76
C TYR C 296 -8.65 -5.65 29.38
N HIS C 297 -7.49 -4.99 29.31
CA HIS C 297 -6.86 -4.63 28.05
C HIS C 297 -7.77 -3.75 27.20
N GLN C 298 -8.41 -2.76 27.82
CA GLN C 298 -9.25 -1.79 27.11
C GLN C 298 -8.36 -0.62 26.70
N LYS C 299 -7.60 -0.85 25.63
CA LYS C 299 -6.63 0.15 25.19
C LYS C 299 -7.32 1.42 24.68
N GLU C 300 -8.43 1.27 23.96
CA GLU C 300 -9.15 2.44 23.47
C GLU C 300 -9.72 3.27 24.62
N PHE C 301 -10.23 2.60 25.65
CA PHE C 301 -10.79 3.31 26.80
C PHE C 301 -9.72 4.11 27.52
N VAL C 302 -8.56 3.52 27.75
CA VAL C 302 -7.50 4.19 28.49
C VAL C 302 -6.90 5.33 27.67
N ALA C 303 -6.63 5.09 26.39
CA ALA C 303 -5.96 6.08 25.54
C ALA C 303 -6.86 7.22 25.12
N GLN C 304 -8.06 7.31 25.67
CA GLN C 304 -8.94 8.43 25.36
C GLN C 304 -8.32 9.74 25.83
N PRO C 305 -8.36 10.79 25.01
CA PRO C 305 -7.66 12.04 25.39
C PRO C 305 -8.16 12.65 26.68
N ASN C 306 -9.45 12.49 27.00
CA ASN C 306 -9.96 13.04 28.25
C ASN C 306 -9.38 12.31 29.46
N CYS C 307 -9.22 10.99 29.35
CA CYS C 307 -8.61 10.23 30.44
C CYS C 307 -7.14 10.55 30.59
N GLN C 308 -6.44 10.78 29.48
CA GLN C 308 -5.00 11.05 29.55
C GLN C 308 -4.72 12.40 30.21
N GLN C 309 -5.59 13.39 29.99
CA GLN C 309 -5.38 14.70 30.58
C GLN C 309 -5.43 14.63 32.11
N LEU C 310 -6.37 13.85 32.65
CA LEU C 310 -6.44 13.70 34.11
C LEU C 310 -5.20 12.98 34.64
N LEU C 311 -4.70 11.98 33.91
CA LEU C 311 -3.51 11.26 34.35
C LEU C 311 -2.29 12.17 34.35
N ALA C 312 -2.15 13.02 33.33
CA ALA C 312 -1.02 13.94 33.27
C ALA C 312 -1.03 14.95 34.40
N THR C 313 -2.21 15.29 34.93
CA THR C 313 -2.29 16.20 36.06
C THR C 313 -1.61 15.59 37.29
N LEU C 314 -1.85 14.31 37.55
CA LEU C 314 -1.22 13.65 38.69
C LEU C 314 0.24 13.32 38.44
N TRP C 315 0.59 12.98 37.20
CA TRP C 315 1.99 12.67 36.87
C TRP C 315 2.88 13.89 37.04
N TYR C 316 2.40 15.06 36.63
CA TYR C 316 3.14 16.33 36.72
C TYR C 316 2.71 17.15 37.93
N ASP C 317 2.45 16.48 39.06
CA ASP C 317 1.88 17.17 40.22
C ASP C 317 2.76 18.33 40.67
N GLY C 318 4.08 18.12 40.75
CA GLY C 318 4.95 19.18 41.22
C GLY C 318 5.02 20.37 40.29
N PHE C 319 5.10 20.13 38.98
CA PHE C 319 5.26 21.19 38.01
C PHE C 319 3.93 21.44 37.31
N PRO C 320 3.25 22.56 37.57
CA PRO C 320 1.93 22.77 36.94
C PRO C 320 2.00 23.10 35.47
N GLY C 321 3.10 23.71 35.00
CA GLY C 321 3.17 24.15 33.62
C GLY C 321 4.25 23.48 32.80
N TRP C 322 4.42 22.17 32.97
CA TRP C 322 5.46 21.45 32.25
C TRP C 322 5.19 21.41 30.74
N ARG C 323 3.92 21.41 30.33
CA ARG C 323 3.61 21.37 28.91
C ARG C 323 4.09 22.62 28.19
N ARG C 324 3.94 23.79 28.82
CA ARG C 324 4.27 25.06 28.17
C ARG C 324 5.75 25.40 28.24
N LYS C 325 6.56 24.63 28.97
CA LYS C 325 7.96 24.95 29.12
C LYS C 325 8.73 24.67 27.82
N HIS C 326 9.82 25.39 27.63
CA HIS C 326 10.68 25.18 26.48
C HIS C 326 11.43 23.87 26.60
N TRP C 327 11.84 23.33 25.45
CA TRP C 327 12.57 22.05 25.46
C TRP C 327 13.95 22.21 26.08
N VAL C 328 14.54 23.41 25.99
CA VAL C 328 15.84 23.63 26.61
C VAL C 328 15.73 23.63 28.13
N VAL C 329 14.76 24.40 28.67
CA VAL C 329 14.60 24.45 30.11
C VAL C 329 14.08 23.12 30.66
N LYS C 330 13.24 22.42 29.89
CA LYS C 330 12.82 21.09 30.29
C LYS C 330 14.02 20.14 30.35
N LEU C 331 14.91 20.23 29.37
CA LEU C 331 16.09 19.36 29.37
C LEU C 331 17.03 19.73 30.51
N LEU C 332 17.33 21.03 30.66
CA LEU C 332 18.30 21.44 31.67
C LEU C 332 17.84 21.08 33.07
N THR C 333 16.54 21.23 33.35
CA THR C 333 16.02 20.90 34.68
C THR C 333 16.00 19.41 34.95
N CYS C 334 16.20 18.56 33.94
CA CYS C 334 16.13 17.12 34.15
C CYS C 334 17.25 16.63 35.08
N MET C 335 18.48 17.06 34.84
CA MET C 335 19.58 16.67 35.71
C MET C 335 19.57 17.41 37.05
N THR C 336 18.72 18.42 37.22
CA THR C 336 18.66 19.10 38.51
C THR C 336 18.18 18.16 39.60
N ILE C 337 17.05 17.49 39.38
CA ILE C 337 16.60 16.48 40.33
C ILE C 337 17.51 15.25 40.28
N GLY C 338 18.00 14.90 39.08
CA GLY C 338 18.83 13.72 38.96
C GLY C 338 20.13 13.83 39.73
N PHE C 339 20.76 15.00 39.69
CA PHE C 339 22.04 15.17 40.39
C PHE C 339 21.85 15.14 41.91
N LEU C 340 20.73 15.66 42.40
CA LEU C 340 20.45 15.68 43.84
C LEU C 340 19.57 14.51 44.28
N PHE C 341 19.60 13.40 43.54
CA PHE C 341 18.82 12.24 43.95
C PHE C 341 19.20 11.71 45.33
N PRO C 342 20.47 11.62 45.74
CA PRO C 342 20.74 11.16 47.11
C PRO C 342 20.18 12.08 48.18
N MET C 343 20.14 13.40 47.92
CA MET C 343 19.67 14.34 48.93
C MET C 343 18.19 14.14 49.23
N LEU C 344 17.37 13.96 48.20
CA LEU C 344 15.94 13.72 48.44
C LEU C 344 15.70 12.35 49.05
N SER C 345 16.50 11.35 48.64
CA SER C 345 16.30 10.00 49.17
C SER C 345 16.53 9.94 50.67
N ILE C 346 17.60 10.57 51.15
CA ILE C 346 17.87 10.57 52.58
C ILE C 346 16.86 11.43 53.33
N ALA C 347 16.33 12.47 52.66
CA ALA C 347 15.35 13.33 53.31
C ALA C 347 14.07 12.58 53.65
N TYR C 348 13.65 11.68 52.76
CA TYR C 348 12.43 10.90 53.01
C TYR C 348 12.61 9.98 54.21
N LEU C 349 13.79 9.40 54.38
CA LEU C 349 14.02 8.47 55.48
C LEU C 349 13.99 9.18 56.82
N ILE C 350 14.70 10.30 56.95
CA ILE C 350 14.83 10.95 58.24
C ILE C 350 13.59 11.78 58.60
N SER C 351 12.84 12.27 57.62
CA SER C 351 11.68 13.11 57.87
C SER C 351 10.69 12.98 56.72
N PRO C 352 9.85 11.95 56.75
CA PRO C 352 8.82 11.82 55.70
C PRO C 352 7.86 12.98 55.64
N ARG C 353 7.58 13.63 56.77
CA ARG C 353 6.61 14.71 56.83
C ARG C 353 7.21 16.07 56.44
N SER C 354 8.53 16.15 56.27
CA SER C 354 9.15 17.42 55.95
C SER C 354 8.81 17.86 54.53
N ASN C 355 8.83 19.17 54.30
CA ASN C 355 8.53 19.69 52.97
C ASN C 355 9.56 19.25 51.95
N LEU C 356 10.84 19.20 52.35
CA LEU C 356 11.87 18.70 51.45
C LEU C 356 11.63 17.23 51.10
N GLY C 357 11.09 16.47 52.04
CA GLY C 357 10.73 15.08 51.78
C GLY C 357 9.43 14.90 51.05
N LEU C 358 8.66 15.98 50.84
CA LEU C 358 7.42 15.89 50.10
C LEU C 358 7.64 15.75 48.60
N PHE C 359 8.84 16.05 48.11
CA PHE C 359 9.10 15.99 46.68
C PHE C 359 9.14 14.56 46.16
N ILE C 360 9.65 13.63 46.98
CA ILE C 360 10.02 12.31 46.45
C ILE C 360 8.80 11.52 45.99
N LYS C 361 7.68 11.61 46.71
CA LYS C 361 6.51 10.83 46.34
C LYS C 361 5.71 11.44 45.20
N LYS C 362 6.10 12.59 44.69
CA LYS C 362 5.52 13.09 43.46
C LYS C 362 5.90 12.15 42.32
N PRO C 363 4.93 11.73 41.48
CA PRO C 363 5.24 10.67 40.50
C PRO C 363 6.37 11.01 39.54
N PHE C 364 6.49 12.26 39.11
CA PHE C 364 7.55 12.61 38.17
C PHE C 364 8.91 12.64 38.86
N ILE C 365 8.96 13.14 40.09
CA ILE C 365 10.22 13.17 40.83
C ILE C 365 10.70 11.76 41.13
N LYS C 366 9.79 10.87 41.49
CA LYS C 366 10.17 9.49 41.80
C LYS C 366 10.75 8.80 40.56
N PHE C 367 10.15 9.03 39.40
CA PHE C 367 10.66 8.43 38.17
C PHE C 367 12.06 8.93 37.85
N ILE C 368 12.30 10.23 38.03
CA ILE C 368 13.62 10.79 37.76
C ILE C 368 14.64 10.23 38.74
N CYS C 369 14.28 10.15 40.02
CA CYS C 369 15.20 9.65 41.03
C CYS C 369 15.57 8.19 40.77
N HIS C 370 14.59 7.36 40.42
CA HIS C 370 14.87 5.96 40.14
C HIS C 370 15.76 5.81 38.92
N THR C 371 15.50 6.60 37.86
CA THR C 371 16.34 6.54 36.68
C THR C 371 17.76 7.02 36.99
N ALA C 372 17.88 8.08 37.78
CA ALA C 372 19.21 8.59 38.15
C ALA C 372 19.97 7.57 38.98
N SER C 373 19.27 6.89 39.90
CA SER C 373 19.93 5.86 40.70
C SER C 373 20.40 4.70 39.85
N TYR C 374 19.59 4.27 38.89
CA TYR C 374 19.98 3.20 38.00
C TYR C 374 21.14 3.62 37.10
N LEU C 375 21.13 4.86 36.62
CA LEU C 375 22.22 5.35 35.78
C LEU C 375 23.54 5.39 36.56
N THR C 376 23.47 5.61 37.87
CA THR C 376 24.68 5.55 38.70
C THR C 376 25.27 4.13 38.68
N PHE C 377 24.41 3.12 38.71
CA PHE C 377 24.87 1.74 38.64
C PHE C 377 25.60 1.47 37.33
N LEU C 378 25.03 1.91 36.21
CA LEU C 378 25.65 1.66 34.92
C LEU C 378 26.97 2.43 34.77
N PHE C 379 27.00 3.67 35.22
CA PHE C 379 28.23 4.45 35.16
C PHE C 379 29.31 3.82 36.03
N MET C 380 28.94 3.36 37.23
CA MET C 380 29.90 2.75 38.12
C MET C 380 30.34 1.37 37.65
N LEU C 381 29.56 0.73 36.76
CA LEU C 381 30.02 -0.47 36.09
C LEU C 381 31.15 -0.15 35.11
N LEU C 382 31.06 1.00 34.44
CA LEU C 382 32.06 1.39 33.46
C LEU C 382 33.43 1.58 34.10
N LEU C 383 33.49 1.91 35.40
CA LEU C 383 34.75 2.08 36.09
C LEU C 383 35.30 0.77 36.66
N ALA C 384 34.53 -0.32 36.60
CA ALA C 384 34.99 -1.60 37.11
C ALA C 384 36.00 -2.28 36.20
N SER C 385 36.17 -1.80 34.96
CA SER C 385 37.08 -2.41 34.00
C SER C 385 38.40 -1.64 33.88
N GLN C 386 38.61 -0.63 34.72
CA GLN C 386 39.84 0.16 34.65
C GLN C 386 40.47 0.45 36.00
N HIS C 387 39.85 0.07 37.11
CA HIS C 387 40.36 0.37 38.44
C HIS C 387 41.19 -0.76 39.03
N ILE C 388 41.43 -1.84 38.29
CA ILE C 388 42.20 -2.99 38.78
C ILE C 388 43.62 -2.87 38.25
N VAL C 389 44.58 -3.03 39.16
CA VAL C 389 45.99 -2.90 38.79
C VAL C 389 46.46 -4.16 38.07
N ARG C 390 47.53 -4.01 37.30
CA ARG C 390 48.12 -5.14 36.59
C ARG C 390 48.78 -6.14 37.53
N THR C 391 49.22 -5.69 38.70
CA THR C 391 49.95 -6.57 39.61
C THR C 391 49.08 -7.73 40.09
N ASP C 392 47.81 -7.48 40.40
CA ASP C 392 46.91 -8.50 40.91
C ASP C 392 46.20 -9.27 39.80
N LEU C 393 46.72 -9.21 38.57
CA LEU C 393 46.13 -9.96 37.47
C LEU C 393 46.32 -11.46 37.63
N HIS C 394 47.34 -11.88 38.36
CA HIS C 394 47.66 -13.30 38.52
C HIS C 394 47.14 -13.88 39.83
N VAL C 395 46.34 -13.12 40.58
CA VAL C 395 45.85 -13.59 41.87
C VAL C 395 44.63 -14.48 41.66
N GLN C 396 44.59 -15.59 42.39
CA GLN C 396 43.49 -16.54 42.32
C GLN C 396 42.57 -16.35 43.51
N GLY C 397 41.27 -16.19 43.24
CA GLY C 397 40.31 -15.90 44.27
C GLY C 397 40.59 -14.60 44.99
N PRO C 398 40.47 -13.49 44.28
CA PRO C 398 40.83 -12.19 44.86
C PRO C 398 39.71 -11.68 45.75
N PRO C 399 40.02 -10.78 46.68
CA PRO C 399 38.97 -10.12 47.46
C PRO C 399 38.21 -9.12 46.60
N PRO C 400 37.02 -8.69 47.04
CA PRO C 400 36.28 -7.68 46.26
C PRO C 400 37.10 -6.41 46.08
N THR C 401 37.02 -5.85 44.88
CA THR C 401 37.82 -4.68 44.53
C THR C 401 37.13 -3.41 45.02
N VAL C 402 37.69 -2.25 44.67
CA VAL C 402 37.14 -0.97 45.12
C VAL C 402 35.86 -0.59 44.40
N VAL C 403 35.56 -1.24 43.27
CA VAL C 403 34.34 -0.96 42.53
C VAL C 403 33.25 -1.98 42.82
N GLU C 404 33.64 -3.25 43.00
CA GLU C 404 32.66 -4.29 43.30
C GLU C 404 32.02 -4.05 44.67
N TRP C 405 32.76 -3.46 45.60
CA TRP C 405 32.22 -3.23 46.94
C TRP C 405 31.01 -2.30 46.90
N MET C 406 31.09 -1.24 46.12
CA MET C 406 29.95 -0.33 45.98
C MET C 406 28.87 -0.85 45.04
N ILE C 407 29.19 -1.85 44.22
CA ILE C 407 28.17 -2.53 43.43
C ILE C 407 27.26 -3.35 44.35
N LEU C 408 27.82 -3.91 45.42
CA LEU C 408 27.08 -4.85 46.26
C LEU C 408 25.78 -4.26 46.82
N PRO C 409 25.74 -3.04 47.37
CA PRO C 409 24.45 -2.52 47.86
C PRO C 409 23.39 -2.44 46.77
N TRP C 410 23.78 -2.08 45.54
CA TRP C 410 22.82 -2.03 44.44
C TRP C 410 22.29 -3.42 44.12
N VAL C 411 23.16 -4.42 44.11
CA VAL C 411 22.75 -5.78 43.74
C VAL C 411 21.73 -6.32 44.74
N LEU C 412 21.98 -6.12 46.03
CA LEU C 412 21.00 -6.51 47.03
C LEU C 412 19.70 -5.73 46.90
N GLY C 413 19.79 -4.46 46.48
CA GLY C 413 18.58 -3.69 46.28
C GLY C 413 17.69 -4.25 45.19
N PHE C 414 18.29 -4.71 44.09
CA PHE C 414 17.50 -5.30 43.02
C PHE C 414 16.94 -6.66 43.44
N ILE C 415 17.76 -7.48 44.10
CA ILE C 415 17.29 -8.80 44.54
C ILE C 415 16.18 -8.66 45.57
N TRP C 416 16.35 -7.74 46.53
CA TRP C 416 15.30 -7.52 47.53
C TRP C 416 14.04 -6.99 46.89
N GLY C 417 14.17 -6.07 45.93
CA GLY C 417 13.02 -5.55 45.23
C GLY C 417 12.43 -6.46 44.18
N GLU C 418 13.17 -7.49 43.77
CA GLU C 418 12.66 -8.41 42.76
C GLU C 418 11.57 -9.31 43.33
N ILE C 419 11.78 -9.83 44.54
CA ILE C 419 10.77 -10.70 45.15
C ILE C 419 9.53 -9.91 45.53
N LYS C 420 9.69 -8.64 45.90
CA LYS C 420 8.54 -7.84 46.33
C LYS C 420 7.51 -7.70 45.22
N GLU C 421 7.97 -7.38 44.00
CA GLU C 421 7.04 -7.31 42.88
C GLU C 421 6.57 -8.69 42.46
N MET C 422 7.39 -9.72 42.69
CA MET C 422 6.94 -11.09 42.44
C MET C 422 5.89 -11.52 43.45
N TRP C 423 6.06 -11.13 44.72
CA TRP C 423 5.13 -11.53 45.76
C TRP C 423 3.75 -10.91 45.55
N ASP C 424 3.71 -9.64 45.14
CA ASP C 424 2.43 -8.94 45.00
C ASP C 424 1.57 -9.57 43.91
N GLY C 425 2.17 -9.86 42.75
CA GLY C 425 1.43 -10.41 41.63
C GLY C 425 1.42 -11.92 41.53
N GLY C 426 2.23 -12.61 42.32
CA GLY C 426 2.34 -14.05 42.24
C GLY C 426 3.28 -14.50 41.15
N PHE C 427 3.55 -15.81 41.14
CA PHE C 427 4.48 -16.37 40.16
C PHE C 427 3.86 -16.35 38.75
N THR C 428 2.56 -16.57 38.65
CA THR C 428 1.91 -16.63 37.35
C THR C 428 2.01 -15.30 36.61
N GLU C 429 1.80 -14.20 37.32
CA GLU C 429 1.87 -12.88 36.69
C GLU C 429 3.28 -12.51 36.27
N TYR C 430 4.29 -13.22 36.78
CA TYR C 430 5.68 -12.84 36.52
C TYR C 430 6.06 -13.06 35.06
N ILE C 431 5.75 -14.23 34.51
CA ILE C 431 6.30 -14.62 33.21
C ILE C 431 5.69 -13.82 32.05
N HIS C 432 4.52 -13.21 32.25
CA HIS C 432 3.84 -12.56 31.13
C HIS C 432 4.66 -11.40 30.56
N ASP C 433 5.29 -10.61 31.41
CA ASP C 433 6.05 -9.46 30.96
C ASP C 433 7.40 -9.89 30.39
N TRP C 434 7.67 -9.49 29.15
CA TRP C 434 8.94 -9.85 28.52
C TRP C 434 10.12 -9.20 29.22
N TRP C 435 9.99 -7.92 29.59
CA TRP C 435 11.06 -7.26 30.35
C TRP C 435 11.27 -7.88 31.72
N ASN C 436 10.25 -8.57 32.25
CA ASN C 436 10.38 -9.18 33.56
C ASN C 436 11.27 -10.42 33.53
N LEU C 437 11.31 -11.11 32.39
CA LEU C 437 12.24 -12.23 32.24
C LEU C 437 13.69 -11.76 32.29
N MET C 438 13.96 -10.58 31.74
CA MET C 438 15.32 -10.05 31.75
C MET C 438 15.81 -9.81 33.17
N ASP C 439 14.92 -9.37 34.06
CA ASP C 439 15.31 -9.14 35.45
C ASP C 439 15.74 -10.43 36.13
N PHE C 440 15.00 -11.52 35.90
CA PHE C 440 15.31 -12.77 36.58
C PHE C 440 16.63 -13.35 36.09
N ALA C 441 16.86 -13.32 34.77
CA ALA C 441 18.13 -13.81 34.23
C ALA C 441 19.29 -12.94 34.69
N MET C 442 19.12 -11.62 34.68
CA MET C 442 20.18 -10.73 35.11
C MET C 442 20.49 -10.90 36.61
N ASN C 443 19.45 -11.01 37.44
CA ASN C 443 19.66 -11.14 38.87
C ASN C 443 20.31 -12.48 39.21
N SER C 444 19.89 -13.55 38.53
CA SER C 444 20.48 -14.87 38.79
C SER C 444 21.96 -14.89 38.45
N LEU C 445 22.35 -14.22 37.35
CA LEU C 445 23.76 -14.16 36.99
C LEU C 445 24.56 -13.39 38.04
N TYR C 446 23.99 -12.30 38.57
CA TYR C 446 24.66 -11.55 39.62
C TYR C 446 24.85 -12.41 40.87
N LEU C 447 23.82 -13.17 41.24
CA LEU C 447 23.94 -14.04 42.40
C LEU C 447 24.96 -15.15 42.16
N ALA C 448 24.98 -15.71 40.94
CA ALA C 448 25.96 -16.73 40.61
C ALA C 448 27.39 -16.17 40.65
N THR C 449 27.55 -14.93 40.21
CA THR C 449 28.88 -14.31 40.24
C THR C 449 29.37 -14.15 41.68
N ILE C 450 28.50 -13.71 42.58
CA ILE C 450 28.91 -13.54 43.98
C ILE C 450 29.22 -14.89 44.61
N SER C 451 28.43 -15.92 44.26
CA SER C 451 28.65 -17.25 44.83
C SER C 451 30.01 -17.80 44.41
N LEU C 452 30.40 -17.61 43.14
CA LEU C 452 31.66 -18.16 42.66
C LEU C 452 32.85 -17.37 43.17
N LYS C 453 32.69 -16.04 43.31
CA LYS C 453 33.81 -15.22 43.76
C LYS C 453 34.24 -15.56 45.18
N ILE C 454 33.26 -15.75 46.07
CA ILE C 454 33.61 -16.14 47.44
C ILE C 454 34.08 -17.59 47.50
N MET C 455 33.54 -18.45 46.63
CA MET C 455 33.97 -19.85 46.62
C MET C 455 35.43 -19.96 46.22
N ALA C 456 35.87 -19.19 45.23
CA ALA C 456 37.27 -19.20 44.83
C ALA C 456 38.17 -18.46 45.81
N TYR C 457 37.60 -17.60 46.67
CA TYR C 457 38.38 -16.85 47.64
C TYR C 457 38.86 -17.73 48.80
N VAL C 458 38.16 -18.83 49.07
CA VAL C 458 38.48 -19.66 50.22
C VAL C 458 39.25 -20.93 49.85
N LYS C 459 39.19 -21.36 48.60
CA LYS C 459 39.87 -22.59 48.18
C LYS C 459 41.21 -22.31 47.53
N TYR C 460 41.45 -21.07 47.09
CA TYR C 460 42.74 -20.64 46.58
C TYR C 460 43.30 -19.53 47.46
N ASN C 461 44.59 -19.60 47.74
CA ASN C 461 45.26 -18.60 48.56
C ASN C 461 46.45 -17.96 47.86
N GLY C 462 47.26 -18.73 47.15
CA GLY C 462 48.44 -18.20 46.50
C GLY C 462 48.14 -17.57 45.15
N SER C 463 49.18 -17.00 44.56
CA SER C 463 49.10 -16.37 43.25
C SER C 463 49.82 -17.24 42.23
N ARG C 464 49.15 -17.54 41.13
CA ARG C 464 49.69 -18.36 40.06
C ARG C 464 49.49 -17.65 38.73
N PRO C 465 50.45 -17.73 37.81
CA PRO C 465 50.30 -17.04 36.52
C PRO C 465 49.06 -17.49 35.79
N ARG C 466 48.39 -16.52 35.15
CA ARG C 466 47.10 -16.76 34.52
C ARG C 466 47.20 -17.70 33.33
N GLU C 467 48.40 -17.91 32.79
CA GLU C 467 48.53 -18.70 31.56
C GLU C 467 48.26 -20.18 31.80
N GLU C 468 48.49 -20.67 33.01
CA GLU C 468 48.36 -22.09 33.32
C GLU C 468 47.11 -22.42 34.12
N TRP C 469 46.14 -21.50 34.19
CA TRP C 469 44.90 -21.78 34.90
C TRP C 469 44.08 -22.81 34.12
N GLU C 470 43.24 -23.53 34.86
CA GLU C 470 42.37 -24.52 34.22
C GLU C 470 41.31 -23.82 33.38
N MET C 471 40.77 -24.56 32.41
CA MET C 471 39.82 -23.98 31.47
C MET C 471 38.43 -23.79 32.11
N TRP C 472 38.12 -24.53 33.17
CA TRP C 472 36.93 -24.32 33.98
C TRP C 472 37.26 -23.67 35.32
N HIS C 473 38.24 -22.77 35.34
CA HIS C 473 38.65 -22.14 36.58
C HIS C 473 37.51 -21.30 37.13
N PRO C 474 37.24 -21.38 38.45
CA PRO C 474 36.12 -20.61 39.02
C PRO C 474 36.23 -19.10 38.81
N THR C 475 37.45 -18.55 38.87
CA THR C 475 37.62 -17.13 38.61
C THR C 475 37.28 -16.79 37.17
N LEU C 476 37.68 -17.64 36.22
CA LEU C 476 37.36 -17.41 34.82
C LEU C 476 35.87 -17.44 34.58
N ILE C 477 35.17 -18.38 35.21
CA ILE C 477 33.72 -18.46 35.05
C ILE C 477 33.04 -17.24 35.65
N ALA C 478 33.50 -16.80 36.82
CA ALA C 478 32.89 -15.65 37.47
C ALA C 478 33.02 -14.39 36.62
N GLU C 479 34.20 -14.18 36.03
CA GLU C 479 34.39 -13.00 35.18
C GLU C 479 33.56 -13.08 33.91
N ALA C 480 33.30 -14.29 33.41
CA ALA C 480 32.47 -14.43 32.23
C ALA C 480 31.01 -14.14 32.53
N LEU C 481 30.49 -14.65 33.66
CA LEU C 481 29.11 -14.40 34.01
C LEU C 481 28.87 -12.94 34.37
N PHE C 482 29.85 -12.31 35.02
CA PHE C 482 29.71 -10.89 35.37
C PHE C 482 29.64 -10.03 34.11
N ALA C 483 30.43 -10.34 33.09
CA ALA C 483 30.41 -9.58 31.85
C ALA C 483 29.09 -9.78 31.12
N ILE C 484 28.55 -11.00 31.11
CA ILE C 484 27.29 -11.25 30.42
C ILE C 484 26.16 -10.45 31.06
N SER C 485 26.09 -10.43 32.38
CA SER C 485 25.05 -9.68 33.08
C SER C 485 25.20 -8.17 32.86
N ASN C 486 26.39 -7.69 32.54
CA ASN C 486 26.57 -6.27 32.26
C ASN C 486 25.84 -5.86 30.99
N ILE C 487 25.73 -6.77 30.02
CA ILE C 487 24.97 -6.47 28.80
C ILE C 487 23.49 -6.38 29.11
N LEU C 488 22.97 -7.31 29.92
CA LEU C 488 21.55 -7.29 30.26
C LEU C 488 21.18 -6.05 31.06
N SER C 489 22.05 -5.64 31.99
CA SER C 489 21.79 -4.45 32.79
C SER C 489 21.72 -3.21 31.92
N SER C 490 22.61 -3.09 30.94
CA SER C 490 22.61 -1.91 30.07
C SER C 490 21.47 -1.95 29.07
N LEU C 491 20.96 -3.14 28.75
CA LEU C 491 19.88 -3.26 27.78
C LEU C 491 18.52 -2.94 28.39
N ARG C 492 18.41 -2.79 29.71
CA ARG C 492 17.14 -2.44 30.33
C ARG C 492 16.77 -0.98 30.14
N LEU C 493 17.69 -0.14 29.65
CA LEU C 493 17.35 1.26 29.40
C LEU C 493 16.35 1.42 28.26
N ILE C 494 16.11 0.37 27.46
CA ILE C 494 15.11 0.45 26.40
C ILE C 494 13.72 0.64 26.99
N SER C 495 13.45 0.02 28.15
CA SER C 495 12.13 0.15 28.77
C SER C 495 11.81 1.57 29.19
N LEU C 496 12.82 2.43 29.33
CA LEU C 496 12.59 3.82 29.69
C LEU C 496 12.19 4.68 28.50
N PHE C 497 12.25 4.13 27.28
CA PHE C 497 11.84 4.90 26.10
C PHE C 497 10.35 5.16 26.08
N THR C 498 9.57 4.43 26.87
CA THR C 498 8.11 4.60 26.85
C THR C 498 7.70 5.99 27.33
N ALA C 499 8.45 6.56 28.26
CA ALA C 499 8.11 7.88 28.78
C ALA C 499 8.20 8.95 27.71
N ASN C 500 9.22 8.88 26.86
CA ASN C 500 9.41 9.90 25.83
C ASN C 500 8.36 9.78 24.73
N SER C 501 7.97 10.92 24.18
CA SER C 501 6.95 10.99 23.15
C SER C 501 7.47 10.71 21.75
N HIS C 502 8.79 10.71 21.56
CA HIS C 502 9.39 10.45 20.26
C HIS C 502 9.88 9.01 20.12
N LEU C 503 10.68 8.54 21.08
CA LEU C 503 11.15 7.16 21.07
C LEU C 503 10.12 6.18 21.60
N GLY C 504 9.05 6.68 22.22
CA GLY C 504 8.02 5.83 22.76
C GLY C 504 7.30 5.00 21.72
N PRO C 505 6.62 5.65 20.78
CA PRO C 505 5.88 4.90 19.75
C PRO C 505 6.76 3.97 18.93
N LEU C 506 8.00 4.36 18.66
CA LEU C 506 8.89 3.52 17.86
C LEU C 506 9.34 2.30 18.65
N GLN C 507 9.65 2.47 19.94
CA GLN C 507 10.06 1.34 20.76
C GLN C 507 8.94 0.33 20.92
N ILE C 508 7.71 0.81 21.12
CA ILE C 508 6.58 -0.10 21.29
C ILE C 508 6.34 -0.89 20.01
N SER C 509 6.36 -0.21 18.86
CA SER C 509 6.19 -0.89 17.58
C SER C 509 7.38 -1.77 17.23
N LEU C 510 8.54 -1.49 17.81
CA LEU C 510 9.71 -2.33 17.55
C LEU C 510 9.52 -3.74 18.09
N GLY C 511 8.97 -3.86 19.31
CA GLY C 511 8.75 -5.16 19.89
C GLY C 511 7.50 -5.87 19.41
N ARG C 512 6.52 -5.10 18.89
CA ARG C 512 5.31 -5.73 18.37
C ARG C 512 5.58 -6.55 17.12
N MET C 513 6.52 -6.11 16.29
CA MET C 513 6.92 -6.85 15.11
C MET C 513 8.03 -7.87 15.40
N LEU C 514 8.58 -7.86 16.62
CA LEU C 514 9.56 -8.87 17.00
C LEU C 514 8.94 -10.26 16.99
N LEU C 515 7.70 -10.39 17.49
CA LEU C 515 7.05 -11.69 17.57
C LEU C 515 6.85 -12.33 16.20
N ASP C 516 6.82 -11.54 15.14
CA ASP C 516 6.78 -12.09 13.79
C ASP C 516 8.13 -12.65 13.37
N ILE C 517 9.22 -12.14 13.95
CA ILE C 517 10.55 -12.64 13.62
C ILE C 517 10.75 -14.05 14.16
N LEU C 518 10.28 -14.31 15.38
CA LEU C 518 10.44 -15.64 15.97
C LEU C 518 9.76 -16.71 15.13
N LYS C 519 8.69 -16.37 14.42
CA LYS C 519 8.04 -17.34 13.55
C LYS C 519 8.95 -17.75 12.39
N PHE C 520 9.79 -16.83 11.90
CA PHE C 520 10.73 -17.17 10.85
C PHE C 520 11.95 -17.91 11.39
N LEU C 521 12.29 -17.72 12.66
CA LEU C 521 13.45 -18.41 13.23
C LEU C 521 13.25 -19.92 13.28
N PHE C 522 11.99 -20.39 13.27
CA PHE C 522 11.76 -21.82 13.25
C PHE C 522 12.14 -22.44 11.91
N ILE C 523 11.82 -21.75 10.81
CA ILE C 523 12.15 -22.26 9.49
C ILE C 523 13.66 -22.28 9.30
N TYR C 524 14.34 -21.20 9.68
CA TYR C 524 15.79 -21.13 9.50
C TYR C 524 16.50 -22.17 10.34
N CYS C 525 16.04 -22.37 11.59
CA CYS C 525 16.70 -23.33 12.47
C CYS C 525 16.59 -24.76 11.95
N LEU C 526 15.61 -25.05 11.10
CA LEU C 526 15.52 -26.36 10.47
C LEU C 526 16.31 -26.42 9.17
N VAL C 527 16.34 -25.33 8.40
CA VAL C 527 17.18 -25.27 7.22
C VAL C 527 18.65 -25.35 7.61
N LEU C 528 19.03 -24.64 8.67
CA LEU C 528 20.40 -24.70 9.16
C LEU C 528 20.76 -26.11 9.61
N LEU C 529 19.85 -26.78 10.32
CA LEU C 529 20.13 -28.13 10.80
C LEU C 529 20.25 -29.12 9.65
N ALA C 530 19.44 -28.95 8.60
CA ALA C 530 19.47 -29.88 7.48
C ALA C 530 20.82 -29.85 6.77
N PHE C 531 21.34 -28.65 6.52
CA PHE C 531 22.62 -28.53 5.82
C PHE C 531 23.80 -28.83 6.73
N ALA C 532 23.70 -28.53 8.02
CA ALA C 532 24.79 -28.83 8.95
C ALA C 532 25.00 -30.33 9.08
N ASN C 533 23.91 -31.10 9.11
CA ASN C 533 24.02 -32.55 9.20
C ASN C 533 24.70 -33.12 7.96
N GLY C 534 24.32 -32.63 6.78
CA GLY C 534 24.94 -33.13 5.56
C GLY C 534 26.41 -32.77 5.44
N LEU C 535 26.76 -31.52 5.77
CA LEU C 535 28.15 -31.09 5.66
C LEU C 535 29.04 -31.84 6.64
N ASN C 536 28.57 -32.06 7.87
CA ASN C 536 29.37 -32.77 8.86
C ASN C 536 29.61 -34.21 8.45
N GLN C 537 28.60 -34.86 7.87
CA GLN C 537 28.74 -36.26 7.50
C GLN C 537 29.75 -36.46 6.37
N LEU C 538 29.84 -35.49 5.45
CA LEU C 538 30.78 -35.61 4.35
C LEU C 538 32.21 -35.32 4.79
N TYR C 539 32.39 -34.40 5.74
CA TYR C 539 33.70 -33.87 6.07
C TYR C 539 34.31 -34.45 7.34
N PHE C 540 33.60 -35.32 8.05
CA PHE C 540 34.13 -35.80 9.33
C PHE C 540 35.21 -36.85 9.17
N TYR C 541 35.40 -37.38 7.97
CA TYR C 541 36.47 -38.35 7.74
C TYR C 541 37.86 -37.71 7.75
N TYR C 542 37.94 -36.38 7.66
CA TYR C 542 39.21 -35.69 7.47
C TYR C 542 39.54 -34.77 8.65
N GLU C 543 39.06 -35.12 9.85
CA GLU C 543 39.40 -34.33 11.02
C GLU C 543 40.88 -34.47 11.35
N THR C 544 41.51 -33.35 11.71
CA THR C 544 42.92 -33.33 12.04
C THR C 544 43.11 -32.80 13.45
N ARG C 545 44.15 -33.30 14.11
CA ARG C 545 44.47 -32.86 15.47
C ARG C 545 45.05 -31.45 15.44
N ALA C 546 44.93 -30.76 16.58
CA ALA C 546 45.45 -29.40 16.68
C ALA C 546 46.97 -29.36 16.64
N ILE C 547 47.65 -30.47 16.91
CA ILE C 547 49.10 -30.48 16.87
C ILE C 547 49.62 -30.23 15.46
N ASP C 548 48.99 -30.85 14.46
CA ASP C 548 49.42 -30.69 13.07
C ASP C 548 49.07 -29.33 12.49
N GLU C 549 48.23 -28.55 13.16
CA GLU C 549 47.85 -27.25 12.64
C GLU C 549 49.01 -26.26 12.76
N PRO C 550 49.02 -25.22 11.91
CA PRO C 550 50.18 -24.29 11.90
C PRO C 550 50.56 -23.71 13.25
N ASN C 551 49.63 -23.04 13.92
CA ASN C 551 49.97 -22.38 15.17
C ASN C 551 49.14 -23.08 16.24
N ASN C 552 49.16 -24.43 16.21
CA ASN C 552 48.54 -25.26 17.24
C ASN C 552 47.10 -24.84 17.53
N CYS C 553 46.39 -24.37 16.51
CA CYS C 553 45.05 -23.82 16.67
C CYS C 553 44.07 -24.62 15.82
N LYS C 554 42.95 -25.01 16.42
CA LYS C 554 41.91 -25.77 15.75
C LYS C 554 40.59 -25.02 15.82
N GLY C 555 39.88 -24.97 14.70
CA GLY C 555 38.58 -24.35 14.62
C GLY C 555 38.56 -23.21 13.62
N ILE C 556 37.43 -22.49 13.61
CA ILE C 556 37.23 -21.37 12.70
C ILE C 556 37.63 -20.03 13.30
N ARG C 557 37.98 -19.99 14.57
CA ARG C 557 38.37 -18.75 15.23
C ARG C 557 39.87 -18.50 15.15
N CYS C 558 40.61 -19.35 14.45
CA CYS C 558 42.04 -19.18 14.27
C CYS C 558 42.31 -18.21 13.12
N GLU C 559 43.57 -17.79 13.00
CA GLU C 559 43.95 -16.91 11.91
C GLU C 559 43.76 -17.60 10.56
N LYS C 560 44.15 -18.86 10.47
CA LYS C 560 43.89 -19.69 9.30
C LYS C 560 42.84 -20.72 9.69
N GLN C 561 41.62 -20.54 9.19
CA GLN C 561 40.50 -21.39 9.60
C GLN C 561 40.69 -22.81 9.10
N ASN C 562 40.33 -23.77 9.95
CA ASN C 562 40.46 -25.18 9.63
C ASN C 562 39.47 -25.97 10.48
N ASN C 563 39.19 -27.19 10.03
CA ASN C 563 38.26 -28.09 10.72
C ASN C 563 36.89 -27.43 10.89
N ALA C 564 36.44 -26.73 9.85
CA ALA C 564 35.17 -26.01 9.93
C ALA C 564 33.97 -26.94 9.95
N PHE C 565 34.12 -28.18 9.48
CA PHE C 565 33.02 -29.13 9.41
C PHE C 565 33.41 -30.47 10.03
N SER C 566 34.34 -30.45 10.98
CA SER C 566 34.80 -31.70 11.58
C SER C 566 33.77 -32.31 12.52
N THR C 567 33.11 -31.48 13.33
CA THR C 567 32.12 -31.93 14.29
C THR C 567 30.79 -31.22 14.04
N LEU C 568 29.71 -31.83 14.53
CA LEU C 568 28.39 -31.24 14.37
C LEU C 568 28.29 -29.92 15.12
N PHE C 569 28.92 -29.83 16.29
CA PHE C 569 28.92 -28.58 17.04
C PHE C 569 29.67 -27.48 16.27
N GLU C 570 30.78 -27.84 15.64
CA GLU C 570 31.54 -26.85 14.87
C GLU C 570 30.85 -26.50 13.55
N THR C 571 30.15 -27.45 12.95
CA THR C 571 29.47 -27.17 11.68
C THR C 571 28.38 -26.13 11.84
N LEU C 572 27.62 -26.19 12.94
CA LEU C 572 26.59 -25.20 13.18
C LEU C 572 27.19 -23.81 13.37
N GLN C 573 28.32 -23.71 14.07
CA GLN C 573 28.98 -22.43 14.22
C GLN C 573 29.50 -21.91 12.89
N SER C 574 30.04 -22.80 12.05
CA SER C 574 30.57 -22.37 10.76
C SER C 574 29.46 -21.83 9.87
N LEU C 575 28.31 -22.50 9.84
CA LEU C 575 27.20 -22.04 9.01
C LEU C 575 26.60 -20.75 9.53
N PHE C 576 26.59 -20.55 10.85
CA PHE C 576 26.08 -19.29 11.40
C PHE C 576 26.95 -18.12 10.99
N TRP C 577 28.27 -18.28 11.03
CA TRP C 577 29.18 -17.19 10.69
C TRP C 577 29.23 -16.92 9.20
N SER C 578 28.80 -17.88 8.37
CA SER C 578 28.76 -17.65 6.93
C SER C 578 27.65 -16.69 6.53
N VAL C 579 26.67 -16.46 7.41
CA VAL C 579 25.62 -15.50 7.11
C VAL C 579 26.19 -14.09 7.04
N PHE C 580 27.19 -13.81 7.87
CA PHE C 580 27.82 -12.49 7.91
C PHE C 580 29.08 -12.42 7.07
N GLY C 581 29.39 -13.48 6.33
CA GLY C 581 30.56 -13.47 5.46
C GLY C 581 31.88 -13.59 6.18
N LEU C 582 31.90 -14.14 7.39
CA LEU C 582 33.11 -14.27 8.17
C LEU C 582 33.77 -15.64 8.02
N LEU C 583 33.26 -16.49 7.14
CA LEU C 583 33.83 -17.80 6.89
C LEU C 583 34.47 -17.82 5.51
N ASN C 584 35.77 -18.07 5.46
CA ASN C 584 36.50 -18.06 4.21
C ASN C 584 36.17 -19.30 3.38
N LEU C 585 36.37 -19.19 2.08
CA LEU C 585 36.01 -20.26 1.15
C LEU C 585 36.99 -21.42 1.19
N TYR C 586 38.22 -21.22 1.65
CA TYR C 586 39.19 -22.31 1.61
C TYR C 586 38.95 -23.38 2.68
N VAL C 587 37.99 -23.18 3.57
CA VAL C 587 37.68 -24.20 4.58
C VAL C 587 37.02 -25.43 3.98
N THR C 588 36.63 -25.38 2.71
CA THR C 588 36.03 -26.52 2.04
C THR C 588 37.05 -27.49 1.47
N ASN C 589 38.34 -27.19 1.61
CA ASN C 589 39.40 -28.07 1.15
C ASN C 589 39.78 -29.08 2.23
N VAL C 590 40.46 -30.14 1.79
CA VAL C 590 40.97 -31.17 2.69
C VAL C 590 42.42 -31.43 2.37
N LYS C 591 43.14 -32.01 3.33
CA LYS C 591 44.58 -32.22 3.17
C LYS C 591 44.87 -33.15 1.99
N ALA C 592 44.12 -34.24 1.88
CA ALA C 592 44.24 -35.12 0.73
C ALA C 592 43.36 -34.60 -0.40
N ARG C 593 43.97 -34.33 -1.56
CA ARG C 593 43.29 -33.64 -2.65
C ARG C 593 42.29 -34.58 -3.32
N HIS C 594 41.17 -34.80 -2.65
CA HIS C 594 40.02 -35.48 -3.24
C HIS C 594 39.00 -34.44 -3.69
N GLU C 595 39.36 -33.68 -4.73
CA GLU C 595 38.52 -32.54 -5.10
C GLU C 595 37.29 -32.93 -5.91
N PHE C 596 36.87 -34.19 -5.87
CA PHE C 596 35.47 -34.48 -6.15
C PHE C 596 34.62 -34.35 -4.88
N THR C 597 35.16 -34.80 -3.75
CA THR C 597 34.50 -34.57 -2.47
C THR C 597 34.48 -33.09 -2.13
N GLU C 598 35.59 -32.38 -2.41
CA GLU C 598 35.63 -30.95 -2.14
C GLU C 598 34.60 -30.19 -2.96
N PHE C 599 34.41 -30.58 -4.22
CA PHE C 599 33.41 -29.92 -5.05
C PHE C 599 32.00 -30.13 -4.51
N VAL C 600 31.71 -31.36 -4.06
CA VAL C 600 30.39 -31.63 -3.49
C VAL C 600 30.18 -30.82 -2.22
N GLY C 601 31.21 -30.75 -1.36
CA GLY C 601 31.10 -29.94 -0.16
C GLY C 601 30.93 -28.47 -0.46
N ALA C 602 31.65 -27.96 -1.47
CA ALA C 602 31.50 -26.57 -1.85
C ALA C 602 30.10 -26.28 -2.40
N THR C 603 29.55 -27.20 -3.20
CA THR C 603 28.20 -27.01 -3.72
C THR C 603 27.17 -27.02 -2.59
N MET C 604 27.33 -27.93 -1.62
CA MET C 604 26.42 -27.97 -0.49
C MET C 604 26.54 -26.69 0.34
N PHE C 605 27.77 -26.19 0.53
CA PHE C 605 27.94 -24.91 1.19
C PHE C 605 27.35 -23.78 0.35
N GLY C 606 27.55 -23.83 -0.97
CA GLY C 606 27.02 -22.78 -1.82
C GLY C 606 25.50 -22.76 -1.87
N THR C 607 24.87 -23.93 -1.87
CA THR C 607 23.41 -23.99 -1.88
C THR C 607 22.82 -23.44 -0.60
N TYR C 608 23.50 -23.63 0.53
CA TYR C 608 23.03 -23.06 1.78
C TYR C 608 23.06 -21.54 1.73
N ASN C 609 24.09 -20.96 1.11
CA ASN C 609 24.18 -19.51 1.01
C ASN C 609 23.03 -18.93 0.20
N VAL C 610 22.68 -19.58 -0.91
CA VAL C 610 21.59 -19.09 -1.75
C VAL C 610 20.26 -19.17 -0.99
N ILE C 611 20.02 -20.28 -0.31
CA ILE C 611 18.76 -20.44 0.42
C ILE C 611 18.67 -19.47 1.58
N SER C 612 19.72 -19.40 2.39
CA SER C 612 19.66 -18.59 3.62
C SER C 612 19.71 -17.10 3.31
N LEU C 613 20.62 -16.69 2.44
CA LEU C 613 20.88 -15.27 2.25
C LEU C 613 20.05 -14.67 1.12
N VAL C 614 20.09 -15.27 -0.06
CA VAL C 614 19.36 -14.72 -1.21
C VAL C 614 17.85 -14.88 -1.00
N VAL C 615 17.42 -16.03 -0.51
CA VAL C 615 15.99 -16.32 -0.45
C VAL C 615 15.42 -16.02 0.93
N LEU C 616 15.89 -16.74 1.95
CA LEU C 616 15.25 -16.67 3.26
C LEU C 616 15.38 -15.29 3.87
N LEU C 617 16.56 -14.67 3.77
CA LEU C 617 16.75 -13.34 4.32
C LEU C 617 15.85 -12.33 3.63
N ASN C 618 15.66 -12.46 2.33
CA ASN C 618 14.79 -11.54 1.60
C ASN C 618 13.33 -11.79 1.91
N MET C 619 12.96 -13.02 2.26
CA MET C 619 11.59 -13.29 2.69
C MET C 619 11.26 -12.59 4.00
N LEU C 620 12.21 -12.55 4.93
CA LEU C 620 11.97 -11.90 6.21
C LEU C 620 11.76 -10.41 6.05
N ILE C 621 12.49 -9.79 5.12
CA ILE C 621 12.32 -8.37 4.85
C ILE C 621 10.93 -8.11 4.27
N ALA C 622 10.46 -9.02 3.41
CA ALA C 622 9.19 -8.80 2.71
C ALA C 622 8.01 -8.72 3.68
N MET C 623 7.95 -9.64 4.65
CA MET C 623 6.81 -9.66 5.55
C MET C 623 6.94 -8.63 6.67
N MET C 624 8.16 -8.27 7.05
CA MET C 624 8.34 -7.27 8.09
C MET C 624 7.84 -5.90 7.64
N ASN C 625 8.02 -5.57 6.36
CA ASN C 625 7.41 -4.35 5.83
C ASN C 625 5.90 -4.44 5.88
N ASN C 626 5.34 -5.59 5.47
CA ASN C 626 3.89 -5.76 5.49
C ASN C 626 3.35 -5.68 6.91
N SER C 627 4.03 -6.31 7.86
CA SER C 627 3.58 -6.27 9.25
C SER C 627 3.76 -4.90 9.88
N TYR C 628 4.62 -4.06 9.32
CA TYR C 628 4.82 -2.72 9.85
C TYR C 628 3.67 -1.79 9.49
N GLN C 629 3.04 -1.99 8.34
CA GLN C 629 1.92 -1.15 7.94
C GLN C 629 0.76 -1.29 8.91
N LEU C 630 0.46 -2.53 9.33
CA LEU C 630 -0.65 -2.76 10.24
C LEU C 630 -0.38 -2.14 11.61
N ILE C 631 0.85 -2.25 12.11
CA ILE C 631 1.17 -1.77 13.44
C ILE C 631 1.11 -0.25 13.50
N ALA C 632 1.55 0.42 12.43
CA ALA C 632 1.60 1.88 12.43
C ALA C 632 0.23 2.52 12.56
N ASP C 633 -0.84 1.83 12.15
CA ASP C 633 -2.18 2.40 12.28
C ASP C 633 -2.58 2.59 13.73
N HIS C 634 -2.28 1.60 14.58
CA HIS C 634 -2.62 1.65 16.00
C HIS C 634 -1.42 1.97 16.88
N ALA C 635 -0.31 2.41 16.29
CA ALA C 635 0.92 2.61 17.06
C ALA C 635 0.73 3.65 18.17
N ASP C 636 -0.15 4.62 17.97
CA ASP C 636 -0.37 5.64 19.00
C ASP C 636 -1.16 5.08 20.17
N ILE C 637 -2.13 4.21 19.91
CA ILE C 637 -2.97 3.67 20.98
C ILE C 637 -2.16 2.76 21.90
N GLU C 638 -1.31 1.91 21.32
CA GLU C 638 -0.51 1.00 22.13
C GLU C 638 0.47 1.75 23.03
N TRP C 639 1.09 2.81 22.50
CA TRP C 639 2.06 3.55 23.30
C TRP C 639 1.40 4.23 24.50
N LYS C 640 0.22 4.83 24.29
CA LYS C 640 -0.47 5.48 25.40
C LYS C 640 -0.88 4.47 26.45
N PHE C 641 -1.33 3.29 26.03
CA PHE C 641 -1.62 2.22 26.98
C PHE C 641 -0.36 1.79 27.72
N ALA C 642 0.76 1.67 26.99
CA ALA C 642 2.01 1.27 27.63
C ALA C 642 2.52 2.35 28.57
N ARG C 643 2.39 3.63 28.17
CA ARG C 643 2.84 4.71 29.03
C ARG C 643 1.96 4.84 30.28
N THR C 644 0.66 4.54 30.16
CA THR C 644 -0.23 4.60 31.31
C THR C 644 0.20 3.59 32.38
N LYS C 645 0.60 2.39 31.96
CA LYS C 645 1.08 1.40 32.91
C LYS C 645 2.37 1.87 33.59
N LEU C 646 3.25 2.53 32.82
CA LEU C 646 4.49 3.04 33.40
C LEU C 646 4.20 4.12 34.44
N TRP C 647 3.28 5.04 34.12
CA TRP C 647 2.97 6.12 35.06
C TRP C 647 2.34 5.58 36.34
N MET C 648 1.42 4.63 36.21
CA MET C 648 0.64 4.18 37.36
C MET C 648 1.47 3.42 38.37
N SER C 649 2.65 2.94 37.99
CA SER C 649 3.51 2.23 38.92
C SER C 649 4.17 3.16 39.93
N TYR C 650 4.25 4.45 39.64
CA TYR C 650 4.86 5.43 40.52
C TYR C 650 3.84 6.19 41.36
N PHE C 651 2.55 5.87 41.24
CA PHE C 651 1.52 6.56 42.03
C PHE C 651 1.51 6.07 43.47
N ASP C 652 1.73 4.78 43.68
CA ASP C 652 1.63 4.18 45.01
C ASP C 652 2.83 4.54 45.87
N GLU C 653 2.65 4.43 47.18
CA GLU C 653 3.71 4.74 48.13
C GLU C 653 4.75 3.62 48.24
N GLY C 654 4.40 2.41 47.83
CA GLY C 654 5.35 1.30 47.94
C GLY C 654 6.46 1.41 46.91
N GLY C 655 7.66 1.00 47.31
CA GLY C 655 8.80 1.08 46.41
C GLY C 655 9.16 2.49 45.99
N THR C 656 8.95 3.47 46.86
CA THR C 656 9.25 4.85 46.52
C THR C 656 10.72 5.19 46.65
N LEU C 657 11.53 4.31 47.24
CA LEU C 657 12.92 4.62 47.47
C LEU C 657 13.79 3.96 46.40
N PRO C 658 14.91 4.58 46.02
CA PRO C 658 15.78 3.98 45.01
C PRO C 658 16.40 2.68 45.51
N PRO C 659 16.82 1.80 44.60
CA PRO C 659 17.37 0.50 44.99
C PRO C 659 18.55 0.60 45.95
N PRO C 660 19.47 1.57 45.77
CA PRO C 660 20.55 1.70 46.77
C PRO C 660 20.04 2.01 48.16
N PHE C 661 18.94 2.76 48.28
CA PHE C 661 18.35 3.10 49.56
C PHE C 661 17.16 2.22 49.91
N ASN C 662 16.90 1.17 49.13
CA ASN C 662 15.76 0.30 49.41
C ASN C 662 15.92 -0.38 50.78
N ILE C 663 17.12 -0.84 51.09
CA ILE C 663 17.42 -1.41 52.40
C ILE C 663 17.84 -0.28 53.33
N ILE C 664 17.57 -0.47 54.63
CA ILE C 664 17.88 0.55 55.63
C ILE C 664 19.38 0.72 55.76
N SER C 706 -19.53 5.17 51.01
CA SER C 706 -19.66 3.76 50.66
C SER C 706 -20.91 3.52 49.82
N LEU C 707 -22.06 3.89 50.38
CA LEU C 707 -23.33 3.76 49.66
C LEU C 707 -23.68 5.02 48.89
N ILE C 708 -23.25 6.18 49.38
CA ILE C 708 -23.55 7.44 48.69
C ILE C 708 -22.87 7.49 47.33
N GLN C 709 -21.68 6.91 47.21
CA GLN C 709 -20.96 6.95 45.94
C GLN C 709 -21.61 6.06 44.89
N ASN C 710 -22.50 5.15 45.28
CA ASN C 710 -23.17 4.30 44.30
C ASN C 710 -24.24 5.07 43.53
N GLN C 711 -25.03 5.89 44.23
CA GLN C 711 -26.06 6.65 43.54
C GLN C 711 -25.47 7.81 42.74
N HIS C 712 -24.36 8.37 43.21
CA HIS C 712 -23.69 9.40 42.43
C HIS C 712 -23.18 8.85 41.10
N TYR C 713 -22.65 7.64 41.11
CA TYR C 713 -22.26 6.98 39.87
C TYR C 713 -23.48 6.69 38.99
N GLN C 714 -24.60 6.29 39.62
CA GLN C 714 -25.79 5.95 38.85
C GLN C 714 -26.33 7.16 38.10
N GLU C 715 -26.36 8.33 38.75
CA GLU C 715 -26.90 9.51 38.09
C GLU C 715 -26.02 9.99 36.95
N VAL C 716 -24.70 9.81 37.06
CA VAL C 716 -23.80 10.18 35.97
C VAL C 716 -23.98 9.21 34.80
N ILE C 717 -24.14 7.93 35.09
CA ILE C 717 -24.33 6.93 34.04
C ILE C 717 -25.63 7.19 33.30
N ARG C 718 -26.69 7.55 34.03
CA ARG C 718 -27.98 7.82 33.40
C ARG C 718 -27.87 8.98 32.41
N ASN C 719 -27.13 10.03 32.77
CA ASN C 719 -26.93 11.15 31.86
C ASN C 719 -26.10 10.75 30.66
N LEU C 720 -25.04 9.96 30.88
CA LEU C 720 -24.18 9.55 29.78
C LEU C 720 -24.93 8.68 28.77
N VAL C 721 -25.78 7.78 29.25
CA VAL C 721 -26.54 6.93 28.35
C VAL C 721 -27.52 7.75 27.51
N LYS C 722 -28.14 8.76 28.13
CA LYS C 722 -29.08 9.61 27.41
C LYS C 722 -28.40 10.33 26.25
N ARG C 723 -27.22 10.90 26.50
CA ARG C 723 -26.51 11.61 25.45
C ARG C 723 -26.04 10.66 24.36
N TYR C 724 -25.54 9.48 24.73
CA TYR C 724 -25.06 8.53 23.74
C TYR C 724 -26.19 8.03 22.85
N VAL C 725 -27.35 7.72 23.45
CA VAL C 725 -28.47 7.22 22.67
C VAL C 725 -28.95 8.30 21.70
N ALA C 726 -29.07 9.54 22.18
CA ALA C 726 -29.52 10.63 21.32
C ALA C 726 -28.53 10.90 20.19
N ALA C 727 -27.23 10.87 20.50
CA ALA C 727 -26.23 11.14 19.47
C ALA C 727 -26.12 10.00 18.48
N MET C 728 -26.07 8.76 18.96
CA MET C 728 -25.89 7.62 18.06
C MET C 728 -27.08 7.43 17.13
N ILE C 729 -28.27 7.85 17.56
CA ILE C 729 -29.47 7.62 16.76
C ILE C 729 -29.38 8.36 15.44
N ARG C 730 -28.83 9.58 15.45
CA ARG C 730 -28.83 10.41 14.25
C ARG C 730 -27.53 10.36 13.46
N ASN C 731 -26.47 9.77 14.01
CA ASN C 731 -25.38 9.37 13.13
C ASN C 731 -25.83 8.29 12.15
N SER C 732 -26.77 7.43 12.56
CA SER C 732 -27.42 6.54 11.61
C SER C 732 -28.21 7.33 10.58
N LYS C 733 -28.87 8.40 11.01
CA LYS C 733 -29.63 9.27 10.12
C LYS C 733 -28.75 10.36 9.52
N THR C 734 -27.61 9.98 8.96
CA THR C 734 -26.67 10.91 8.35
C THR C 734 -25.66 10.19 7.47
N LEU C 738 -28.87 6.31 1.35
CA LEU C 738 -30.11 5.80 0.76
C LEU C 738 -29.90 4.41 0.17
N THR C 739 -30.99 3.74 -0.16
CA THR C 739 -30.92 2.37 -0.67
C THR C 739 -32.06 2.13 -1.63
N GLU C 740 -32.04 0.95 -2.26
CA GLU C 740 -33.10 0.57 -3.19
C GLU C 740 -34.44 0.45 -2.50
N GLU C 741 -34.46 -0.15 -1.31
CA GLU C 741 -35.71 -0.36 -0.59
C GLU C 741 -36.34 0.96 -0.17
N ASN C 742 -35.53 1.97 0.14
CA ASN C 742 -36.07 3.27 0.52
C ASN C 742 -36.80 3.94 -0.63
N PHE C 743 -36.32 3.73 -1.86
CA PHE C 743 -36.97 4.32 -3.02
C PHE C 743 -38.36 3.73 -3.25
N LYS C 744 -38.52 2.43 -3.00
CA LYS C 744 -39.80 1.77 -3.23
C LYS C 744 -40.90 2.36 -2.35
N GLU C 745 -40.56 2.75 -1.12
CA GLU C 745 -41.57 3.25 -0.20
C GLU C 745 -42.15 4.58 -0.67
N LEU C 746 -41.34 5.43 -1.29
CA LEU C 746 -41.86 6.64 -1.92
C LEU C 746 -42.80 6.29 -3.08
N LYS C 747 -42.43 5.27 -3.86
CA LYS C 747 -43.29 4.84 -4.96
C LYS C 747 -44.63 4.34 -4.45
N GLN C 748 -44.62 3.59 -3.35
CA GLN C 748 -45.87 3.06 -2.80
C GLN C 748 -46.77 4.19 -2.33
N ASP C 749 -46.21 5.22 -1.68
CA ASP C 749 -47.01 6.34 -1.22
C ASP C 749 -47.62 7.11 -2.40
N ILE C 750 -46.83 7.32 -3.46
CA ILE C 750 -47.37 7.97 -4.65
C ILE C 750 -48.44 7.10 -5.29
N SER C 751 -48.19 5.79 -5.38
CA SER C 751 -49.18 4.89 -5.96
C SER C 751 -50.45 4.85 -5.12
N SER C 752 -50.31 4.80 -3.79
CA SER C 752 -51.49 4.79 -2.93
C SER C 752 -52.26 6.10 -3.03
N PHE C 753 -51.55 7.24 -3.00
CA PHE C 753 -52.21 8.54 -3.05
C PHE C 753 -52.99 8.72 -4.34
N ARG C 754 -52.49 8.16 -5.44
CA ARG C 754 -53.21 8.25 -6.71
C ARG C 754 -54.56 7.53 -6.63
N TYR C 755 -54.59 6.37 -5.97
CA TYR C 755 -55.80 5.56 -5.98
C TYR C 755 -56.91 6.13 -5.10
N GLU C 756 -56.59 6.62 -3.90
CA GLU C 756 -57.64 7.17 -3.05
C GLU C 756 -58.21 8.46 -3.61
N VAL C 757 -57.40 9.22 -4.35
CA VAL C 757 -57.92 10.46 -4.95
C VAL C 757 -58.88 10.14 -6.08
N LEU C 758 -58.56 9.12 -6.89
CA LEU C 758 -59.43 8.76 -8.00
C LEU C 758 -60.79 8.30 -7.52
N ASP C 759 -60.83 7.47 -6.47
CA ASP C 759 -62.10 6.99 -5.94
C ASP C 759 -62.91 8.11 -5.30
N LEU C 760 -62.23 9.11 -4.72
CA LEU C 760 -62.93 10.23 -4.12
C LEU C 760 -63.65 11.05 -5.18
N LEU C 761 -64.85 11.50 -4.84
CA LEU C 761 -65.66 12.30 -5.74
C LEU C 761 -66.07 13.62 -5.09
N ARG D 17 -10.24 29.87 -35.74
CA ARG D 17 -11.63 29.82 -36.19
C ARG D 17 -11.91 28.48 -36.85
N ILE D 18 -12.46 27.54 -36.08
CA ILE D 18 -12.76 26.19 -36.58
C ILE D 18 -14.25 26.14 -36.88
N PRO D 19 -14.65 26.04 -38.15
CA PRO D 19 -16.08 25.89 -38.47
C PRO D 19 -16.59 24.54 -38.01
N LEU D 20 -17.71 24.54 -37.32
CA LEU D 20 -18.32 23.32 -36.81
C LEU D 20 -19.67 23.12 -37.49
N GLN D 21 -19.87 21.92 -38.06
CA GLN D 21 -21.10 21.62 -38.76
C GLN D 21 -21.37 20.12 -38.66
N ILE D 22 -22.60 19.75 -38.99
CA ILE D 22 -23.03 18.36 -38.87
C ILE D 22 -22.36 17.55 -39.98
N VAL D 23 -21.52 16.59 -39.60
CA VAL D 23 -20.77 15.80 -40.57
C VAL D 23 -21.57 14.58 -41.00
N ARG D 24 -21.83 13.67 -40.06
CA ARG D 24 -22.61 12.47 -40.33
C ARG D 24 -24.07 12.80 -40.03
N ALA D 25 -24.75 13.36 -41.02
CA ALA D 25 -26.10 13.84 -40.83
C ALA D 25 -27.09 12.69 -40.73
N GLU D 26 -28.17 12.93 -39.99
CA GLU D 26 -29.28 12.01 -39.86
C GLU D 26 -30.58 12.77 -40.11
N THR D 27 -31.60 12.05 -40.56
CA THR D 27 -32.87 12.69 -40.91
C THR D 27 -33.49 13.34 -39.68
N GLU D 28 -33.86 14.61 -39.83
CA GLU D 28 -34.41 15.37 -38.72
C GLU D 28 -35.83 14.91 -38.41
N LEU D 29 -36.29 15.27 -37.22
CA LEU D 29 -37.62 14.91 -36.75
C LEU D 29 -38.58 16.07 -36.99
N SER D 30 -39.77 15.76 -37.47
CA SER D 30 -40.75 16.79 -37.80
C SER D 30 -41.29 17.45 -36.54
N ALA D 31 -41.87 18.64 -36.71
CA ALA D 31 -42.35 19.42 -35.58
C ALA D 31 -43.48 18.71 -34.86
N GLU D 32 -44.43 18.13 -35.60
CA GLU D 32 -45.55 17.45 -34.96
C GLU D 32 -45.11 16.16 -34.27
N GLU D 33 -44.07 15.51 -34.80
CA GLU D 33 -43.56 14.30 -34.16
C GLU D 33 -42.89 14.63 -32.83
N LYS D 34 -42.15 15.73 -32.77
CA LYS D 34 -41.42 16.07 -31.55
C LYS D 34 -42.33 16.22 -30.35
N ALA D 35 -43.55 16.73 -30.57
CA ALA D 35 -44.52 16.81 -29.48
C ALA D 35 -44.93 15.44 -28.99
N PHE D 36 -44.95 14.44 -29.88
CA PHE D 36 -45.38 13.10 -29.49
C PHE D 36 -44.44 12.50 -28.45
N LEU D 37 -43.14 12.49 -28.74
CA LEU D 37 -42.19 11.90 -27.79
C LEU D 37 -42.11 12.72 -26.51
N ASN D 38 -42.23 14.04 -26.62
CA ASN D 38 -42.22 14.88 -25.41
C ASN D 38 -43.45 14.62 -24.55
N ALA D 39 -44.59 14.35 -25.18
CA ALA D 39 -45.82 14.10 -24.46
C ALA D 39 -46.00 12.63 -24.07
N VAL D 40 -45.10 11.75 -24.49
CA VAL D 40 -45.20 10.35 -24.10
C VAL D 40 -45.07 10.20 -22.59
N GLU D 41 -44.13 10.93 -21.99
CA GLU D 41 -43.97 10.90 -20.54
C GLU D 41 -45.09 11.63 -19.82
N LYS D 42 -45.96 12.35 -20.53
CA LYS D 42 -47.02 13.12 -19.90
C LYS D 42 -48.25 12.26 -19.62
N GLY D 43 -48.84 11.68 -20.66
CA GLY D 43 -49.96 10.78 -20.48
C GLY D 43 -51.24 11.18 -21.19
N ASP D 44 -51.13 11.98 -22.25
CA ASP D 44 -52.27 12.33 -23.08
C ASP D 44 -52.33 11.38 -24.27
N TYR D 45 -53.51 10.82 -24.54
CA TYR D 45 -53.66 9.79 -25.54
C TYR D 45 -54.57 10.17 -26.70
N ALA D 46 -55.34 11.25 -26.58
CA ALA D 46 -56.16 11.70 -27.70
C ALA D 46 -55.29 12.08 -28.90
N THR D 47 -54.06 12.54 -28.65
CA THR D 47 -53.13 12.79 -29.74
C THR D 47 -52.77 11.50 -30.46
N VAL D 48 -52.60 10.40 -29.71
CA VAL D 48 -52.30 9.11 -30.32
C VAL D 48 -53.49 8.63 -31.15
N LYS D 49 -54.70 8.73 -30.59
CA LYS D 49 -55.88 8.23 -31.28
C LYS D 49 -56.17 9.05 -32.54
N GLN D 50 -56.13 10.38 -32.42
CA GLN D 50 -56.44 11.23 -33.56
C GLN D 50 -55.44 11.01 -34.69
N ALA D 51 -54.16 10.89 -34.37
CA ALA D 51 -53.14 10.71 -35.39
C ALA D 51 -53.27 9.33 -36.05
N LEU D 52 -53.42 8.27 -35.25
CA LEU D 52 -53.35 6.92 -35.81
C LEU D 52 -54.59 6.60 -36.64
N GLN D 53 -55.78 7.01 -36.17
CA GLN D 53 -56.98 6.80 -36.99
C GLN D 53 -56.89 7.59 -38.28
N GLU D 54 -56.37 8.82 -38.22
CA GLU D 54 -56.12 9.57 -39.44
C GLU D 54 -54.94 9.03 -40.23
N ALA D 55 -54.01 8.32 -39.57
CA ALA D 55 -52.87 7.76 -40.28
C ALA D 55 -53.27 6.77 -41.35
N GLU D 56 -54.48 6.21 -41.26
CA GLU D 56 -54.96 5.33 -42.32
C GLU D 56 -55.19 6.08 -43.61
N ILE D 57 -55.54 7.37 -43.53
CA ILE D 57 -55.82 8.17 -44.72
C ILE D 57 -54.95 9.42 -44.73
N TYR D 58 -55.02 10.21 -43.65
CA TYR D 58 -54.27 11.46 -43.60
C TYR D 58 -52.76 11.22 -43.55
N TYR D 59 -52.33 10.19 -42.81
CA TYR D 59 -50.91 9.90 -42.61
C TYR D 59 -50.18 11.11 -42.03
N ASN D 60 -50.82 11.79 -41.08
CA ASN D 60 -50.25 13.01 -40.52
C ASN D 60 -48.98 12.73 -39.72
N VAL D 61 -49.00 11.71 -38.88
CA VAL D 61 -47.88 11.40 -38.00
C VAL D 61 -47.49 9.94 -38.19
N ASN D 62 -46.19 9.69 -38.31
CA ASN D 62 -45.65 8.33 -38.34
C ASN D 62 -45.40 7.89 -36.91
N ILE D 63 -46.14 6.89 -36.45
CA ILE D 63 -46.09 6.47 -35.05
C ILE D 63 -44.69 5.97 -34.69
N ASN D 64 -44.11 5.14 -35.55
CA ASN D 64 -42.78 4.58 -35.30
C ASN D 64 -41.72 5.59 -35.71
N CYS D 65 -41.69 6.70 -34.97
CA CYS D 65 -40.73 7.76 -35.20
C CYS D 65 -39.46 7.50 -34.38
N MET D 66 -38.33 7.94 -34.93
CA MET D 66 -37.03 7.66 -34.34
C MET D 66 -36.44 8.94 -33.77
N ASP D 67 -36.15 8.93 -32.47
CA ASP D 67 -35.47 10.03 -31.81
C ASP D 67 -33.99 9.98 -32.19
N PRO D 68 -33.37 11.15 -32.43
CA PRO D 68 -31.93 11.17 -32.75
C PRO D 68 -31.06 10.39 -31.78
N LEU D 69 -31.49 10.17 -30.54
CA LEU D 69 -30.75 9.30 -29.63
C LEU D 69 -31.04 7.82 -29.87
N GLY D 70 -31.71 7.48 -30.97
CA GLY D 70 -31.89 6.09 -31.34
C GLY D 70 -32.95 5.33 -30.59
N ARG D 71 -33.93 6.00 -29.99
CA ARG D 71 -35.05 5.35 -29.34
C ARG D 71 -36.33 5.64 -30.11
N SER D 72 -37.10 4.59 -30.40
CA SER D 72 -38.37 4.75 -31.08
C SER D 72 -39.49 4.97 -30.06
N ALA D 73 -40.72 5.10 -30.56
CA ALA D 73 -41.84 5.55 -29.73
C ALA D 73 -42.08 4.60 -28.57
N LEU D 74 -42.05 3.28 -28.83
CA LEU D 74 -42.35 2.31 -27.80
C LEU D 74 -41.33 2.34 -26.67
N LEU D 75 -40.05 2.46 -27.02
CA LEU D 75 -38.98 2.26 -26.04
C LEU D 75 -38.94 3.33 -24.96
N ILE D 76 -39.48 4.53 -25.21
CA ILE D 76 -39.56 5.50 -24.12
C ILE D 76 -40.51 5.01 -23.03
N ALA D 77 -41.58 4.33 -23.42
CA ALA D 77 -42.52 3.79 -22.45
C ALA D 77 -41.84 2.77 -21.54
N ILE D 78 -40.93 1.96 -22.10
CA ILE D 78 -40.18 1.02 -21.28
C ILE D 78 -39.30 1.76 -20.27
N GLU D 79 -38.67 2.85 -20.71
CA GLU D 79 -37.68 3.53 -19.87
C GLU D 79 -38.32 4.11 -18.61
N ASN D 80 -39.52 4.69 -18.72
CA ASN D 80 -40.20 5.23 -17.57
C ASN D 80 -41.00 4.19 -16.81
N GLU D 81 -41.07 2.95 -17.34
CA GLU D 81 -41.62 1.79 -16.64
C GLU D 81 -43.14 1.86 -16.52
N ASN D 82 -43.73 3.00 -16.88
CA ASN D 82 -45.17 3.15 -16.76
C ASN D 82 -45.88 2.21 -17.73
N LEU D 83 -46.92 1.55 -17.25
CA LEU D 83 -47.60 0.51 -18.01
C LEU D 83 -48.86 0.97 -18.72
N GLU D 84 -49.50 2.05 -18.24
CA GLU D 84 -50.76 2.48 -18.83
C GLU D 84 -50.57 2.90 -20.28
N ILE D 85 -49.52 3.68 -20.56
CA ILE D 85 -49.22 4.02 -21.95
C ILE D 85 -48.82 2.77 -22.72
N MET D 86 -48.12 1.85 -22.07
CA MET D 86 -47.60 0.67 -22.76
C MET D 86 -48.72 -0.18 -23.35
N GLU D 87 -49.85 -0.30 -22.64
CA GLU D 87 -50.96 -1.08 -23.15
C GLU D 87 -51.52 -0.48 -24.43
N LEU D 88 -51.45 0.84 -24.58
CA LEU D 88 -52.12 1.50 -25.70
C LEU D 88 -51.43 1.21 -27.03
N LEU D 89 -50.15 1.59 -27.16
CA LEU D 89 -49.45 1.33 -28.41
C LEU D 89 -49.31 -0.16 -28.68
N LEU D 90 -49.33 -0.99 -27.62
CA LEU D 90 -49.32 -2.43 -27.83
C LEU D 90 -50.59 -2.89 -28.53
N ASN D 91 -51.74 -2.28 -28.21
CA ASN D 91 -52.97 -2.61 -28.91
C ASN D 91 -52.87 -2.25 -30.39
N HIS D 92 -52.29 -1.10 -30.69
CA HIS D 92 -52.11 -0.68 -32.08
C HIS D 92 -50.94 -1.43 -32.71
N SER D 93 -50.88 -1.37 -34.04
CA SER D 93 -49.86 -2.09 -34.80
C SER D 93 -48.61 -1.23 -34.89
N VAL D 94 -47.75 -1.34 -33.88
CA VAL D 94 -46.47 -0.65 -33.86
C VAL D 94 -45.37 -1.70 -33.97
N TYR D 95 -44.23 -1.29 -34.52
CA TYR D 95 -43.11 -2.20 -34.71
C TYR D 95 -42.56 -2.62 -33.35
N VAL D 96 -42.60 -3.93 -33.08
CA VAL D 96 -42.17 -4.46 -31.78
C VAL D 96 -40.87 -5.22 -31.94
N GLY D 97 -40.09 -4.87 -32.95
CA GLY D 97 -38.81 -5.52 -33.17
C GLY D 97 -37.83 -5.30 -32.04
N ASP D 98 -37.32 -6.40 -31.48
CA ASP D 98 -36.29 -6.42 -30.43
C ASP D 98 -36.69 -5.61 -29.18
N ALA D 99 -37.97 -5.28 -29.07
CA ALA D 99 -38.44 -4.53 -27.89
C ALA D 99 -38.44 -5.39 -26.63
N LEU D 100 -38.49 -6.71 -26.77
CA LEU D 100 -38.46 -7.57 -25.60
C LEU D 100 -37.14 -7.48 -24.85
N LEU D 101 -36.03 -7.39 -25.60
CA LEU D 101 -34.72 -7.31 -24.97
C LEU D 101 -34.58 -6.03 -24.13
N TYR D 102 -35.14 -4.92 -24.62
CA TYR D 102 -35.09 -3.68 -23.86
C TYR D 102 -35.85 -3.81 -22.55
N ALA D 103 -37.01 -4.46 -22.57
CA ALA D 103 -37.78 -4.65 -21.34
C ALA D 103 -37.02 -5.50 -20.33
N ILE D 104 -36.38 -6.57 -20.80
CA ILE D 104 -35.62 -7.44 -19.91
C ILE D 104 -34.42 -6.71 -19.33
N ARG D 105 -33.75 -5.89 -20.15
CA ARG D 105 -32.56 -5.19 -19.68
C ARG D 105 -32.89 -4.21 -18.55
N LYS D 106 -34.11 -3.69 -18.52
CA LYS D 106 -34.52 -2.79 -17.45
C LYS D 106 -34.92 -3.54 -16.18
N GLU D 107 -35.00 -4.87 -16.24
CA GLU D 107 -35.32 -5.71 -15.08
C GLU D 107 -36.65 -5.31 -14.44
N VAL D 108 -37.65 -5.04 -15.29
CA VAL D 108 -39.00 -4.73 -14.85
C VAL D 108 -39.92 -5.87 -15.30
N VAL D 109 -40.65 -6.44 -14.35
CA VAL D 109 -41.43 -7.65 -14.63
C VAL D 109 -42.72 -7.32 -15.36
N GLY D 110 -43.37 -6.21 -15.00
CA GLY D 110 -44.64 -5.87 -15.62
C GLY D 110 -44.51 -5.64 -17.11
N ALA D 111 -43.43 -4.98 -17.53
CA ALA D 111 -43.23 -4.72 -18.96
C ALA D 111 -42.99 -6.02 -19.73
N VAL D 112 -42.15 -6.91 -19.20
CA VAL D 112 -41.79 -8.11 -19.93
C VAL D 112 -43.00 -9.00 -20.15
N GLU D 113 -43.77 -9.25 -19.09
CA GLU D 113 -44.88 -10.20 -19.18
C GLU D 113 -45.89 -9.76 -20.23
N LEU D 114 -46.13 -8.45 -20.34
CA LEU D 114 -47.11 -7.95 -21.31
C LEU D 114 -46.67 -8.21 -22.74
N LEU D 115 -45.37 -8.15 -23.02
CA LEU D 115 -44.89 -8.34 -24.39
C LEU D 115 -45.04 -9.78 -24.87
N LEU D 116 -44.81 -10.76 -23.98
CA LEU D 116 -45.00 -12.15 -24.39
C LEU D 116 -46.45 -12.42 -24.77
N SER D 117 -47.40 -11.76 -24.11
CA SER D 117 -48.81 -11.88 -24.47
C SER D 117 -49.15 -10.90 -25.59
N TYR D 118 -48.45 -11.05 -26.71
CA TYR D 118 -48.60 -10.16 -27.85
C TYR D 118 -49.99 -10.29 -28.47
N THR D 134 -31.37 -3.94 -41.89
CA THR D 134 -30.34 -4.02 -40.87
C THR D 134 -30.76 -3.30 -39.60
N GLN D 135 -31.05 -2.00 -39.74
CA GLN D 135 -31.51 -1.16 -38.63
C GLN D 135 -30.46 -1.03 -37.53
N PHE D 136 -30.77 -0.27 -36.49
CA PHE D 136 -29.85 -0.04 -35.38
C PHE D 136 -30.41 -0.66 -34.11
N SER D 137 -29.53 -1.32 -33.35
CA SER D 137 -29.90 -1.91 -32.07
C SER D 137 -28.69 -1.89 -31.16
N GLU D 138 -28.95 -1.80 -29.86
CA GLU D 138 -27.88 -1.81 -28.87
C GLU D 138 -27.43 -3.21 -28.49
N PHE D 139 -28.10 -4.25 -29.00
CA PHE D 139 -27.79 -5.63 -28.64
C PHE D 139 -27.21 -6.36 -29.84
N THR D 140 -26.18 -7.16 -29.57
CA THR D 140 -25.54 -7.94 -30.62
C THR D 140 -26.56 -8.95 -31.17
N PRO D 141 -26.54 -9.22 -32.48
CA PRO D 141 -27.60 -10.08 -33.07
C PRO D 141 -27.68 -11.48 -32.49
N ASP D 142 -26.60 -12.00 -31.90
CA ASP D 142 -26.66 -13.35 -31.33
C ASP D 142 -27.40 -13.39 -29.99
N ILE D 143 -27.74 -12.23 -29.42
CA ILE D 143 -28.39 -12.21 -28.11
C ILE D 143 -29.82 -12.69 -28.24
N THR D 144 -30.20 -13.65 -27.40
CA THR D 144 -31.54 -14.19 -27.34
C THR D 144 -32.20 -13.81 -26.01
N PRO D 145 -33.53 -13.79 -25.95
CA PRO D 145 -34.20 -13.35 -24.70
C PRO D 145 -33.78 -14.12 -23.48
N ILE D 146 -33.62 -15.44 -23.58
CA ILE D 146 -33.17 -16.22 -22.44
C ILE D 146 -31.72 -15.90 -22.11
N MET D 147 -30.89 -15.68 -23.14
CA MET D 147 -29.49 -15.34 -22.91
C MET D 147 -29.36 -14.01 -22.17
N LEU D 148 -30.15 -13.01 -22.57
CA LEU D 148 -30.08 -11.71 -21.91
C LEU D 148 -30.64 -11.78 -20.48
N ALA D 149 -31.66 -12.61 -20.26
CA ALA D 149 -32.24 -12.72 -18.93
C ALA D 149 -31.23 -13.25 -17.92
N ALA D 150 -30.43 -14.24 -18.32
CA ALA D 150 -29.43 -14.79 -17.41
C ALA D 150 -28.31 -13.81 -17.11
N HIS D 151 -28.00 -12.92 -18.05
CA HIS D 151 -26.98 -11.90 -17.80
C HIS D 151 -27.40 -10.98 -16.67
N THR D 152 -28.67 -10.60 -16.63
CA THR D 152 -29.18 -9.73 -15.57
C THR D 152 -29.33 -10.46 -14.24
N ASN D 153 -29.38 -11.79 -14.25
CA ASN D 153 -29.47 -12.59 -13.04
C ASN D 153 -30.71 -12.23 -12.22
N ASN D 154 -31.83 -12.01 -12.90
CA ASN D 154 -33.10 -11.71 -12.25
C ASN D 154 -33.92 -12.99 -12.15
N TYR D 155 -34.19 -13.42 -10.91
CA TYR D 155 -34.84 -14.71 -10.70
C TYR D 155 -36.26 -14.74 -11.27
N GLU D 156 -37.02 -13.66 -11.06
CA GLU D 156 -38.41 -13.66 -11.49
C GLU D 156 -38.52 -13.64 -13.01
N ILE D 157 -37.69 -12.83 -13.68
CA ILE D 157 -37.77 -12.73 -15.13
C ILE D 157 -37.28 -14.03 -15.79
N ILE D 158 -36.19 -14.61 -15.26
CA ILE D 158 -35.65 -15.82 -15.84
C ILE D 158 -36.67 -16.95 -15.76
N LYS D 159 -37.34 -17.10 -14.62
CA LYS D 159 -38.31 -18.17 -14.45
C LYS D 159 -39.43 -18.08 -15.47
N LEU D 160 -39.85 -16.86 -15.81
CA LEU D 160 -40.94 -16.68 -16.76
C LEU D 160 -40.61 -17.28 -18.12
N LEU D 161 -39.39 -17.05 -18.60
CA LEU D 161 -39.00 -17.56 -19.91
C LEU D 161 -38.74 -19.06 -19.89
N VAL D 162 -38.33 -19.60 -18.75
CA VAL D 162 -38.05 -21.04 -18.67
C VAL D 162 -39.35 -21.84 -18.79
N GLN D 163 -40.48 -21.28 -18.34
CA GLN D 163 -41.74 -22.01 -18.45
C GLN D 163 -42.08 -22.30 -19.91
N LYS D 164 -41.89 -21.33 -20.79
CA LYS D 164 -42.02 -21.59 -22.21
C LYS D 164 -40.85 -22.44 -22.69
N ARG D 165 -41.06 -23.13 -23.81
CA ARG D 165 -40.01 -23.97 -24.37
C ARG D 165 -38.82 -23.11 -24.78
N VAL D 166 -37.72 -23.22 -24.04
CA VAL D 166 -36.56 -22.38 -24.23
C VAL D 166 -35.31 -23.25 -24.25
N THR D 167 -34.38 -22.94 -25.15
CA THR D 167 -33.15 -23.69 -25.29
C THR D 167 -31.98 -22.74 -25.40
N ILE D 168 -30.80 -23.23 -25.00
CA ILE D 168 -29.56 -22.47 -25.13
C ILE D 168 -28.56 -23.34 -25.88
N PRO D 169 -27.91 -22.83 -26.93
CA PRO D 169 -26.97 -23.66 -27.68
C PRO D 169 -25.82 -24.14 -26.81
N ARG D 170 -25.41 -25.38 -27.05
CA ARG D 170 -24.33 -25.99 -26.26
C ARG D 170 -22.98 -25.52 -26.79
N PRO D 171 -22.13 -24.92 -25.97
CA PRO D 171 -20.79 -24.56 -26.43
C PRO D 171 -19.97 -25.81 -26.70
N HIS D 172 -19.08 -25.69 -27.69
CA HIS D 172 -18.24 -26.81 -28.08
C HIS D 172 -17.08 -26.97 -27.10
N GLN D 173 -16.33 -28.05 -27.28
CA GLN D 173 -15.24 -28.37 -26.37
C GLN D 173 -14.10 -27.37 -26.52
N ILE D 174 -13.22 -27.35 -25.52
CA ILE D 174 -12.09 -26.43 -25.52
C ILE D 174 -11.18 -26.72 -26.71
N ARG D 175 -10.85 -27.99 -26.90
CA ARG D 175 -10.02 -28.43 -28.03
C ARG D 175 -10.93 -29.10 -29.05
N CYS D 176 -11.51 -28.29 -29.92
CA CYS D 176 -12.45 -28.76 -30.93
C CYS D 176 -11.97 -28.36 -32.32
N ASN D 177 -12.08 -29.29 -33.26
CA ASN D 177 -11.60 -29.07 -34.63
C ASN D 177 -12.56 -29.62 -35.67
N CYS D 178 -13.86 -29.55 -35.40
CA CYS D 178 -14.85 -30.11 -36.31
C CYS D 178 -15.01 -29.20 -37.53
N VAL D 179 -15.94 -29.55 -38.41
CA VAL D 179 -16.06 -28.85 -39.68
C VAL D 179 -16.62 -27.44 -39.48
N GLU D 180 -17.59 -27.27 -38.58
CA GLU D 180 -18.26 -25.98 -38.47
C GLU D 180 -17.56 -25.03 -37.49
N CYS D 181 -16.90 -25.54 -36.46
CA CYS D 181 -16.21 -24.65 -35.52
C CYS D 181 -15.03 -23.96 -36.19
N VAL D 182 -14.21 -24.71 -36.93
CA VAL D 182 -13.05 -24.12 -37.59
C VAL D 182 -13.49 -23.20 -38.73
N SER D 183 -14.50 -23.62 -39.49
CA SER D 183 -14.96 -22.81 -40.61
C SER D 183 -15.55 -21.49 -40.15
N SER D 184 -16.39 -21.52 -39.12
CA SER D 184 -17.02 -20.30 -38.64
C SER D 184 -15.99 -19.32 -38.09
N SER D 185 -14.98 -19.83 -37.40
CA SER D 185 -13.95 -18.96 -36.84
C SER D 185 -13.14 -18.27 -37.93
N GLU D 186 -12.86 -18.96 -39.05
CA GLU D 186 -12.01 -18.37 -40.08
C GLU D 186 -12.75 -17.33 -40.90
N VAL D 187 -14.05 -17.53 -41.13
CA VAL D 187 -14.80 -16.55 -41.92
C VAL D 187 -15.15 -15.32 -41.09
N ASP D 188 -15.31 -15.45 -39.77
CA ASP D 188 -15.76 -14.33 -38.96
C ASP D 188 -15.28 -14.55 -37.53
N SER D 189 -14.19 -13.88 -37.16
CA SER D 189 -13.79 -13.79 -35.76
C SER D 189 -14.42 -12.55 -35.14
N LEU D 190 -14.20 -12.37 -33.84
CA LEU D 190 -14.79 -11.28 -33.06
C LEU D 190 -16.30 -11.48 -32.94
N ARG D 191 -16.82 -12.50 -33.62
CA ARG D 191 -18.19 -12.97 -33.44
C ARG D 191 -18.23 -14.40 -32.95
N HIS D 192 -17.32 -15.25 -33.42
CA HIS D 192 -17.17 -16.58 -32.84
C HIS D 192 -16.75 -16.50 -31.38
N SER D 193 -15.80 -15.61 -31.07
CA SER D 193 -15.38 -15.45 -29.69
C SER D 193 -16.43 -14.74 -28.86
N ARG D 194 -17.11 -13.74 -29.44
CA ARG D 194 -18.14 -13.02 -28.70
C ARG D 194 -19.33 -13.91 -28.39
N SER D 195 -19.71 -14.78 -29.34
CA SER D 195 -20.84 -15.68 -29.10
C SER D 195 -20.55 -16.64 -27.96
N ARG D 196 -19.35 -17.20 -27.92
CA ARG D 196 -19.00 -18.14 -26.86
C ARG D 196 -19.00 -17.44 -25.49
N LEU D 197 -18.47 -16.22 -25.43
CA LEU D 197 -18.46 -15.49 -24.16
C LEU D 197 -19.87 -15.18 -23.70
N ASN D 198 -20.76 -14.82 -24.63
CA ASN D 198 -22.14 -14.55 -24.27
C ASN D 198 -22.84 -15.80 -23.75
N ILE D 199 -22.55 -16.96 -24.36
CA ILE D 199 -23.19 -18.20 -23.93
C ILE D 199 -22.72 -18.58 -22.53
N TYR D 200 -21.41 -18.52 -22.30
CA TYR D 200 -20.88 -18.89 -20.98
C TYR D 200 -21.31 -17.91 -19.90
N LYS D 201 -21.56 -16.66 -20.26
CA LYS D 201 -22.13 -15.71 -19.29
C LYS D 201 -23.52 -16.15 -18.86
N ALA D 202 -24.33 -16.65 -19.79
CA ALA D 202 -25.67 -17.10 -19.46
C ALA D 202 -25.63 -18.37 -18.62
N LEU D 203 -24.76 -19.30 -18.98
CA LEU D 203 -24.71 -20.58 -18.27
C LEU D 203 -24.19 -20.41 -16.84
N ALA D 204 -23.37 -19.40 -16.58
CA ALA D 204 -22.78 -19.19 -15.27
C ALA D 204 -23.64 -18.33 -14.36
N SER D 205 -24.85 -17.98 -14.77
CA SER D 205 -25.72 -17.19 -13.93
C SER D 205 -26.19 -18.02 -12.74
N PRO D 206 -26.05 -17.52 -11.51
CA PRO D 206 -26.52 -18.30 -10.35
C PRO D 206 -28.01 -18.61 -10.39
N SER D 207 -28.83 -17.71 -10.93
CA SER D 207 -30.26 -17.97 -11.01
C SER D 207 -30.60 -19.03 -12.04
N LEU D 208 -29.79 -19.15 -13.09
CA LEU D 208 -29.99 -20.20 -14.09
C LEU D 208 -29.37 -21.53 -13.66
N ILE D 209 -28.66 -21.57 -12.55
CA ILE D 209 -28.15 -22.81 -11.99
C ILE D 209 -29.02 -23.27 -10.82
N ALA D 210 -29.42 -22.35 -9.94
CA ALA D 210 -30.35 -22.70 -8.88
C ALA D 210 -31.69 -23.16 -9.44
N LEU D 211 -32.01 -22.75 -10.66
CA LEU D 211 -33.22 -23.17 -11.35
C LEU D 211 -32.81 -23.85 -12.66
N SER D 212 -33.47 -24.95 -12.98
CA SER D 212 -33.20 -25.72 -14.20
C SER D 212 -31.80 -26.33 -14.19
N SER D 213 -31.49 -27.06 -13.11
CA SER D 213 -30.26 -27.83 -13.01
C SER D 213 -30.48 -28.96 -12.03
N GLU D 214 -30.02 -30.16 -12.39
CA GLU D 214 -30.26 -31.33 -11.56
C GLU D 214 -29.49 -31.25 -10.24
N ASP D 215 -28.19 -30.94 -10.31
CA ASP D 215 -27.34 -30.81 -9.13
C ASP D 215 -26.66 -29.46 -9.20
N PRO D 216 -27.22 -28.44 -8.53
CA PRO D 216 -26.62 -27.11 -8.60
C PRO D 216 -25.18 -27.03 -8.10
N ILE D 217 -24.83 -27.84 -7.09
CA ILE D 217 -23.47 -27.80 -6.57
C ILE D 217 -22.49 -28.40 -7.57
N LEU D 218 -22.84 -29.56 -8.13
CA LEU D 218 -21.95 -30.21 -9.09
C LEU D 218 -21.81 -29.39 -10.37
N THR D 219 -22.91 -28.80 -10.82
CA THR D 219 -22.86 -27.98 -12.04
C THR D 219 -21.95 -26.78 -11.85
N ALA D 220 -22.03 -26.12 -10.69
CA ALA D 220 -21.14 -25.00 -10.41
C ALA D 220 -19.68 -25.46 -10.32
N PHE D 221 -19.43 -26.68 -9.85
CA PHE D 221 -18.07 -27.19 -9.79
C PHE D 221 -17.49 -27.37 -11.19
N ARG D 222 -18.23 -28.07 -12.06
CA ARG D 222 -17.74 -28.34 -13.40
C ARG D 222 -17.64 -27.06 -14.22
N LEU D 223 -18.66 -26.22 -14.17
CA LEU D 223 -18.66 -24.99 -14.96
C LEU D 223 -17.56 -24.04 -14.49
N GLY D 224 -17.37 -23.92 -13.18
CA GLY D 224 -16.34 -23.03 -12.67
C GLY D 224 -14.94 -23.45 -13.05
N TRP D 225 -14.68 -24.76 -13.06
CA TRP D 225 -13.36 -25.25 -13.45
C TRP D 225 -13.15 -25.16 -14.96
N GLU D 226 -14.19 -25.44 -15.74
CA GLU D 226 -14.08 -25.35 -17.19
C GLU D 226 -13.79 -23.93 -17.64
N LEU D 227 -14.43 -22.95 -17.00
CA LEU D 227 -14.16 -21.56 -17.33
C LEU D 227 -12.73 -21.16 -17.01
N LYS D 228 -12.15 -21.74 -15.95
CA LYS D 228 -10.76 -21.45 -15.62
C LYS D 228 -9.81 -21.90 -16.71
N GLU D 229 -10.07 -23.07 -17.30
CA GLU D 229 -9.24 -23.56 -18.39
C GLU D 229 -9.37 -22.67 -19.62
N LEU D 230 -10.51 -22.01 -19.80
CA LEU D 230 -10.70 -21.11 -20.93
C LEU D 230 -9.92 -19.81 -20.79
N SER D 231 -9.51 -19.45 -19.58
CA SER D 231 -8.74 -18.23 -19.38
C SER D 231 -7.30 -18.35 -19.87
N LYS D 232 -6.86 -19.55 -20.22
CA LYS D 232 -5.52 -19.77 -20.75
C LYS D 232 -5.50 -19.89 -22.26
N VAL D 233 -6.39 -20.71 -22.83
CA VAL D 233 -6.47 -20.83 -24.29
C VAL D 233 -6.92 -19.51 -24.90
N GLU D 234 -7.97 -18.92 -24.36
CA GLU D 234 -8.43 -17.60 -24.80
C GLU D 234 -7.74 -16.53 -23.95
N ASN D 235 -6.44 -16.35 -24.24
CA ASN D 235 -5.62 -15.44 -23.46
C ASN D 235 -6.07 -13.99 -23.62
N GLU D 236 -6.66 -13.65 -24.77
CA GLU D 236 -7.08 -12.28 -25.00
C GLU D 236 -8.20 -11.86 -24.04
N PHE D 237 -9.16 -12.76 -23.82
CA PHE D 237 -10.30 -12.49 -22.94
C PHE D 237 -10.13 -13.12 -21.57
N LYS D 238 -8.89 -13.12 -21.05
CA LYS D 238 -8.62 -13.78 -19.78
C LYS D 238 -9.37 -13.12 -18.63
N ALA D 239 -9.43 -11.79 -18.62
CA ALA D 239 -10.06 -11.08 -17.51
C ALA D 239 -11.54 -11.41 -17.40
N GLU D 240 -12.25 -11.46 -18.53
CA GLU D 240 -13.68 -11.75 -18.50
C GLU D 240 -13.96 -13.18 -18.04
N TYR D 241 -13.15 -14.14 -18.51
CA TYR D 241 -13.38 -15.53 -18.14
C TYR D 241 -13.05 -15.80 -16.69
N GLU D 242 -12.05 -15.10 -16.14
CA GLU D 242 -11.70 -15.30 -14.73
C GLU D 242 -12.81 -14.80 -13.81
N GLU D 243 -13.45 -13.69 -14.18
CA GLU D 243 -14.55 -13.18 -13.36
C GLU D 243 -15.75 -14.12 -13.39
N LEU D 244 -15.93 -14.86 -14.48
CA LEU D 244 -17.00 -15.86 -14.53
C LEU D 244 -16.65 -17.08 -13.69
N SER D 245 -15.36 -17.45 -13.64
CA SER D 245 -14.95 -18.58 -12.82
C SER D 245 -15.19 -18.31 -11.34
N GLN D 246 -14.87 -17.10 -10.88
CA GLN D 246 -15.11 -16.75 -9.48
C GLN D 246 -16.59 -16.64 -9.18
N GLN D 247 -17.43 -16.34 -10.17
CA GLN D 247 -18.87 -16.31 -9.95
C GLN D 247 -19.41 -17.68 -9.58
N CYS D 248 -18.94 -18.72 -10.25
CA CYS D 248 -19.40 -20.08 -9.95
C CYS D 248 -18.82 -20.60 -8.65
N LYS D 249 -17.57 -20.24 -8.32
CA LYS D 249 -16.99 -20.66 -7.05
C LYS D 249 -17.74 -20.09 -5.87
N LEU D 250 -18.15 -18.81 -5.95
CA LEU D 250 -18.89 -18.20 -4.87
C LEU D 250 -20.27 -18.80 -4.71
N PHE D 251 -20.93 -19.14 -5.83
CA PHE D 251 -22.29 -19.67 -5.76
C PHE D 251 -22.34 -20.99 -5.02
N ALA D 252 -21.35 -21.86 -5.25
CA ALA D 252 -21.31 -23.12 -4.52
C ALA D 252 -21.08 -22.90 -3.03
N LYS D 253 -20.24 -21.92 -2.67
CA LYS D 253 -20.00 -21.63 -1.26
C LYS D 253 -21.23 -21.00 -0.61
N ASP D 254 -21.89 -20.08 -1.30
CA ASP D 254 -23.07 -19.44 -0.73
C ASP D 254 -24.24 -20.41 -0.61
N LEU D 255 -24.35 -21.37 -1.52
CA LEU D 255 -25.45 -22.32 -1.49
C LEU D 255 -25.40 -23.18 -0.22
N LEU D 256 -24.24 -23.70 0.12
CA LEU D 256 -24.09 -24.57 1.28
C LEU D 256 -23.90 -23.79 2.58
N ASP D 257 -23.69 -22.48 2.50
CA ASP D 257 -23.70 -21.64 3.69
C ASP D 257 -25.06 -21.54 4.33
N GLN D 258 -26.11 -22.01 3.65
CA GLN D 258 -27.48 -21.93 4.14
C GLN D 258 -27.89 -23.16 4.94
N ALA D 259 -26.99 -24.10 5.16
CA ALA D 259 -27.30 -25.26 5.99
C ALA D 259 -27.58 -24.80 7.43
N ARG D 260 -28.64 -25.35 8.01
CA ARG D 260 -29.08 -24.94 9.33
C ARG D 260 -28.95 -26.03 10.38
N SER D 261 -28.50 -27.23 10.00
CA SER D 261 -28.33 -28.31 10.96
C SER D 261 -27.20 -29.21 10.47
N SER D 262 -26.65 -29.98 11.42
CA SER D 262 -25.58 -30.91 11.06
C SER D 262 -26.08 -32.00 10.12
N ARG D 263 -27.34 -32.40 10.27
CA ARG D 263 -27.89 -33.47 9.43
C ARG D 263 -27.88 -33.05 7.96
N GLU D 264 -28.22 -31.80 7.68
CA GLU D 264 -28.20 -31.33 6.30
C GLU D 264 -26.80 -31.34 5.72
N LEU D 265 -25.79 -30.98 6.53
CA LEU D 265 -24.43 -30.87 6.01
C LEU D 265 -23.90 -32.23 5.58
N GLU D 266 -24.14 -33.28 6.36
CA GLU D 266 -23.63 -34.59 6.00
C GLU D 266 -24.31 -35.14 4.74
N ILE D 267 -25.58 -34.80 4.53
CA ILE D 267 -26.28 -35.25 3.34
C ILE D 267 -25.62 -34.68 2.08
N ILE D 268 -25.27 -33.39 2.13
CA ILE D 268 -24.64 -32.76 0.97
C ILE D 268 -23.23 -33.31 0.76
N LEU D 269 -22.44 -33.38 1.84
CA LEU D 269 -21.04 -33.74 1.71
C LEU D 269 -20.81 -35.21 1.44
N ASN D 270 -21.74 -36.08 1.80
CA ASN D 270 -21.59 -37.52 1.60
C ASN D 270 -22.35 -38.01 0.37
N HIS D 271 -22.90 -37.11 -0.44
CA HIS D 271 -23.65 -37.51 -1.62
C HIS D 271 -22.72 -38.09 -2.68
N ARG D 272 -23.12 -39.22 -3.25
CA ARG D 272 -22.40 -39.86 -4.34
C ARG D 272 -23.23 -39.75 -5.61
N ASP D 273 -22.56 -39.48 -6.73
CA ASP D 273 -23.27 -39.16 -7.97
C ASP D 273 -24.19 -40.28 -8.41
N ASP D 274 -23.71 -41.52 -8.38
CA ASP D 274 -24.50 -42.66 -8.79
C ASP D 274 -25.52 -43.05 -7.72
N ASP D 286 -16.60 -42.37 2.22
CA ASP D 286 -17.40 -41.25 2.71
C ASP D 286 -16.81 -39.93 2.24
N LEU D 287 -17.54 -38.84 2.49
CA LEU D 287 -17.14 -37.50 2.06
C LEU D 287 -16.89 -37.45 0.55
N ALA D 288 -17.79 -38.09 -0.21
CA ALA D 288 -17.61 -38.15 -1.66
C ALA D 288 -17.67 -36.78 -2.29
N LYS D 289 -18.62 -35.94 -1.86
CA LYS D 289 -18.74 -34.60 -2.44
C LYS D 289 -17.56 -33.72 -2.06
N LEU D 290 -17.02 -33.90 -0.85
CA LEU D 290 -15.86 -33.11 -0.45
C LEU D 290 -14.64 -33.42 -1.31
N LYS D 291 -14.45 -34.69 -1.66
CA LYS D 291 -13.34 -35.06 -2.54
C LYS D 291 -13.48 -34.45 -3.92
N VAL D 292 -14.71 -34.36 -4.43
CA VAL D 292 -14.94 -33.73 -5.73
C VAL D 292 -14.57 -32.26 -5.68
N ALA D 293 -14.92 -31.58 -4.58
CA ALA D 293 -14.56 -30.18 -4.44
C ALA D 293 -13.04 -29.99 -4.40
N ILE D 294 -12.34 -30.90 -3.71
CA ILE D 294 -10.88 -30.83 -3.66
C ILE D 294 -10.29 -31.03 -5.05
N LYS D 295 -10.85 -31.96 -5.83
CA LYS D 295 -10.34 -32.23 -7.17
C LYS D 295 -10.47 -31.00 -8.07
N TYR D 296 -11.57 -30.27 -7.96
CA TYR D 296 -11.82 -29.10 -8.78
C TYR D 296 -11.25 -27.83 -8.18
N HIS D 297 -10.40 -27.93 -7.16
CA HIS D 297 -9.72 -26.78 -6.56
C HIS D 297 -10.71 -25.73 -6.04
N GLN D 298 -11.79 -26.21 -5.42
CA GLN D 298 -12.79 -25.32 -4.83
C GLN D 298 -12.35 -24.97 -3.40
N LYS D 299 -11.40 -24.03 -3.33
CA LYS D 299 -10.81 -23.68 -2.04
C LYS D 299 -11.82 -23.04 -1.10
N GLU D 300 -12.64 -22.13 -1.61
CA GLU D 300 -13.61 -21.45 -0.75
C GLU D 300 -14.66 -22.42 -0.22
N PHE D 301 -15.09 -23.38 -1.05
CA PHE D 301 -16.07 -24.36 -0.60
C PHE D 301 -15.50 -25.22 0.53
N VAL D 302 -14.24 -25.62 0.42
CA VAL D 302 -13.64 -26.49 1.43
C VAL D 302 -13.37 -25.72 2.72
N ALA D 303 -12.88 -24.49 2.61
CA ALA D 303 -12.39 -23.75 3.77
C ALA D 303 -13.49 -23.03 4.54
N GLN D 304 -14.76 -23.24 4.22
CA GLN D 304 -15.81 -22.61 4.97
C GLN D 304 -15.88 -23.21 6.39
N PRO D 305 -16.10 -22.38 7.42
CA PRO D 305 -15.93 -22.87 8.79
C PRO D 305 -16.83 -24.02 9.17
N ASN D 306 -17.99 -24.17 8.53
CA ASN D 306 -18.88 -25.28 8.86
C ASN D 306 -18.29 -26.62 8.41
N CYS D 307 -17.67 -26.65 7.23
CA CYS D 307 -17.02 -27.87 6.76
C CYS D 307 -15.82 -28.22 7.62
N GLN D 308 -15.05 -27.20 8.04
CA GLN D 308 -13.90 -27.46 8.89
C GLN D 308 -14.30 -28.01 10.25
N GLN D 309 -15.43 -27.56 10.79
CA GLN D 309 -15.90 -28.08 12.07
C GLN D 309 -16.21 -29.57 11.97
N LEU D 310 -16.85 -29.99 10.87
CA LEU D 310 -17.12 -31.41 10.66
C LEU D 310 -15.82 -32.20 10.49
N LEU D 311 -14.87 -31.66 9.74
CA LEU D 311 -13.60 -32.36 9.51
C LEU D 311 -12.80 -32.47 10.80
N ALA D 312 -12.80 -31.43 11.63
CA ALA D 312 -12.04 -31.47 12.87
C ALA D 312 -12.58 -32.53 13.82
N THR D 313 -13.88 -32.85 13.73
CA THR D 313 -14.45 -33.91 14.56
C THR D 313 -13.84 -35.26 14.20
N LEU D 314 -13.68 -35.55 12.91
CA LEU D 314 -13.10 -36.82 12.50
C LEU D 314 -11.59 -36.85 12.75
N TRP D 315 -10.92 -35.71 12.57
CA TRP D 315 -9.49 -35.65 12.80
C TRP D 315 -9.16 -35.91 14.27
N TYR D 316 -9.95 -35.34 15.18
CA TYR D 316 -9.76 -35.50 16.62
C TYR D 316 -10.72 -36.54 17.20
N ASP D 317 -10.96 -37.63 16.46
CA ASP D 317 -11.94 -38.62 16.89
C ASP D 317 -11.64 -39.15 18.29
N GLY D 318 -10.37 -39.38 18.60
CA GLY D 318 -10.01 -39.86 19.93
C GLY D 318 -10.29 -38.85 21.03
N PHE D 319 -9.92 -37.58 20.79
CA PHE D 319 -10.02 -36.56 21.82
C PHE D 319 -11.23 -35.69 21.55
N PRO D 320 -12.30 -35.78 22.34
CA PRO D 320 -13.51 -35.00 22.05
C PRO D 320 -13.32 -33.51 22.23
N GLY D 321 -12.50 -33.08 23.17
CA GLY D 321 -12.38 -31.67 23.49
C GLY D 321 -10.98 -31.11 23.37
N TRP D 322 -10.23 -31.54 22.35
CA TRP D 322 -8.84 -31.15 22.20
C TRP D 322 -8.67 -29.63 22.14
N ARG D 323 -9.71 -28.90 21.72
CA ARG D 323 -9.64 -27.44 21.70
C ARG D 323 -9.51 -26.88 23.11
N ARG D 324 -10.14 -27.53 24.10
CA ARG D 324 -10.20 -27.02 25.45
C ARG D 324 -8.95 -27.31 26.27
N LYS D 325 -8.09 -28.23 25.84
CA LYS D 325 -6.85 -28.49 26.57
C LYS D 325 -5.89 -27.32 26.44
N HIS D 326 -5.09 -27.12 27.49
CA HIS D 326 -4.09 -26.06 27.51
C HIS D 326 -2.93 -26.40 26.59
N TRP D 327 -2.17 -25.36 26.21
CA TRP D 327 -1.04 -25.57 25.32
C TRP D 327 0.06 -26.38 25.98
N VAL D 328 0.20 -26.27 27.31
CA VAL D 328 1.22 -27.06 28.02
C VAL D 328 0.87 -28.54 27.96
N VAL D 329 -0.37 -28.89 28.30
CA VAL D 329 -0.77 -30.29 28.29
C VAL D 329 -0.84 -30.83 26.86
N LYS D 330 -1.17 -29.97 25.89
CA LYS D 330 -1.17 -30.41 24.49
C LYS D 330 0.22 -30.82 24.04
N LEU D 331 1.23 -30.02 24.39
CA LEU D 331 2.60 -30.33 24.01
C LEU D 331 3.10 -31.54 24.78
N LEU D 332 2.84 -31.59 26.10
CA LEU D 332 3.34 -32.70 26.91
C LEU D 332 2.73 -34.02 26.47
N THR D 333 1.42 -34.04 26.20
CA THR D 333 0.78 -35.28 25.79
C THR D 333 1.16 -35.70 24.38
N CYS D 334 1.68 -34.78 23.56
CA CYS D 334 2.06 -35.13 22.19
C CYS D 334 3.17 -36.15 22.17
N MET D 335 4.18 -35.99 23.04
CA MET D 335 5.28 -36.94 23.08
C MET D 335 4.89 -38.28 23.71
N THR D 336 3.75 -38.33 24.41
CA THR D 336 3.33 -39.59 25.02
C THR D 336 3.02 -40.65 23.97
N ILE D 337 2.20 -40.29 22.97
CA ILE D 337 1.94 -41.23 21.88
C ILE D 337 3.18 -41.42 21.03
N GLY D 338 3.94 -40.35 20.81
CA GLY D 338 5.13 -40.45 19.98
C GLY D 338 6.17 -41.41 20.55
N PHE D 339 6.43 -41.30 21.85
CA PHE D 339 7.42 -42.17 22.48
C PHE D 339 6.97 -43.62 22.44
N LEU D 340 5.68 -43.88 22.70
CA LEU D 340 5.14 -45.22 22.73
C LEU D 340 4.61 -45.67 21.37
N PHE D 341 5.08 -45.06 20.28
CA PHE D 341 4.64 -45.48 18.95
C PHE D 341 4.97 -46.94 18.63
N PRO D 342 6.15 -47.49 18.96
CA PRO D 342 6.40 -48.90 18.58
C PRO D 342 5.41 -49.88 19.19
N MET D 343 4.95 -49.65 20.42
CA MET D 343 4.03 -50.58 21.04
C MET D 343 2.66 -50.54 20.37
N LEU D 344 2.18 -49.34 20.01
CA LEU D 344 0.93 -49.26 19.27
C LEU D 344 1.08 -49.87 17.88
N SER D 345 2.25 -49.72 17.26
CA SER D 345 2.46 -50.25 15.92
C SER D 345 2.36 -51.77 15.90
N ILE D 346 3.00 -52.44 16.87
CA ILE D 346 2.98 -53.90 16.87
C ILE D 346 1.61 -54.42 17.29
N ALA D 347 0.87 -53.66 18.09
CA ALA D 347 -0.44 -54.10 18.54
C ALA D 347 -1.40 -54.26 17.37
N TYR D 348 -1.30 -53.37 16.38
CA TYR D 348 -2.18 -53.46 15.21
C TYR D 348 -1.93 -54.75 14.43
N LEU D 349 -0.67 -55.15 14.29
CA LEU D 349 -0.36 -56.33 13.50
C LEU D 349 -0.77 -57.62 14.21
N ILE D 350 -0.66 -57.66 15.53
CA ILE D 350 -0.95 -58.88 16.27
C ILE D 350 -2.43 -59.03 16.63
N SER D 351 -3.17 -57.94 16.66
CA SER D 351 -4.59 -57.98 17.02
C SER D 351 -5.31 -56.74 16.53
N PRO D 352 -5.69 -56.68 15.25
CA PRO D 352 -6.39 -55.50 14.74
C PRO D 352 -7.72 -55.22 15.44
N ARG D 353 -8.42 -56.27 15.88
CA ARG D 353 -9.70 -56.10 16.54
C ARG D 353 -9.58 -55.71 18.02
N SER D 354 -8.37 -55.76 18.58
CA SER D 354 -8.18 -55.44 19.98
C SER D 354 -8.44 -53.95 20.24
N ASN D 355 -8.93 -53.65 21.44
CA ASN D 355 -9.22 -52.26 21.79
C ASN D 355 -7.95 -51.41 21.81
N LEU D 356 -6.84 -51.97 22.30
CA LEU D 356 -5.58 -51.24 22.28
C LEU D 356 -5.09 -51.00 20.86
N GLY D 357 -5.41 -51.90 19.94
CA GLY D 357 -5.11 -51.70 18.53
C GLY D 357 -6.07 -50.76 17.80
N LEU D 358 -7.14 -50.34 18.47
CA LEU D 358 -8.10 -49.42 17.85
C LEU D 358 -7.60 -47.98 17.85
N PHE D 359 -6.52 -47.68 18.56
CA PHE D 359 -6.03 -46.31 18.65
C PHE D 359 -5.40 -45.86 17.34
N ILE D 360 -4.68 -46.76 16.66
CA ILE D 360 -3.80 -46.35 15.57
C ILE D 360 -4.56 -45.84 14.36
N LYS D 361 -5.77 -46.34 14.07
CA LYS D 361 -6.50 -45.83 12.91
C LYS D 361 -7.22 -44.51 13.19
N LYS D 362 -7.17 -44.00 14.41
CA LYS D 362 -7.65 -42.65 14.66
C LYS D 362 -6.74 -41.66 13.92
N PRO D 363 -7.31 -40.74 13.12
CA PRO D 363 -6.46 -39.94 12.22
C PRO D 363 -5.38 -39.13 12.93
N PHE D 364 -5.67 -38.56 14.11
CA PHE D 364 -4.67 -37.77 14.80
C PHE D 364 -3.56 -38.67 15.36
N ILE D 365 -3.92 -39.83 15.90
CA ILE D 365 -2.91 -40.75 16.42
C ILE D 365 -2.03 -41.27 15.29
N LYS D 366 -2.63 -41.57 14.14
CA LYS D 366 -1.87 -42.06 13.00
C LYS D 366 -0.86 -41.02 12.52
N PHE D 367 -1.25 -39.74 12.51
CA PHE D 367 -0.34 -38.68 12.10
C PHE D 367 0.85 -38.59 13.05
N ILE D 368 0.59 -38.69 14.36
CA ILE D 368 1.68 -38.60 15.34
C ILE D 368 2.62 -39.79 15.20
N CYS D 369 2.06 -40.99 15.01
CA CYS D 369 2.89 -42.18 14.91
C CYS D 369 3.83 -42.11 13.71
N HIS D 370 3.31 -41.65 12.56
CA HIS D 370 4.17 -41.51 11.38
C HIS D 370 5.23 -40.44 11.59
N THR D 371 4.86 -39.32 12.21
CA THR D 371 5.84 -38.27 12.48
C THR D 371 6.90 -38.75 13.47
N ALA D 372 6.50 -39.48 14.50
CA ALA D 372 7.46 -40.01 15.46
C ALA D 372 8.40 -41.00 14.80
N SER D 373 7.88 -41.87 13.94
CA SER D 373 8.73 -42.83 13.23
C SER D 373 9.72 -42.12 12.32
N TYR D 374 9.26 -41.11 11.59
CA TYR D 374 10.15 -40.36 10.72
C TYR D 374 11.21 -39.60 11.51
N LEU D 375 10.82 -39.00 12.64
CA LEU D 375 11.77 -38.24 13.44
C LEU D 375 12.85 -39.13 14.02
N THR D 376 12.52 -40.40 14.31
CA THR D 376 13.54 -41.34 14.77
C THR D 376 14.60 -41.56 13.69
N PHE D 377 14.18 -41.68 12.42
CA PHE D 377 15.12 -41.89 11.33
C PHE D 377 16.09 -40.72 11.22
N LEU D 378 15.57 -39.49 11.30
CA LEU D 378 16.45 -38.32 11.22
C LEU D 378 17.44 -38.29 12.37
N PHE D 379 16.97 -38.59 13.58
CA PHE D 379 17.89 -38.68 14.72
C PHE D 379 18.88 -39.82 14.50
N MET D 380 18.41 -40.95 13.97
CA MET D 380 19.29 -42.08 13.71
C MET D 380 20.42 -41.72 12.75
N LEU D 381 20.15 -40.81 11.81
CA LEU D 381 21.20 -40.37 10.89
C LEU D 381 22.27 -39.56 11.62
N LEU D 382 21.90 -38.88 12.70
CA LEU D 382 22.85 -38.04 13.42
C LEU D 382 23.96 -38.86 14.06
N LEU D 383 23.62 -40.01 14.64
CA LEU D 383 24.63 -40.86 15.28
C LEU D 383 25.47 -41.63 14.27
N ALA D 384 25.12 -41.60 12.98
CA ALA D 384 25.90 -42.32 11.99
C ALA D 384 27.27 -41.70 11.76
N SER D 385 27.47 -40.45 12.16
CA SER D 385 28.73 -39.74 11.92
C SER D 385 29.70 -39.84 13.08
N GLN D 386 29.37 -40.58 14.14
CA GLN D 386 30.24 -40.67 15.29
C GLN D 386 30.39 -42.08 15.86
N HIS D 387 29.72 -43.08 15.30
CA HIS D 387 29.75 -44.43 15.86
C HIS D 387 30.76 -45.34 15.17
N ILE D 388 31.55 -44.82 14.24
CA ILE D 388 32.60 -45.61 13.59
C ILE D 388 33.92 -45.34 14.29
N VAL D 389 34.84 -46.29 14.17
CA VAL D 389 36.11 -46.22 14.88
C VAL D 389 37.14 -45.55 13.98
N ARG D 390 38.21 -45.04 14.62
CA ARG D 390 39.27 -44.36 13.90
C ARG D 390 40.16 -45.31 13.11
N THR D 391 40.03 -46.63 13.32
CA THR D 391 40.87 -47.60 12.65
C THR D 391 40.32 -48.04 11.29
N ASP D 392 39.09 -47.68 10.95
CA ASP D 392 38.45 -48.13 9.72
C ASP D 392 38.35 -47.02 8.67
N LEU D 393 39.18 -45.99 8.77
CA LEU D 393 39.19 -44.96 7.73
C LEU D 393 39.87 -45.46 6.46
N HIS D 394 40.83 -46.37 6.59
CA HIS D 394 41.62 -46.84 5.45
C HIS D 394 41.07 -48.12 4.82
N VAL D 395 39.95 -48.63 5.31
CA VAL D 395 39.40 -49.86 4.74
C VAL D 395 38.66 -49.53 3.45
N GLN D 396 38.74 -50.44 2.49
CA GLN D 396 38.11 -50.26 1.19
C GLN D 396 36.92 -51.20 1.07
N GLY D 397 35.77 -50.65 0.69
CA GLY D 397 34.54 -51.41 0.62
C GLY D 397 34.17 -52.06 1.93
N PRO D 398 33.86 -51.24 2.94
CA PRO D 398 33.56 -51.79 4.26
C PRO D 398 32.17 -52.42 4.29
N PRO D 399 31.92 -53.33 5.21
CA PRO D 399 30.58 -53.87 5.40
C PRO D 399 29.69 -52.82 6.05
N PRO D 400 28.36 -53.01 6.00
CA PRO D 400 27.48 -52.04 6.67
C PRO D 400 27.81 -51.93 8.15
N THR D 401 27.77 -50.70 8.66
CA THR D 401 28.23 -50.40 10.00
C THR D 401 27.12 -50.66 11.01
N VAL D 402 27.37 -50.30 12.28
CA VAL D 402 26.41 -50.53 13.36
C VAL D 402 25.27 -49.52 13.35
N VAL D 403 25.27 -48.56 12.43
CA VAL D 403 24.19 -47.59 12.29
C VAL D 403 23.42 -47.78 10.98
N GLU D 404 24.12 -48.09 9.90
CA GLU D 404 23.48 -48.25 8.61
C GLU D 404 22.60 -49.49 8.54
N TRP D 405 22.82 -50.48 9.42
CA TRP D 405 22.08 -51.73 9.33
C TRP D 405 20.60 -51.54 9.67
N MET D 406 20.32 -50.89 10.80
CA MET D 406 18.93 -50.69 11.21
C MET D 406 18.32 -49.41 10.63
N ILE D 407 19.12 -48.57 9.97
CA ILE D 407 18.53 -47.52 9.13
C ILE D 407 18.00 -48.13 7.84
N LEU D 408 18.59 -49.24 7.40
CA LEU D 408 18.19 -49.90 6.17
C LEU D 408 16.71 -50.24 6.09
N PRO D 409 16.07 -50.79 7.14
CA PRO D 409 14.62 -51.06 7.03
C PRO D 409 13.78 -49.84 6.72
N TRP D 410 14.19 -48.66 7.20
CA TRP D 410 13.47 -47.43 6.85
C TRP D 410 13.55 -47.15 5.36
N VAL D 411 14.71 -47.40 4.75
CA VAL D 411 14.90 -47.09 3.33
C VAL D 411 13.93 -47.90 2.48
N LEU D 412 13.84 -49.21 2.75
CA LEU D 412 12.88 -50.03 2.03
C LEU D 412 11.44 -49.64 2.39
N GLY D 413 11.23 -49.12 3.60
CA GLY D 413 9.91 -48.65 3.96
C GLY D 413 9.45 -47.47 3.11
N PHE D 414 10.36 -46.53 2.87
CA PHE D 414 10.02 -45.38 2.03
C PHE D 414 9.88 -45.81 0.57
N ILE D 415 10.81 -46.64 0.08
CA ILE D 415 10.78 -47.04 -1.33
C ILE D 415 9.53 -47.87 -1.62
N TRP D 416 9.22 -48.83 -0.75
CA TRP D 416 8.02 -49.63 -0.95
C TRP D 416 6.76 -48.78 -0.86
N GLY D 417 6.73 -47.84 0.09
CA GLY D 417 5.59 -46.94 0.19
C GLY D 417 5.53 -45.91 -0.91
N GLU D 418 6.64 -45.68 -1.61
CA GLU D 418 6.65 -44.70 -2.70
C GLU D 418 5.93 -45.25 -3.92
N ILE D 419 6.10 -46.53 -4.22
CA ILE D 419 5.42 -47.12 -5.37
C ILE D 419 3.92 -47.21 -5.12
N LYS D 420 3.51 -47.48 -3.88
CA LYS D 420 2.10 -47.65 -3.58
C LYS D 420 1.30 -46.38 -3.85
N GLU D 421 1.82 -45.23 -3.43
CA GLU D 421 1.11 -43.99 -3.66
C GLU D 421 1.13 -43.60 -5.13
N MET D 422 2.25 -43.85 -5.82
CA MET D 422 2.32 -43.52 -7.24
C MET D 422 1.50 -44.49 -8.09
N TRP D 423 1.27 -45.70 -7.60
CA TRP D 423 0.46 -46.65 -8.34
C TRP D 423 -1.01 -46.23 -8.37
N ASP D 424 -1.52 -45.73 -7.24
CA ASP D 424 -2.93 -45.36 -7.16
C ASP D 424 -3.27 -44.21 -8.09
N GLY D 425 -2.42 -43.18 -8.13
CA GLY D 425 -2.70 -42.01 -8.93
C GLY D 425 -2.04 -41.99 -10.29
N GLY D 426 -1.14 -42.94 -10.52
CA GLY D 426 -0.41 -43.00 -11.77
C GLY D 426 0.78 -42.06 -11.79
N PHE D 427 1.54 -42.13 -12.89
CA PHE D 427 2.72 -41.28 -13.03
C PHE D 427 2.33 -39.82 -13.23
N THR D 428 1.23 -39.57 -13.94
CA THR D 428 0.84 -38.19 -14.23
C THR D 428 0.50 -37.42 -12.96
N GLU D 429 -0.23 -38.05 -12.03
CA GLU D 429 -0.62 -37.36 -10.81
C GLU D 429 0.56 -37.16 -9.85
N TYR D 430 1.62 -37.96 -10.00
CA TYR D 430 2.73 -37.90 -9.05
C TYR D 430 3.54 -36.62 -9.19
N ILE D 431 3.86 -36.23 -10.43
CA ILE D 431 4.82 -35.16 -10.67
C ILE D 431 4.28 -33.77 -10.41
N HIS D 432 2.98 -33.63 -10.13
CA HIS D 432 2.42 -32.30 -9.90
C HIS D 432 2.92 -31.69 -8.60
N ASP D 433 3.05 -32.50 -7.55
CA ASP D 433 3.44 -31.98 -6.24
C ASP D 433 4.96 -31.82 -6.15
N TRP D 434 5.38 -30.67 -5.63
CA TRP D 434 6.81 -30.41 -5.47
C TRP D 434 7.42 -31.33 -4.41
N TRP D 435 6.64 -31.68 -3.37
CA TRP D 435 7.17 -32.55 -2.32
C TRP D 435 7.37 -33.97 -2.82
N ASN D 436 6.61 -34.40 -3.83
CA ASN D 436 6.80 -35.74 -4.38
C ASN D 436 8.07 -35.83 -5.21
N LEU D 437 8.47 -34.73 -5.86
CA LEU D 437 9.75 -34.72 -6.57
C LEU D 437 10.91 -34.88 -5.61
N MET D 438 10.81 -34.26 -4.43
CA MET D 438 11.85 -34.43 -3.41
C MET D 438 11.94 -35.89 -2.96
N ASP D 439 10.79 -36.56 -2.81
CA ASP D 439 10.79 -37.95 -2.42
C ASP D 439 11.48 -38.82 -3.47
N PHE D 440 11.21 -38.57 -4.75
CA PHE D 440 11.82 -39.36 -5.81
C PHE D 440 13.34 -39.16 -5.84
N ALA D 441 13.80 -37.91 -5.69
CA ALA D 441 15.23 -37.65 -5.67
C ALA D 441 15.89 -38.26 -4.45
N MET D 442 15.26 -38.13 -3.28
CA MET D 442 15.86 -38.67 -2.06
C MET D 442 15.92 -40.19 -2.09
N ASN D 443 14.84 -40.83 -2.54
CA ASN D 443 14.82 -42.29 -2.58
C ASN D 443 15.74 -42.84 -3.65
N SER D 444 15.85 -42.15 -4.79
CA SER D 444 16.77 -42.60 -5.83
C SER D 444 18.22 -42.54 -5.35
N LEU D 445 18.58 -41.48 -4.64
CA LEU D 445 19.94 -41.36 -4.11
C LEU D 445 20.23 -42.46 -3.09
N TYR D 446 19.25 -42.79 -2.25
CA TYR D 446 19.44 -43.86 -1.27
C TYR D 446 19.66 -45.19 -1.96
N LEU D 447 18.91 -45.47 -3.02
CA LEU D 447 19.08 -46.71 -3.76
C LEU D 447 20.46 -46.79 -4.39
N ALA D 448 20.95 -45.68 -4.94
CA ALA D 448 22.28 -45.65 -5.53
C ALA D 448 23.37 -45.86 -4.47
N THR D 449 23.18 -45.28 -3.29
CA THR D 449 24.21 -45.37 -2.25
C THR D 449 24.45 -46.82 -1.85
N ILE D 450 23.39 -47.61 -1.69
CA ILE D 450 23.56 -49.03 -1.37
C ILE D 450 24.20 -49.77 -2.55
N SER D 451 23.87 -49.36 -3.78
CA SER D 451 24.42 -50.05 -4.95
C SER D 451 25.92 -49.92 -5.02
N LEU D 452 26.45 -48.71 -4.78
CA LEU D 452 27.90 -48.52 -4.81
C LEU D 452 28.58 -49.16 -3.61
N LYS D 453 27.91 -49.18 -2.45
CA LYS D 453 28.53 -49.76 -1.26
C LYS D 453 28.76 -51.25 -1.43
N ILE D 454 27.76 -51.98 -1.95
CA ILE D 454 27.93 -53.41 -2.16
C ILE D 454 28.89 -53.67 -3.31
N MET D 455 28.87 -52.82 -4.34
CA MET D 455 29.79 -53.00 -5.46
C MET D 455 31.23 -52.85 -5.01
N ALA D 456 31.51 -51.86 -4.15
CA ALA D 456 32.85 -51.70 -3.62
C ALA D 456 33.18 -52.73 -2.56
N TYR D 457 32.17 -53.39 -1.98
CA TYR D 457 32.41 -54.40 -0.97
C TYR D 457 32.95 -55.69 -1.57
N VAL D 458 32.68 -55.96 -2.84
CA VAL D 458 33.06 -57.22 -3.46
C VAL D 458 34.29 -57.04 -4.33
N LYS D 459 34.53 -55.82 -4.80
CA LYS D 459 35.66 -55.60 -5.70
C LYS D 459 36.95 -55.36 -4.90
N TYR D 460 36.86 -54.64 -3.79
CA TYR D 460 38.00 -54.36 -2.92
C TYR D 460 37.96 -55.25 -1.70
N ASN D 461 39.13 -55.75 -1.29
CA ASN D 461 39.26 -56.55 -0.08
C ASN D 461 40.28 -56.00 0.90
N GLY D 462 41.43 -55.51 0.41
CA GLY D 462 42.45 -55.01 1.30
C GLY D 462 42.17 -53.60 1.80
N SER D 463 43.04 -53.14 2.69
CA SER D 463 42.95 -51.82 3.29
C SER D 463 44.13 -50.97 2.82
N ARG D 464 43.82 -49.79 2.27
CA ARG D 464 44.83 -48.89 1.73
C ARG D 464 44.59 -47.49 2.30
N PRO D 465 45.66 -46.75 2.61
CA PRO D 465 45.49 -45.40 3.18
C PRO D 465 44.66 -44.51 2.26
N ARG D 466 43.83 -43.68 2.88
CA ARG D 466 42.86 -42.86 2.14
C ARG D 466 43.53 -41.84 1.24
N GLU D 467 44.76 -41.43 1.57
CA GLU D 467 45.41 -40.36 0.83
C GLU D 467 45.77 -40.77 -0.60
N GLU D 468 45.83 -42.06 -0.89
CA GLU D 468 46.21 -42.54 -2.22
C GLU D 468 45.01 -43.01 -3.04
N TRP D 469 43.79 -42.78 -2.57
CA TRP D 469 42.62 -43.21 -3.32
C TRP D 469 42.41 -42.33 -4.55
N GLU D 470 41.72 -42.89 -5.54
CA GLU D 470 41.52 -42.21 -6.81
C GLU D 470 40.42 -41.17 -6.70
N MET D 471 40.15 -40.50 -7.82
CA MET D 471 39.11 -39.48 -7.86
C MET D 471 37.73 -40.09 -7.69
N TRP D 472 37.44 -41.16 -8.44
CA TRP D 472 36.11 -41.72 -8.52
C TRP D 472 35.99 -43.05 -7.79
N HIS D 473 36.65 -43.16 -6.62
CA HIS D 473 36.55 -44.37 -5.82
C HIS D 473 35.10 -44.59 -5.41
N PRO D 474 34.57 -45.81 -5.56
CA PRO D 474 33.16 -46.03 -5.20
C PRO D 474 32.84 -45.71 -3.75
N THR D 475 33.79 -45.94 -2.84
CA THR D 475 33.57 -45.59 -1.44
C THR D 475 33.40 -44.08 -1.27
N LEU D 476 34.25 -43.30 -1.95
CA LEU D 476 34.14 -41.84 -1.85
C LEU D 476 32.84 -41.34 -2.45
N ILE D 477 32.42 -41.89 -3.58
CA ILE D 477 31.17 -41.46 -4.21
C ILE D 477 29.98 -41.86 -3.35
N ALA D 478 30.05 -43.03 -2.71
CA ALA D 478 28.93 -43.47 -1.86
C ALA D 478 28.73 -42.52 -0.69
N GLU D 479 29.81 -42.05 -0.07
CA GLU D 479 29.69 -41.12 1.04
C GLU D 479 29.15 -39.77 0.60
N ALA D 480 29.50 -39.33 -0.60
CA ALA D 480 29.00 -38.05 -1.09
C ALA D 480 27.51 -38.12 -1.38
N LEU D 481 27.06 -39.20 -2.05
CA LEU D 481 25.65 -39.35 -2.36
C LEU D 481 24.82 -39.51 -1.10
N PHE D 482 25.32 -40.27 -0.12
CA PHE D 482 24.58 -40.47 1.12
C PHE D 482 24.42 -39.15 1.89
N ALA D 483 25.47 -38.33 1.91
CA ALA D 483 25.40 -37.05 2.60
C ALA D 483 24.39 -36.12 1.94
N ILE D 484 24.33 -36.13 0.61
CA ILE D 484 23.38 -35.28 -0.11
C ILE D 484 21.95 -35.67 0.24
N SER D 485 21.66 -36.97 0.29
CA SER D 485 20.32 -37.43 0.61
C SER D 485 19.94 -37.08 2.04
N ASN D 486 20.92 -36.95 2.93
CA ASN D 486 20.63 -36.57 4.31
C ASN D 486 20.05 -35.17 4.38
N ILE D 487 20.52 -34.25 3.52
CA ILE D 487 19.98 -32.91 3.49
C ILE D 487 18.52 -32.93 3.04
N LEU D 488 18.20 -33.72 2.02
CA LEU D 488 16.83 -33.79 1.53
C LEU D 488 15.90 -34.39 2.58
N SER D 489 16.37 -35.42 3.29
CA SER D 489 15.53 -36.06 4.29
C SER D 489 15.15 -35.10 5.42
N SER D 490 16.10 -34.28 5.87
CA SER D 490 15.80 -33.34 6.93
C SER D 490 14.93 -32.19 6.43
N LEU D 491 15.06 -31.82 5.17
CA LEU D 491 14.25 -30.74 4.61
C LEU D 491 12.79 -31.15 4.42
N ARG D 492 12.46 -32.42 4.57
CA ARG D 492 11.07 -32.86 4.42
C ARG D 492 10.19 -32.43 5.57
N LEU D 493 10.78 -32.05 6.71
CA LEU D 493 9.97 -31.60 7.85
C LEU D 493 9.30 -30.26 7.60
N ILE D 494 9.65 -29.56 6.53
CA ILE D 494 8.95 -28.32 6.18
C ILE D 494 7.50 -28.63 5.83
N SER D 495 7.26 -29.77 5.16
CA SER D 495 5.91 -30.14 4.78
C SER D 495 5.00 -30.40 5.97
N LEU D 496 5.57 -30.74 7.13
CA LEU D 496 4.77 -30.94 8.34
C LEU D 496 4.30 -29.64 8.97
N PHE D 497 4.81 -28.49 8.50
CA PHE D 497 4.39 -27.21 9.06
C PHE D 497 2.92 -26.91 8.77
N THR D 498 2.34 -27.56 7.76
CA THR D 498 0.95 -27.28 7.40
C THR D 498 0.00 -27.69 8.52
N ALA D 499 0.31 -28.76 9.24
CA ALA D 499 -0.58 -29.22 10.32
C ALA D 499 -0.67 -28.20 11.44
N ASN D 500 0.34 -27.36 11.61
CA ASN D 500 0.32 -26.35 12.65
C ASN D 500 -0.50 -25.14 12.21
N SER D 501 -1.03 -24.41 13.20
CA SER D 501 -1.83 -23.24 12.93
C SER D 501 -1.03 -21.95 12.91
N HIS D 502 0.19 -21.95 13.46
CA HIS D 502 1.04 -20.78 13.45
C HIS D 502 2.02 -20.80 12.29
N LEU D 503 2.74 -21.91 12.12
CA LEU D 503 3.68 -22.05 11.01
C LEU D 503 2.99 -22.46 9.72
N GLY D 504 1.71 -22.82 9.77
CA GLY D 504 0.99 -23.26 8.60
C GLY D 504 0.82 -22.19 7.54
N PRO D 505 0.11 -21.12 7.86
CA PRO D 505 -0.12 -20.07 6.86
C PRO D 505 1.16 -19.44 6.34
N LEU D 506 2.19 -19.33 7.18
CA LEU D 506 3.44 -18.73 6.73
C LEU D 506 4.20 -19.68 5.80
N GLN D 507 4.14 -20.99 6.07
CA GLN D 507 4.81 -21.96 5.21
C GLN D 507 4.16 -22.00 3.82
N ILE D 508 2.84 -21.94 3.76
CA ILE D 508 2.15 -21.95 2.47
C ILE D 508 2.51 -20.71 1.67
N SER D 509 2.49 -19.55 2.34
CA SER D 509 2.87 -18.31 1.66
C SER D 509 4.35 -18.26 1.31
N LEU D 510 5.19 -19.02 2.02
CA LEU D 510 6.60 -19.05 1.70
C LEU D 510 6.84 -19.65 0.32
N GLY D 511 6.14 -20.74 0.00
CA GLY D 511 6.29 -21.39 -1.28
C GLY D 511 5.42 -20.84 -2.39
N ARG D 512 4.50 -19.93 -2.07
CA ARG D 512 3.66 -19.33 -3.09
C ARG D 512 4.40 -18.29 -3.92
N MET D 513 5.34 -17.59 -3.31
CA MET D 513 6.18 -16.63 -4.03
C MET D 513 7.53 -17.21 -4.45
N LEU D 514 7.76 -18.50 -4.21
CA LEU D 514 8.95 -19.14 -4.76
C LEU D 514 8.89 -19.23 -6.27
N LEU D 515 7.69 -19.33 -6.85
CA LEU D 515 7.56 -19.35 -8.30
C LEU D 515 8.01 -18.02 -8.90
N ASP D 516 7.74 -16.91 -8.20
CA ASP D 516 8.19 -15.60 -8.67
C ASP D 516 9.71 -15.52 -8.69
N ILE D 517 10.37 -16.11 -7.68
CA ILE D 517 11.82 -16.11 -7.64
C ILE D 517 12.40 -16.85 -8.86
N LEU D 518 11.80 -17.99 -9.20
CA LEU D 518 12.30 -18.79 -10.31
C LEU D 518 12.24 -18.02 -11.63
N LYS D 519 11.29 -17.10 -11.76
CA LYS D 519 11.18 -16.30 -12.97
C LYS D 519 12.28 -15.24 -13.04
N PHE D 520 12.74 -14.74 -11.89
CA PHE D 520 13.87 -13.81 -11.88
C PHE D 520 15.20 -14.50 -12.12
N LEU D 521 15.28 -15.81 -11.91
CA LEU D 521 16.54 -16.53 -12.09
C LEU D 521 16.90 -16.70 -13.56
N PHE D 522 15.96 -16.47 -14.48
CA PHE D 522 16.28 -16.53 -15.90
C PHE D 522 17.08 -15.30 -16.34
N ILE D 523 16.74 -14.13 -15.84
CA ILE D 523 17.46 -12.91 -16.20
C ILE D 523 18.86 -12.94 -15.63
N TYR D 524 19.02 -13.38 -14.38
CA TYR D 524 20.34 -13.44 -13.77
C TYR D 524 21.23 -14.45 -14.48
N CYS D 525 20.67 -15.62 -14.81
CA CYS D 525 21.47 -16.66 -15.46
C CYS D 525 21.94 -16.24 -16.84
N LEU D 526 21.24 -15.30 -17.50
CA LEU D 526 21.70 -14.75 -18.76
C LEU D 526 22.75 -13.67 -18.55
N VAL D 527 22.58 -12.85 -17.50
CA VAL D 527 23.59 -11.86 -17.15
C VAL D 527 24.87 -12.55 -16.70
N LEU D 528 24.74 -13.62 -15.92
CA LEU D 528 25.92 -14.35 -15.46
C LEU D 528 26.69 -14.95 -16.62
N LEU D 529 25.99 -15.50 -17.61
CA LEU D 529 26.67 -16.09 -18.77
C LEU D 529 27.36 -15.03 -19.61
N ALA D 530 26.76 -13.84 -19.70
CA ALA D 530 27.34 -12.77 -20.52
C ALA D 530 28.68 -12.32 -19.98
N PHE D 531 28.75 -12.08 -18.67
CA PHE D 531 30.00 -11.60 -18.08
C PHE D 531 31.02 -12.72 -17.92
N ALA D 532 30.56 -13.96 -17.72
CA ALA D 532 31.50 -15.08 -17.72
C ALA D 532 32.14 -15.27 -19.08
N ASN D 533 31.44 -14.87 -20.15
CA ASN D 533 32.01 -14.95 -21.49
C ASN D 533 33.19 -13.99 -21.65
N GLY D 534 33.00 -12.73 -21.26
CA GLY D 534 34.05 -11.73 -21.46
C GLY D 534 35.27 -11.99 -20.61
N LEU D 535 35.07 -12.33 -19.33
CA LEU D 535 36.20 -12.51 -18.43
C LEU D 535 37.06 -13.70 -18.83
N ASN D 536 36.42 -14.79 -19.28
CA ASN D 536 37.18 -15.95 -19.74
C ASN D 536 37.85 -15.69 -21.08
N GLN D 537 37.22 -14.89 -21.94
CA GLN D 537 37.81 -14.55 -23.23
C GLN D 537 39.10 -13.75 -23.05
N LEU D 538 39.23 -13.04 -21.93
CA LEU D 538 40.37 -12.16 -21.69
C LEU D 538 41.49 -12.83 -20.89
N TYR D 539 41.13 -13.65 -19.91
CA TYR D 539 42.09 -14.18 -18.95
C TYR D 539 42.58 -15.58 -19.28
N PHE D 540 42.13 -16.19 -20.37
CA PHE D 540 42.50 -17.57 -20.65
C PHE D 540 43.90 -17.71 -21.24
N TYR D 541 44.55 -16.60 -21.63
CA TYR D 541 45.92 -16.67 -22.10
C TYR D 541 46.93 -16.85 -20.98
N TYR D 542 46.53 -16.59 -19.73
CA TYR D 542 47.45 -16.55 -18.60
C TYR D 542 47.23 -17.69 -17.62
N GLU D 543 46.65 -18.80 -18.07
CA GLU D 543 46.48 -19.95 -17.20
C GLU D 543 47.84 -20.53 -16.81
N THR D 544 48.00 -20.84 -15.53
CA THR D 544 49.23 -21.37 -14.99
C THR D 544 48.97 -22.76 -14.40
N ARG D 545 49.95 -23.64 -14.53
CA ARG D 545 49.82 -24.98 -13.99
C ARG D 545 49.88 -24.96 -12.47
N ALA D 546 49.34 -26.02 -11.86
CA ALA D 546 49.25 -26.08 -10.40
C ALA D 546 50.62 -26.18 -9.74
N ILE D 547 51.62 -26.69 -10.47
CA ILE D 547 52.94 -26.87 -9.88
C ILE D 547 53.56 -25.52 -9.52
N ASP D 548 53.42 -24.53 -10.40
CA ASP D 548 53.99 -23.21 -10.15
C ASP D 548 53.28 -22.45 -9.03
N GLU D 549 52.11 -22.92 -8.60
CA GLU D 549 51.38 -22.24 -7.54
C GLU D 549 52.08 -22.43 -6.20
N PRO D 550 51.82 -21.54 -5.23
CA PRO D 550 52.54 -21.59 -3.94
C PRO D 550 52.53 -22.96 -3.26
N ASN D 551 51.35 -23.51 -3.00
CA ASN D 551 51.22 -24.75 -2.25
C ASN D 551 50.56 -25.81 -3.14
N ASN D 552 50.97 -25.84 -4.41
CA ASN D 552 50.51 -26.85 -5.37
C ASN D 552 48.98 -26.88 -5.45
N CYS D 553 48.34 -25.74 -5.23
CA CYS D 553 46.88 -25.64 -5.22
C CYS D 553 46.43 -24.70 -6.32
N LYS D 554 45.47 -25.14 -7.12
CA LYS D 554 44.92 -24.36 -8.20
C LYS D 554 43.42 -24.17 -7.97
N GLY D 555 42.94 -22.96 -8.23
CA GLY D 555 41.53 -22.66 -8.13
C GLY D 555 41.25 -21.56 -7.13
N ILE D 556 39.96 -21.29 -6.93
CA ILE D 556 39.53 -20.25 -6.01
C ILE D 556 39.26 -20.78 -4.61
N ARG D 557 39.38 -22.08 -4.38
CA ARG D 557 39.15 -22.68 -3.08
C ARG D 557 40.43 -22.84 -2.28
N CYS D 558 41.55 -22.33 -2.79
CA CYS D 558 42.82 -22.37 -2.07
C CYS D 558 42.92 -21.16 -1.14
N GLU D 559 43.90 -21.21 -0.23
CA GLU D 559 44.13 -20.09 0.67
C GLU D 559 44.52 -18.84 -0.12
N LYS D 560 45.38 -18.99 -1.12
CA LYS D 560 45.68 -17.94 -2.08
C LYS D 560 44.92 -18.26 -3.37
N GLN D 561 43.93 -17.43 -3.68
CA GLN D 561 43.08 -17.69 -4.83
C GLN D 561 43.81 -17.34 -6.13
N ASN D 562 43.74 -18.24 -7.09
CA ASN D 562 44.42 -18.08 -8.36
C ASN D 562 43.64 -18.78 -9.45
N ASN D 563 43.89 -18.37 -10.70
CA ASN D 563 43.23 -18.94 -11.87
C ASN D 563 41.70 -18.85 -11.75
N ALA D 564 41.23 -17.69 -11.29
CA ALA D 564 39.80 -17.51 -11.09
C ALA D 564 39.03 -17.40 -12.40
N PHE D 565 39.70 -17.04 -13.50
CA PHE D 565 39.05 -16.86 -14.79
C PHE D 565 39.78 -17.63 -15.89
N SER D 566 40.47 -18.71 -15.52
CA SER D 566 41.24 -19.45 -16.52
C SER D 566 40.33 -20.25 -17.45
N THR D 567 39.31 -20.88 -16.90
CA THR D 567 38.40 -21.73 -17.67
C THR D 567 36.97 -21.24 -17.50
N LEU D 568 36.12 -21.61 -18.47
CA LEU D 568 34.72 -21.20 -18.41
C LEU D 568 34.01 -21.79 -17.21
N PHE D 569 34.29 -23.06 -16.90
CA PHE D 569 33.65 -23.70 -15.75
C PHE D 569 34.05 -23.00 -14.45
N GLU D 570 35.32 -22.61 -14.33
CA GLU D 570 35.77 -21.92 -13.14
C GLU D 570 35.29 -20.47 -13.11
N THR D 571 35.14 -19.84 -14.27
CA THR D 571 34.69 -18.46 -14.32
C THR D 571 33.27 -18.33 -13.78
N LEU D 572 32.40 -19.29 -14.11
CA LEU D 572 31.04 -19.27 -13.57
C LEU D 572 31.04 -19.42 -12.06
N GLN D 573 31.91 -20.29 -11.53
CA GLN D 573 32.01 -20.44 -10.08
C GLN D 573 32.53 -19.17 -9.43
N SER D 574 33.50 -18.51 -10.07
CA SER D 574 34.07 -17.29 -9.49
C SER D 574 33.03 -16.19 -9.41
N LEU D 575 32.21 -16.03 -10.46
CA LEU D 575 31.20 -14.98 -10.45
C LEU D 575 30.08 -15.29 -9.47
N PHE D 576 29.82 -16.57 -9.19
CA PHE D 576 28.80 -16.93 -8.23
C PHE D 576 29.25 -16.58 -6.80
N TRP D 577 30.48 -16.94 -6.46
CA TRP D 577 30.98 -16.67 -5.11
C TRP D 577 31.21 -15.19 -4.86
N SER D 578 31.31 -14.38 -5.92
CA SER D 578 31.46 -12.94 -5.74
C SER D 578 30.18 -12.26 -5.29
N VAL D 579 29.04 -12.93 -5.44
CA VAL D 579 27.78 -12.38 -4.94
C VAL D 579 27.79 -12.30 -3.43
N PHE D 580 28.40 -13.30 -2.77
CA PHE D 580 28.48 -13.35 -1.32
C PHE D 580 29.76 -12.72 -0.78
N GLY D 581 30.58 -12.13 -1.66
CA GLY D 581 31.78 -11.46 -1.20
C GLY D 581 32.91 -12.39 -0.80
N LEU D 582 32.93 -13.62 -1.31
CA LEU D 582 33.95 -14.59 -0.95
C LEU D 582 35.07 -14.67 -1.99
N LEU D 583 35.10 -13.76 -2.96
CA LEU D 583 36.14 -13.72 -3.97
C LEU D 583 36.97 -12.46 -3.77
N ASN D 584 38.27 -12.63 -3.55
CA ASN D 584 39.15 -11.51 -3.29
C ASN D 584 39.46 -10.75 -4.57
N LEU D 585 39.88 -9.49 -4.39
CA LEU D 585 40.10 -8.60 -5.53
C LEU D 585 41.39 -8.91 -6.30
N TYR D 586 42.37 -9.56 -5.67
CA TYR D 586 43.65 -9.78 -6.34
C TYR D 586 43.58 -10.87 -7.39
N VAL D 587 42.45 -11.57 -7.53
CA VAL D 587 42.31 -12.58 -8.58
C VAL D 587 42.25 -11.97 -9.97
N THR D 588 42.15 -10.65 -10.08
CA THR D 588 42.14 -9.97 -11.36
C THR D 588 43.54 -9.62 -11.85
N ASN D 589 44.57 -10.01 -11.10
CA ASN D 589 45.95 -9.75 -11.49
C ASN D 589 46.52 -10.94 -12.27
N VAL D 590 47.60 -10.68 -13.00
CA VAL D 590 48.29 -11.70 -13.77
C VAL D 590 49.78 -11.62 -13.46
N LYS D 591 50.48 -12.75 -13.71
CA LYS D 591 51.90 -12.81 -13.40
C LYS D 591 52.69 -11.81 -14.22
N ALA D 592 52.44 -11.75 -15.53
CA ALA D 592 53.06 -10.75 -16.39
C ALA D 592 52.32 -9.44 -16.22
N ARG D 593 53.04 -8.38 -15.86
CA ARG D 593 52.43 -7.11 -15.47
C ARG D 593 51.95 -6.37 -16.71
N HIS D 594 50.80 -6.82 -17.22
CA HIS D 594 50.08 -6.10 -18.28
C HIS D 594 48.97 -5.32 -17.60
N GLU D 595 49.30 -4.11 -17.16
CA GLU D 595 48.39 -3.31 -16.35
C GLU D 595 47.28 -2.65 -17.15
N PHE D 596 47.14 -2.97 -18.43
CA PHE D 596 45.96 -2.58 -19.20
C PHE D 596 44.95 -3.71 -19.28
N THR D 597 45.41 -4.94 -19.43
CA THR D 597 44.50 -6.08 -19.38
C THR D 597 43.88 -6.24 -18.00
N GLU D 598 44.68 -6.01 -16.95
CA GLU D 598 44.16 -6.13 -15.59
C GLU D 598 43.07 -5.09 -15.32
N PHE D 599 43.28 -3.86 -15.78
CA PHE D 599 42.29 -2.81 -15.55
C PHE D 599 40.98 -3.12 -16.27
N VAL D 600 41.08 -3.61 -17.51
CA VAL D 600 39.87 -3.99 -18.24
C VAL D 600 39.19 -5.17 -17.57
N GLY D 601 39.97 -6.18 -17.16
CA GLY D 601 39.39 -7.32 -16.47
C GLY D 601 38.77 -6.93 -15.14
N ALA D 602 39.40 -6.01 -14.42
CA ALA D 602 38.84 -5.54 -13.16
C ALA D 602 37.58 -4.72 -13.36
N THR D 603 37.49 -3.98 -14.47
CA THR D 603 36.28 -3.24 -14.78
C THR D 603 35.14 -4.15 -15.20
N MET D 604 35.45 -5.25 -15.88
CA MET D 604 34.42 -6.26 -16.15
C MET D 604 33.89 -6.85 -14.86
N PHE D 605 34.78 -7.14 -13.91
CA PHE D 605 34.36 -7.65 -12.61
C PHE D 605 33.55 -6.60 -11.85
N GLY D 606 33.99 -5.34 -11.90
CA GLY D 606 33.27 -4.30 -11.20
C GLY D 606 31.89 -4.03 -11.75
N THR D 607 31.76 -4.05 -13.08
CA THR D 607 30.46 -3.82 -13.70
C THR D 607 29.48 -4.95 -13.38
N TYR D 608 29.96 -6.19 -13.30
CA TYR D 608 29.09 -7.30 -12.94
C TYR D 608 28.54 -7.14 -11.53
N ASN D 609 29.38 -6.68 -10.60
CA ASN D 609 28.94 -6.51 -9.21
C ASN D 609 27.85 -5.45 -9.11
N VAL D 610 27.99 -4.36 -9.85
CA VAL D 610 26.99 -3.30 -9.81
C VAL D 610 25.65 -3.81 -10.33
N ILE D 611 25.68 -4.53 -11.45
CA ILE D 611 24.44 -5.02 -12.06
C ILE D 611 23.79 -6.08 -11.18
N SER D 612 24.59 -7.04 -10.68
CA SER D 612 24.02 -8.17 -9.96
C SER D 612 23.55 -7.77 -8.57
N LEU D 613 24.32 -6.95 -7.86
CA LEU D 613 24.04 -6.65 -6.46
C LEU D 613 23.23 -5.37 -6.28
N VAL D 614 23.69 -4.25 -6.82
CA VAL D 614 22.99 -2.99 -6.63
C VAL D 614 21.68 -2.99 -7.41
N VAL D 615 21.69 -3.51 -8.64
CA VAL D 615 20.56 -3.36 -9.54
C VAL D 615 19.63 -4.56 -9.45
N LEU D 616 20.16 -5.76 -9.75
CA LEU D 616 19.31 -6.93 -9.85
C LEU D 616 18.77 -7.36 -8.49
N LEU D 617 19.62 -7.39 -7.46
CA LEU D 617 19.19 -7.86 -6.16
C LEU D 617 18.12 -6.96 -5.56
N ASN D 618 18.29 -5.65 -5.68
CA ASN D 618 17.26 -4.73 -5.21
C ASN D 618 15.99 -4.87 -6.03
N MET D 619 16.11 -5.23 -7.32
CA MET D 619 14.94 -5.48 -8.14
C MET D 619 14.16 -6.68 -7.62
N LEU D 620 14.85 -7.74 -7.22
CA LEU D 620 14.18 -8.93 -6.69
C LEU D 620 13.47 -8.61 -5.39
N ILE D 621 14.08 -7.81 -4.52
CA ILE D 621 13.45 -7.44 -3.25
C ILE D 621 12.18 -6.65 -3.50
N ALA D 622 12.21 -5.73 -4.48
CA ALA D 622 11.08 -4.85 -4.70
C ALA D 622 9.84 -5.62 -5.13
N MET D 623 9.99 -6.57 -6.05
CA MET D 623 8.81 -7.27 -6.56
C MET D 623 8.30 -8.33 -5.57
N MET D 624 9.20 -8.96 -4.82
CA MET D 624 8.76 -9.90 -3.79
C MET D 624 8.00 -9.18 -2.70
N ASN D 625 8.45 -7.98 -2.33
CA ASN D 625 7.74 -7.17 -1.36
C ASN D 625 6.35 -6.83 -1.85
N ASN D 626 6.23 -6.47 -3.13
CA ASN D 626 4.92 -6.21 -3.72
C ASN D 626 4.09 -7.49 -3.81
N SER D 627 4.72 -8.60 -4.19
CA SER D 627 3.98 -9.85 -4.37
C SER D 627 3.49 -10.43 -3.05
N TYR D 628 4.09 -10.04 -1.92
CA TYR D 628 3.64 -10.56 -0.63
C TYR D 628 2.28 -10.00 -0.25
N GLN D 629 1.98 -8.76 -0.65
CA GLN D 629 0.72 -8.14 -0.27
C GLN D 629 -0.47 -8.89 -0.86
N LEU D 630 -0.38 -9.27 -2.13
CA LEU D 630 -1.47 -10.02 -2.75
C LEU D 630 -1.64 -11.39 -2.12
N ILE D 631 -0.54 -12.07 -1.83
CA ILE D 631 -0.61 -13.41 -1.25
C ILE D 631 -1.17 -13.36 0.16
N ALA D 632 -0.80 -12.33 0.93
CA ALA D 632 -1.21 -12.25 2.33
C ALA D 632 -2.72 -12.14 2.50
N ASP D 633 -3.44 -11.70 1.47
CA ASP D 633 -4.89 -11.57 1.59
C ASP D 633 -5.55 -12.94 1.64
N HIS D 634 -5.16 -13.85 0.74
CA HIS D 634 -5.73 -15.18 0.66
C HIS D 634 -4.93 -16.22 1.44
N ALA D 635 -4.14 -15.79 2.44
CA ALA D 635 -3.30 -16.73 3.15
C ALA D 635 -4.11 -17.77 3.92
N ASP D 636 -5.21 -17.34 4.55
CA ASP D 636 -5.99 -18.26 5.36
C ASP D 636 -6.69 -19.31 4.51
N ILE D 637 -7.29 -18.89 3.39
CA ILE D 637 -8.04 -19.83 2.56
C ILE D 637 -7.12 -20.88 1.96
N GLU D 638 -5.95 -20.46 1.46
CA GLU D 638 -5.01 -21.40 0.87
C GLU D 638 -4.50 -22.39 1.90
N TRP D 639 -4.20 -21.92 3.11
CA TRP D 639 -3.69 -22.81 4.15
C TRP D 639 -4.72 -23.86 4.54
N LYS D 640 -5.98 -23.46 4.71
CA LYS D 640 -7.02 -24.40 5.11
C LYS D 640 -7.22 -25.49 4.06
N PHE D 641 -7.15 -25.13 2.78
CA PHE D 641 -7.22 -26.12 1.73
C PHE D 641 -6.03 -27.08 1.80
N ALA D 642 -4.83 -26.55 2.08
CA ALA D 642 -3.66 -27.40 2.20
C ALA D 642 -3.76 -28.33 3.39
N ARG D 643 -4.26 -27.83 4.52
CA ARG D 643 -4.41 -28.68 5.70
C ARG D 643 -5.47 -29.75 5.51
N THR D 644 -6.53 -29.45 4.74
CA THR D 644 -7.57 -30.43 4.51
C THR D 644 -7.04 -31.64 3.75
N LYS D 645 -6.18 -31.41 2.76
CA LYS D 645 -5.59 -32.52 2.02
C LYS D 645 -4.70 -33.37 2.92
N LEU D 646 -3.96 -32.73 3.83
CA LEU D 646 -3.15 -33.48 4.78
C LEU D 646 -4.02 -34.30 5.72
N TRP D 647 -5.14 -33.74 6.17
CA TRP D 647 -6.03 -34.45 7.09
C TRP D 647 -6.64 -35.67 6.40
N MET D 648 -7.12 -35.50 5.16
CA MET D 648 -7.80 -36.59 4.46
C MET D 648 -6.85 -37.70 4.03
N SER D 649 -5.53 -37.48 4.08
CA SER D 649 -4.60 -38.54 3.73
C SER D 649 -4.54 -39.63 4.79
N TYR D 650 -4.80 -39.27 6.06
CA TYR D 650 -4.77 -40.22 7.16
C TYR D 650 -6.13 -40.84 7.45
N PHE D 651 -7.17 -40.47 6.71
CA PHE D 651 -8.49 -41.05 6.94
C PHE D 651 -8.58 -42.48 6.43
N ASP D 652 -7.94 -42.76 5.30
CA ASP D 652 -8.03 -44.08 4.68
C ASP D 652 -7.25 -45.11 5.48
N GLU D 653 -7.69 -46.37 5.35
CA GLU D 653 -7.02 -47.47 6.03
C GLU D 653 -5.72 -47.88 5.35
N GLY D 654 -5.53 -47.51 4.09
CA GLY D 654 -4.29 -47.84 3.41
C GLY D 654 -3.12 -47.06 3.97
N GLY D 655 -1.96 -47.71 4.01
CA GLY D 655 -0.78 -47.08 4.58
C GLY D 655 -0.92 -46.76 6.05
N THR D 656 -1.62 -47.62 6.80
CA THR D 656 -1.81 -47.38 8.22
C THR D 656 -0.51 -47.53 9.00
N LEU D 657 0.29 -48.55 8.67
CA LEU D 657 1.51 -48.82 9.40
C LEU D 657 2.57 -47.76 9.06
N PRO D 658 3.43 -47.42 10.02
CA PRO D 658 4.53 -46.50 9.74
C PRO D 658 5.54 -47.13 8.80
N PRO D 659 6.41 -46.32 8.19
CA PRO D 659 7.38 -46.86 7.21
C PRO D 659 8.22 -48.00 7.75
N PRO D 660 8.84 -47.88 8.94
CA PRO D 660 9.71 -48.99 9.39
C PRO D 660 8.96 -50.30 9.59
N PHE D 661 7.67 -50.25 9.91
CA PHE D 661 6.86 -51.45 10.10
C PHE D 661 5.98 -51.77 8.90
N ASN D 662 6.29 -51.18 7.74
CA ASN D 662 5.48 -51.42 6.54
C ASN D 662 5.54 -52.89 6.13
N ILE D 663 6.72 -53.50 6.19
CA ILE D 663 6.90 -54.89 5.82
C ILE D 663 6.57 -55.77 7.02
N ILE D 664 5.97 -56.93 6.75
CA ILE D 664 5.61 -57.88 7.80
C ILE D 664 6.84 -58.30 8.60
N SER D 706 -29.39 -47.14 -2.43
CA SER D 706 -28.75 -46.42 -3.53
C SER D 706 -29.66 -45.31 -4.05
N LEU D 707 -30.86 -45.69 -4.46
CA LEU D 707 -31.84 -44.71 -4.94
C LEU D 707 -32.44 -43.90 -3.80
N ILE D 708 -32.41 -44.42 -2.58
CA ILE D 708 -32.99 -43.71 -1.44
C ILE D 708 -32.26 -42.39 -1.20
N GLN D 709 -30.93 -42.40 -1.31
CA GLN D 709 -30.14 -41.21 -1.01
C GLN D 709 -30.40 -40.06 -1.97
N ASN D 710 -31.01 -40.32 -3.13
CA ASN D 710 -31.17 -39.28 -4.14
C ASN D 710 -32.19 -38.23 -3.70
N GLN D 711 -33.37 -38.67 -3.24
CA GLN D 711 -34.38 -37.70 -2.82
C GLN D 711 -34.01 -37.04 -1.50
N HIS D 712 -33.21 -37.71 -0.68
CA HIS D 712 -32.69 -37.05 0.53
C HIS D 712 -31.80 -35.88 0.16
N TYR D 713 -30.94 -36.05 -0.85
CA TYR D 713 -30.12 -34.95 -1.33
C TYR D 713 -30.95 -33.93 -2.09
N GLN D 714 -31.94 -34.41 -2.85
CA GLN D 714 -32.80 -33.50 -3.60
C GLN D 714 -33.63 -32.61 -2.67
N GLU D 715 -34.15 -33.19 -1.58
CA GLU D 715 -34.94 -32.41 -0.63
C GLU D 715 -34.11 -31.32 0.02
N VAL D 716 -32.88 -31.66 0.43
CA VAL D 716 -32.01 -30.68 1.06
C VAL D 716 -31.63 -29.59 0.07
N ILE D 717 -31.36 -29.97 -1.18
CA ILE D 717 -30.96 -29.00 -2.20
C ILE D 717 -32.08 -28.00 -2.45
N ARG D 718 -33.32 -28.46 -2.48
CA ARG D 718 -34.45 -27.56 -2.70
C ARG D 718 -34.55 -26.53 -1.57
N ASN D 719 -34.34 -26.96 -0.33
CA ASN D 719 -34.40 -26.04 0.80
C ASN D 719 -33.29 -25.00 0.72
N LEU D 720 -32.08 -25.42 0.34
CA LEU D 720 -30.97 -24.48 0.25
C LEU D 720 -31.21 -23.42 -0.81
N VAL D 721 -31.77 -23.82 -1.95
CA VAL D 721 -32.03 -22.87 -3.03
C VAL D 721 -33.05 -21.84 -2.60
N LYS D 722 -34.11 -22.27 -1.92
CA LYS D 722 -35.15 -21.34 -1.49
C LYS D 722 -34.59 -20.30 -0.52
N ARG D 723 -33.77 -20.75 0.44
CA ARG D 723 -33.15 -19.79 1.36
C ARG D 723 -32.16 -18.89 0.64
N TYR D 724 -31.39 -19.46 -0.29
CA TYR D 724 -30.40 -18.66 -1.02
C TYR D 724 -31.07 -17.58 -1.87
N VAL D 725 -32.16 -17.94 -2.55
CA VAL D 725 -32.85 -16.99 -3.43
C VAL D 725 -33.42 -15.84 -2.60
N ALA D 726 -34.08 -16.17 -1.49
CA ALA D 726 -34.68 -15.14 -0.64
C ALA D 726 -33.61 -14.25 -0.01
N ALA D 727 -32.51 -14.86 0.45
CA ALA D 727 -31.46 -14.06 1.09
C ALA D 727 -30.80 -13.12 0.10
N MET D 728 -30.50 -13.60 -1.12
CA MET D 728 -29.86 -12.76 -2.11
C MET D 728 -30.83 -11.76 -2.75
N ILE D 729 -32.14 -12.04 -2.73
CA ILE D 729 -33.10 -11.06 -3.20
C ILE D 729 -33.14 -9.86 -2.26
N ARG D 730 -33.16 -10.12 -0.95
CA ARG D 730 -33.18 -9.02 0.02
C ARG D 730 -31.86 -8.26 0.02
N ASN D 731 -30.75 -8.98 -0.15
CA ASN D 731 -29.45 -8.32 -0.17
C ASN D 731 -29.32 -7.38 -1.36
N SER D 732 -30.02 -7.67 -2.46
CA SER D 732 -29.96 -6.81 -3.64
C SER D 732 -30.54 -5.43 -3.33
N LYS D 733 -31.65 -5.38 -2.61
CA LYS D 733 -32.31 -4.12 -2.27
C LYS D 733 -31.73 -3.51 -0.99
N THR D 734 -30.41 -3.34 -0.95
CA THR D 734 -29.73 -2.77 0.20
C THR D 734 -28.34 -2.30 -0.16
N LEU D 738 -28.75 4.82 -4.16
CA LEU D 738 -29.74 4.97 -5.23
C LEU D 738 -29.06 5.14 -6.58
N THR D 739 -29.85 5.40 -7.60
CA THR D 739 -29.33 5.58 -8.95
C THR D 739 -30.02 6.78 -9.59
N GLU D 740 -29.30 7.44 -10.51
CA GLU D 740 -29.87 8.61 -11.18
C GLU D 740 -31.04 8.23 -12.06
N GLU D 741 -30.99 7.04 -12.67
CA GLU D 741 -32.14 6.56 -13.43
C GLU D 741 -33.36 6.33 -12.53
N ASN D 742 -33.13 5.98 -11.26
CA ASN D 742 -34.24 5.83 -10.32
C ASN D 742 -34.90 7.17 -10.02
N PHE D 743 -34.13 8.26 -10.06
CA PHE D 743 -34.70 9.58 -9.81
C PHE D 743 -35.71 9.98 -10.88
N LYS D 744 -35.53 9.48 -12.11
CA LYS D 744 -36.46 9.81 -13.19
C LYS D 744 -37.82 9.15 -12.96
N GLU D 745 -37.84 7.96 -12.39
CA GLU D 745 -39.10 7.25 -12.17
C GLU D 745 -40.00 8.01 -11.20
N LEU D 746 -39.42 8.57 -10.13
CA LEU D 746 -40.20 9.41 -9.24
C LEU D 746 -40.69 10.67 -9.94
N LYS D 747 -39.86 11.23 -10.83
CA LYS D 747 -40.27 12.39 -11.61
C LYS D 747 -41.44 12.04 -12.52
N GLN D 748 -41.40 10.87 -13.15
CA GLN D 748 -42.46 10.46 -14.06
C GLN D 748 -43.78 10.26 -13.34
N ASP D 749 -43.76 9.59 -12.18
CA ASP D 749 -45.00 9.33 -11.45
C ASP D 749 -45.64 10.63 -10.98
N ILE D 750 -44.83 11.59 -10.53
CA ILE D 750 -45.36 12.87 -10.09
C ILE D 750 -46.04 13.60 -11.25
N SER D 751 -45.37 13.62 -12.40
CA SER D 751 -45.93 14.29 -13.57
C SER D 751 -47.18 13.57 -14.08
N SER D 752 -47.16 12.23 -14.07
CA SER D 752 -48.34 11.48 -14.52
C SER D 752 -49.54 11.74 -13.61
N PHE D 753 -49.30 11.81 -12.30
CA PHE D 753 -50.38 12.13 -11.37
C PHE D 753 -50.87 13.56 -11.54
N ARG D 754 -49.95 14.48 -11.83
CA ARG D 754 -50.31 15.89 -11.97
C ARG D 754 -51.28 16.11 -13.12
N TYR D 755 -51.00 15.49 -14.27
CA TYR D 755 -51.88 15.66 -15.43
C TYR D 755 -53.21 14.93 -15.24
N GLU D 756 -53.18 13.76 -14.60
CA GLU D 756 -54.40 12.97 -14.45
C GLU D 756 -55.41 13.69 -13.56
N VAL D 757 -54.96 14.29 -12.46
CA VAL D 757 -55.86 15.04 -11.59
C VAL D 757 -56.33 16.33 -12.25
N LEU D 758 -55.44 17.00 -12.99
CA LEU D 758 -55.81 18.25 -13.64
C LEU D 758 -56.95 18.04 -14.64
N ASP D 759 -56.87 16.97 -15.42
CA ASP D 759 -57.97 16.66 -16.33
C ASP D 759 -59.24 16.27 -15.58
N LEU D 760 -59.10 15.64 -14.42
CA LEU D 760 -60.25 15.28 -13.61
C LEU D 760 -60.93 16.53 -13.05
N LEU D 761 -62.25 16.46 -12.93
CA LEU D 761 -63.03 17.57 -12.40
C LEU D 761 -63.81 17.15 -11.15
ZN ZN E . 0.67 33.12 -32.46
C10 A1IIF F . 28.81 3.95 -9.14
C11 A1IIF F . 27.88 3.86 -10.16
C02 A1IIF F . 35.44 1.73 -10.53
C03 A1IIF F . 34.17 2.54 -10.82
C04 A1IIF F . 33.16 1.97 -11.54
C06 A1IIF F . 32.56 4.00 -11.02
C08 A1IIF F . 30.48 4.74 -10.68
C09 A1IIF F . 30.11 4.39 -9.39
C14 A1IIF F . 25.91 2.79 -7.63
C15 A1IIF F . 27.09 2.86 -6.90
C16 A1IIF F . 27.12 2.58 -5.55
C17 A1IIF F . 25.95 2.22 -4.90
C18 A1IIF F . 24.77 2.14 -5.61
C19 A1IIF F . 24.76 2.41 -6.96
C20 A1IIF F . 28.27 4.22 -11.44
C22 A1IIF F . 29.56 4.66 -11.71
C24 A1IIF F . 34.56 4.76 -9.73
C25 A1IIF F . 35.35 5.66 -10.68
C26 A1IIF F . 36.70 5.44 -10.87
C27 A1IIF F . 37.42 6.26 -11.72
C28 A1IIF F . 36.80 7.29 -12.39
C30 A1IIF F . 35.44 7.52 -12.20
C31 A1IIF F . 34.72 6.70 -11.34
C33 A1IIF F . 32.20 -0.01 -12.83
C34 A1IIF F . 34.49 -0.20 -11.77
C36 A1IIF F . 36.76 -0.36 -10.72
C37 A1IIF F . 37.66 -0.49 -11.95
C38 A1IIF F . 39.13 -0.59 -11.56
N05 A1IIF F . 32.17 2.88 -11.66
N12 A1IIF F . 26.49 3.40 -10.00
N13 A1IIF F . 25.78 3.04 -9.07
N23 A1IIF F . 33.80 3.79 -10.50
N32 A1IIF F . 33.28 0.58 -12.05
N35 A1IIF F . 35.56 0.40 -11.02
O01 A1IIF F . 36.33 2.20 -9.90
O07 A1IIF F . 31.79 5.18 -10.92
O39 A1IIF F . 39.33 -1.86 -11.00
O40 A1IIF F . 34.58 -1.30 -12.17
CL21 A1IIF F . 27.10 4.11 -12.80
CL29 A1IIF F . 37.73 8.34 -13.49
ZN ZN G . -5.36 34.34 30.61
C10 A1IIF H . 26.84 4.56 14.19
C11 A1IIF H . 26.17 5.69 13.76
C02 A1IIF H . 33.79 4.61 14.48
C03 A1IIF H . 32.42 5.21 14.81
C04 A1IIF H . 31.85 6.09 13.93
C06 A1IIF H . 30.49 5.84 15.62
C08 A1IIF H . 28.28 5.90 15.55
C09 A1IIF H . 27.90 4.66 15.08
C14 A1IIF H . 24.42 3.37 12.04
C15 A1IIF H . 25.37 2.51 12.56
C16 A1IIF H . 25.31 1.15 12.32
C17 A1IIF H . 24.30 0.63 11.54
C18 A1IIF H . 23.34 1.47 11.01
C19 A1IIF H . 23.42 2.84 11.25
C20 A1IIF H . 26.57 6.93 14.23
C22 A1IIF H . 27.63 7.04 15.13
C24 A1IIF H . 31.79 4.21 17.02
C25 A1IIF H . 32.27 5.06 18.18
C26 A1IIF H . 33.63 5.14 18.46
C27 A1IIF H . 34.07 5.91 19.53
C28 A1IIF H . 33.17 6.59 20.31
C30 A1IIF H . 31.82 6.50 20.04
C31 A1IIF H . 31.36 5.74 18.98
C33 A1IIF H . 31.91 7.41 11.76
C34 A1IIF H . 33.85 5.90 12.36
C36 A1IIF H . 35.75 4.40 12.96
C37 A1IIF H . 36.89 5.27 13.50
C38 A1IIF H . 38.07 4.40 13.94
N05 A1IIF H . 30.66 6.47 14.45
N12 A1IIF H . 25.05 5.68 12.80
N13 A1IIF H . 24.40 4.83 12.20
N23 A1IIF H . 31.58 5.07 15.85
N32 A1IIF H . 32.54 6.47 12.68
N35 A1IIF H . 34.46 4.97 13.27
O01 A1IIF H . 34.31 3.84 15.22
O07 A1IIF H . 29.36 5.99 16.45
O39 A1IIF H . 38.78 4.03 12.79
O40 A1IIF H . 34.40 6.20 11.35
CL21 A1IIF H . 25.71 8.40 13.69
CL29 A1IIF H . 33.75 7.57 21.68
ZN ZN I . -23.03 -26.78 29.95
C10 A1IIF J . 20.34 -17.98 14.17
C11 A1IIF J . 19.37 -17.35 14.94
C02 A1IIF J . 26.64 -19.44 16.96
C03 A1IIF J . 25.10 -19.45 16.97
C04 A1IIF J . 24.42 -18.40 17.53
C06 A1IIF J . 22.96 -19.85 16.79
C08 A1IIF J . 20.93 -19.41 15.98
C09 A1IIF J . 21.11 -19.00 14.68
C14 A1IIF J . 18.94 -15.60 12.10
C15 A1IIF J . 20.04 -16.31 11.69
C16 A1IIF J . 20.54 -16.18 10.40
C17 A1IIF J . 19.93 -15.32 9.51
C18 A1IIF J . 18.84 -14.59 9.90
C19 A1IIF J . 18.35 -14.72 11.19
C20 A1IIF J . 19.21 -17.77 16.26
C22 A1IIF J . 19.99 -18.80 16.78
C24 A1IIF J . 24.48 -21.60 15.87
C25 A1IIF J . 24.42 -22.76 16.87
C26 A1IIF J . 25.59 -23.25 17.41
C27 A1IIF J . 25.54 -24.30 18.32
C28 A1IIF J . 24.33 -24.86 18.67
C30 A1IIF J . 23.16 -24.36 18.12
C31 A1IIF J . 23.20 -23.31 17.21
C33 A1IIF J . 24.41 -16.14 18.70
C34 A1IIF J . 26.61 -17.22 18.11
C36 A1IIF J . 28.79 -18.32 17.50
C37 A1IIF J . 29.37 -18.60 18.88
C38 A1IIF J . 30.52 -19.58 18.81
N05 A1IIF J . 23.10 -18.65 17.41
N12 A1IIF J . 18.52 -16.24 14.49
N13 A1IIF J . 18.34 -15.62 13.44
N23 A1IIF J . 24.19 -20.34 16.52
N32 A1IIF J . 25.15 -17.25 18.11
N35 A1IIF J . 27.34 -18.33 17.53
O01 A1IIF J . 27.24 -20.33 16.48
O07 A1IIF J . 21.74 -20.46 16.50
O39 A1IIF J . 31.66 -18.90 18.34
O40 A1IIF J . 27.19 -16.31 18.58
CL21 A1IIF J . 17.99 -16.98 17.30
CL29 A1IIF J . 24.27 -26.20 19.84
ZN ZN K . -16.95 -27.96 -32.99
C10 A1IIF L . 22.48 -18.57 -9.05
C11 A1IIF L . 21.22 -19.11 -8.86
C02 A1IIF L . 28.23 -22.50 -7.93
C03 A1IIF L . 26.85 -22.25 -8.54
C04 A1IIF L . 25.73 -22.63 -7.85
C06 A1IIF L . 25.10 -21.75 -9.74
C08 A1IIF L . 23.24 -20.56 -10.14
C09 A1IIF L . 23.48 -19.28 -9.69
C14 A1IIF L . 20.68 -16.10 -7.43
C15 A1IIF L . 22.05 -15.94 -7.64
C16 A1IIF L . 22.68 -14.76 -7.34
C17 A1IIF L . 21.98 -13.71 -6.79
C18 A1IIF L . 20.63 -13.85 -6.56
C19 A1IIF L . 19.99 -15.05 -6.88
C20 A1IIF L . 20.99 -20.40 -9.31
C22 A1IIF L . 22.00 -21.13 -9.96
C24 A1IIF L . 27.31 -21.17 -10.75
C25 A1IIF L . 27.46 -22.20 -11.87
C26 A1IIF L . 28.61 -22.98 -11.94
C27 A1IIF L . 28.75 -23.90 -12.95
C28 A1IIF L . 27.76 -24.06 -13.90
C30 A1IIF L . 26.62 -23.28 -13.83
C31 A1IIF L . 26.47 -22.35 -12.82
C33 A1IIF L . 24.64 -23.66 -5.79
C34 A1IIF L . 27.16 -23.50 -5.92
C36 A1IIF L . 29.64 -23.34 -6.04
C37 A1IIF L . 30.36 -24.52 -6.67
C38 A1IIF L . 31.85 -24.51 -6.32
N05 A1IIF L . 24.65 -22.31 -8.60
N12 A1IIF L . 20.11 -18.43 -8.19
N13 A1IIF L . 19.91 -17.32 -7.70
N23 A1IIF L . 26.45 -21.71 -9.69
N32 A1IIF L . 25.84 -23.27 -6.51
N35 A1IIF L . 28.35 -23.12 -6.64
O01 A1IIF L . 29.22 -22.18 -8.51
O07 A1IIF L . 24.27 -21.28 -10.78
O39 A1IIF L . 32.33 -25.82 -6.37
O40 A1IIF L . 27.25 -24.01 -4.86
CL21 A1IIF L . 19.39 -21.15 -9.09
CL29 A1IIF L . 27.96 -25.26 -15.21
#